data_2ENQ
#
_entry.id   2ENQ
#
_entity_poly.entity_id   1
_entity_poly.type   'polypeptide(L)'
_entity_poly.pdbx_seq_one_letter_code
;GSSGSSGNSALRIKILCATYVNVNIRDIDKIYVRTGIYHGGEPLCDNVNTQRVPCSNPRWNEWLNYDIYIPDLPRAARLC
LSICSVKGRKGAKEEHCPLAWGNINLFDYTDTLVSGKMALNLWPVPHGLEDLLNPIGVTGSNPNKETPCLELEFDWFS
;
_entity_poly.pdbx_strand_id   A
#
# COMPACT_ATOMS: atom_id res chain seq x y z
N GLY A 1 7.90 5.64 35.89
CA GLY A 1 6.77 5.45 34.97
C GLY A 1 6.75 6.47 33.86
N SER A 2 5.60 6.60 33.21
CA SER A 2 5.45 7.55 32.10
C SER A 2 3.97 7.87 31.87
N SER A 3 3.69 9.14 31.63
CA SER A 3 2.32 9.59 31.40
C SER A 3 1.55 8.56 30.57
N GLY A 4 2.19 8.06 29.51
CA GLY A 4 1.55 7.07 28.66
C GLY A 4 1.20 7.62 27.29
N SER A 5 2.18 7.60 26.39
CA SER A 5 1.97 8.11 25.03
C SER A 5 2.64 7.20 24.00
N SER A 6 2.39 7.48 22.73
CA SER A 6 2.96 6.69 21.64
C SER A 6 3.07 5.23 22.04
N GLY A 7 2.09 4.75 22.80
CA GLY A 7 2.10 3.37 23.24
C GLY A 7 1.26 2.48 22.35
N ASN A 8 1.68 2.35 21.08
CA ASN A 8 0.96 1.52 20.12
C ASN A 8 1.66 0.18 19.92
N SER A 9 0.89 -0.84 19.58
CA SER A 9 1.44 -2.18 19.37
C SER A 9 1.05 -2.71 18.00
N ALA A 10 -0.13 -2.31 17.53
CA ALA A 10 -0.63 -2.75 16.23
C ALA A 10 -0.87 -1.56 15.31
N LEU A 11 -0.43 -1.69 14.06
CA LEU A 11 -0.61 -0.63 13.08
C LEU A 11 -1.83 -0.88 12.21
N ARG A 12 -2.70 0.12 12.09
CA ARG A 12 -3.90 0.00 11.29
C ARG A 12 -4.00 1.17 10.29
N ILE A 13 -4.11 0.83 9.01
CA ILE A 13 -4.23 1.84 7.96
C ILE A 13 -5.46 1.61 7.12
N LYS A 14 -6.16 2.70 6.80
CA LYS A 14 -7.37 2.62 5.99
C LYS A 14 -7.18 3.32 4.65
N ILE A 15 -7.63 2.67 3.58
CA ILE A 15 -7.50 3.24 2.24
C ILE A 15 -8.76 3.99 1.84
N LEU A 16 -8.58 5.10 1.13
CA LEU A 16 -9.70 5.92 0.68
C LEU A 16 -10.02 5.64 -0.79
N CYS A 17 -9.12 6.07 -1.67
CA CYS A 17 -9.30 5.88 -3.10
C CYS A 17 -8.04 6.28 -3.87
N ALA A 18 -8.04 6.03 -5.18
CA ALA A 18 -6.90 6.36 -6.02
C ALA A 18 -7.31 7.33 -7.13
N THR A 19 -6.33 8.00 -7.71
CA THR A 19 -6.58 8.96 -8.78
C THR A 19 -5.70 8.68 -9.99
N TYR A 20 -6.13 9.16 -11.15
CA TYR A 20 -5.38 8.96 -12.38
C TYR A 20 -4.79 7.56 -12.44
N VAL A 21 -5.65 6.56 -12.23
CA VAL A 21 -5.21 5.16 -12.26
C VAL A 21 -4.75 4.77 -13.66
N ASN A 22 -3.94 3.71 -13.73
CA ASN A 22 -3.44 3.22 -15.01
C ASN A 22 -4.44 2.30 -15.68
N VAL A 23 -5.72 2.61 -15.50
CA VAL A 23 -6.79 1.81 -16.10
C VAL A 23 -7.39 2.50 -17.31
N ASN A 24 -6.72 2.37 -18.45
CA ASN A 24 -7.18 2.98 -19.69
C ASN A 24 -8.31 2.17 -20.31
N ILE A 25 -7.95 1.04 -20.92
CA ILE A 25 -8.93 0.17 -21.55
C ILE A 25 -10.14 -0.05 -20.65
N ARG A 26 -11.16 -0.72 -21.19
CA ARG A 26 -12.38 -0.99 -20.44
C ARG A 26 -12.69 -2.48 -20.43
N ASP A 27 -11.74 -3.28 -20.00
CA ASP A 27 -11.91 -4.73 -19.95
C ASP A 27 -11.76 -5.25 -18.53
N ILE A 28 -10.90 -4.60 -17.75
CA ILE A 28 -10.66 -4.99 -16.37
C ILE A 28 -11.97 -5.10 -15.59
N ASP A 29 -12.10 -6.17 -14.81
CA ASP A 29 -13.31 -6.40 -14.03
C ASP A 29 -13.25 -5.62 -12.72
N LYS A 30 -12.19 -5.85 -11.94
CA LYS A 30 -12.01 -5.17 -10.66
C LYS A 30 -10.53 -4.93 -10.38
N ILE A 31 -10.24 -4.37 -9.21
CA ILE A 31 -8.88 -4.08 -8.82
C ILE A 31 -8.68 -4.26 -7.32
N TYR A 32 -7.42 -4.21 -6.89
CA TYR A 32 -7.10 -4.38 -5.47
C TYR A 32 -5.74 -3.78 -5.15
N VAL A 33 -5.45 -3.61 -3.86
CA VAL A 33 -4.18 -3.05 -3.42
C VAL A 33 -3.45 -4.02 -2.49
N ARG A 34 -2.14 -4.11 -2.67
CA ARG A 34 -1.32 -4.99 -1.84
C ARG A 34 -0.33 -4.20 -1.00
N THR A 35 -0.43 -4.35 0.32
CA THR A 35 0.46 -3.64 1.23
C THR A 35 1.29 -4.61 2.06
N GLY A 36 2.46 -4.16 2.51
CA GLY A 36 3.32 -5.00 3.32
C GLY A 36 4.55 -4.26 3.81
N ILE A 37 5.29 -4.89 4.72
CA ILE A 37 6.49 -4.28 5.28
C ILE A 37 7.70 -5.18 5.07
N TYR A 38 8.82 -4.58 4.68
CA TYR A 38 10.05 -5.32 4.45
C TYR A 38 11.25 -4.59 5.03
N HIS A 39 12.26 -5.36 5.44
CA HIS A 39 13.48 -4.78 6.02
C HIS A 39 14.68 -5.01 5.10
N GLY A 40 15.02 -3.98 4.34
CA GLY A 40 16.15 -4.08 3.44
C GLY A 40 15.85 -4.95 2.23
N GLY A 41 14.59 -4.94 1.79
CA GLY A 41 14.20 -5.74 0.64
C GLY A 41 13.66 -7.10 1.05
N GLU A 42 14.03 -7.55 2.24
CA GLU A 42 13.57 -8.84 2.73
C GLU A 42 12.25 -8.70 3.49
N PRO A 43 11.35 -9.68 3.28
CA PRO A 43 10.03 -9.69 3.92
C PRO A 43 10.12 -9.95 5.42
N LEU A 44 9.11 -9.51 6.15
CA LEU A 44 9.06 -9.71 7.60
C LEU A 44 7.84 -10.51 8.00
N CYS A 45 6.71 -10.24 7.34
CA CYS A 45 5.47 -10.94 7.64
C CYS A 45 4.56 -10.95 6.42
N ASP A 46 3.50 -11.76 6.49
CA ASP A 46 2.54 -11.87 5.39
C ASP A 46 2.04 -10.48 4.98
N ASN A 47 1.65 -10.36 3.71
CA ASN A 47 1.15 -9.10 3.18
C ASN A 47 -0.37 -9.03 3.27
N VAL A 48 -0.91 -7.82 3.15
CA VAL A 48 -2.36 -7.63 3.22
C VAL A 48 -2.89 -7.08 1.91
N ASN A 49 -4.11 -7.51 1.55
CA ASN A 49 -4.74 -7.07 0.31
C ASN A 49 -6.11 -6.46 0.59
N THR A 50 -6.45 -5.40 -0.15
CA THR A 50 -7.73 -4.74 0.02
C THR A 50 -8.81 -5.40 -0.82
N GLN A 51 -10.07 -5.16 -0.47
CA GLN A 51 -11.20 -5.73 -1.19
C GLN A 51 -11.08 -5.44 -2.69
N ARG A 52 -11.94 -6.09 -3.48
CA ARG A 52 -11.94 -5.90 -4.92
C ARG A 52 -12.97 -4.86 -5.34
N VAL A 53 -12.50 -3.74 -5.88
CA VAL A 53 -13.38 -2.67 -6.32
C VAL A 53 -13.27 -2.45 -7.82
N PRO A 54 -14.35 -1.95 -8.43
CA PRO A 54 -14.41 -1.69 -9.87
C PRO A 54 -13.52 -0.52 -10.28
N CYS A 55 -12.81 -0.66 -11.39
CA CYS A 55 -11.94 0.38 -11.88
C CYS A 55 -12.65 1.74 -11.89
N SER A 56 -13.88 1.74 -12.37
CA SER A 56 -14.67 2.97 -12.44
C SER A 56 -14.73 3.65 -11.08
N ASN A 57 -14.68 2.86 -10.03
CA ASN A 57 -14.73 3.39 -8.66
C ASN A 57 -13.66 2.73 -7.78
N PRO A 58 -12.44 3.26 -7.84
CA PRO A 58 -11.32 2.74 -7.05
C PRO A 58 -11.48 3.01 -5.56
N ARG A 59 -12.61 3.60 -5.19
CA ARG A 59 -12.88 3.91 -3.80
C ARG A 59 -12.95 2.64 -2.95
N TRP A 60 -12.18 2.61 -1.87
CA TRP A 60 -12.16 1.45 -0.99
C TRP A 60 -12.89 1.75 0.32
N ASN A 61 -12.38 2.70 1.08
CA ASN A 61 -12.98 3.08 2.35
C ASN A 61 -13.05 1.88 3.29
N GLU A 62 -11.96 1.14 3.38
CA GLU A 62 -11.89 -0.03 4.24
C GLU A 62 -10.67 0.03 5.16
N TRP A 63 -10.81 -0.51 6.36
CA TRP A 63 -9.72 -0.52 7.33
C TRP A 63 -8.84 -1.74 7.16
N LEU A 64 -7.57 -1.52 6.83
CA LEU A 64 -6.63 -2.62 6.63
C LEU A 64 -5.73 -2.79 7.86
N ASN A 65 -5.74 -3.99 8.42
CA ASN A 65 -4.94 -4.29 9.61
C ASN A 65 -3.66 -5.02 9.21
N TYR A 66 -2.54 -4.62 9.81
CA TYR A 66 -1.25 -5.22 9.52
C TYR A 66 -0.80 -6.11 10.68
N ASP A 67 -0.25 -7.28 10.34
CA ASP A 67 0.23 -8.22 11.36
C ASP A 67 1.62 -7.84 11.84
N ILE A 68 1.87 -6.54 11.97
CA ILE A 68 3.16 -6.05 12.41
C ILE A 68 3.08 -5.50 13.84
N TYR A 69 4.23 -5.37 14.49
CA TYR A 69 4.28 -4.86 15.85
C TYR A 69 5.09 -3.56 15.91
N ILE A 70 4.47 -2.51 16.44
CA ILE A 70 5.14 -1.23 16.57
C ILE A 70 6.44 -1.35 17.34
N PRO A 71 6.36 -1.89 18.56
CA PRO A 71 7.53 -2.08 19.42
C PRO A 71 8.48 -3.15 18.89
N ASP A 72 8.15 -3.71 17.73
CA ASP A 72 8.97 -4.75 17.11
C ASP A 72 9.31 -4.38 15.67
N LEU A 73 8.86 -3.22 15.23
CA LEU A 73 9.11 -2.75 13.88
C LEU A 73 10.45 -2.03 13.80
N PRO A 74 11.39 -2.61 13.02
CA PRO A 74 12.73 -2.04 12.84
C PRO A 74 12.70 -0.75 12.01
N ARG A 75 13.59 0.17 12.35
CA ARG A 75 13.67 1.45 11.64
C ARG A 75 13.97 1.22 10.16
N ALA A 76 14.78 0.21 9.86
CA ALA A 76 15.13 -0.11 8.49
C ALA A 76 13.90 -0.51 7.68
N ALA A 77 12.95 -1.15 8.35
CA ALA A 77 11.72 -1.59 7.69
C ALA A 77 10.86 -0.40 7.29
N ARG A 78 9.88 -0.65 6.42
CA ARG A 78 8.99 0.41 5.95
C ARG A 78 7.73 -0.19 5.32
N LEU A 79 6.81 0.68 4.93
CA LEU A 79 5.57 0.25 4.30
C LEU A 79 5.64 0.36 2.79
N CYS A 80 5.15 -0.67 2.09
CA CYS A 80 5.17 -0.67 0.63
C CYS A 80 3.81 -1.11 0.08
N LEU A 81 3.30 -0.35 -0.88
CA LEU A 81 2.02 -0.67 -1.49
C LEU A 81 2.11 -0.66 -3.02
N SER A 82 1.18 -1.32 -3.67
CA SER A 82 1.16 -1.39 -5.13
C SER A 82 -0.22 -1.76 -5.64
N ILE A 83 -0.68 -1.07 -6.68
CA ILE A 83 -1.99 -1.32 -7.27
C ILE A 83 -1.90 -2.42 -8.32
N CYS A 84 -2.88 -3.33 -8.28
CA CYS A 84 -2.92 -4.43 -9.24
C CYS A 84 -4.32 -4.58 -9.84
N SER A 85 -4.38 -5.08 -11.07
CA SER A 85 -5.65 -5.27 -11.75
C SER A 85 -5.95 -6.75 -11.94
N VAL A 86 -7.10 -7.19 -11.43
CA VAL A 86 -7.50 -8.59 -11.55
C VAL A 86 -8.63 -8.75 -12.56
N LYS A 87 -8.42 -9.63 -13.54
CA LYS A 87 -9.41 -9.88 -14.57
C LYS A 87 -9.31 -11.32 -15.10
N GLY A 88 -10.42 -12.04 -15.07
CA GLY A 88 -10.43 -13.40 -15.55
C GLY A 88 -11.53 -13.66 -16.56
N ARG A 89 -11.68 -14.92 -16.96
CA ARG A 89 -12.69 -15.29 -17.94
C ARG A 89 -13.62 -16.37 -17.38
N LYS A 90 -14.80 -16.51 -17.98
CA LYS A 90 -15.77 -17.49 -17.54
C LYS A 90 -15.15 -18.89 -17.47
N GLY A 91 -15.03 -19.42 -16.26
CA GLY A 91 -14.44 -20.74 -16.09
C GLY A 91 -12.94 -20.69 -15.93
N ALA A 92 -12.32 -19.65 -16.49
CA ALA A 92 -10.87 -19.50 -16.42
C ALA A 92 -10.47 -18.68 -15.18
N LYS A 93 -9.23 -18.84 -14.76
CA LYS A 93 -8.72 -18.11 -13.59
C LYS A 93 -8.54 -16.63 -13.91
N GLU A 94 -8.26 -15.85 -12.88
CA GLU A 94 -8.06 -14.41 -13.05
C GLU A 94 -6.59 -14.09 -13.31
N GLU A 95 -6.33 -12.85 -13.71
CA GLU A 95 -4.96 -12.41 -13.98
C GLU A 95 -4.65 -11.11 -13.27
N HIS A 96 -3.60 -11.12 -12.45
CA HIS A 96 -3.19 -9.94 -11.71
C HIS A 96 -2.00 -9.26 -12.38
N CYS A 97 -2.12 -7.95 -12.60
CA CYS A 97 -1.06 -7.19 -13.25
C CYS A 97 -0.78 -5.90 -12.46
N PRO A 98 0.51 -5.68 -12.15
CA PRO A 98 0.95 -4.50 -11.40
C PRO A 98 0.81 -3.21 -12.22
N LEU A 99 0.44 -2.13 -11.56
CA LEU A 99 0.29 -0.84 -12.23
C LEU A 99 1.25 0.19 -11.64
N ALA A 100 1.16 0.40 -10.33
CA ALA A 100 2.02 1.37 -9.66
C ALA A 100 2.54 0.81 -8.34
N TRP A 101 3.36 1.59 -7.65
CA TRP A 101 3.93 1.17 -6.37
C TRP A 101 4.44 2.36 -5.58
N GLY A 102 4.29 2.31 -4.26
CA GLY A 102 4.75 3.39 -3.42
C GLY A 102 5.30 2.91 -2.10
N ASN A 103 6.47 3.42 -1.72
CA ASN A 103 7.11 3.03 -0.47
C ASN A 103 7.13 4.20 0.52
N ILE A 104 6.50 3.99 1.67
CA ILE A 104 6.43 5.02 2.71
C ILE A 104 7.25 4.61 3.93
N ASN A 105 8.15 5.49 4.36
CA ASN A 105 8.98 5.22 5.52
C ASN A 105 8.16 5.23 6.80
N LEU A 106 7.79 4.04 7.27
CA LEU A 106 7.00 3.91 8.48
C LEU A 106 7.50 4.85 9.57
N PHE A 107 8.82 5.07 9.60
CA PHE A 107 9.42 5.95 10.59
C PHE A 107 9.89 7.24 9.94
N ASP A 108 9.22 8.34 10.28
CA ASP A 108 9.56 9.65 9.73
C ASP A 108 11.05 9.94 9.92
N TYR A 109 11.52 11.01 9.29
CA TYR A 109 12.92 11.39 9.39
C TYR A 109 13.33 11.58 10.85
N THR A 110 12.34 11.78 11.71
CA THR A 110 12.60 11.96 13.14
C THR A 110 12.29 10.70 13.93
N ASP A 111 12.42 9.55 13.27
CA ASP A 111 12.17 8.26 13.91
C ASP A 111 10.85 8.30 14.67
N THR A 112 9.84 8.94 14.09
CA THR A 112 8.54 9.05 14.72
C THR A 112 7.43 8.55 13.79
N LEU A 113 6.85 7.41 14.13
CA LEU A 113 5.79 6.82 13.33
C LEU A 113 4.92 7.91 12.71
N VAL A 114 4.63 7.78 11.42
CA VAL A 114 3.81 8.74 10.71
C VAL A 114 2.38 8.73 11.23
N SER A 115 1.63 9.78 10.91
CA SER A 115 0.24 9.88 11.35
C SER A 115 -0.53 10.89 10.49
N GLY A 116 -1.83 11.00 10.74
CA GLY A 116 -2.65 11.93 9.99
C GLY A 116 -2.78 11.53 8.53
N LYS A 117 -4.00 11.60 8.00
CA LYS A 117 -4.25 11.24 6.61
C LYS A 117 -3.17 11.83 5.70
N MET A 118 -2.91 11.14 4.59
CA MET A 118 -1.90 11.60 3.63
C MET A 118 -2.15 10.98 2.26
N ALA A 119 -1.78 11.71 1.22
CA ALA A 119 -1.95 11.24 -0.15
C ALA A 119 -0.76 11.60 -1.02
N LEU A 120 -0.03 10.60 -1.47
CA LEU A 120 1.14 10.81 -2.31
C LEU A 120 1.02 10.03 -3.62
N ASN A 121 1.81 10.44 -4.61
CA ASN A 121 1.80 9.78 -5.92
C ASN A 121 2.64 8.51 -5.89
N LEU A 122 2.26 7.54 -6.71
CA LEU A 122 2.99 6.27 -6.78
C LEU A 122 3.79 6.18 -8.07
N TRP A 123 4.87 5.40 -8.03
CA TRP A 123 5.73 5.23 -9.20
C TRP A 123 5.20 4.12 -10.10
N PRO A 124 5.37 4.29 -11.41
CA PRO A 124 4.93 3.31 -12.41
C PRO A 124 5.76 2.04 -12.38
N VAL A 125 5.07 0.90 -12.37
CA VAL A 125 5.75 -0.40 -12.35
C VAL A 125 6.55 -0.63 -13.63
N PRO A 126 7.63 -1.41 -13.52
CA PRO A 126 8.49 -1.73 -14.66
C PRO A 126 7.82 -2.66 -15.66
N HIS A 127 8.34 -2.69 -16.88
CA HIS A 127 7.79 -3.54 -17.93
C HIS A 127 7.27 -4.84 -17.35
N GLY A 128 5.95 -4.99 -17.36
CA GLY A 128 5.34 -6.21 -16.83
C GLY A 128 6.06 -6.73 -15.61
N LEU A 129 5.97 -6.00 -14.50
CA LEU A 129 6.63 -6.40 -13.26
C LEU A 129 6.19 -7.79 -12.84
N GLU A 130 7.08 -8.76 -13.02
CA GLU A 130 6.79 -10.14 -12.66
C GLU A 130 5.98 -10.21 -11.36
N ASP A 131 6.53 -9.61 -10.30
CA ASP A 131 5.87 -9.60 -9.00
C ASP A 131 4.75 -8.56 -8.98
N LEU A 132 4.10 -8.43 -7.82
CA LEU A 132 3.01 -7.47 -7.67
C LEU A 132 3.44 -6.31 -6.78
N LEU A 133 4.10 -6.62 -5.67
CA LEU A 133 4.56 -5.60 -4.74
C LEU A 133 6.07 -5.42 -4.85
N ASN A 134 6.51 -4.16 -4.92
CA ASN A 134 7.93 -3.85 -5.02
C ASN A 134 8.46 -3.27 -3.71
N PRO A 135 8.95 -4.16 -2.83
CA PRO A 135 9.50 -3.77 -1.53
C PRO A 135 10.82 -3.00 -1.65
N ILE A 136 11.44 -3.11 -2.82
CA ILE A 136 12.71 -2.43 -3.07
C ILE A 136 12.47 -1.03 -3.62
N GLY A 137 11.28 -0.80 -4.18
CA GLY A 137 10.95 0.50 -4.74
C GLY A 137 11.42 1.64 -3.86
N VAL A 138 11.73 2.78 -4.47
CA VAL A 138 12.19 3.95 -3.74
C VAL A 138 11.10 4.50 -2.84
N THR A 139 11.49 5.36 -1.89
CA THR A 139 10.54 5.96 -0.97
C THR A 139 10.33 7.43 -1.27
N GLY A 140 9.24 7.99 -0.78
CA GLY A 140 8.95 9.40 -1.01
C GLY A 140 7.75 9.59 -1.91
N SER A 141 7.25 10.83 -1.98
CA SER A 141 6.10 11.15 -2.81
C SER A 141 6.53 11.64 -4.18
N ASN A 142 6.14 10.92 -5.22
CA ASN A 142 6.50 11.28 -6.59
C ASN A 142 5.92 12.65 -6.95
N PRO A 143 6.82 13.57 -7.37
CA PRO A 143 6.42 14.93 -7.74
C PRO A 143 5.63 14.96 -9.05
N ASN A 144 5.58 13.81 -9.72
CA ASN A 144 4.86 13.71 -10.99
C ASN A 144 3.34 13.72 -10.75
N LYS A 145 2.62 14.43 -11.62
CA LYS A 145 1.17 14.53 -11.51
C LYS A 145 0.50 13.42 -12.31
N GLU A 146 0.91 13.26 -13.56
CA GLU A 146 0.33 12.24 -14.43
C GLU A 146 0.21 10.91 -13.69
N THR A 147 1.21 10.61 -12.86
CA THR A 147 1.21 9.37 -12.10
C THR A 147 0.05 9.32 -11.12
N PRO A 148 -0.42 8.10 -10.80
CA PRO A 148 -1.53 7.89 -9.88
C PRO A 148 -1.15 8.22 -8.44
N CYS A 149 -2.16 8.33 -7.57
CA CYS A 149 -1.92 8.63 -6.16
C CYS A 149 -2.95 7.94 -5.28
N LEU A 150 -2.49 7.35 -4.19
CA LEU A 150 -3.36 6.66 -3.25
C LEU A 150 -3.42 7.36 -1.91
N GLU A 151 -4.60 7.45 -1.34
CA GLU A 151 -4.80 8.11 -0.05
C GLU A 151 -5.04 7.09 1.06
N LEU A 152 -4.33 7.23 2.17
CA LEU A 152 -4.48 6.32 3.29
C LEU A 152 -4.56 7.09 4.61
N GLU A 153 -5.06 6.43 5.65
CA GLU A 153 -5.19 7.06 6.96
C GLU A 153 -4.32 6.35 7.98
N PHE A 154 -3.40 7.10 8.58
CA PHE A 154 -2.49 6.54 9.59
C PHE A 154 -3.09 6.66 10.99
N ASP A 155 -3.40 5.52 11.59
CA ASP A 155 -3.97 5.49 12.93
C ASP A 155 -3.25 4.48 13.82
N TRP A 156 -2.97 4.88 15.05
CA TRP A 156 -2.28 4.01 16.00
C TRP A 156 -2.96 4.04 17.36
N PHE A 157 -3.79 3.04 17.63
CA PHE A 157 -4.50 2.95 18.90
C PHE A 157 -3.87 1.91 19.81
N SER A 158 -3.68 0.71 19.29
CA SER A 158 -3.08 -0.38 20.05
C SER A 158 -2.81 -1.59 19.15
N GLY A 1 -2.80 -11.22 26.36
CA GLY A 1 -1.53 -11.17 27.06
C GLY A 1 -1.38 -9.92 27.89
N SER A 2 -0.88 -8.85 27.27
CA SER A 2 -0.68 -7.58 27.97
C SER A 2 -2.00 -6.83 28.13
N SER A 3 -2.12 -6.09 29.22
CA SER A 3 -3.33 -5.32 29.50
C SER A 3 -3.01 -3.85 29.72
N GLY A 4 -3.56 -2.99 28.85
CA GLY A 4 -3.32 -1.57 28.97
C GLY A 4 -2.01 -1.15 28.34
N SER A 5 -1.81 -1.52 27.07
CA SER A 5 -0.59 -1.18 26.36
C SER A 5 -0.33 0.33 26.40
N SER A 6 0.94 0.69 26.52
CA SER A 6 1.33 2.10 26.59
C SER A 6 1.65 2.64 25.20
N GLY A 7 0.66 3.26 24.57
CA GLY A 7 0.86 3.82 23.24
C GLY A 7 0.22 2.98 22.16
N ASN A 8 1.04 2.48 21.24
CA ASN A 8 0.54 1.65 20.14
C ASN A 8 1.28 0.31 20.10
N SER A 9 0.60 -0.72 19.60
CA SER A 9 1.19 -2.05 19.50
C SER A 9 0.99 -2.62 18.10
N ALA A 10 -0.15 -2.32 17.50
CA ALA A 10 -0.46 -2.81 16.16
C ALA A 10 -0.68 -1.65 15.19
N LEU A 11 -0.30 -1.86 13.94
CA LEU A 11 -0.45 -0.83 12.91
C LEU A 11 -1.77 -0.99 12.17
N ARG A 12 -2.52 0.10 12.06
CA ARG A 12 -3.80 0.08 11.36
C ARG A 12 -3.87 1.17 10.30
N ILE A 13 -4.22 0.79 9.08
CA ILE A 13 -4.33 1.74 7.98
C ILE A 13 -5.64 1.58 7.23
N LYS A 14 -6.07 2.64 6.56
CA LYS A 14 -7.32 2.61 5.81
C LYS A 14 -7.17 3.38 4.49
N ILE A 15 -7.54 2.72 3.39
CA ILE A 15 -7.45 3.34 2.07
C ILE A 15 -8.74 4.07 1.72
N LEU A 16 -8.60 5.20 1.03
CA LEU A 16 -9.76 5.99 0.63
C LEU A 16 -10.11 5.74 -0.84
N CYS A 17 -9.29 6.28 -1.73
CA CYS A 17 -9.51 6.11 -3.16
C CYS A 17 -8.25 6.44 -3.95
N ALA A 18 -8.29 6.17 -5.25
CA ALA A 18 -7.14 6.43 -6.11
C ALA A 18 -7.51 7.43 -7.21
N THR A 19 -6.49 8.02 -7.85
CA THR A 19 -6.70 8.98 -8.91
C THR A 19 -5.85 8.65 -10.12
N TYR A 20 -6.29 9.12 -11.29
CA TYR A 20 -5.57 8.87 -12.53
C TYR A 20 -4.94 7.48 -12.52
N VAL A 21 -5.71 6.49 -12.10
CA VAL A 21 -5.24 5.12 -12.05
C VAL A 21 -4.82 4.62 -13.43
N ASN A 22 -3.73 3.86 -13.49
CA ASN A 22 -3.23 3.33 -14.75
C ASN A 22 -4.37 2.71 -15.56
N VAL A 23 -5.42 2.28 -14.88
CA VAL A 23 -6.57 1.68 -15.54
C VAL A 23 -7.11 2.58 -16.65
N ASN A 24 -6.75 2.28 -17.88
CA ASN A 24 -7.19 3.07 -19.02
C ASN A 24 -8.43 2.46 -19.66
N ILE A 25 -8.30 1.23 -20.16
CA ILE A 25 -9.41 0.54 -20.79
C ILE A 25 -10.51 0.25 -19.79
N ARG A 26 -11.54 -0.48 -20.23
CA ARG A 26 -12.66 -0.82 -19.36
C ARG A 26 -12.90 -2.33 -19.37
N ASP A 27 -11.92 -3.08 -19.85
CA ASP A 27 -12.02 -4.53 -19.90
C ASP A 27 -11.87 -5.14 -18.51
N ILE A 28 -10.84 -4.72 -17.79
CA ILE A 28 -10.59 -5.23 -16.44
C ILE A 28 -11.89 -5.36 -15.66
N ASP A 29 -12.02 -6.45 -14.92
CA ASP A 29 -13.22 -6.69 -14.12
C ASP A 29 -13.17 -5.90 -12.82
N LYS A 30 -12.12 -6.12 -12.03
CA LYS A 30 -11.95 -5.44 -10.76
C LYS A 30 -10.47 -5.17 -10.47
N ILE A 31 -10.21 -4.50 -9.36
CA ILE A 31 -8.84 -4.19 -8.97
C ILE A 31 -8.64 -4.36 -7.47
N TYR A 32 -7.40 -4.23 -7.02
CA TYR A 32 -7.08 -4.37 -5.61
C TYR A 32 -5.68 -3.85 -5.31
N VAL A 33 -5.42 -3.55 -4.04
CA VAL A 33 -4.12 -3.03 -3.62
C VAL A 33 -3.43 -3.99 -2.66
N ARG A 34 -2.11 -4.05 -2.73
CA ARG A 34 -1.33 -4.94 -1.88
C ARG A 34 -0.36 -4.13 -1.01
N THR A 35 -0.29 -4.49 0.27
CA THR A 35 0.60 -3.80 1.21
C THR A 35 1.44 -4.80 2.00
N GLY A 36 2.57 -4.33 2.51
CA GLY A 36 3.45 -5.19 3.29
C GLY A 36 4.73 -4.49 3.69
N ILE A 37 5.19 -4.77 4.91
CA ILE A 37 6.42 -4.17 5.41
C ILE A 37 7.63 -5.06 5.14
N TYR A 38 8.70 -4.47 4.65
CA TYR A 38 9.92 -5.21 4.35
C TYR A 38 11.14 -4.56 5.00
N HIS A 39 12.19 -5.34 5.18
CA HIS A 39 13.42 -4.84 5.79
C HIS A 39 14.65 -5.30 5.01
N GLY A 40 15.12 -4.44 4.11
CA GLY A 40 16.28 -4.77 3.30
C GLY A 40 15.92 -5.61 2.10
N GLY A 41 14.73 -5.40 1.56
CA GLY A 41 14.29 -6.17 0.40
C GLY A 41 13.60 -7.45 0.78
N GLU A 42 13.81 -7.89 2.02
CA GLU A 42 13.20 -9.12 2.51
C GLU A 42 11.92 -8.83 3.29
N PRO A 43 10.91 -9.69 3.12
CA PRO A 43 9.61 -9.54 3.79
C PRO A 43 9.71 -9.81 5.29
N LEU A 44 8.72 -9.33 6.03
CA LEU A 44 8.69 -9.51 7.48
C LEU A 44 7.44 -10.28 7.91
N CYS A 45 6.39 -10.18 7.11
CA CYS A 45 5.14 -10.87 7.40
C CYS A 45 4.31 -11.05 6.14
N ASP A 46 3.26 -11.87 6.24
CA ASP A 46 2.39 -12.12 5.10
C ASP A 46 1.80 -10.82 4.57
N ASN A 47 1.87 -10.63 3.26
CA ASN A 47 1.34 -9.43 2.62
C ASN A 47 -0.17 -9.35 2.80
N VAL A 48 -0.68 -8.12 2.88
CA VAL A 48 -2.11 -7.90 3.05
C VAL A 48 -2.72 -7.28 1.79
N ASN A 49 -3.97 -7.63 1.51
CA ASN A 49 -4.67 -7.11 0.34
C ASN A 49 -6.04 -6.56 0.72
N THR A 50 -6.46 -5.50 0.04
CA THR A 50 -7.75 -4.88 0.32
C THR A 50 -8.85 -5.54 -0.50
N GLN A 51 -10.09 -5.10 -0.27
CA GLN A 51 -11.24 -5.64 -0.99
C GLN A 51 -11.14 -5.36 -2.49
N ARG A 52 -11.98 -6.01 -3.27
CA ARG A 52 -11.99 -5.84 -4.71
C ARG A 52 -12.98 -4.74 -5.11
N VAL A 53 -12.58 -3.93 -6.10
CA VAL A 53 -13.44 -2.85 -6.58
C VAL A 53 -13.26 -2.64 -8.08
N PRO A 54 -14.31 -2.14 -8.73
CA PRO A 54 -14.29 -1.88 -10.18
C PRO A 54 -13.39 -0.71 -10.55
N CYS A 55 -12.63 -0.87 -11.63
CA CYS A 55 -11.71 0.16 -12.08
C CYS A 55 -12.42 1.52 -12.13
N SER A 56 -13.62 1.54 -12.68
CA SER A 56 -14.40 2.77 -12.80
C SER A 56 -14.50 3.47 -11.44
N ASN A 57 -14.45 2.69 -10.37
CA ASN A 57 -14.55 3.23 -9.03
C ASN A 57 -13.49 2.61 -8.12
N PRO A 58 -12.29 3.21 -8.10
CA PRO A 58 -11.18 2.74 -7.28
C PRO A 58 -11.41 2.97 -5.79
N ARG A 59 -12.59 3.46 -5.45
CA ARG A 59 -12.95 3.73 -4.06
C ARG A 59 -12.79 2.47 -3.22
N TRP A 60 -12.17 2.62 -2.06
CA TRP A 60 -11.96 1.49 -1.15
C TRP A 60 -12.61 1.75 0.19
N ASN A 61 -12.08 2.70 0.94
CA ASN A 61 -12.61 3.04 2.26
C ASN A 61 -12.71 1.80 3.14
N GLU A 62 -11.60 1.08 3.26
CA GLU A 62 -11.57 -0.12 4.08
C GLU A 62 -10.41 -0.07 5.07
N TRP A 63 -10.65 -0.60 6.27
CA TRP A 63 -9.63 -0.62 7.31
C TRP A 63 -8.74 -1.85 7.20
N LEU A 64 -7.53 -1.65 6.69
CA LEU A 64 -6.58 -2.76 6.53
C LEU A 64 -5.67 -2.87 7.75
N ASN A 65 -5.69 -4.03 8.39
CA ASN A 65 -4.87 -4.28 9.56
C ASN A 65 -3.58 -5.00 9.18
N TYR A 66 -2.53 -4.78 9.97
CA TYR A 66 -1.24 -5.42 9.70
C TYR A 66 -0.83 -6.32 10.87
N ASP A 67 -0.26 -7.47 10.53
CA ASP A 67 0.17 -8.42 11.55
C ASP A 67 1.56 -8.07 12.07
N ILE A 68 1.88 -6.77 12.07
CA ILE A 68 3.17 -6.31 12.54
C ILE A 68 3.04 -5.62 13.90
N TYR A 69 4.16 -5.53 14.62
CA TYR A 69 4.18 -4.90 15.93
C TYR A 69 4.94 -3.58 15.90
N ILE A 70 4.44 -2.59 16.60
CA ILE A 70 5.07 -1.28 16.65
C ILE A 70 6.44 -1.36 17.33
N PRO A 71 6.44 -1.83 18.59
CA PRO A 71 7.67 -1.97 19.37
C PRO A 71 8.57 -3.08 18.84
N ASP A 72 8.15 -3.71 17.75
CA ASP A 72 8.93 -4.78 17.14
C ASP A 72 9.30 -4.44 15.70
N LEU A 73 8.87 -3.27 15.24
CA LEU A 73 9.16 -2.82 13.89
C LEU A 73 10.49 -2.08 13.83
N PRO A 74 11.44 -2.65 13.07
CA PRO A 74 12.78 -2.07 12.91
C PRO A 74 12.76 -0.77 12.10
N ARG A 75 13.53 0.21 12.54
CA ARG A 75 13.58 1.50 11.85
C ARG A 75 14.00 1.32 10.39
N ALA A 76 14.72 0.24 10.12
CA ALA A 76 15.17 -0.04 8.77
C ALA A 76 14.01 -0.45 7.88
N ALA A 77 12.97 -1.03 8.48
CA ALA A 77 11.79 -1.46 7.75
C ALA A 77 10.90 -0.28 7.41
N ARG A 78 9.96 -0.51 6.49
CA ARG A 78 9.03 0.54 6.08
C ARG A 78 7.76 -0.06 5.47
N LEU A 79 6.80 0.80 5.16
CA LEU A 79 5.54 0.35 4.58
C LEU A 79 5.56 0.50 3.06
N CYS A 80 4.93 -0.44 2.37
CA CYS A 80 4.88 -0.41 0.91
C CYS A 80 3.46 -0.68 0.42
N LEU A 81 3.15 -0.20 -0.78
CA LEU A 81 1.83 -0.39 -1.37
C LEU A 81 1.89 -0.28 -2.89
N SER A 82 1.18 -1.18 -3.56
CA SER A 82 1.16 -1.20 -5.02
C SER A 82 -0.25 -1.48 -5.54
N ILE A 83 -0.54 -1.02 -6.75
CA ILE A 83 -1.84 -1.22 -7.36
C ILE A 83 -1.82 -2.40 -8.33
N CYS A 84 -2.75 -3.32 -8.17
CA CYS A 84 -2.84 -4.49 -9.04
C CYS A 84 -4.25 -4.65 -9.60
N SER A 85 -4.34 -5.08 -10.85
CA SER A 85 -5.64 -5.26 -11.50
C SER A 85 -5.94 -6.75 -11.68
N VAL A 86 -7.14 -7.15 -11.28
CA VAL A 86 -7.56 -8.54 -11.40
C VAL A 86 -8.64 -8.71 -12.46
N LYS A 87 -8.43 -9.65 -13.37
CA LYS A 87 -9.40 -9.91 -14.44
C LYS A 87 -9.49 -11.40 -14.73
N GLY A 88 -10.71 -11.93 -14.71
CA GLY A 88 -10.92 -13.35 -14.98
C GLY A 88 -12.02 -13.59 -15.99
N ARG A 89 -12.10 -14.82 -16.49
CA ARG A 89 -13.11 -15.18 -17.47
C ARG A 89 -14.10 -16.19 -16.88
N LYS A 90 -15.24 -16.35 -17.54
CA LYS A 90 -16.27 -17.28 -17.09
C LYS A 90 -15.69 -18.68 -16.94
N GLY A 91 -15.88 -19.27 -15.76
CA GLY A 91 -15.38 -20.60 -15.50
C GLY A 91 -13.87 -20.67 -15.56
N ALA A 92 -13.23 -19.52 -15.71
CA ALA A 92 -11.77 -19.45 -15.77
C ALA A 92 -11.19 -18.69 -14.59
N LYS A 93 -9.88 -18.75 -14.44
CA LYS A 93 -9.20 -18.07 -13.34
C LYS A 93 -8.95 -16.61 -13.69
N GLU A 94 -8.54 -15.83 -12.70
CA GLU A 94 -8.25 -14.41 -12.91
C GLU A 94 -6.75 -14.18 -13.08
N GLU A 95 -6.39 -12.94 -13.40
CA GLU A 95 -4.98 -12.59 -13.61
C GLU A 95 -4.66 -11.25 -12.96
N HIS A 96 -3.70 -11.26 -12.03
CA HIS A 96 -3.30 -10.04 -11.34
C HIS A 96 -2.06 -9.43 -11.99
N CYS A 97 -2.04 -8.10 -12.06
CA CYS A 97 -0.91 -7.39 -12.66
C CYS A 97 -0.70 -6.04 -11.99
N PRO A 98 0.56 -5.74 -11.63
CA PRO A 98 0.92 -4.48 -10.97
C PRO A 98 0.80 -3.28 -11.91
N LEU A 99 0.54 -2.11 -11.34
CA LEU A 99 0.41 -0.89 -12.13
C LEU A 99 1.31 0.21 -11.58
N ALA A 100 1.26 0.40 -10.27
CA ALA A 100 2.08 1.42 -9.61
C ALA A 100 2.63 0.92 -8.29
N TRP A 101 3.74 1.51 -7.86
CA TRP A 101 4.36 1.12 -6.59
C TRP A 101 4.79 2.35 -5.79
N GLY A 102 4.33 2.41 -4.54
CA GLY A 102 4.68 3.54 -3.69
C GLY A 102 5.11 3.10 -2.31
N ASN A 103 6.24 3.62 -1.85
CA ASN A 103 6.77 3.28 -0.53
C ASN A 103 6.55 4.43 0.45
N ILE A 104 6.62 4.11 1.74
CA ILE A 104 6.43 5.11 2.78
C ILE A 104 7.21 4.76 4.05
N ASN A 105 8.15 5.62 4.41
CA ASN A 105 8.97 5.40 5.60
C ASN A 105 8.12 5.43 6.86
N LEU A 106 7.87 4.25 7.43
CA LEU A 106 7.07 4.14 8.65
C LEU A 106 7.46 5.21 9.66
N PHE A 107 8.75 5.26 9.99
CA PHE A 107 9.26 6.23 10.95
C PHE A 107 9.79 7.47 10.24
N ASP A 108 9.21 8.63 10.55
CA ASP A 108 9.62 9.88 9.94
C ASP A 108 11.10 10.14 10.17
N TYR A 109 11.58 11.29 9.71
CA TYR A 109 12.98 11.65 9.87
C TYR A 109 13.30 11.99 11.32
N THR A 110 12.29 11.91 12.17
CA THR A 110 12.47 12.20 13.60
C THR A 110 12.37 10.93 14.43
N ASP A 111 12.40 9.78 13.76
CA ASP A 111 12.32 8.49 14.44
C ASP A 111 10.98 8.34 15.15
N THR A 112 9.89 8.62 14.43
CA THR A 112 8.56 8.51 14.98
C THR A 112 7.55 8.09 13.92
N LEU A 113 6.82 7.01 14.19
CA LEU A 113 5.82 6.50 13.25
C LEU A 113 4.97 7.64 12.70
N VAL A 114 4.63 7.55 11.41
CA VAL A 114 3.82 8.57 10.76
C VAL A 114 2.42 8.64 11.38
N SER A 115 1.62 9.60 10.92
CA SER A 115 0.26 9.77 11.42
C SER A 115 -0.52 10.73 10.53
N GLY A 116 -1.82 10.87 10.82
CA GLY A 116 -2.66 11.75 10.05
C GLY A 116 -2.76 11.34 8.59
N LYS A 117 -3.96 11.44 8.04
CA LYS A 117 -4.19 11.06 6.64
C LYS A 117 -3.13 11.70 5.73
N MET A 118 -2.76 10.98 4.68
CA MET A 118 -1.76 11.47 3.73
C MET A 118 -2.06 10.96 2.32
N ALA A 119 -1.63 11.73 1.32
CA ALA A 119 -1.84 11.35 -0.07
C ALA A 119 -0.61 11.66 -0.92
N LEU A 120 -0.01 10.61 -1.47
CA LEU A 120 1.18 10.76 -2.30
C LEU A 120 1.01 10.04 -3.64
N ASN A 121 1.81 10.43 -4.63
CA ASN A 121 1.75 9.82 -5.95
C ASN A 121 2.64 8.58 -6.02
N LEU A 122 2.21 7.60 -6.80
CA LEU A 122 2.96 6.36 -6.96
C LEU A 122 3.68 6.32 -8.31
N TRP A 123 4.81 5.63 -8.34
CA TRP A 123 5.60 5.52 -9.57
C TRP A 123 5.06 4.41 -10.45
N PRO A 124 5.25 4.56 -11.78
CA PRO A 124 4.79 3.57 -12.76
C PRO A 124 5.59 2.26 -12.68
N VAL A 125 5.00 1.20 -13.23
CA VAL A 125 5.66 -0.11 -13.23
C VAL A 125 6.33 -0.38 -14.57
N PRO A 126 7.66 -0.56 -14.54
CA PRO A 126 8.45 -0.84 -15.74
C PRO A 126 8.18 -2.22 -16.31
N HIS A 127 8.52 -2.42 -17.58
CA HIS A 127 8.32 -3.71 -18.23
C HIS A 127 9.21 -4.78 -17.61
N GLY A 128 8.59 -5.87 -17.16
CA GLY A 128 9.34 -6.95 -16.55
C GLY A 128 8.93 -7.21 -15.11
N LEU A 129 9.09 -6.18 -14.27
CA LEU A 129 8.72 -6.30 -12.86
C LEU A 129 7.42 -7.07 -12.70
N GLU A 130 7.53 -8.37 -12.46
CA GLU A 130 6.35 -9.22 -12.28
C GLU A 130 5.97 -9.31 -10.80
N ASP A 131 6.72 -8.59 -9.96
CA ASP A 131 6.45 -8.60 -8.53
C ASP A 131 5.32 -7.64 -8.18
N LEU A 132 4.22 -8.19 -7.67
CA LEU A 132 3.06 -7.38 -7.30
C LEU A 132 3.49 -6.18 -6.46
N LEU A 133 4.28 -6.42 -5.42
CA LEU A 133 4.76 -5.37 -4.55
C LEU A 133 6.26 -5.15 -4.73
N ASN A 134 6.68 -3.89 -4.60
CA ASN A 134 8.10 -3.55 -4.75
C ASN A 134 8.64 -2.93 -3.48
N PRO A 135 9.23 -3.77 -2.61
CA PRO A 135 9.81 -3.32 -1.34
C PRO A 135 11.06 -2.48 -1.54
N ILE A 136 11.97 -2.96 -2.37
CA ILE A 136 13.21 -2.25 -2.64
C ILE A 136 12.94 -0.91 -3.33
N GLY A 137 11.85 -0.86 -4.10
CA GLY A 137 11.51 0.37 -4.80
C GLY A 137 11.85 1.60 -4.00
N VAL A 138 12.14 2.70 -4.70
CA VAL A 138 12.49 3.96 -4.05
C VAL A 138 11.38 4.40 -3.09
N THR A 139 11.62 5.50 -2.39
CA THR A 139 10.65 6.04 -1.44
C THR A 139 10.40 7.52 -1.69
N GLY A 140 9.29 8.02 -1.16
CA GLY A 140 8.95 9.42 -1.33
C GLY A 140 7.78 9.62 -2.28
N SER A 141 7.13 10.78 -2.19
CA SER A 141 6.00 11.09 -3.04
C SER A 141 6.47 11.52 -4.43
N ASN A 142 5.89 10.92 -5.46
CA ASN A 142 6.24 11.24 -6.84
C ASN A 142 5.90 12.68 -7.17
N PRO A 143 6.92 13.47 -7.54
CA PRO A 143 6.75 14.88 -7.89
C PRO A 143 6.01 15.07 -9.21
N ASN A 144 5.77 13.96 -9.90
CA ASN A 144 5.07 14.00 -11.19
C ASN A 144 3.56 13.96 -10.98
N LYS A 145 2.83 14.65 -11.85
CA LYS A 145 1.38 14.70 -11.77
C LYS A 145 0.75 13.62 -12.64
N GLU A 146 1.35 13.38 -13.80
CA GLU A 146 0.85 12.38 -14.72
C GLU A 146 0.76 11.01 -14.05
N THR A 147 1.40 10.88 -12.90
CA THR A 147 1.39 9.63 -12.14
C THR A 147 0.21 9.57 -11.19
N PRO A 148 -0.26 8.34 -10.90
CA PRO A 148 -1.39 8.12 -10.00
C PRO A 148 -1.04 8.44 -8.55
N CYS A 149 -2.06 8.47 -7.69
CA CYS A 149 -1.85 8.75 -6.27
C CYS A 149 -2.93 8.07 -5.43
N LEU A 150 -2.51 7.50 -4.31
CA LEU A 150 -3.43 6.81 -3.41
C LEU A 150 -3.53 7.53 -2.07
N GLU A 151 -4.73 7.62 -1.53
CA GLU A 151 -4.96 8.29 -0.25
C GLU A 151 -5.25 7.26 0.85
N LEU A 152 -4.44 7.31 1.90
CA LEU A 152 -4.60 6.39 3.02
C LEU A 152 -4.60 7.14 4.35
N GLU A 153 -5.09 6.49 5.40
CA GLU A 153 -5.13 7.09 6.73
C GLU A 153 -4.30 6.29 7.72
N PHE A 154 -3.46 6.99 8.48
CA PHE A 154 -2.61 6.33 9.47
C PHE A 154 -3.24 6.39 10.86
N ASP A 155 -3.50 5.22 11.43
CA ASP A 155 -4.11 5.14 12.75
C ASP A 155 -3.37 4.12 13.63
N TRP A 156 -3.15 4.48 14.88
CA TRP A 156 -2.46 3.60 15.82
C TRP A 156 -3.24 3.47 17.11
N PHE A 157 -4.10 2.46 17.17
CA PHE A 157 -4.92 2.22 18.37
C PHE A 157 -4.28 1.16 19.25
N SER A 158 -3.97 0.01 18.66
CA SER A 158 -3.35 -1.09 19.40
C SER A 158 -2.99 -2.24 18.46
N GLY A 1 5.34 7.39 37.57
CA GLY A 1 6.01 7.94 36.42
C GLY A 1 5.06 8.18 35.26
N SER A 2 4.61 7.10 34.63
CA SER A 2 3.70 7.21 33.49
C SER A 2 3.05 5.85 33.20
N SER A 3 1.72 5.82 33.24
CA SER A 3 0.97 4.60 32.97
C SER A 3 -0.38 4.91 32.36
N GLY A 4 -1.05 3.87 31.84
CA GLY A 4 -2.34 4.06 31.23
C GLY A 4 -2.41 3.51 29.82
N SER A 5 -2.58 4.39 28.84
CA SER A 5 -2.66 3.98 27.45
C SER A 5 -1.26 3.74 26.87
N SER A 6 -0.74 2.54 27.09
CA SER A 6 0.58 2.18 26.59
C SER A 6 0.79 2.69 25.16
N GLY A 7 2.04 2.70 24.72
CA GLY A 7 2.34 3.17 23.38
C GLY A 7 1.62 2.36 22.32
N ASN A 8 2.15 2.38 21.09
CA ASN A 8 1.55 1.65 19.99
C ASN A 8 2.00 0.19 19.98
N SER A 9 1.09 -0.70 19.63
CA SER A 9 1.38 -2.13 19.59
C SER A 9 0.90 -2.75 18.28
N ALA A 10 -0.25 -2.28 17.81
CA ALA A 10 -0.82 -2.78 16.56
C ALA A 10 -0.97 -1.68 15.53
N LEU A 11 -0.45 -1.92 14.33
CA LEU A 11 -0.52 -0.93 13.25
C LEU A 11 -1.67 -1.24 12.31
N ARG A 12 -2.46 -0.21 12.01
CA ARG A 12 -3.60 -0.36 11.12
C ARG A 12 -3.72 0.83 10.17
N ILE A 13 -4.00 0.54 8.90
CA ILE A 13 -4.13 1.59 7.90
C ILE A 13 -5.43 1.42 7.11
N LYS A 14 -6.12 2.53 6.89
CA LYS A 14 -7.37 2.52 6.14
C LYS A 14 -7.23 3.27 4.82
N ILE A 15 -7.32 2.55 3.71
CA ILE A 15 -7.21 3.14 2.39
C ILE A 15 -8.51 3.81 1.98
N LEU A 16 -8.39 4.93 1.28
CA LEU A 16 -9.56 5.67 0.82
C LEU A 16 -9.89 5.33 -0.63
N CYS A 17 -9.08 5.83 -1.55
CA CYS A 17 -9.28 5.57 -2.97
C CYS A 17 -8.09 6.06 -3.78
N ALA A 18 -8.07 5.72 -5.07
CA ALA A 18 -6.98 6.11 -5.96
C ALA A 18 -7.47 7.11 -7.00
N THR A 19 -6.56 7.94 -7.49
CA THR A 19 -6.89 8.94 -8.50
C THR A 19 -5.87 8.96 -9.63
N TYR A 20 -6.35 9.18 -10.84
CA TYR A 20 -5.47 9.22 -12.01
C TYR A 20 -4.82 7.86 -12.24
N VAL A 21 -5.59 6.80 -12.08
CA VAL A 21 -5.09 5.44 -12.28
C VAL A 21 -4.79 5.17 -13.74
N ASN A 22 -3.82 4.29 -13.99
CA ASN A 22 -3.44 3.95 -15.35
C ASN A 22 -4.45 2.99 -15.98
N VAL A 23 -5.70 3.44 -16.04
CA VAL A 23 -6.77 2.62 -16.63
C VAL A 23 -7.31 3.26 -17.90
N ASN A 24 -6.86 2.73 -19.04
CA ASN A 24 -7.30 3.25 -20.34
C ASN A 24 -8.42 2.39 -20.92
N ILE A 25 -8.06 1.20 -21.39
CA ILE A 25 -9.02 0.28 -21.97
C ILE A 25 -10.15 -0.03 -20.99
N ARG A 26 -11.20 -0.67 -21.48
CA ARG A 26 -12.34 -1.02 -20.64
C ARG A 26 -12.53 -2.53 -20.59
N ASP A 27 -11.50 -3.24 -20.14
CA ASP A 27 -11.55 -4.69 -20.04
C ASP A 27 -11.35 -5.15 -18.60
N ILE A 28 -10.40 -4.52 -17.92
CA ILE A 28 -10.12 -4.86 -16.52
C ILE A 28 -11.40 -5.14 -15.74
N ASP A 29 -11.48 -6.33 -15.16
CA ASP A 29 -12.66 -6.71 -14.38
C ASP A 29 -12.71 -5.94 -13.06
N LYS A 30 -11.70 -6.17 -12.22
CA LYS A 30 -11.64 -5.49 -10.92
C LYS A 30 -10.19 -5.18 -10.56
N ILE A 31 -10.01 -4.52 -9.41
CA ILE A 31 -8.67 -4.15 -8.94
C ILE A 31 -8.54 -4.39 -7.44
N TYR A 32 -7.30 -4.54 -6.98
CA TYR A 32 -7.03 -4.77 -5.56
C TYR A 32 -5.66 -4.24 -5.19
N VAL A 33 -5.57 -3.64 -4.00
CA VAL A 33 -4.31 -3.09 -3.51
C VAL A 33 -3.53 -4.14 -2.72
N ARG A 34 -2.20 -4.04 -2.76
CA ARG A 34 -1.34 -4.97 -2.05
C ARG A 34 -0.27 -4.24 -1.26
N THR A 35 -0.30 -4.42 0.06
CA THR A 35 0.67 -3.77 0.94
C THR A 35 1.55 -4.78 1.65
N GLY A 36 2.48 -4.30 2.47
CA GLY A 36 3.36 -5.19 3.19
C GLY A 36 4.67 -4.51 3.59
N ILE A 37 5.15 -4.80 4.78
CA ILE A 37 6.39 -4.22 5.27
C ILE A 37 7.58 -5.10 4.91
N TYR A 38 8.70 -4.44 4.57
CA TYR A 38 9.91 -5.17 4.20
C TYR A 38 11.14 -4.53 4.84
N HIS A 39 12.10 -5.35 5.23
CA HIS A 39 13.32 -4.87 5.85
C HIS A 39 14.56 -5.32 5.06
N GLY A 40 15.07 -4.42 4.22
CA GLY A 40 16.24 -4.75 3.42
C GLY A 40 15.89 -5.59 2.21
N GLY A 41 14.74 -5.33 1.62
CA GLY A 41 14.32 -6.08 0.45
C GLY A 41 13.83 -7.48 0.81
N GLU A 42 13.17 -7.59 1.96
CA GLU A 42 12.66 -8.87 2.41
C GLU A 42 11.39 -8.70 3.25
N PRO A 43 10.41 -9.60 3.04
CA PRO A 43 9.14 -9.55 3.75
C PRO A 43 9.29 -9.90 5.23
N LEU A 44 8.51 -9.22 6.08
CA LEU A 44 8.56 -9.45 7.52
C LEU A 44 7.44 -10.41 7.94
N CYS A 45 6.25 -10.21 7.39
CA CYS A 45 5.11 -11.05 7.72
C CYS A 45 4.15 -11.15 6.53
N ASP A 46 3.28 -12.15 6.57
CA ASP A 46 2.31 -12.35 5.50
C ASP A 46 1.67 -11.02 5.07
N ASN A 47 1.85 -10.67 3.81
CA ASN A 47 1.29 -9.43 3.27
C ASN A 47 -0.23 -9.41 3.40
N VAL A 48 -0.81 -8.23 3.30
CA VAL A 48 -2.26 -8.06 3.41
C VAL A 48 -2.85 -7.52 2.11
N ASN A 49 -4.07 -7.94 1.80
CA ASN A 49 -4.75 -7.49 0.59
C ASN A 49 -6.13 -6.92 0.92
N THR A 50 -6.56 -5.95 0.12
CA THR A 50 -7.86 -5.31 0.32
C THR A 50 -8.91 -5.92 -0.60
N GLN A 51 -10.18 -5.66 -0.28
CA GLN A 51 -11.28 -6.17 -1.08
C GLN A 51 -11.07 -5.88 -2.57
N ARG A 52 -12.02 -6.31 -3.39
CA ARG A 52 -11.93 -6.08 -4.83
C ARG A 52 -12.93 -5.01 -5.28
N VAL A 53 -12.43 -4.02 -5.99
CA VAL A 53 -13.28 -2.93 -6.48
C VAL A 53 -13.06 -2.70 -7.98
N PRO A 54 -14.11 -2.19 -8.64
CA PRO A 54 -14.06 -1.91 -10.09
C PRO A 54 -13.15 -0.72 -10.41
N CYS A 55 -12.42 -0.83 -11.51
CA CYS A 55 -11.51 0.22 -11.94
C CYS A 55 -12.22 1.57 -11.94
N SER A 56 -13.43 1.60 -12.50
CA SER A 56 -14.21 2.84 -12.57
C SER A 56 -14.34 3.47 -11.19
N ASN A 57 -14.35 2.64 -10.16
CA ASN A 57 -14.48 3.13 -8.79
C ASN A 57 -13.47 2.45 -7.88
N PRO A 58 -12.25 3.00 -7.81
CA PRO A 58 -11.17 2.46 -6.98
C PRO A 58 -11.44 2.64 -5.49
N ARG A 59 -12.61 3.19 -5.17
CA ARG A 59 -12.98 3.42 -3.78
C ARG A 59 -12.74 2.17 -2.93
N TRP A 60 -12.16 2.37 -1.76
CA TRP A 60 -11.88 1.26 -0.86
C TRP A 60 -12.41 1.55 0.55
N ASN A 61 -11.98 2.66 1.12
CA ASN A 61 -12.42 3.05 2.46
C ASN A 61 -12.53 1.83 3.37
N GLU A 62 -11.60 0.90 3.21
CA GLU A 62 -11.60 -0.32 4.02
C GLU A 62 -10.52 -0.25 5.10
N TRP A 63 -10.83 -0.78 6.27
CA TRP A 63 -9.89 -0.79 7.38
C TRP A 63 -8.94 -1.99 7.29
N LEU A 64 -7.71 -1.74 6.88
CA LEU A 64 -6.71 -2.80 6.76
C LEU A 64 -5.84 -2.87 8.00
N ASN A 65 -5.83 -4.03 8.65
CA ASN A 65 -5.03 -4.23 9.85
C ASN A 65 -3.73 -4.96 9.54
N TYR A 66 -2.66 -4.57 10.20
CA TYR A 66 -1.35 -5.19 9.98
C TYR A 66 -0.92 -6.00 11.20
N ASP A 67 -0.54 -7.25 10.97
CA ASP A 67 -0.11 -8.13 12.05
C ASP A 67 1.35 -7.86 12.41
N ILE A 68 1.69 -6.59 12.59
CA ILE A 68 3.04 -6.20 12.94
C ILE A 68 3.10 -5.58 14.33
N TYR A 69 4.31 -5.43 14.86
CA TYR A 69 4.50 -4.86 16.19
C TYR A 69 5.30 -3.56 16.12
N ILE A 70 4.72 -2.48 16.64
CA ILE A 70 5.38 -1.19 16.62
C ILE A 70 6.73 -1.24 17.35
N PRO A 71 6.71 -1.74 18.59
CA PRO A 71 7.90 -1.87 19.42
C PRO A 71 8.85 -2.95 18.91
N ASP A 72 8.49 -3.56 17.78
CA ASP A 72 9.31 -4.60 17.18
C ASP A 72 9.65 -4.27 15.73
N LEU A 73 9.09 -3.17 15.24
CA LEU A 73 9.33 -2.73 13.87
C LEU A 73 10.66 -1.96 13.77
N PRO A 74 11.64 -2.57 13.07
CA PRO A 74 12.96 -1.97 12.89
C PRO A 74 12.92 -0.77 11.96
N ARG A 75 13.61 0.30 12.35
CA ARG A 75 13.65 1.52 11.54
C ARG A 75 13.89 1.19 10.08
N ALA A 76 14.81 0.28 9.81
CA ALA A 76 15.12 -0.12 8.45
C ALA A 76 13.85 -0.48 7.67
N ALA A 77 13.00 -1.29 8.29
CA ALA A 77 11.75 -1.69 7.65
C ALA A 77 10.96 -0.48 7.17
N ARG A 78 10.04 -0.71 6.24
CA ARG A 78 9.21 0.36 5.69
C ARG A 78 7.90 -0.20 5.14
N LEU A 79 7.01 0.71 4.74
CA LEU A 79 5.71 0.31 4.18
C LEU A 79 5.74 0.36 2.66
N CYS A 80 5.28 -0.73 2.04
CA CYS A 80 5.25 -0.81 0.58
C CYS A 80 3.85 -1.14 0.09
N LEU A 81 3.38 -0.40 -0.91
CA LEU A 81 2.05 -0.62 -1.47
C LEU A 81 2.08 -0.49 -2.99
N SER A 82 1.23 -1.27 -3.66
CA SER A 82 1.16 -1.25 -5.12
C SER A 82 -0.21 -1.72 -5.60
N ILE A 83 -0.81 -0.94 -6.49
CA ILE A 83 -2.13 -1.27 -7.03
C ILE A 83 -2.01 -2.30 -8.15
N CYS A 84 -2.84 -3.35 -8.07
CA CYS A 84 -2.83 -4.41 -9.07
C CYS A 84 -4.21 -4.57 -9.69
N SER A 85 -4.24 -4.86 -10.99
CA SER A 85 -5.50 -5.04 -11.71
C SER A 85 -5.73 -6.51 -12.03
N VAL A 86 -6.91 -7.01 -11.66
CA VAL A 86 -7.26 -8.40 -11.91
C VAL A 86 -8.32 -8.52 -13.00
N LYS A 87 -8.14 -9.49 -13.90
CA LYS A 87 -9.09 -9.70 -14.98
C LYS A 87 -9.38 -11.19 -15.16
N GLY A 88 -10.67 -11.54 -15.09
CA GLY A 88 -11.06 -12.93 -15.24
C GLY A 88 -12.54 -13.09 -15.54
N ARG A 89 -13.04 -14.30 -15.39
CA ARG A 89 -14.46 -14.59 -15.64
C ARG A 89 -15.10 -15.25 -14.43
N LYS A 90 -16.38 -15.60 -14.57
CA LYS A 90 -17.12 -16.24 -13.49
C LYS A 90 -16.28 -17.33 -12.83
N GLY A 91 -16.10 -18.44 -13.52
CA GLY A 91 -15.31 -19.54 -12.99
C GLY A 91 -14.06 -19.81 -13.81
N ALA A 92 -13.35 -18.75 -14.15
CA ALA A 92 -12.12 -18.88 -14.93
C ALA A 92 -10.93 -18.27 -14.21
N LYS A 93 -9.73 -18.46 -14.75
CA LYS A 93 -8.52 -17.93 -14.16
C LYS A 93 -8.44 -16.41 -14.35
N GLU A 94 -7.86 -15.72 -13.38
CA GLU A 94 -7.72 -14.27 -13.45
C GLU A 94 -6.27 -13.88 -13.73
N GLU A 95 -6.07 -12.63 -14.13
CA GLU A 95 -4.74 -12.13 -14.43
C GLU A 95 -4.42 -10.88 -13.62
N HIS A 96 -3.43 -10.98 -12.74
CA HIS A 96 -3.04 -9.86 -11.89
C HIS A 96 -1.84 -9.13 -12.49
N CYS A 97 -1.85 -7.80 -12.38
CA CYS A 97 -0.77 -6.99 -12.92
C CYS A 97 -0.70 -5.64 -12.20
N PRO A 98 0.48 -5.32 -11.64
CA PRO A 98 0.70 -4.07 -10.92
C PRO A 98 0.70 -2.86 -11.85
N LEU A 99 0.23 -1.72 -11.33
CA LEU A 99 0.18 -0.49 -12.11
C LEU A 99 1.14 0.54 -11.55
N ALA A 100 1.10 0.74 -10.23
CA ALA A 100 1.97 1.70 -9.58
C ALA A 100 2.42 1.20 -8.21
N TRP A 101 3.54 1.72 -7.73
CA TRP A 101 4.08 1.31 -6.43
C TRP A 101 4.57 2.52 -5.65
N GLY A 102 4.29 2.53 -4.34
CA GLY A 102 4.70 3.64 -3.51
C GLY A 102 5.27 3.17 -2.18
N ASN A 103 6.50 3.59 -1.87
CA ASN A 103 7.15 3.21 -0.62
C ASN A 103 7.09 4.34 0.39
N ILE A 104 6.64 4.03 1.59
CA ILE A 104 6.54 5.03 2.65
C ILE A 104 7.32 4.60 3.89
N ASN A 105 8.20 5.47 4.36
CA ASN A 105 9.01 5.18 5.55
C ASN A 105 8.16 5.25 6.81
N LEU A 106 7.65 4.11 7.25
CA LEU A 106 6.83 4.05 8.45
C LEU A 106 7.30 5.06 9.49
N PHE A 107 8.62 5.27 9.55
CA PHE A 107 9.19 6.21 10.50
C PHE A 107 9.59 7.50 9.81
N ASP A 108 8.90 8.59 10.14
CA ASP A 108 9.18 9.89 9.55
C ASP A 108 10.65 10.25 9.68
N TYR A 109 11.02 11.43 9.21
CA TYR A 109 12.39 11.90 9.29
C TYR A 109 12.86 12.01 10.73
N THR A 110 11.91 12.31 11.63
CA THR A 110 12.22 12.45 13.05
C THR A 110 11.99 11.14 13.79
N ASP A 111 12.24 10.03 13.11
CA ASP A 111 12.05 8.72 13.71
C ASP A 111 10.75 8.67 14.52
N THR A 112 9.68 9.19 13.93
CA THR A 112 8.37 9.21 14.58
C THR A 112 7.29 8.70 13.64
N LEU A 113 6.76 7.52 13.93
CA LEU A 113 5.71 6.92 13.11
C LEU A 113 4.78 8.00 12.56
N VAL A 114 4.37 7.84 11.30
CA VAL A 114 3.48 8.78 10.66
C VAL A 114 2.10 8.75 11.29
N SER A 115 1.29 9.78 11.00
CA SER A 115 -0.06 9.86 11.54
C SER A 115 -0.88 10.90 10.78
N GLY A 116 -2.20 10.76 10.85
CA GLY A 116 -3.09 11.69 10.17
C GLY A 116 -3.17 11.41 8.68
N LYS A 117 -4.37 11.55 8.12
CA LYS A 117 -4.58 11.32 6.70
C LYS A 117 -3.42 11.85 5.87
N MET A 118 -3.15 11.22 4.74
CA MET A 118 -2.07 11.65 3.87
C MET A 118 -2.28 11.11 2.44
N ALA A 119 -1.82 11.87 1.46
CA ALA A 119 -1.94 11.47 0.06
C ALA A 119 -0.67 11.80 -0.72
N LEU A 120 -0.09 10.78 -1.34
CA LEU A 120 1.12 10.97 -2.13
C LEU A 120 1.03 10.23 -3.46
N ASN A 121 1.81 10.68 -4.44
CA ASN A 121 1.81 10.05 -5.76
C ASN A 121 2.63 8.77 -5.74
N LEU A 122 2.36 7.89 -6.72
CA LEU A 122 3.07 6.62 -6.82
C LEU A 122 3.83 6.53 -8.14
N TRP A 123 4.84 5.67 -8.18
CA TRP A 123 5.64 5.48 -9.38
C TRP A 123 5.07 4.37 -10.25
N PRO A 124 5.31 4.47 -11.56
CA PRO A 124 4.83 3.47 -12.53
C PRO A 124 5.55 2.13 -12.41
N VAL A 125 5.04 1.13 -13.10
CA VAL A 125 5.63 -0.21 -13.06
C VAL A 125 6.32 -0.54 -14.38
N PRO A 126 7.51 -1.16 -14.30
CA PRO A 126 8.29 -1.55 -15.47
C PRO A 126 7.63 -2.69 -16.25
N HIS A 127 8.15 -2.96 -17.45
CA HIS A 127 7.62 -4.02 -18.28
C HIS A 127 7.32 -5.26 -17.46
N GLY A 128 6.04 -5.55 -17.27
CA GLY A 128 5.63 -6.72 -16.50
C GLY A 128 6.57 -6.99 -15.34
N LEU A 129 6.48 -6.17 -14.30
CA LEU A 129 7.34 -6.32 -13.13
C LEU A 129 7.34 -7.77 -12.66
N GLU A 130 8.54 -8.33 -12.54
CA GLU A 130 8.69 -9.72 -12.10
C GLU A 130 7.68 -10.05 -11.01
N ASP A 131 7.62 -9.20 -9.99
CA ASP A 131 6.69 -9.40 -8.88
C ASP A 131 5.66 -8.28 -8.83
N LEU A 132 4.54 -8.55 -8.15
CA LEU A 132 3.47 -7.57 -8.03
C LEU A 132 3.90 -6.39 -7.15
N LEU A 133 4.23 -6.68 -5.90
CA LEU A 133 4.66 -5.66 -4.96
C LEU A 133 6.17 -5.45 -5.03
N ASN A 134 6.59 -4.19 -5.05
CA ASN A 134 8.01 -3.86 -5.11
C ASN A 134 8.51 -3.31 -3.78
N PRO A 135 9.00 -4.22 -2.92
CA PRO A 135 9.51 -3.85 -1.60
C PRO A 135 10.82 -3.06 -1.68
N ILE A 136 11.40 -3.02 -2.87
CA ILE A 136 12.65 -2.31 -3.09
C ILE A 136 12.39 -0.89 -3.61
N GLY A 137 11.18 -0.66 -4.11
CA GLY A 137 10.82 0.64 -4.63
C GLY A 137 11.36 1.78 -3.76
N VAL A 138 11.68 2.90 -4.40
CA VAL A 138 12.20 4.06 -3.68
C VAL A 138 11.16 4.63 -2.74
N THR A 139 11.59 5.51 -1.83
CA THR A 139 10.70 6.13 -0.87
C THR A 139 10.49 7.61 -1.19
N GLY A 140 9.36 8.14 -0.75
CA GLY A 140 9.05 9.55 -1.00
C GLY A 140 7.99 9.73 -2.07
N SER A 141 7.05 10.63 -1.81
CA SER A 141 5.97 10.90 -2.76
C SER A 141 6.53 11.17 -4.15
N ASN A 142 6.13 10.35 -5.12
CA ASN A 142 6.59 10.51 -6.50
C ASN A 142 6.42 11.95 -6.97
N PRO A 143 7.48 12.50 -7.58
CA PRO A 143 7.46 13.87 -8.08
C PRO A 143 6.56 14.03 -9.31
N ASN A 144 6.52 13.00 -10.14
CA ASN A 144 5.70 13.03 -11.34
C ASN A 144 4.28 13.47 -11.02
N LYS A 145 3.66 14.22 -11.93
CA LYS A 145 2.30 14.71 -11.75
C LYS A 145 1.31 13.81 -12.46
N GLU A 146 1.73 13.24 -13.59
CA GLU A 146 0.87 12.37 -14.38
C GLU A 146 0.91 10.94 -13.83
N THR A 147 1.04 10.82 -12.52
CA THR A 147 1.09 9.51 -11.87
C THR A 147 -0.07 9.32 -10.91
N PRO A 148 -0.43 8.06 -10.66
CA PRO A 148 -1.53 7.72 -9.75
C PRO A 148 -1.19 8.01 -8.30
N CYS A 149 -2.15 8.58 -7.57
CA CYS A 149 -1.95 8.92 -6.17
C CYS A 149 -2.97 8.20 -5.29
N LEU A 150 -2.50 7.57 -4.22
CA LEU A 150 -3.36 6.84 -3.30
C LEU A 150 -3.52 7.60 -1.99
N GLU A 151 -4.73 7.60 -1.45
CA GLU A 151 -5.01 8.29 -0.19
C GLU A 151 -5.26 7.28 0.94
N LEU A 152 -4.48 7.39 2.00
CA LEU A 152 -4.61 6.49 3.14
C LEU A 152 -4.58 7.27 4.46
N GLU A 153 -5.07 6.65 5.52
CA GLU A 153 -5.09 7.28 6.83
C GLU A 153 -4.31 6.46 7.86
N PHE A 154 -3.33 7.10 8.49
CA PHE A 154 -2.50 6.42 9.48
C PHE A 154 -3.10 6.58 10.88
N ASP A 155 -3.49 5.47 11.48
CA ASP A 155 -4.07 5.49 12.82
C ASP A 155 -3.46 4.40 13.69
N TRP A 156 -3.44 4.64 15.00
CA TRP A 156 -2.88 3.68 15.95
C TRP A 156 -3.76 3.56 17.19
N PHE A 157 -4.45 2.43 17.30
CA PHE A 157 -5.32 2.18 18.44
C PHE A 157 -4.57 1.49 19.57
N SER A 158 -3.81 0.47 19.23
CA SER A 158 -3.03 -0.28 20.22
C SER A 158 -3.88 -0.56 21.47
N GLY A 1 5.61 6.85 33.28
CA GLY A 1 4.89 5.85 32.52
C GLY A 1 4.26 4.78 33.39
N SER A 2 2.94 4.71 33.37
CA SER A 2 2.21 3.74 34.18
C SER A 2 2.53 2.32 33.73
N SER A 3 2.77 1.44 34.71
CA SER A 3 3.11 0.04 34.42
C SER A 3 1.96 -0.64 33.67
N GLY A 4 2.20 -0.97 32.41
CA GLY A 4 1.19 -1.63 31.61
C GLY A 4 1.75 -2.22 30.32
N SER A 5 1.54 -1.52 29.21
CA SER A 5 2.02 -1.99 27.92
C SER A 5 2.08 -0.83 26.92
N SER A 6 3.07 -0.88 26.03
CA SER A 6 3.24 0.16 25.03
C SER A 6 1.90 0.55 24.41
N GLY A 7 1.64 1.85 24.36
CA GLY A 7 0.39 2.33 23.79
C GLY A 7 0.07 1.68 22.46
N ASN A 8 0.92 1.91 21.46
CA ASN A 8 0.72 1.34 20.14
C ASN A 8 1.38 -0.04 20.03
N SER A 9 0.58 -1.04 19.68
CA SER A 9 1.08 -2.40 19.54
C SER A 9 0.70 -3.00 18.19
N ALA A 10 -0.47 -2.60 17.69
CA ALA A 10 -0.95 -3.10 16.41
C ALA A 10 -1.15 -1.94 15.42
N LEU A 11 -0.52 -2.07 14.25
CA LEU A 11 -0.63 -1.03 13.23
C LEU A 11 -1.89 -1.22 12.39
N ARG A 12 -2.49 -0.12 11.98
CA ARG A 12 -3.71 -0.15 11.18
C ARG A 12 -3.75 1.02 10.21
N ILE A 13 -4.20 0.75 8.98
CA ILE A 13 -4.30 1.79 7.96
C ILE A 13 -5.55 1.61 7.11
N LYS A 14 -6.34 2.67 7.00
CA LYS A 14 -7.56 2.63 6.21
C LYS A 14 -7.37 3.34 4.86
N ILE A 15 -7.57 2.59 3.78
CA ILE A 15 -7.42 3.13 2.44
C ILE A 15 -8.69 3.86 2.00
N LEU A 16 -8.51 4.92 1.22
CA LEU A 16 -9.64 5.71 0.73
C LEU A 16 -9.95 5.37 -0.72
N CYS A 17 -9.08 5.82 -1.62
CA CYS A 17 -9.26 5.57 -3.05
C CYS A 17 -8.05 6.06 -3.85
N ALA A 18 -8.00 5.68 -5.11
CA ALA A 18 -6.89 6.07 -5.99
C ALA A 18 -7.37 7.00 -7.09
N THR A 19 -6.44 7.77 -7.66
CA THR A 19 -6.77 8.70 -8.73
C THR A 19 -5.72 8.66 -9.84
N TYR A 20 -6.14 8.98 -11.05
CA TYR A 20 -5.24 8.97 -12.20
C TYR A 20 -4.62 7.59 -12.39
N VAL A 21 -5.38 6.56 -12.07
CA VAL A 21 -4.91 5.18 -12.21
C VAL A 21 -4.66 4.84 -13.67
N ASN A 22 -3.96 3.73 -13.91
CA ASN A 22 -3.65 3.29 -15.26
C ASN A 22 -4.81 2.49 -15.86
N VAL A 23 -6.03 2.93 -15.57
CA VAL A 23 -7.23 2.26 -16.07
C VAL A 23 -7.71 2.89 -17.37
N ASN A 24 -6.86 2.84 -18.39
CA ASN A 24 -7.20 3.40 -19.69
C ASN A 24 -8.25 2.56 -20.41
N ILE A 25 -7.84 1.40 -20.90
CA ILE A 25 -8.74 0.49 -21.60
C ILE A 25 -9.93 0.12 -20.72
N ARG A 26 -10.94 -0.51 -21.33
CA ARG A 26 -12.13 -0.92 -20.60
C ARG A 26 -12.32 -2.44 -20.68
N ASP A 27 -11.25 -3.18 -20.40
CA ASP A 27 -11.31 -4.63 -20.45
C ASP A 27 -11.17 -5.22 -19.04
N ILE A 28 -10.29 -4.64 -18.24
CA ILE A 28 -10.07 -5.10 -16.88
C ILE A 28 -11.39 -5.38 -16.17
N ASP A 29 -11.42 -6.42 -15.36
CA ASP A 29 -12.63 -6.78 -14.61
C ASP A 29 -12.72 -6.01 -13.31
N LYS A 30 -11.68 -6.11 -12.49
CA LYS A 30 -11.64 -5.42 -11.21
C LYS A 30 -10.22 -5.04 -10.83
N ILE A 31 -10.06 -4.40 -9.68
CA ILE A 31 -8.74 -3.99 -9.21
C ILE A 31 -8.61 -4.20 -7.70
N TYR A 32 -7.39 -4.06 -7.20
CA TYR A 32 -7.13 -4.22 -5.77
C TYR A 32 -5.71 -3.78 -5.42
N VAL A 33 -5.54 -3.32 -4.19
CA VAL A 33 -4.23 -2.87 -3.73
C VAL A 33 -3.56 -3.91 -2.84
N ARG A 34 -2.23 -3.91 -2.82
CA ARG A 34 -1.47 -4.86 -2.02
C ARG A 34 -0.40 -4.15 -1.21
N THR A 35 -0.53 -4.21 0.11
CA THR A 35 0.43 -3.57 1.01
C THR A 35 1.36 -4.60 1.64
N GLY A 36 2.40 -4.11 2.32
CA GLY A 36 3.34 -5.01 2.97
C GLY A 36 4.59 -4.28 3.43
N ILE A 37 5.16 -4.73 4.53
CA ILE A 37 6.36 -4.12 5.09
C ILE A 37 7.59 -4.98 4.81
N TYR A 38 8.68 -4.34 4.39
CA TYR A 38 9.92 -5.05 4.09
C TYR A 38 11.10 -4.41 4.81
N HIS A 39 12.09 -5.22 5.16
CA HIS A 39 13.27 -4.73 5.84
C HIS A 39 14.54 -5.08 5.05
N GLY A 40 15.04 -4.10 4.30
CA GLY A 40 16.24 -4.32 3.51
C GLY A 40 15.99 -5.20 2.31
N GLY A 41 14.89 -4.95 1.61
CA GLY A 41 14.56 -5.75 0.43
C GLY A 41 14.16 -7.17 0.80
N GLU A 42 13.60 -7.34 1.98
CA GLU A 42 13.18 -8.66 2.45
C GLU A 42 11.84 -8.59 3.16
N PRO A 43 10.99 -9.60 2.93
CA PRO A 43 9.65 -9.67 3.55
C PRO A 43 9.72 -9.95 5.04
N LEU A 44 8.82 -9.32 5.79
CA LEU A 44 8.78 -9.50 7.24
C LEU A 44 7.54 -10.29 7.66
N CYS A 45 6.44 -10.06 6.95
CA CYS A 45 5.19 -10.75 7.24
C CYS A 45 4.33 -10.88 5.98
N ASP A 46 3.34 -11.76 6.03
CA ASP A 46 2.45 -11.98 4.90
C ASP A 46 1.94 -10.65 4.36
N ASN A 47 1.63 -10.63 3.06
CA ASN A 47 1.14 -9.42 2.41
C ASN A 47 -0.35 -9.24 2.68
N VAL A 48 -0.75 -7.99 2.92
CA VAL A 48 -2.16 -7.68 3.19
C VAL A 48 -2.82 -7.03 1.98
N ASN A 49 -4.00 -7.52 1.63
CA ASN A 49 -4.74 -6.99 0.49
C ASN A 49 -6.09 -6.42 0.94
N THR A 50 -6.68 -5.57 0.09
CA THR A 50 -7.96 -4.95 0.40
C THR A 50 -9.07 -5.55 -0.45
N GLN A 51 -10.30 -5.38 -0.01
CA GLN A 51 -11.47 -5.91 -0.73
C GLN A 51 -11.36 -5.59 -2.21
N ARG A 52 -12.02 -6.41 -3.03
CA ARG A 52 -12.01 -6.21 -4.47
C ARG A 52 -12.98 -5.10 -4.88
N VAL A 53 -12.53 -4.24 -5.79
CA VAL A 53 -13.34 -3.14 -6.26
C VAL A 53 -13.11 -2.87 -7.75
N PRO A 54 -14.13 -2.33 -8.43
CA PRO A 54 -14.05 -2.01 -9.86
C PRO A 54 -13.12 -0.84 -10.14
N CYS A 55 -12.35 -0.95 -11.21
CA CYS A 55 -11.42 0.10 -11.60
C CYS A 55 -12.12 1.46 -11.64
N SER A 56 -13.31 1.48 -12.23
CA SER A 56 -14.08 2.72 -12.35
C SER A 56 -14.25 3.38 -10.98
N ASN A 57 -14.39 2.55 -9.95
CA ASN A 57 -14.57 3.06 -8.59
C ASN A 57 -13.64 2.34 -7.62
N PRO A 58 -12.39 2.81 -7.53
CA PRO A 58 -11.39 2.22 -6.64
C PRO A 58 -11.69 2.48 -5.16
N ARG A 59 -12.82 3.12 -4.91
CA ARG A 59 -13.23 3.44 -3.54
C ARG A 59 -13.15 2.20 -2.65
N TRP A 60 -12.23 2.22 -1.70
CA TRP A 60 -12.05 1.10 -0.79
C TRP A 60 -12.59 1.44 0.60
N ASN A 61 -12.21 2.60 1.11
CA ASN A 61 -12.66 3.03 2.44
C ASN A 61 -12.77 1.85 3.39
N GLU A 62 -11.71 1.06 3.45
CA GLU A 62 -11.67 -0.10 4.33
C GLU A 62 -10.50 -0.02 5.32
N TRP A 63 -10.72 -0.54 6.52
CA TRP A 63 -9.69 -0.52 7.55
C TRP A 63 -8.77 -1.74 7.44
N LEU A 64 -7.61 -1.54 6.85
CA LEU A 64 -6.65 -2.62 6.68
C LEU A 64 -5.79 -2.79 7.93
N ASN A 65 -5.87 -3.96 8.54
CA ASN A 65 -5.09 -4.25 9.74
C ASN A 65 -3.78 -4.96 9.39
N TYR A 66 -2.71 -4.55 10.05
CA TYR A 66 -1.40 -5.14 9.82
C TYR A 66 -0.97 -6.02 10.99
N ASP A 67 -0.60 -7.25 10.68
CA ASP A 67 -0.17 -8.20 11.71
C ASP A 67 1.27 -7.93 12.13
N ILE A 68 1.57 -6.67 12.44
CA ILE A 68 2.91 -6.29 12.86
C ILE A 68 2.92 -5.73 14.27
N TYR A 69 4.10 -5.66 14.88
CA TYR A 69 4.24 -5.15 16.24
C TYR A 69 5.05 -3.86 16.25
N ILE A 70 4.38 -2.76 16.58
CA ILE A 70 5.03 -1.46 16.63
C ILE A 70 6.33 -1.52 17.43
N PRO A 71 6.24 -2.06 18.66
CA PRO A 71 7.40 -2.19 19.54
C PRO A 71 8.38 -3.25 19.05
N ASP A 72 8.09 -3.83 17.90
CA ASP A 72 8.96 -4.86 17.31
C ASP A 72 9.28 -4.53 15.86
N LEU A 73 8.77 -3.39 15.38
CA LEU A 73 9.01 -2.97 14.01
C LEU A 73 10.35 -2.22 13.89
N PRO A 74 11.26 -2.78 13.08
CA PRO A 74 12.59 -2.19 12.86
C PRO A 74 12.51 -0.89 12.06
N ARG A 75 13.28 0.11 12.49
CA ARG A 75 13.31 1.40 11.82
C ARG A 75 13.63 1.23 10.33
N ALA A 76 14.49 0.27 10.03
CA ALA A 76 14.89 0.00 8.65
C ALA A 76 13.68 -0.37 7.80
N ALA A 77 12.73 -1.09 8.40
CA ALA A 77 11.53 -1.50 7.70
C ALA A 77 10.69 -0.29 7.28
N ARG A 78 9.72 -0.53 6.39
CA ARG A 78 8.85 0.54 5.92
C ARG A 78 7.59 -0.03 5.28
N LEU A 79 6.67 0.85 4.91
CA LEU A 79 5.42 0.43 4.29
C LEU A 79 5.52 0.49 2.77
N CYS A 80 5.05 -0.57 2.11
CA CYS A 80 5.08 -0.65 0.66
C CYS A 80 3.73 -1.08 0.10
N LEU A 81 3.26 -0.36 -0.92
CA LEU A 81 1.97 -0.67 -1.54
C LEU A 81 2.09 -0.64 -3.06
N SER A 82 1.20 -1.37 -3.73
CA SER A 82 1.20 -1.43 -5.18
C SER A 82 -0.17 -1.85 -5.71
N ILE A 83 -0.72 -1.06 -6.63
CA ILE A 83 -2.02 -1.34 -7.21
C ILE A 83 -1.90 -2.34 -8.36
N CYS A 84 -2.85 -3.26 -8.43
CA CYS A 84 -2.86 -4.28 -9.49
C CYS A 84 -4.25 -4.44 -10.07
N SER A 85 -4.32 -4.81 -11.34
CA SER A 85 -5.60 -5.00 -12.02
C SER A 85 -5.87 -6.50 -12.24
N VAL A 86 -6.97 -6.97 -11.68
CA VAL A 86 -7.35 -8.37 -11.82
C VAL A 86 -8.47 -8.55 -12.85
N LYS A 87 -8.15 -9.24 -13.94
CA LYS A 87 -9.12 -9.48 -15.00
C LYS A 87 -9.20 -10.96 -15.34
N GLY A 88 -10.42 -11.48 -15.43
CA GLY A 88 -10.61 -12.88 -15.75
C GLY A 88 -12.08 -13.24 -15.97
N ARG A 89 -12.46 -14.44 -15.57
CA ARG A 89 -13.84 -14.90 -15.73
C ARG A 89 -14.36 -15.49 -14.42
N LYS A 90 -15.59 -15.14 -14.07
CA LYS A 90 -16.22 -15.63 -12.85
C LYS A 90 -16.02 -17.14 -12.72
N GLY A 91 -15.54 -17.58 -11.57
CA GLY A 91 -15.33 -18.99 -11.34
C GLY A 91 -13.99 -19.47 -11.85
N ALA A 92 -13.62 -19.00 -13.04
CA ALA A 92 -12.35 -19.38 -13.66
C ALA A 92 -11.19 -18.57 -13.08
N LYS A 93 -9.98 -18.87 -13.54
CA LYS A 93 -8.80 -18.17 -13.06
C LYS A 93 -8.74 -16.76 -13.63
N GLU A 94 -8.05 -15.87 -12.91
CA GLU A 94 -7.93 -14.48 -13.34
C GLU A 94 -6.47 -14.14 -13.64
N GLU A 95 -6.22 -12.87 -13.93
CA GLU A 95 -4.87 -12.40 -14.24
C GLU A 95 -4.57 -11.09 -13.53
N HIS A 96 -3.53 -11.09 -12.69
CA HIS A 96 -3.14 -9.89 -11.95
C HIS A 96 -2.01 -9.17 -12.66
N CYS A 97 -2.12 -7.85 -12.75
CA CYS A 97 -1.11 -7.03 -13.40
C CYS A 97 -0.81 -5.77 -12.59
N PRO A 98 0.49 -5.50 -12.38
CA PRO A 98 0.93 -4.32 -11.61
C PRO A 98 0.67 -3.02 -12.35
N LEU A 99 0.48 -1.94 -11.60
CA LEU A 99 0.22 -0.63 -12.19
C LEU A 99 1.18 0.42 -11.62
N ALA A 100 1.24 0.51 -10.30
CA ALA A 100 2.12 1.47 -9.64
C ALA A 100 2.61 0.93 -8.30
N TRP A 101 3.65 1.56 -7.76
CA TRP A 101 4.21 1.13 -6.49
C TRP A 101 4.75 2.33 -5.70
N GLY A 102 4.34 2.44 -4.44
CA GLY A 102 4.79 3.54 -3.61
C GLY A 102 5.29 3.09 -2.26
N ASN A 103 6.49 3.54 -1.89
CA ASN A 103 7.08 3.17 -0.62
C ASN A 103 7.03 4.33 0.36
N ILE A 104 6.49 4.09 1.55
CA ILE A 104 6.39 5.12 2.58
C ILE A 104 7.17 4.73 3.83
N ASN A 105 8.10 5.59 4.23
CA ASN A 105 8.91 5.33 5.42
C ASN A 105 8.05 5.34 6.68
N LEU A 106 7.63 4.16 7.11
CA LEU A 106 6.80 4.03 8.31
C LEU A 106 7.24 5.03 9.38
N PHE A 107 8.55 5.11 9.60
CA PHE A 107 9.09 6.03 10.60
C PHE A 107 9.50 7.36 9.96
N ASP A 108 8.80 8.43 10.35
CA ASP A 108 9.08 9.75 9.82
C ASP A 108 10.58 10.05 9.86
N TYR A 109 10.97 11.18 9.29
CA TYR A 109 12.37 11.58 9.26
C TYR A 109 12.93 11.73 10.67
N THR A 110 12.03 11.88 11.64
CA THR A 110 12.43 12.04 13.03
C THR A 110 12.42 10.70 13.77
N ASP A 111 12.32 9.62 13.00
CA ASP A 111 12.31 8.28 13.57
C ASP A 111 11.05 8.05 14.41
N THR A 112 9.93 8.60 13.94
CA THR A 112 8.67 8.46 14.64
C THR A 112 7.53 8.15 13.68
N LEU A 113 6.86 7.02 13.91
CA LEU A 113 5.75 6.62 13.05
C LEU A 113 4.97 7.82 12.56
N VAL A 114 4.44 7.73 11.34
CA VAL A 114 3.67 8.81 10.76
C VAL A 114 2.27 8.88 11.37
N SER A 115 1.51 9.90 10.97
CA SER A 115 0.16 10.09 11.49
C SER A 115 -0.60 11.12 10.66
N GLY A 116 -1.93 11.10 10.77
CA GLY A 116 -2.75 12.04 10.03
C GLY A 116 -2.87 11.66 8.56
N LYS A 117 -4.09 11.76 8.03
CA LYS A 117 -4.34 11.43 6.63
C LYS A 117 -3.24 11.99 5.73
N MET A 118 -2.93 11.25 4.66
CA MET A 118 -1.89 11.68 3.72
C MET A 118 -2.14 11.07 2.34
N ALA A 119 -1.75 11.81 1.31
CA ALA A 119 -1.92 11.36 -0.07
C ALA A 119 -0.71 11.69 -0.92
N LEU A 120 -0.04 10.66 -1.43
CA LEU A 120 1.15 10.85 -2.26
C LEU A 120 1.03 10.05 -3.55
N ASN A 121 1.85 10.40 -4.54
CA ASN A 121 1.85 9.72 -5.82
C ASN A 121 2.68 8.45 -5.76
N LEU A 122 2.42 7.52 -6.68
CA LEU A 122 3.15 6.27 -6.73
C LEU A 122 3.91 6.14 -8.04
N TRP A 123 5.09 5.52 -7.98
CA TRP A 123 5.92 5.32 -9.16
C TRP A 123 5.30 4.30 -10.09
N PRO A 124 5.60 4.43 -11.39
CA PRO A 124 5.07 3.54 -12.43
C PRO A 124 5.69 2.14 -12.33
N VAL A 125 5.13 1.20 -13.10
CA VAL A 125 5.62 -0.17 -13.10
C VAL A 125 6.30 -0.50 -14.42
N PRO A 126 7.64 -0.66 -14.37
CA PRO A 126 8.44 -0.98 -15.56
C PRO A 126 8.20 -2.40 -16.06
N HIS A 127 8.58 -2.65 -17.30
CA HIS A 127 8.39 -3.97 -17.90
C HIS A 127 9.26 -5.01 -17.20
N GLY A 128 10.56 -4.72 -17.10
CA GLY A 128 11.48 -5.63 -16.46
C GLY A 128 10.93 -6.18 -15.15
N LEU A 129 10.78 -5.31 -14.16
CA LEU A 129 10.27 -5.71 -12.86
C LEU A 129 9.21 -6.81 -13.00
N GLU A 130 9.57 -8.01 -12.57
CA GLU A 130 8.66 -9.15 -12.65
C GLU A 130 8.01 -9.43 -11.30
N ASP A 131 7.37 -8.41 -10.74
CA ASP A 131 6.71 -8.55 -9.44
C ASP A 131 5.63 -7.49 -9.26
N LEU A 132 4.59 -7.82 -8.50
CA LEU A 132 3.49 -6.90 -8.24
C LEU A 132 3.90 -5.84 -7.23
N LEU A 133 4.47 -6.28 -6.12
CA LEU A 133 4.90 -5.36 -5.06
C LEU A 133 6.40 -5.11 -5.15
N ASN A 134 6.78 -3.83 -5.16
CA ASN A 134 8.18 -3.45 -5.24
C ASN A 134 8.66 -2.88 -3.90
N PRO A 135 9.20 -3.77 -3.05
CA PRO A 135 9.71 -3.38 -1.73
C PRO A 135 10.99 -2.55 -1.82
N ILE A 136 11.90 -2.97 -2.70
CA ILE A 136 13.16 -2.26 -2.88
C ILE A 136 12.93 -0.86 -3.46
N GLY A 137 11.85 -0.72 -4.23
CA GLY A 137 11.54 0.56 -4.82
C GLY A 137 11.91 1.72 -3.93
N VAL A 138 12.22 2.86 -4.55
CA VAL A 138 12.60 4.05 -3.80
C VAL A 138 11.47 4.51 -2.87
N THR A 139 11.74 5.55 -2.10
CA THR A 139 10.74 6.08 -1.17
C THR A 139 10.46 7.55 -1.45
N GLY A 140 9.41 8.08 -0.82
CA GLY A 140 9.06 9.47 -1.03
C GLY A 140 7.84 9.64 -1.91
N SER A 141 7.27 10.85 -1.92
CA SER A 141 6.09 11.13 -2.73
C SER A 141 6.49 11.58 -4.13
N ASN A 142 6.53 10.63 -5.06
CA ASN A 142 6.90 10.92 -6.43
C ASN A 142 6.34 12.27 -6.87
N PRO A 143 7.18 13.09 -7.51
CA PRO A 143 6.79 14.42 -7.99
C PRO A 143 5.83 14.34 -9.16
N ASN A 144 6.16 13.53 -10.16
CA ASN A 144 5.33 13.38 -11.34
C ASN A 144 3.84 13.42 -10.96
N LYS A 145 3.10 14.30 -11.62
CA LYS A 145 1.67 14.44 -11.36
C LYS A 145 0.86 13.45 -12.20
N GLU A 146 1.41 13.07 -13.34
CA GLU A 146 0.74 12.13 -14.24
C GLU A 146 0.51 10.80 -13.54
N THR A 147 1.45 10.41 -12.68
CA THR A 147 1.35 9.15 -11.95
C THR A 147 0.18 9.17 -10.97
N PRO A 148 -0.39 8.00 -10.70
CA PRO A 148 -1.52 7.85 -9.77
C PRO A 148 -1.12 8.10 -8.33
N CYS A 149 -2.10 8.41 -7.49
CA CYS A 149 -1.85 8.67 -6.08
C CYS A 149 -2.88 7.97 -5.21
N LEU A 150 -2.41 7.37 -4.11
CA LEU A 150 -3.30 6.66 -3.19
C LEU A 150 -3.44 7.42 -1.88
N GLU A 151 -4.66 7.47 -1.36
CA GLU A 151 -4.93 8.16 -0.11
C GLU A 151 -5.17 7.18 1.02
N LEU A 152 -4.41 7.34 2.11
CA LEU A 152 -4.53 6.45 3.26
C LEU A 152 -4.53 7.26 4.57
N GLU A 153 -5.05 6.65 5.63
CA GLU A 153 -5.11 7.30 6.93
C GLU A 153 -4.23 6.57 7.94
N PHE A 154 -3.30 7.30 8.55
CA PHE A 154 -2.39 6.72 9.54
C PHE A 154 -2.96 6.88 10.94
N ASP A 155 -3.22 5.75 11.60
CA ASP A 155 -3.76 5.77 12.96
C ASP A 155 -3.18 4.63 13.79
N TRP A 156 -3.23 4.79 15.12
CA TRP A 156 -2.70 3.77 16.02
C TRP A 156 -3.41 3.82 17.36
N PHE A 157 -4.17 2.77 17.66
CA PHE A 157 -4.90 2.71 18.92
C PHE A 157 -4.18 1.80 19.92
N SER A 158 -3.88 0.58 19.49
CA SER A 158 -3.20 -0.38 20.36
C SER A 158 -2.83 -1.64 19.58
N GLY A 1 13.56 8.62 34.76
CA GLY A 1 13.50 7.80 33.56
C GLY A 1 12.63 6.58 33.74
N SER A 2 11.34 6.72 33.42
CA SER A 2 10.40 5.62 33.55
C SER A 2 9.33 5.69 32.45
N SER A 3 9.23 4.61 31.68
CA SER A 3 8.25 4.54 30.60
C SER A 3 7.22 3.45 30.86
N GLY A 4 7.70 2.26 31.19
CA GLY A 4 6.81 1.14 31.45
C GLY A 4 6.25 0.53 30.19
N SER A 5 5.27 1.21 29.59
CA SER A 5 4.64 0.73 28.37
C SER A 5 4.98 1.63 27.19
N SER A 6 5.40 1.02 26.08
CA SER A 6 5.75 1.77 24.88
C SER A 6 4.51 2.40 24.25
N GLY A 7 4.72 3.09 23.13
CA GLY A 7 3.61 3.73 22.45
C GLY A 7 2.55 2.75 21.98
N ASN A 8 2.35 2.66 20.68
CA ASN A 8 1.35 1.75 20.12
C ASN A 8 1.90 0.33 20.07
N SER A 9 1.05 -0.61 19.65
CA SER A 9 1.43 -2.01 19.56
C SER A 9 1.07 -2.59 18.19
N ALA A 10 -0.14 -2.28 17.74
CA ALA A 10 -0.62 -2.76 16.45
C ALA A 10 -0.80 -1.61 15.46
N LEU A 11 -0.42 -1.84 14.21
CA LEU A 11 -0.56 -0.82 13.17
C LEU A 11 -1.84 -1.01 12.38
N ARG A 12 -2.52 0.09 12.10
CA ARG A 12 -3.78 0.04 11.35
C ARG A 12 -3.82 1.16 10.31
N ILE A 13 -4.19 0.80 9.08
CA ILE A 13 -4.28 1.77 8.00
C ILE A 13 -5.52 1.54 7.15
N LYS A 14 -6.20 2.62 6.79
CA LYS A 14 -7.41 2.53 5.98
C LYS A 14 -7.22 3.24 4.64
N ILE A 15 -7.52 2.54 3.56
CA ILE A 15 -7.38 3.10 2.21
C ILE A 15 -8.67 3.78 1.76
N LEU A 16 -8.53 4.92 1.10
CA LEU A 16 -9.69 5.66 0.60
C LEU A 16 -9.95 5.36 -0.87
N CYS A 17 -9.07 5.86 -1.72
CA CYS A 17 -9.20 5.64 -3.16
C CYS A 17 -7.96 6.13 -3.90
N ALA A 18 -7.97 6.00 -5.22
CA ALA A 18 -6.84 6.42 -6.04
C ALA A 18 -7.28 7.42 -7.11
N THR A 19 -6.32 8.11 -7.70
CA THR A 19 -6.61 9.11 -8.73
C THR A 19 -5.65 8.98 -9.90
N TYR A 20 -6.12 9.35 -11.09
CA TYR A 20 -5.31 9.27 -12.30
C TYR A 20 -4.69 7.88 -12.44
N VAL A 21 -5.53 6.85 -12.36
CA VAL A 21 -5.07 5.48 -12.50
C VAL A 21 -4.72 5.14 -13.95
N ASN A 22 -4.02 4.03 -14.13
CA ASN A 22 -3.62 3.60 -15.47
C ASN A 22 -4.69 2.71 -16.10
N VAL A 23 -5.94 3.04 -15.83
CA VAL A 23 -7.07 2.28 -16.36
C VAL A 23 -7.70 2.98 -17.56
N ASN A 24 -7.23 2.62 -18.76
CA ASN A 24 -7.74 3.22 -19.98
C ASN A 24 -8.82 2.34 -20.61
N ILE A 25 -8.39 1.21 -21.16
CA ILE A 25 -9.32 0.27 -21.79
C ILE A 25 -10.49 -0.05 -20.88
N ARG A 26 -11.51 -0.69 -21.44
CA ARG A 26 -12.69 -1.05 -20.67
C ARG A 26 -12.92 -2.57 -20.70
N ASP A 27 -11.95 -3.30 -20.15
CA ASP A 27 -12.04 -4.75 -20.11
C ASP A 27 -11.77 -5.27 -18.70
N ILE A 28 -10.88 -4.59 -17.98
CA ILE A 28 -10.54 -4.98 -16.62
C ILE A 28 -11.79 -5.21 -15.78
N ASP A 29 -11.86 -6.37 -15.14
CA ASP A 29 -13.00 -6.72 -14.30
C ASP A 29 -12.98 -5.92 -13.00
N LYS A 30 -11.97 -6.15 -12.18
CA LYS A 30 -11.84 -5.46 -10.91
C LYS A 30 -10.37 -5.14 -10.61
N ILE A 31 -10.13 -4.49 -9.47
CA ILE A 31 -8.77 -4.13 -9.07
C ILE A 31 -8.55 -4.42 -7.59
N TYR A 32 -7.33 -4.16 -7.13
CA TYR A 32 -6.98 -4.40 -5.74
C TYR A 32 -5.58 -3.85 -5.43
N VAL A 33 -5.32 -3.62 -4.15
CA VAL A 33 -4.02 -3.10 -3.72
C VAL A 33 -3.32 -4.09 -2.78
N ARG A 34 -2.00 -4.10 -2.83
CA ARG A 34 -1.20 -4.99 -1.99
C ARG A 34 -0.20 -4.21 -1.15
N THR A 35 -0.30 -4.32 0.16
CA THR A 35 0.60 -3.62 1.07
C THR A 35 1.49 -4.60 1.83
N GLY A 36 2.53 -4.08 2.47
CA GLY A 36 3.43 -4.92 3.23
C GLY A 36 4.70 -4.21 3.62
N ILE A 37 5.33 -4.66 4.70
CA ILE A 37 6.57 -4.06 5.19
C ILE A 37 7.78 -4.89 4.80
N TYR A 38 8.89 -4.21 4.50
CA TYR A 38 10.12 -4.89 4.12
C TYR A 38 11.32 -4.23 4.76
N HIS A 39 12.39 -5.01 4.96
CA HIS A 39 13.61 -4.50 5.57
C HIS A 39 14.83 -4.88 4.73
N GLY A 40 15.33 -3.92 3.97
CA GLY A 40 16.49 -4.17 3.13
C GLY A 40 16.17 -5.06 1.94
N GLY A 41 14.90 -5.07 1.54
CA GLY A 41 14.49 -5.89 0.41
C GLY A 41 13.79 -7.16 0.85
N GLU A 42 14.23 -7.73 1.97
CA GLU A 42 13.64 -8.95 2.48
C GLU A 42 12.34 -8.65 3.23
N PRO A 43 11.32 -9.51 3.02
CA PRO A 43 10.01 -9.36 3.66
C PRO A 43 10.07 -9.63 5.16
N LEU A 44 9.02 -9.23 5.86
CA LEU A 44 8.94 -9.43 7.31
C LEU A 44 7.69 -10.23 7.68
N CYS A 45 6.58 -9.94 7.02
CA CYS A 45 5.34 -10.63 7.28
C CYS A 45 4.50 -10.77 6.01
N ASP A 46 3.56 -11.69 6.01
CA ASP A 46 2.70 -11.92 4.85
C ASP A 46 2.15 -10.60 4.31
N ASN A 47 1.81 -10.60 3.03
CA ASN A 47 1.27 -9.40 2.38
C ASN A 47 -0.23 -9.28 2.61
N VAL A 48 -0.71 -8.06 2.81
CA VAL A 48 -2.13 -7.81 3.02
C VAL A 48 -2.81 -7.35 1.75
N ASN A 49 -3.98 -7.92 1.47
CA ASN A 49 -4.72 -7.56 0.27
C ASN A 49 -6.10 -7.02 0.63
N THR A 50 -6.54 -5.99 -0.08
CA THR A 50 -7.84 -5.37 0.17
C THR A 50 -8.90 -5.91 -0.78
N GLN A 51 -10.16 -5.69 -0.44
CA GLN A 51 -11.27 -6.16 -1.28
C GLN A 51 -11.09 -5.72 -2.72
N ARG A 52 -11.81 -6.37 -3.64
CA ARG A 52 -11.73 -6.05 -5.05
C ARG A 52 -12.78 -5.02 -5.45
N VAL A 53 -12.32 -3.89 -6.00
CA VAL A 53 -13.23 -2.83 -6.42
C VAL A 53 -13.12 -2.57 -7.91
N PRO A 54 -14.22 -2.08 -8.52
CA PRO A 54 -14.26 -1.78 -9.94
C PRO A 54 -13.41 -0.57 -10.31
N CYS A 55 -12.61 -0.72 -11.36
CA CYS A 55 -11.73 0.36 -11.81
C CYS A 55 -12.49 1.70 -11.83
N SER A 56 -13.70 1.68 -12.40
CA SER A 56 -14.51 2.89 -12.49
C SER A 56 -14.60 3.58 -11.12
N ASN A 57 -14.62 2.78 -10.06
CA ASN A 57 -14.71 3.32 -8.71
C ASN A 57 -13.72 2.62 -7.78
N PRO A 58 -12.48 3.14 -7.74
CA PRO A 58 -11.42 2.58 -6.90
C PRO A 58 -11.68 2.81 -5.41
N ARG A 59 -12.82 3.40 -5.10
CA ARG A 59 -13.19 3.67 -3.72
C ARG A 59 -13.11 2.40 -2.87
N TRP A 60 -12.13 2.37 -1.97
CA TRP A 60 -11.95 1.21 -1.10
C TRP A 60 -12.59 1.44 0.27
N ASN A 61 -12.12 2.47 0.96
CA ASN A 61 -12.64 2.81 2.29
C ASN A 61 -12.73 1.57 3.17
N GLU A 62 -11.63 0.82 3.24
CA GLU A 62 -11.58 -0.39 4.05
C GLU A 62 -10.48 -0.30 5.09
N TRP A 63 -10.76 -0.81 6.29
CA TRP A 63 -9.78 -0.78 7.38
C TRP A 63 -8.82 -1.95 7.27
N LEU A 64 -7.61 -1.67 6.77
CA LEU A 64 -6.59 -2.70 6.61
C LEU A 64 -5.70 -2.76 7.83
N ASN A 65 -5.75 -3.90 8.54
CA ASN A 65 -4.93 -4.09 9.73
C ASN A 65 -3.68 -4.88 9.41
N TYR A 66 -2.56 -4.47 10.01
CA TYR A 66 -1.29 -5.16 9.79
C TYR A 66 -0.89 -5.99 11.00
N ASP A 67 -0.38 -7.18 10.74
CA ASP A 67 0.04 -8.09 11.81
C ASP A 67 1.45 -7.75 12.28
N ILE A 68 1.80 -6.46 12.23
CA ILE A 68 3.12 -6.01 12.66
C ILE A 68 3.07 -5.43 14.06
N TYR A 69 4.24 -5.28 14.68
CA TYR A 69 4.33 -4.74 16.03
C TYR A 69 5.12 -3.43 16.04
N ILE A 70 4.49 -2.38 16.55
CA ILE A 70 5.14 -1.07 16.62
C ILE A 70 6.45 -1.15 17.40
N PRO A 71 6.38 -1.68 18.62
CA PRO A 71 7.55 -1.81 19.49
C PRO A 71 8.53 -2.87 18.98
N ASP A 72 8.21 -3.47 17.84
CA ASP A 72 9.06 -4.49 17.25
C ASP A 72 9.43 -4.13 15.81
N LEU A 73 8.80 -3.08 15.29
CA LEU A 73 9.06 -2.64 13.93
C LEU A 73 10.38 -1.89 13.85
N PRO A 74 11.35 -2.47 13.12
CA PRO A 74 12.68 -1.87 12.95
C PRO A 74 12.64 -0.61 12.09
N ARG A 75 13.50 0.35 12.41
CA ARG A 75 13.57 1.60 11.67
C ARG A 75 13.84 1.34 10.19
N ALA A 76 14.80 0.46 9.91
CA ALA A 76 15.16 0.12 8.54
C ALA A 76 13.93 -0.29 7.75
N ALA A 77 12.99 -0.96 8.41
CA ALA A 77 11.78 -1.42 7.76
C ALA A 77 10.91 -0.24 7.33
N ARG A 78 10.05 -0.46 6.34
CA ARG A 78 9.17 0.58 5.83
C ARG A 78 7.90 -0.02 5.23
N LEU A 79 6.96 0.85 4.89
CA LEU A 79 5.69 0.40 4.30
C LEU A 79 5.76 0.43 2.78
N CYS A 80 5.32 -0.65 2.16
CA CYS A 80 5.32 -0.77 0.71
C CYS A 80 3.94 -1.14 0.18
N LEU A 81 3.50 -0.45 -0.87
CA LEU A 81 2.20 -0.71 -1.46
C LEU A 81 2.26 -0.63 -2.99
N SER A 82 1.35 -1.33 -3.65
CA SER A 82 1.30 -1.33 -5.11
C SER A 82 -0.08 -1.74 -5.61
N ILE A 83 -0.61 -0.96 -6.55
CA ILE A 83 -1.92 -1.24 -7.11
C ILE A 83 -1.84 -2.32 -8.19
N CYS A 84 -2.85 -3.18 -8.22
CA CYS A 84 -2.89 -4.27 -9.21
C CYS A 84 -4.28 -4.39 -9.82
N SER A 85 -4.33 -4.82 -11.07
CA SER A 85 -5.60 -4.98 -11.77
C SER A 85 -5.87 -6.45 -12.10
N VAL A 86 -6.97 -6.98 -11.58
CA VAL A 86 -7.33 -8.37 -11.82
C VAL A 86 -8.48 -8.48 -12.82
N LYS A 87 -8.37 -9.43 -13.74
CA LYS A 87 -9.40 -9.64 -14.75
C LYS A 87 -9.81 -11.11 -14.81
N GLY A 88 -11.06 -11.39 -14.44
CA GLY A 88 -11.56 -12.75 -14.46
C GLY A 88 -13.05 -12.82 -14.70
N ARG A 89 -13.58 -14.03 -14.73
CA ARG A 89 -15.01 -14.24 -14.95
C ARG A 89 -15.61 -15.14 -13.87
N LYS A 90 -16.89 -15.45 -14.01
CA LYS A 90 -17.58 -16.31 -13.06
C LYS A 90 -16.70 -17.48 -12.65
N GLY A 91 -16.50 -18.42 -13.59
CA GLY A 91 -15.68 -19.58 -13.31
C GLY A 91 -14.39 -19.57 -14.09
N ALA A 92 -13.95 -18.39 -14.51
CA ALA A 92 -12.72 -18.25 -15.27
C ALA A 92 -11.56 -17.84 -14.38
N LYS A 93 -10.34 -18.13 -14.82
CA LYS A 93 -9.15 -17.78 -14.06
C LYS A 93 -8.91 -16.27 -14.06
N GLU A 94 -8.36 -15.76 -12.96
CA GLU A 94 -8.09 -14.34 -12.84
C GLU A 94 -6.60 -14.05 -13.03
N GLU A 95 -6.30 -12.92 -13.65
CA GLU A 95 -4.92 -12.52 -13.90
C GLU A 95 -4.59 -11.19 -13.21
N HIS A 96 -3.61 -11.22 -12.32
CA HIS A 96 -3.21 -10.03 -11.60
C HIS A 96 -2.05 -9.32 -12.30
N CYS A 97 -2.03 -8.00 -12.24
CA CYS A 97 -0.98 -7.22 -12.88
C CYS A 97 -0.77 -5.89 -12.15
N PRO A 98 0.47 -5.62 -11.76
CA PRO A 98 0.83 -4.38 -11.05
C PRO A 98 0.74 -3.15 -11.94
N LEU A 99 0.54 -2.00 -11.33
CA LEU A 99 0.43 -0.74 -12.06
C LEU A 99 1.38 0.31 -11.49
N ALA A 100 1.27 0.54 -10.18
CA ALA A 100 2.10 1.52 -9.51
C ALA A 100 2.62 0.98 -8.17
N TRP A 101 3.78 1.48 -7.75
CA TRP A 101 4.37 1.04 -6.50
C TRP A 101 4.86 2.24 -5.69
N GLY A 102 4.43 2.31 -4.42
CA GLY A 102 4.83 3.41 -3.57
C GLY A 102 5.37 2.93 -2.24
N ASN A 103 6.55 3.43 -1.86
CA ASN A 103 7.17 3.04 -0.60
C ASN A 103 7.21 4.22 0.37
N ILE A 104 6.66 4.03 1.56
CA ILE A 104 6.63 5.07 2.57
C ILE A 104 7.37 4.64 3.83
N ASN A 105 8.24 5.51 4.34
CA ASN A 105 9.01 5.22 5.54
C ASN A 105 8.13 5.32 6.79
N LEU A 106 7.62 4.19 7.24
CA LEU A 106 6.77 4.15 8.43
C LEU A 106 7.23 5.16 9.47
N PHE A 107 8.54 5.28 9.62
CA PHE A 107 9.12 6.22 10.58
C PHE A 107 9.59 7.49 9.89
N ASP A 108 8.97 8.62 10.26
CA ASP A 108 9.33 9.90 9.66
C ASP A 108 10.81 10.20 9.85
N TYR A 109 11.23 11.40 9.45
CA TYR A 109 12.62 11.81 9.58
C TYR A 109 12.95 12.17 11.03
N THR A 110 12.00 11.94 11.92
CA THR A 110 12.19 12.25 13.33
C THR A 110 11.89 11.03 14.20
N ASP A 111 11.90 9.85 13.59
CA ASP A 111 11.64 8.61 14.30
C ASP A 111 10.27 8.65 14.97
N THR A 112 9.34 9.38 14.36
CA THR A 112 7.99 9.50 14.89
C THR A 112 6.96 8.92 13.92
N LEU A 113 6.47 7.72 14.23
CA LEU A 113 5.48 7.07 13.39
C LEU A 113 4.53 8.09 12.75
N VAL A 114 4.27 7.93 11.46
CA VAL A 114 3.39 8.83 10.74
C VAL A 114 1.94 8.65 11.18
N SER A 115 1.12 9.68 10.97
CA SER A 115 -0.28 9.63 11.35
C SER A 115 -1.10 10.61 10.52
N GLY A 116 -2.42 10.56 10.69
CA GLY A 116 -3.30 11.45 9.95
C GLY A 116 -3.35 11.12 8.47
N LYS A 117 -4.53 11.26 7.88
CA LYS A 117 -4.72 10.97 6.46
C LYS A 117 -3.57 11.55 5.63
N MET A 118 -3.24 10.89 4.53
CA MET A 118 -2.17 11.35 3.65
C MET A 118 -2.31 10.74 2.27
N ALA A 119 -1.89 11.49 1.25
CA ALA A 119 -1.97 11.02 -0.13
C ALA A 119 -0.72 11.42 -0.92
N LEU A 120 -0.04 10.42 -1.46
CA LEU A 120 1.18 10.66 -2.24
C LEU A 120 1.14 9.90 -3.56
N ASN A 121 1.89 10.39 -4.55
CA ASN A 121 1.93 9.76 -5.86
C ASN A 121 2.80 8.50 -5.82
N LEU A 122 2.50 7.55 -6.70
CA LEU A 122 3.25 6.30 -6.76
C LEU A 122 3.96 6.17 -8.11
N TRP A 123 5.11 5.50 -8.09
CA TRP A 123 5.90 5.31 -9.29
C TRP A 123 5.31 4.20 -10.16
N PRO A 124 5.45 4.33 -11.48
CA PRO A 124 4.94 3.35 -12.44
C PRO A 124 5.72 2.04 -12.39
N VAL A 125 5.23 1.05 -13.14
CA VAL A 125 5.89 -0.26 -13.18
C VAL A 125 6.94 -0.31 -14.28
N PRO A 126 8.12 -0.85 -13.94
CA PRO A 126 9.24 -0.96 -14.88
C PRO A 126 8.98 -2.00 -15.97
N HIS A 127 10.03 -2.39 -16.67
CA HIS A 127 9.91 -3.37 -17.74
C HIS A 127 10.18 -4.78 -17.21
N GLY A 128 9.18 -5.65 -17.33
CA GLY A 128 9.33 -7.02 -16.87
C GLY A 128 9.42 -7.10 -15.35
N LEU A 129 8.27 -7.15 -14.69
CA LEU A 129 8.22 -7.24 -13.23
C LEU A 129 7.29 -8.37 -12.78
N GLU A 130 7.88 -9.50 -12.41
CA GLU A 130 7.11 -10.64 -11.96
C GLU A 130 6.40 -10.34 -10.65
N ASP A 131 7.19 -10.05 -9.61
CA ASP A 131 6.64 -9.72 -8.30
C ASP A 131 5.62 -8.61 -8.39
N LEU A 132 4.52 -8.75 -7.65
CA LEU A 132 3.46 -7.75 -7.65
C LEU A 132 3.89 -6.51 -6.87
N LEU A 133 4.41 -6.72 -5.67
CA LEU A 133 4.86 -5.61 -4.83
C LEU A 133 6.36 -5.39 -4.98
N ASN A 134 6.76 -4.13 -5.10
CA ASN A 134 8.17 -3.78 -5.25
C ASN A 134 8.71 -3.18 -3.96
N PRO A 135 9.26 -4.05 -3.09
CA PRO A 135 9.83 -3.62 -1.81
C PRO A 135 11.12 -2.82 -1.98
N ILE A 136 11.89 -3.17 -3.01
CA ILE A 136 13.15 -2.48 -3.29
C ILE A 136 12.91 -1.10 -3.89
N GLY A 137 11.71 -0.91 -4.44
CA GLY A 137 11.37 0.37 -5.05
C GLY A 137 11.81 1.55 -4.20
N VAL A 138 12.04 2.68 -4.84
CA VAL A 138 12.48 3.88 -4.14
C VAL A 138 11.42 4.35 -3.14
N THR A 139 11.84 5.13 -2.15
CA THR A 139 10.93 5.64 -1.14
C THR A 139 10.62 7.12 -1.38
N GLY A 140 9.59 7.62 -0.71
CA GLY A 140 9.20 9.01 -0.86
C GLY A 140 7.98 9.18 -1.74
N SER A 141 7.44 10.39 -1.76
CA SER A 141 6.25 10.69 -2.55
C SER A 141 6.64 11.12 -3.96
N ASN A 142 6.50 10.19 -4.91
CA ASN A 142 6.83 10.47 -6.31
C ASN A 142 6.52 11.93 -6.66
N PRO A 143 7.55 12.67 -7.08
CA PRO A 143 7.41 14.08 -7.46
C PRO A 143 6.63 14.26 -8.75
N ASN A 144 6.24 13.13 -9.36
CA ASN A 144 5.49 13.17 -10.61
C ASN A 144 4.00 13.32 -10.34
N LYS A 145 3.35 14.21 -11.10
CA LYS A 145 1.93 14.45 -10.95
C LYS A 145 1.11 13.45 -11.76
N GLU A 146 1.46 13.31 -13.04
CA GLU A 146 0.77 12.38 -13.92
C GLU A 146 0.50 11.05 -13.22
N THR A 147 1.55 10.47 -12.66
CA THR A 147 1.43 9.19 -11.96
C THR A 147 0.26 9.21 -10.97
N PRO A 148 -0.35 8.04 -10.74
CA PRO A 148 -1.47 7.90 -9.82
C PRO A 148 -1.06 8.09 -8.36
N CYS A 149 -2.04 8.41 -7.51
CA CYS A 149 -1.78 8.62 -6.10
C CYS A 149 -2.84 7.93 -5.24
N LEU A 150 -2.40 7.29 -4.16
CA LEU A 150 -3.31 6.59 -3.26
C LEU A 150 -3.43 7.33 -1.93
N GLU A 151 -4.65 7.35 -1.38
CA GLU A 151 -4.90 8.02 -0.11
C GLU A 151 -5.19 7.00 0.99
N LEU A 152 -4.40 7.08 2.06
CA LEU A 152 -4.56 6.17 3.19
C LEU A 152 -4.60 6.93 4.51
N GLU A 153 -5.05 6.27 5.57
CA GLU A 153 -5.14 6.89 6.88
C GLU A 153 -4.36 6.07 7.91
N PHE A 154 -3.33 6.68 8.49
CA PHE A 154 -2.51 6.02 9.50
C PHE A 154 -3.17 6.09 10.87
N ASP A 155 -3.74 4.97 11.31
CA ASP A 155 -4.40 4.90 12.60
C ASP A 155 -3.63 3.99 13.55
N TRP A 156 -3.61 4.36 14.83
CA TRP A 156 -2.91 3.58 15.84
C TRP A 156 -3.77 3.42 17.09
N PHE A 157 -4.60 2.37 17.10
CA PHE A 157 -5.47 2.10 18.24
C PHE A 157 -4.78 1.21 19.25
N SER A 158 -4.07 0.20 18.75
CA SER A 158 -3.36 -0.74 19.62
C SER A 158 -4.34 -1.52 20.50
N GLY A 1 2.50 10.04 31.00
CA GLY A 1 2.48 8.70 30.42
C GLY A 1 3.25 8.64 29.12
N SER A 2 2.56 8.94 28.01
CA SER A 2 3.18 8.90 26.69
C SER A 2 2.71 10.08 25.85
N SER A 3 3.39 10.28 24.72
CA SER A 3 3.05 11.38 23.81
C SER A 3 2.24 10.87 22.62
N GLY A 4 2.68 9.74 22.06
CA GLY A 4 1.98 9.16 20.93
C GLY A 4 2.81 8.10 20.21
N SER A 5 3.84 8.54 19.51
CA SER A 5 4.71 7.62 18.79
C SER A 5 5.05 6.40 19.64
N SER A 6 5.47 6.65 20.88
CA SER A 6 5.83 5.58 21.80
C SER A 6 4.64 5.17 22.65
N GLY A 7 3.97 4.09 22.25
CA GLY A 7 2.82 3.61 22.99
C GLY A 7 1.84 2.87 22.10
N ASN A 8 2.35 1.98 21.26
CA ASN A 8 1.51 1.19 20.37
C ASN A 8 1.96 -0.26 20.33
N SER A 9 1.09 -1.13 19.84
CA SER A 9 1.40 -2.55 19.75
C SER A 9 1.05 -3.10 18.37
N ALA A 10 -0.11 -2.71 17.86
CA ALA A 10 -0.56 -3.16 16.55
C ALA A 10 -0.78 -1.98 15.60
N LEU A 11 -0.29 -2.12 14.37
CA LEU A 11 -0.43 -1.07 13.37
C LEU A 11 -1.65 -1.29 12.51
N ARG A 12 -2.30 -0.20 12.10
CA ARG A 12 -3.49 -0.28 11.26
C ARG A 12 -3.58 0.91 10.33
N ILE A 13 -4.02 0.66 9.10
CA ILE A 13 -4.15 1.72 8.10
C ILE A 13 -5.42 1.54 7.27
N LYS A 14 -6.09 2.64 6.96
CA LYS A 14 -7.31 2.60 6.16
C LYS A 14 -7.10 3.31 4.83
N ILE A 15 -7.61 2.70 3.76
CA ILE A 15 -7.48 3.28 2.42
C ILE A 15 -8.77 4.02 2.02
N LEU A 16 -8.59 5.14 1.34
CA LEU A 16 -9.74 5.94 0.90
C LEU A 16 -10.07 5.64 -0.57
N CYS A 17 -9.22 6.12 -1.46
CA CYS A 17 -9.41 5.91 -2.89
C CYS A 17 -8.17 6.31 -3.68
N ALA A 18 -8.18 6.03 -4.98
CA ALA A 18 -7.05 6.35 -5.85
C ALA A 18 -7.49 7.27 -6.98
N THR A 19 -6.52 7.91 -7.64
CA THR A 19 -6.80 8.81 -8.74
C THR A 19 -5.71 8.74 -9.81
N TYR A 20 -6.06 9.10 -11.04
CA TYR A 20 -5.11 9.07 -12.14
C TYR A 20 -4.56 7.67 -12.35
N VAL A 21 -5.41 6.67 -12.13
CA VAL A 21 -5.01 5.27 -12.29
C VAL A 21 -4.72 4.96 -13.76
N ASN A 22 -4.07 3.82 -14.00
CA ASN A 22 -3.73 3.40 -15.35
C ASN A 22 -4.90 2.64 -15.98
N VAL A 23 -6.09 3.24 -15.95
CA VAL A 23 -7.27 2.62 -16.51
C VAL A 23 -7.68 3.29 -17.82
N ASN A 24 -7.45 2.60 -18.93
CA ASN A 24 -7.78 3.14 -20.25
C ASN A 24 -8.96 2.38 -20.86
N ILE A 25 -8.70 1.16 -21.32
CA ILE A 25 -9.74 0.34 -21.92
C ILE A 25 -10.80 -0.05 -20.89
N ARG A 26 -11.91 -0.58 -21.38
CA ARG A 26 -13.00 -1.00 -20.51
C ARG A 26 -13.17 -2.51 -20.52
N ASP A 27 -12.26 -3.21 -19.86
CA ASP A 27 -12.29 -4.67 -19.79
C ASP A 27 -12.05 -5.15 -18.37
N ILE A 28 -11.03 -4.59 -17.73
CA ILE A 28 -10.69 -4.97 -16.36
C ILE A 28 -11.93 -5.22 -15.52
N ASP A 29 -12.04 -6.42 -14.95
CA ASP A 29 -13.18 -6.78 -14.13
C ASP A 29 -13.20 -5.98 -12.84
N LYS A 30 -12.16 -6.16 -12.02
CA LYS A 30 -12.05 -5.45 -10.76
C LYS A 30 -10.58 -5.18 -10.42
N ILE A 31 -10.36 -4.45 -9.33
CA ILE A 31 -9.01 -4.11 -8.90
C ILE A 31 -8.84 -4.36 -7.40
N TYR A 32 -7.64 -4.09 -6.90
CA TYR A 32 -7.35 -4.28 -5.47
C TYR A 32 -6.01 -3.66 -5.11
N VAL A 33 -5.70 -3.67 -3.82
CA VAL A 33 -4.44 -3.10 -3.33
C VAL A 33 -3.66 -4.12 -2.51
N ARG A 34 -2.33 -4.07 -2.60
CA ARG A 34 -1.48 -4.98 -1.86
C ARG A 34 -0.40 -4.23 -1.09
N THR A 35 -0.44 -4.33 0.23
CA THR A 35 0.54 -3.66 1.08
C THR A 35 1.41 -4.67 1.84
N GLY A 36 2.39 -4.16 2.57
CA GLY A 36 3.27 -5.03 3.33
C GLY A 36 4.59 -4.36 3.67
N ILE A 37 5.14 -4.69 4.83
CA ILE A 37 6.40 -4.12 5.27
C ILE A 37 7.58 -4.98 4.80
N TYR A 38 8.65 -4.31 4.40
CA TYR A 38 9.85 -4.99 3.92
C TYR A 38 11.11 -4.34 4.47
N HIS A 39 12.04 -5.17 4.96
CA HIS A 39 13.28 -4.66 5.51
C HIS A 39 14.48 -5.36 4.87
N GLY A 40 15.17 -4.64 3.99
CA GLY A 40 16.33 -5.20 3.31
C GLY A 40 15.94 -6.10 2.15
N GLY A 41 15.18 -5.54 1.21
CA GLY A 41 14.74 -6.31 0.05
C GLY A 41 14.15 -7.65 0.43
N GLU A 42 13.40 -7.67 1.54
CA GLU A 42 12.76 -8.90 2.01
C GLU A 42 11.52 -8.58 2.83
N PRO A 43 10.49 -9.42 2.68
CA PRO A 43 9.22 -9.27 3.40
C PRO A 43 9.37 -9.55 4.89
N LEU A 44 8.35 -9.15 5.66
CA LEU A 44 8.37 -9.37 7.10
C LEU A 44 7.19 -10.23 7.53
N CYS A 45 6.03 -9.98 6.93
CA CYS A 45 4.82 -10.73 7.25
C CYS A 45 3.94 -10.90 6.02
N ASP A 46 2.98 -11.81 6.11
CA ASP A 46 2.07 -12.07 5.00
C ASP A 46 1.45 -10.77 4.48
N ASN A 47 1.55 -10.56 3.17
CA ASN A 47 1.01 -9.36 2.55
C ASN A 47 -0.49 -9.25 2.78
N VAL A 48 -0.97 -8.03 2.98
CA VAL A 48 -2.39 -7.81 3.21
C VAL A 48 -3.07 -7.23 1.97
N ASN A 49 -4.23 -7.80 1.61
CA ASN A 49 -4.97 -7.36 0.44
C ASN A 49 -6.34 -6.81 0.84
N THR A 50 -6.74 -5.72 0.18
CA THR A 50 -8.03 -5.09 0.48
C THR A 50 -9.10 -5.57 -0.49
N GLN A 51 -10.35 -5.54 -0.05
CA GLN A 51 -11.47 -5.96 -0.89
C GLN A 51 -11.31 -5.45 -2.32
N ARG A 52 -12.04 -6.06 -3.24
CA ARG A 52 -11.97 -5.67 -4.65
C ARG A 52 -12.99 -4.58 -4.95
N VAL A 53 -12.63 -3.68 -5.87
CA VAL A 53 -13.51 -2.58 -6.24
C VAL A 53 -13.43 -2.32 -7.75
N PRO A 54 -14.54 -1.79 -8.32
CA PRO A 54 -14.62 -1.48 -9.74
C PRO A 54 -13.75 -0.30 -10.13
N CYS A 55 -13.03 -0.44 -11.25
CA CYS A 55 -12.14 0.62 -11.73
C CYS A 55 -12.85 1.97 -11.68
N SER A 56 -14.07 2.02 -12.21
CA SER A 56 -14.84 3.26 -12.23
C SER A 56 -14.83 3.94 -10.86
N ASN A 57 -14.85 3.13 -9.81
CA ASN A 57 -14.84 3.65 -8.45
C ASN A 57 -13.82 2.90 -7.59
N PRO A 58 -12.57 3.38 -7.62
CA PRO A 58 -11.48 2.77 -6.84
C PRO A 58 -11.63 3.00 -5.35
N ARG A 59 -12.74 3.64 -4.96
CA ARG A 59 -13.00 3.91 -3.55
C ARG A 59 -13.01 2.62 -2.74
N TRP A 60 -12.19 2.60 -1.68
CA TRP A 60 -12.11 1.43 -0.82
C TRP A 60 -12.75 1.70 0.53
N ASN A 61 -12.26 2.72 1.22
CA ASN A 61 -12.79 3.08 2.53
C ASN A 61 -12.88 1.86 3.44
N GLU A 62 -11.76 1.15 3.58
CA GLU A 62 -11.71 -0.03 4.42
C GLU A 62 -10.55 0.04 5.40
N TRP A 63 -10.77 -0.47 6.61
CA TRP A 63 -9.74 -0.46 7.64
C TRP A 63 -8.85 -1.69 7.53
N LEU A 64 -7.64 -1.51 7.02
CA LEU A 64 -6.69 -2.61 6.87
C LEU A 64 -5.83 -2.76 8.11
N ASN A 65 -5.88 -3.93 8.73
CA ASN A 65 -5.10 -4.20 9.93
C ASN A 65 -3.81 -4.96 9.58
N TYR A 66 -2.71 -4.54 10.19
CA TYR A 66 -1.42 -5.17 9.95
C TYR A 66 -1.00 -6.03 11.13
N ASP A 67 -0.63 -7.27 10.86
CA ASP A 67 -0.20 -8.20 11.89
C ASP A 67 1.25 -7.94 12.29
N ILE A 68 1.58 -6.67 12.47
CA ILE A 68 2.94 -6.29 12.86
C ILE A 68 2.96 -5.72 14.27
N TYR A 69 4.16 -5.65 14.84
CA TYR A 69 4.33 -5.13 16.20
C TYR A 69 5.13 -3.83 16.19
N ILE A 70 4.52 -2.76 16.69
CA ILE A 70 5.18 -1.46 16.73
C ILE A 70 6.50 -1.54 17.49
N PRO A 71 6.45 -2.09 18.72
CA PRO A 71 7.63 -2.24 19.58
C PRO A 71 8.59 -3.29 19.04
N ASP A 72 8.27 -3.86 17.89
CA ASP A 72 9.10 -4.89 17.27
C ASP A 72 9.46 -4.51 15.84
N LEU A 73 8.85 -3.43 15.35
CA LEU A 73 9.10 -2.96 13.99
C LEU A 73 10.43 -2.21 13.91
N PRO A 74 11.38 -2.77 13.16
CA PRO A 74 12.71 -2.17 12.98
C PRO A 74 12.65 -0.90 12.13
N ARG A 75 13.42 0.11 12.54
CA ARG A 75 13.47 1.37 11.82
C ARG A 75 13.70 1.14 10.33
N ALA A 76 14.57 0.21 10.01
CA ALA A 76 14.88 -0.12 8.62
C ALA A 76 13.61 -0.44 7.84
N ALA A 77 12.74 -1.23 8.44
CA ALA A 77 11.49 -1.63 7.80
C ALA A 77 10.72 -0.40 7.32
N ARG A 78 9.89 -0.59 6.30
CA ARG A 78 9.09 0.49 5.75
C ARG A 78 7.79 -0.04 5.15
N LEU A 79 6.90 0.88 4.78
CA LEU A 79 5.61 0.50 4.20
C LEU A 79 5.69 0.50 2.67
N CYS A 80 5.17 -0.56 2.06
CA CYS A 80 5.18 -0.67 0.60
C CYS A 80 3.81 -1.10 0.09
N LEU A 81 3.42 -0.55 -1.06
CA LEU A 81 2.13 -0.86 -1.66
C LEU A 81 2.20 -0.80 -3.18
N SER A 82 1.29 -1.48 -3.85
CA SER A 82 1.25 -1.50 -5.31
C SER A 82 -0.14 -1.87 -5.81
N ILE A 83 -0.66 -1.07 -6.75
CA ILE A 83 -1.98 -1.32 -7.32
C ILE A 83 -1.90 -2.32 -8.48
N CYS A 84 -2.70 -3.38 -8.39
CA CYS A 84 -2.72 -4.39 -9.43
C CYS A 84 -4.14 -4.59 -9.97
N SER A 85 -4.23 -4.98 -11.24
CA SER A 85 -5.53 -5.20 -11.87
C SER A 85 -5.79 -6.69 -12.06
N VAL A 86 -6.96 -7.15 -11.60
CA VAL A 86 -7.33 -8.54 -11.71
C VAL A 86 -8.40 -8.73 -12.79
N LYS A 87 -8.19 -9.71 -13.66
CA LYS A 87 -9.13 -10.01 -14.74
C LYS A 87 -9.05 -11.47 -15.15
N GLY A 88 -10.21 -12.10 -15.31
CA GLY A 88 -10.25 -13.50 -15.71
C GLY A 88 -11.60 -13.90 -16.29
N ARG A 89 -11.69 -15.13 -16.77
CA ARG A 89 -12.92 -15.64 -17.35
C ARG A 89 -13.51 -16.76 -16.50
N LYS A 90 -14.79 -17.04 -16.70
CA LYS A 90 -15.46 -18.10 -15.95
C LYS A 90 -14.74 -19.43 -16.11
N GLY A 91 -14.56 -20.14 -15.00
CA GLY A 91 -13.88 -21.42 -15.03
C GLY A 91 -12.37 -21.28 -14.99
N ALA A 92 -11.85 -20.32 -15.75
CA ALA A 92 -10.41 -20.07 -15.79
C ALA A 92 -9.96 -19.20 -14.63
N LYS A 93 -8.65 -19.11 -14.45
CA LYS A 93 -8.08 -18.31 -13.37
C LYS A 93 -7.99 -16.84 -13.78
N GLU A 94 -7.76 -15.97 -12.81
CA GLU A 94 -7.64 -14.54 -13.07
C GLU A 94 -6.19 -14.16 -13.40
N GLU A 95 -5.96 -12.88 -13.68
CA GLU A 95 -4.64 -12.40 -14.01
C GLU A 95 -4.36 -11.05 -13.34
N HIS A 96 -3.42 -11.04 -12.42
CA HIS A 96 -3.05 -9.81 -11.70
C HIS A 96 -1.89 -9.10 -12.38
N CYS A 97 -2.04 -7.81 -12.62
CA CYS A 97 -0.99 -7.02 -13.26
C CYS A 97 -0.74 -5.73 -12.49
N PRO A 98 0.53 -5.49 -12.15
CA PRO A 98 0.94 -4.29 -11.41
C PRO A 98 0.82 -3.02 -12.25
N LEU A 99 0.56 -1.90 -11.58
CA LEU A 99 0.42 -0.62 -12.26
C LEU A 99 1.40 0.41 -11.70
N ALA A 100 1.41 0.54 -10.37
CA ALA A 100 2.30 1.48 -9.71
C ALA A 100 2.84 0.91 -8.41
N TRP A 101 3.68 1.68 -7.73
CA TRP A 101 4.26 1.24 -6.46
C TRP A 101 4.72 2.43 -5.63
N GLY A 102 4.33 2.45 -4.36
CA GLY A 102 4.72 3.54 -3.48
C GLY A 102 5.16 3.05 -2.11
N ASN A 103 6.29 3.59 -1.64
CA ASN A 103 6.83 3.20 -0.34
C ASN A 103 6.81 4.38 0.62
N ILE A 104 6.32 4.13 1.83
CA ILE A 104 6.25 5.18 2.86
C ILE A 104 7.12 4.82 4.06
N ASN A 105 8.04 5.72 4.41
CA ASN A 105 8.92 5.51 5.54
C ASN A 105 8.14 5.45 6.85
N LEU A 106 7.69 4.25 7.22
CA LEU A 106 6.93 4.06 8.45
C LEU A 106 7.40 5.01 9.54
N PHE A 107 8.72 5.20 9.63
CA PHE A 107 9.30 6.09 10.63
C PHE A 107 9.78 7.39 9.99
N ASP A 108 9.10 8.49 10.33
CA ASP A 108 9.45 9.80 9.80
C ASP A 108 10.93 10.09 9.99
N TYR A 109 11.39 11.19 9.41
CA TYR A 109 12.79 11.58 9.51
C TYR A 109 13.23 11.67 10.97
N THR A 110 12.31 12.12 11.83
CA THR A 110 12.61 12.26 13.25
C THR A 110 12.32 10.96 14.00
N ASP A 111 12.42 9.84 13.29
CA ASP A 111 12.17 8.53 13.89
C ASP A 111 10.87 8.54 14.69
N THR A 112 9.78 8.98 14.05
CA THR A 112 8.49 9.04 14.69
C THR A 112 7.38 8.58 13.75
N LEU A 113 6.82 7.40 14.01
CA LEU A 113 5.76 6.85 13.19
C LEU A 113 4.85 7.96 12.66
N VAL A 114 4.55 7.91 11.37
CA VAL A 114 3.69 8.91 10.74
C VAL A 114 2.28 8.86 11.33
N SER A 115 1.46 9.84 10.96
CA SER A 115 0.09 9.92 11.45
C SER A 115 -0.75 10.84 10.58
N GLY A 116 -2.05 10.92 10.87
CA GLY A 116 -2.93 11.77 10.11
C GLY A 116 -3.02 11.35 8.65
N LYS A 117 -4.14 11.66 8.01
CA LYS A 117 -4.36 11.32 6.61
C LYS A 117 -3.28 11.95 5.73
N MET A 118 -2.92 11.27 4.65
CA MET A 118 -1.91 11.77 3.73
C MET A 118 -2.11 11.19 2.33
N ALA A 119 -1.69 11.94 1.32
CA ALA A 119 -1.83 11.49 -0.07
C ALA A 119 -0.57 11.80 -0.87
N LEU A 120 -0.05 10.79 -1.55
CA LEU A 120 1.16 10.95 -2.35
C LEU A 120 1.04 10.19 -3.66
N ASN A 121 1.89 10.53 -4.63
CA ASN A 121 1.88 9.88 -5.93
C ASN A 121 2.77 8.63 -5.92
N LEU A 122 2.41 7.65 -6.74
CA LEU A 122 3.16 6.41 -6.83
C LEU A 122 3.94 6.34 -8.14
N TRP A 123 5.02 5.55 -8.15
CA TRP A 123 5.85 5.40 -9.33
C TRP A 123 5.37 4.21 -10.17
N PRO A 124 5.41 4.38 -11.51
CA PRO A 124 4.99 3.34 -12.44
C PRO A 124 5.94 2.14 -12.45
N VAL A 125 5.39 0.95 -12.45
CA VAL A 125 6.19 -0.27 -12.47
C VAL A 125 6.78 -0.53 -13.85
N PRO A 126 8.06 -0.92 -13.89
CA PRO A 126 8.76 -1.20 -15.14
C PRO A 126 8.25 -2.47 -15.82
N HIS A 127 8.51 -2.58 -17.12
CA HIS A 127 8.08 -3.74 -17.89
C HIS A 127 8.66 -5.03 -17.30
N GLY A 128 9.99 -5.06 -17.19
CA GLY A 128 10.65 -6.24 -16.65
C GLY A 128 9.95 -6.78 -15.41
N LEU A 129 9.93 -5.98 -14.35
CA LEU A 129 9.30 -6.39 -13.11
C LEU A 129 8.08 -7.27 -13.37
N GLU A 130 8.04 -8.44 -12.74
CA GLU A 130 6.93 -9.36 -12.92
C GLU A 130 6.08 -9.44 -11.65
N ASP A 131 6.74 -9.36 -10.50
CA ASP A 131 6.05 -9.42 -9.21
C ASP A 131 4.94 -8.38 -9.15
N LEU A 132 4.29 -8.28 -8.00
CA LEU A 132 3.21 -7.32 -7.81
C LEU A 132 3.66 -6.13 -6.96
N LEU A 133 4.26 -6.43 -5.81
CA LEU A 133 4.74 -5.39 -4.91
C LEU A 133 6.24 -5.17 -5.10
N ASN A 134 6.67 -3.91 -4.94
CA ASN A 134 8.07 -3.55 -5.11
C ASN A 134 8.67 -3.10 -3.77
N PRO A 135 9.27 -4.04 -3.04
CA PRO A 135 9.90 -3.75 -1.75
C PRO A 135 11.16 -2.92 -1.88
N ILE A 136 11.94 -3.20 -2.92
CA ILE A 136 13.17 -2.46 -3.16
C ILE A 136 12.89 -1.06 -3.68
N GLY A 137 11.69 -0.85 -4.21
CA GLY A 137 11.31 0.44 -4.73
C GLY A 137 11.69 1.57 -3.79
N VAL A 138 11.99 2.73 -4.36
CA VAL A 138 12.37 3.89 -3.56
C VAL A 138 11.23 4.34 -2.66
N THR A 139 11.48 5.36 -1.85
CA THR A 139 10.47 5.88 -0.94
C THR A 139 10.22 7.37 -1.17
N GLY A 140 9.05 7.84 -0.76
CA GLY A 140 8.71 9.24 -0.93
C GLY A 140 7.59 9.43 -1.94
N SER A 141 7.09 10.67 -2.03
CA SER A 141 6.01 10.99 -2.95
C SER A 141 6.55 11.28 -4.34
N ASN A 142 6.00 10.63 -5.35
CA ASN A 142 6.43 10.82 -6.73
C ASN A 142 6.11 12.23 -7.20
N PRO A 143 7.11 12.88 -7.83
CA PRO A 143 6.97 14.25 -8.34
C PRO A 143 6.03 14.32 -9.54
N ASN A 144 6.28 13.47 -10.53
CA ASN A 144 5.47 13.43 -11.74
C ASN A 144 3.99 13.63 -11.40
N LYS A 145 3.33 14.47 -12.20
CA LYS A 145 1.91 14.74 -11.98
C LYS A 145 1.04 13.75 -12.75
N GLU A 146 1.59 13.20 -13.83
CA GLU A 146 0.86 12.23 -14.63
C GLU A 146 1.01 10.83 -14.07
N THR A 147 0.93 10.71 -12.74
CA THR A 147 1.04 9.43 -12.08
C THR A 147 -0.10 9.20 -11.10
N PRO A 148 -0.44 7.93 -10.86
CA PRO A 148 -1.52 7.55 -9.95
C PRO A 148 -1.17 7.84 -8.49
N CYS A 149 -2.13 8.38 -7.75
CA CYS A 149 -1.93 8.71 -6.34
C CYS A 149 -2.98 8.03 -5.47
N LEU A 150 -2.58 7.65 -4.26
CA LEU A 150 -3.48 6.99 -3.33
C LEU A 150 -3.62 7.79 -2.04
N GLU A 151 -4.73 7.59 -1.34
CA GLU A 151 -4.97 8.30 -0.08
C GLU A 151 -5.18 7.31 1.06
N LEU A 152 -4.32 7.39 2.08
CA LEU A 152 -4.40 6.52 3.24
C LEU A 152 -4.43 7.31 4.53
N GLU A 153 -4.84 6.66 5.62
CA GLU A 153 -4.92 7.31 6.92
C GLU A 153 -4.11 6.54 7.96
N PHE A 154 -3.12 7.21 8.55
CA PHE A 154 -2.28 6.59 9.56
C PHE A 154 -2.88 6.76 10.95
N ASP A 155 -3.49 5.70 11.47
CA ASP A 155 -4.11 5.73 12.78
C ASP A 155 -3.52 4.65 13.68
N TRP A 156 -3.20 5.02 14.91
CA TRP A 156 -2.64 4.08 15.87
C TRP A 156 -3.52 3.96 17.11
N PHE A 157 -4.35 2.93 17.15
CA PHE A 157 -5.24 2.71 18.28
C PHE A 157 -4.50 2.06 19.44
N SER A 158 -3.83 0.95 19.17
CA SER A 158 -3.08 0.23 20.19
C SER A 158 -2.40 1.20 21.15
N GLY A 1 2.72 13.17 34.30
CA GLY A 1 3.51 12.09 34.87
C GLY A 1 4.79 11.84 34.07
N SER A 2 5.78 11.24 34.73
CA SER A 2 7.05 10.96 34.08
C SER A 2 7.22 9.46 33.85
N SER A 3 7.05 8.68 34.91
CA SER A 3 7.17 7.23 34.81
C SER A 3 5.93 6.60 34.18
N GLY A 4 5.90 6.56 32.85
CA GLY A 4 4.77 6.00 32.15
C GLY A 4 5.00 5.89 30.66
N SER A 5 5.88 4.99 30.26
CA SER A 5 6.19 4.78 28.85
C SER A 5 5.20 3.83 28.19
N SER A 6 4.35 4.38 27.33
CA SER A 6 3.36 3.57 26.64
C SER A 6 3.01 4.19 25.29
N GLY A 7 2.87 3.33 24.28
CA GLY A 7 2.54 3.80 22.95
C GLY A 7 1.65 2.84 22.19
N ASN A 8 1.81 2.79 20.87
CA ASN A 8 1.01 1.90 20.03
C ASN A 8 1.64 0.52 19.96
N SER A 9 0.80 -0.49 19.75
CA SER A 9 1.27 -1.87 19.66
C SER A 9 0.83 -2.52 18.36
N ALA A 10 -0.36 -2.15 17.89
CA ALA A 10 -0.90 -2.69 16.66
C ALA A 10 -1.13 -1.59 15.62
N LEU A 11 -0.54 -1.76 14.44
CA LEU A 11 -0.69 -0.78 13.37
C LEU A 11 -1.91 -1.07 12.52
N ARG A 12 -2.59 -0.01 12.09
CA ARG A 12 -3.78 -0.15 11.27
C ARG A 12 -3.94 1.04 10.32
N ILE A 13 -4.11 0.74 9.03
CA ILE A 13 -4.26 1.78 8.03
C ILE A 13 -5.48 1.52 7.14
N LYS A 14 -6.23 2.57 6.84
CA LYS A 14 -7.41 2.46 6.01
C LYS A 14 -7.22 3.19 4.68
N ILE A 15 -7.52 2.50 3.58
CA ILE A 15 -7.37 3.09 2.25
C ILE A 15 -8.66 3.78 1.82
N LEU A 16 -8.52 4.88 1.09
CA LEU A 16 -9.67 5.64 0.62
C LEU A 16 -9.94 5.34 -0.86
N CYS A 17 -9.09 5.84 -1.73
CA CYS A 17 -9.24 5.63 -3.17
C CYS A 17 -8.00 6.09 -3.92
N ALA A 18 -7.98 5.85 -5.23
CA ALA A 18 -6.85 6.24 -6.06
C ALA A 18 -7.31 7.14 -7.21
N THR A 19 -6.37 7.93 -7.73
CA THR A 19 -6.67 8.85 -8.82
C THR A 19 -5.70 8.66 -9.99
N TYR A 20 -6.08 9.17 -11.15
CA TYR A 20 -5.24 9.05 -12.35
C TYR A 20 -4.87 7.59 -12.60
N VAL A 21 -5.76 6.69 -12.22
CA VAL A 21 -5.52 5.26 -12.41
C VAL A 21 -5.19 4.95 -13.86
N ASN A 22 -4.31 3.98 -14.07
CA ASN A 22 -3.89 3.59 -15.41
C ASN A 22 -4.96 2.73 -16.08
N VAL A 23 -6.20 3.24 -16.08
CA VAL A 23 -7.31 2.53 -16.70
C VAL A 23 -7.87 3.32 -17.88
N ASN A 24 -7.78 2.72 -19.07
CA ASN A 24 -8.27 3.36 -20.28
C ASN A 24 -9.31 2.49 -20.98
N ILE A 25 -8.96 1.23 -21.20
CA ILE A 25 -9.85 0.29 -21.85
C ILE A 25 -10.96 -0.16 -20.90
N ARG A 26 -11.92 -0.92 -21.43
CA ARG A 26 -13.04 -1.41 -20.63
C ARG A 26 -13.01 -2.93 -20.56
N ASP A 27 -11.86 -3.48 -20.20
CA ASP A 27 -11.70 -4.93 -20.09
C ASP A 27 -11.61 -5.35 -18.63
N ILE A 28 -10.62 -4.83 -17.93
CA ILE A 28 -10.42 -5.15 -16.52
C ILE A 28 -11.76 -5.32 -15.80
N ASP A 29 -11.89 -6.39 -15.04
CA ASP A 29 -13.11 -6.65 -14.29
C ASP A 29 -13.12 -5.90 -12.97
N LYS A 30 -12.06 -6.06 -12.20
CA LYS A 30 -11.94 -5.39 -10.91
C LYS A 30 -10.48 -5.05 -10.59
N ILE A 31 -10.25 -4.41 -9.45
CA ILE A 31 -8.91 -4.04 -9.04
C ILE A 31 -8.70 -4.29 -7.56
N TYR A 32 -7.47 -4.08 -7.09
CA TYR A 32 -7.13 -4.29 -5.69
C TYR A 32 -5.75 -3.73 -5.37
N VAL A 33 -5.53 -3.40 -4.11
CA VAL A 33 -4.25 -2.86 -3.67
C VAL A 33 -3.51 -3.84 -2.77
N ARG A 34 -2.20 -3.95 -2.95
CA ARG A 34 -1.38 -4.85 -2.15
C ARG A 34 -0.42 -4.07 -1.25
N THR A 35 -0.45 -4.38 0.04
CA THR A 35 0.41 -3.71 1.00
C THR A 35 1.26 -4.72 1.77
N GLY A 36 2.24 -4.21 2.52
CA GLY A 36 3.11 -5.08 3.28
C GLY A 36 4.45 -4.43 3.61
N ILE A 37 4.90 -4.57 4.84
CA ILE A 37 6.16 -3.99 5.27
C ILE A 37 7.34 -4.88 4.87
N TYR A 38 8.47 -4.26 4.56
CA TYR A 38 9.66 -4.99 4.16
C TYR A 38 10.91 -4.35 4.75
N HIS A 39 12.00 -5.11 4.76
CA HIS A 39 13.27 -4.62 5.30
C HIS A 39 14.42 -4.92 4.34
N GLY A 40 14.74 -3.94 3.49
CA GLY A 40 15.82 -4.13 2.54
C GLY A 40 15.35 -4.76 1.24
N GLY A 41 14.36 -5.64 1.35
CA GLY A 41 13.83 -6.30 0.17
C GLY A 41 13.03 -7.55 0.51
N GLU A 42 13.40 -8.20 1.61
CA GLU A 42 12.70 -9.41 2.05
C GLU A 42 11.57 -9.07 3.00
N PRO A 43 10.54 -9.92 3.03
CA PRO A 43 9.38 -9.73 3.90
C PRO A 43 9.71 -9.94 5.38
N LEU A 44 8.91 -9.34 6.26
CA LEU A 44 9.12 -9.46 7.70
C LEU A 44 8.09 -10.38 8.32
N CYS A 45 6.85 -10.25 7.88
CA CYS A 45 5.76 -11.08 8.41
C CYS A 45 4.90 -11.63 7.27
N ASP A 46 4.20 -10.75 6.59
CA ASP A 46 3.34 -11.15 5.47
C ASP A 46 2.77 -9.93 4.75
N ASN A 47 2.11 -10.17 3.62
CA ASN A 47 1.52 -9.09 2.84
C ASN A 47 0.00 -9.06 3.01
N VAL A 48 -0.56 -7.85 3.02
CA VAL A 48 -2.01 -7.68 3.18
C VAL A 48 -2.63 -7.19 1.88
N ASN A 49 -3.81 -7.72 1.57
CA ASN A 49 -4.52 -7.32 0.36
C ASN A 49 -5.90 -6.76 0.70
N THR A 50 -6.32 -5.75 -0.07
CA THR A 50 -7.62 -5.12 0.14
C THR A 50 -8.68 -5.74 -0.74
N GLN A 51 -9.95 -5.55 -0.36
CA GLN A 51 -11.06 -6.09 -1.13
C GLN A 51 -10.94 -5.73 -2.61
N ARG A 52 -11.82 -6.30 -3.42
CA ARG A 52 -11.80 -6.03 -4.86
C ARG A 52 -12.88 -5.01 -5.23
N VAL A 53 -12.50 -4.01 -6.01
CA VAL A 53 -13.42 -2.97 -6.45
C VAL A 53 -13.25 -2.65 -7.93
N PRO A 54 -14.33 -2.21 -8.57
CA PRO A 54 -14.32 -1.86 -9.99
C PRO A 54 -13.50 -0.60 -10.27
N CYS A 55 -12.76 -0.61 -11.38
CA CYS A 55 -11.94 0.53 -11.75
C CYS A 55 -12.75 1.82 -11.73
N SER A 56 -14.03 1.71 -12.05
CA SER A 56 -14.91 2.86 -12.07
C SER A 56 -15.04 3.48 -10.68
N ASN A 57 -14.95 2.63 -9.66
CA ASN A 57 -15.05 3.08 -8.27
C ASN A 57 -13.94 2.48 -7.42
N PRO A 58 -12.75 3.10 -7.48
CA PRO A 58 -11.58 2.65 -6.72
C PRO A 58 -11.73 2.88 -5.22
N ARG A 59 -12.90 3.40 -4.83
CA ARG A 59 -13.17 3.68 -3.42
C ARG A 59 -13.11 2.40 -2.59
N TRP A 60 -12.05 2.26 -1.81
CA TRP A 60 -11.87 1.08 -0.96
C TRP A 60 -12.48 1.31 0.41
N ASN A 61 -12.19 2.46 1.01
CA ASN A 61 -12.70 2.79 2.33
C ASN A 61 -12.71 1.57 3.24
N GLU A 62 -11.65 0.78 3.16
CA GLU A 62 -11.53 -0.43 3.98
C GLU A 62 -10.38 -0.29 4.99
N TRP A 63 -10.65 -0.70 6.22
CA TRP A 63 -9.64 -0.62 7.28
C TRP A 63 -8.72 -1.83 7.24
N LEU A 64 -7.48 -1.60 6.81
CA LEU A 64 -6.49 -2.68 6.73
C LEU A 64 -5.63 -2.73 7.98
N ASN A 65 -5.65 -3.87 8.67
CA ASN A 65 -4.86 -4.03 9.88
C ASN A 65 -3.54 -4.74 9.58
N TYR A 66 -2.48 -4.30 10.23
CA TYR A 66 -1.16 -4.88 10.04
C TYR A 66 -0.74 -5.70 11.24
N ASP A 67 -0.40 -6.97 11.01
CA ASP A 67 0.02 -7.86 12.08
C ASP A 67 1.47 -7.58 12.49
N ILE A 68 1.79 -6.30 12.65
CA ILE A 68 3.13 -5.89 13.04
C ILE A 68 3.14 -5.28 14.43
N TYR A 69 4.33 -5.18 15.02
CA TYR A 69 4.47 -4.61 16.36
C TYR A 69 5.35 -3.37 16.33
N ILE A 70 4.81 -2.26 16.84
CA ILE A 70 5.54 -1.01 16.88
C ILE A 70 6.92 -1.18 17.52
N PRO A 71 6.94 -1.72 18.74
CA PRO A 71 8.18 -1.96 19.49
C PRO A 71 9.01 -3.08 18.87
N ASP A 72 8.53 -3.64 17.76
CA ASP A 72 9.23 -4.72 17.09
C ASP A 72 9.53 -4.35 15.63
N LEU A 73 9.01 -3.20 15.21
CA LEU A 73 9.23 -2.73 13.84
C LEU A 73 10.57 -2.01 13.71
N PRO A 74 11.48 -2.59 12.93
CA PRO A 74 12.81 -2.03 12.70
C PRO A 74 12.77 -0.75 11.86
N ARG A 75 13.53 0.25 12.29
CA ARG A 75 13.58 1.52 11.58
C ARG A 75 13.81 1.31 10.08
N ALA A 76 14.75 0.43 9.77
CA ALA A 76 15.07 0.12 8.37
C ALA A 76 13.81 -0.24 7.58
N ALA A 77 12.92 -0.99 8.23
CA ALA A 77 11.68 -1.41 7.59
C ALA A 77 10.79 -0.21 7.26
N ARG A 78 9.89 -0.38 6.31
CA ARG A 78 8.98 0.69 5.90
C ARG A 78 7.69 0.11 5.34
N LEU A 79 6.76 1.01 4.98
CA LEU A 79 5.47 0.59 4.43
C LEU A 79 5.52 0.58 2.91
N CYS A 80 4.91 -0.44 2.32
CA CYS A 80 4.87 -0.58 0.86
C CYS A 80 3.45 -0.81 0.37
N LEU A 81 3.14 -0.28 -0.80
CA LEU A 81 1.81 -0.43 -1.39
C LEU A 81 1.87 -0.30 -2.91
N SER A 82 1.14 -1.19 -3.60
CA SER A 82 1.11 -1.18 -5.05
C SER A 82 -0.27 -1.55 -5.56
N ILE A 83 -0.72 -0.85 -6.61
CA ILE A 83 -2.02 -1.12 -7.20
C ILE A 83 -1.94 -2.19 -8.28
N CYS A 84 -3.00 -2.99 -8.41
CA CYS A 84 -3.04 -4.05 -9.41
C CYS A 84 -4.46 -4.23 -9.94
N SER A 85 -4.56 -4.73 -11.16
CA SER A 85 -5.86 -4.96 -11.79
C SER A 85 -6.11 -6.44 -12.02
N VAL A 86 -7.19 -6.96 -11.45
CA VAL A 86 -7.54 -8.37 -11.60
C VAL A 86 -8.67 -8.55 -12.60
N LYS A 87 -8.46 -9.43 -13.58
CA LYS A 87 -9.46 -9.70 -14.59
C LYS A 87 -9.48 -11.18 -14.96
N GLY A 88 -10.68 -11.75 -15.03
CA GLY A 88 -10.82 -13.16 -15.36
C GLY A 88 -11.82 -13.40 -16.47
N ARG A 89 -12.34 -14.62 -16.55
CA ARG A 89 -13.31 -14.97 -17.57
C ARG A 89 -14.49 -15.73 -16.97
N LYS A 90 -15.38 -16.21 -17.83
CA LYS A 90 -16.55 -16.96 -17.39
C LYS A 90 -16.15 -18.06 -16.41
N GLY A 91 -15.56 -19.12 -16.94
CA GLY A 91 -15.13 -20.23 -16.11
C GLY A 91 -13.63 -20.44 -16.13
N ALA A 92 -12.89 -19.34 -15.98
CA ALA A 92 -11.43 -19.41 -15.99
C ALA A 92 -10.84 -18.60 -14.85
N LYS A 93 -9.54 -18.77 -14.61
CA LYS A 93 -8.86 -18.04 -13.55
C LYS A 93 -8.71 -16.57 -13.91
N GLU A 94 -8.20 -15.79 -12.96
CA GLU A 94 -8.01 -14.36 -13.16
C GLU A 94 -6.53 -14.02 -13.34
N GLU A 95 -6.25 -12.80 -13.76
CA GLU A 95 -4.87 -12.36 -13.98
C GLU A 95 -4.60 -11.06 -13.22
N HIS A 96 -3.46 -11.01 -12.53
CA HIS A 96 -3.08 -9.84 -11.76
C HIS A 96 -1.93 -9.09 -12.45
N CYS A 97 -2.13 -7.80 -12.71
CA CYS A 97 -1.12 -6.99 -13.35
C CYS A 97 -0.87 -5.70 -12.56
N PRO A 98 0.40 -5.46 -12.21
CA PRO A 98 0.80 -4.26 -11.46
C PRO A 98 0.67 -2.98 -12.28
N LEU A 99 0.45 -1.87 -11.59
CA LEU A 99 0.30 -0.58 -12.26
C LEU A 99 1.31 0.43 -11.70
N ALA A 100 1.35 0.54 -10.38
CA ALA A 100 2.27 1.46 -9.73
C ALA A 100 2.79 0.89 -8.42
N TRP A 101 3.73 1.59 -7.79
CA TRP A 101 4.31 1.16 -6.53
C TRP A 101 4.76 2.34 -5.69
N GLY A 102 4.43 2.31 -4.40
CA GLY A 102 4.80 3.39 -3.52
C GLY A 102 5.20 2.90 -2.14
N ASN A 103 6.32 3.41 -1.63
CA ASN A 103 6.81 3.01 -0.32
C ASN A 103 6.93 4.21 0.61
N ILE A 104 6.37 4.08 1.81
CA ILE A 104 6.41 5.16 2.79
C ILE A 104 7.26 4.78 4.01
N ASN A 105 8.17 5.66 4.38
CA ASN A 105 9.04 5.41 5.53
C ASN A 105 8.23 5.40 6.83
N LEU A 106 7.85 4.21 7.27
CA LEU A 106 7.09 4.06 8.50
C LEU A 106 7.51 5.11 9.53
N PHE A 107 8.82 5.30 9.67
CA PHE A 107 9.35 6.27 10.61
C PHE A 107 9.88 7.51 9.89
N ASP A 108 9.19 8.63 10.07
CA ASP A 108 9.60 9.88 9.44
C ASP A 108 11.06 10.19 9.73
N TYR A 109 11.53 11.33 9.24
CA TYR A 109 12.92 11.74 9.45
C TYR A 109 13.26 11.79 10.93
N THR A 110 12.29 12.24 11.74
CA THR A 110 12.50 12.33 13.18
C THR A 110 12.11 11.04 13.87
N ASP A 111 12.36 9.92 13.21
CA ASP A 111 12.04 8.61 13.76
C ASP A 111 10.76 8.66 14.58
N THR A 112 9.69 9.14 13.96
CA THR A 112 8.39 9.25 14.63
C THR A 112 7.27 8.73 13.75
N LEU A 113 6.70 7.58 14.12
CA LEU A 113 5.62 6.97 13.35
C LEU A 113 4.72 8.05 12.76
N VAL A 114 4.31 7.83 11.51
CA VAL A 114 3.43 8.78 10.81
C VAL A 114 2.05 8.81 11.45
N SER A 115 1.27 9.84 11.10
CA SER A 115 -0.08 9.99 11.64
C SER A 115 -0.91 10.91 10.75
N GLY A 116 -2.23 10.84 10.93
CA GLY A 116 -3.12 11.67 10.13
C GLY A 116 -3.14 11.27 8.68
N LYS A 117 -4.32 11.34 8.05
CA LYS A 117 -4.47 10.97 6.65
C LYS A 117 -3.37 11.61 5.80
N MET A 118 -2.98 10.94 4.73
CA MET A 118 -1.95 11.44 3.84
C MET A 118 -2.09 10.83 2.45
N ALA A 119 -1.64 11.57 1.44
CA ALA A 119 -1.72 11.10 0.06
C ALA A 119 -0.45 11.45 -0.71
N LEU A 120 0.10 10.48 -1.43
CA LEU A 120 1.32 10.69 -2.21
C LEU A 120 1.24 9.95 -3.54
N ASN A 121 1.98 10.44 -4.53
CA ASN A 121 2.00 9.83 -5.85
C ASN A 121 2.80 8.54 -5.84
N LEU A 122 2.45 7.62 -6.74
CA LEU A 122 3.14 6.34 -6.82
C LEU A 122 3.93 6.25 -8.13
N TRP A 123 5.12 5.65 -8.05
CA TRP A 123 5.98 5.49 -9.21
C TRP A 123 5.47 4.38 -10.12
N PRO A 124 5.76 4.49 -11.42
CA PRO A 124 5.34 3.50 -12.42
C PRO A 124 6.09 2.18 -12.27
N VAL A 125 5.46 1.10 -12.71
CA VAL A 125 6.05 -0.23 -12.63
C VAL A 125 6.88 -0.54 -13.87
N PRO A 126 8.16 -0.90 -13.67
CA PRO A 126 9.07 -1.24 -14.76
C PRO A 126 8.71 -2.55 -15.44
N HIS A 127 8.69 -2.53 -16.77
CA HIS A 127 8.36 -3.71 -17.56
C HIS A 127 9.14 -4.93 -17.05
N GLY A 128 10.33 -4.67 -16.51
CA GLY A 128 11.16 -5.75 -16.00
C GLY A 128 10.88 -6.06 -14.54
N LEU A 129 9.64 -6.46 -14.26
CA LEU A 129 9.25 -6.81 -12.90
C LEU A 129 8.32 -8.02 -12.88
N GLU A 130 8.82 -9.13 -12.36
CA GLU A 130 8.04 -10.35 -12.29
C GLU A 130 7.02 -10.28 -11.16
N ASP A 131 7.47 -9.86 -9.98
CA ASP A 131 6.61 -9.74 -8.82
C ASP A 131 5.63 -8.59 -8.99
N LEU A 132 4.71 -8.46 -8.04
CA LEU A 132 3.71 -7.40 -8.08
C LEU A 132 4.11 -6.23 -7.18
N LEU A 133 4.28 -6.51 -5.90
CA LEU A 133 4.66 -5.49 -4.94
C LEU A 133 6.17 -5.23 -5.00
N ASN A 134 6.55 -3.96 -4.98
CA ASN A 134 7.96 -3.58 -5.03
C ASN A 134 8.44 -3.09 -3.67
N PRO A 135 8.96 -4.02 -2.85
CA PRO A 135 9.47 -3.70 -1.51
C PRO A 135 10.75 -2.88 -1.56
N ILE A 136 11.67 -3.28 -2.42
CA ILE A 136 12.94 -2.57 -2.55
C ILE A 136 12.74 -1.19 -3.14
N GLY A 137 11.68 -1.03 -3.95
CA GLY A 137 11.40 0.25 -4.56
C GLY A 137 11.72 1.41 -3.64
N VAL A 138 12.10 2.55 -4.23
CA VAL A 138 12.43 3.74 -3.46
C VAL A 138 11.31 4.08 -2.48
N THR A 139 11.61 4.99 -1.56
CA THR A 139 10.63 5.42 -0.56
C THR A 139 10.26 6.88 -0.75
N GLY A 140 9.20 7.31 -0.06
CA GLY A 140 8.76 8.70 -0.15
C GLY A 140 7.71 8.89 -1.22
N SER A 141 7.40 10.14 -1.54
CA SER A 141 6.40 10.46 -2.54
C SER A 141 7.05 10.71 -3.90
N ASN A 142 6.32 10.37 -4.96
CA ASN A 142 6.83 10.56 -6.32
C ASN A 142 6.58 11.99 -6.81
N PRO A 143 7.58 12.56 -7.49
CA PRO A 143 7.48 13.93 -8.03
C PRO A 143 6.49 14.03 -9.18
N ASN A 144 6.60 13.11 -10.14
CA ASN A 144 5.72 13.11 -11.29
C ASN A 144 4.29 13.42 -10.88
N LYS A 145 3.59 14.18 -11.73
CA LYS A 145 2.21 14.55 -11.46
C LYS A 145 1.24 13.64 -12.20
N GLU A 146 1.66 13.16 -13.37
CA GLU A 146 0.83 12.27 -14.17
C GLU A 146 0.93 10.84 -13.69
N THR A 147 0.97 10.66 -12.37
CA THR A 147 1.07 9.33 -11.77
C THR A 147 -0.08 9.08 -10.80
N PRO A 148 -0.45 7.79 -10.65
CA PRO A 148 -1.53 7.39 -9.75
C PRO A 148 -1.17 7.57 -8.28
N CYS A 149 -1.91 8.43 -7.60
CA CYS A 149 -1.68 8.69 -6.18
C CYS A 149 -2.74 8.03 -5.32
N LEU A 150 -2.31 7.44 -4.22
CA LEU A 150 -3.23 6.77 -3.30
C LEU A 150 -3.44 7.58 -2.04
N GLU A 151 -4.50 7.28 -1.31
CA GLU A 151 -4.82 8.00 -0.08
C GLU A 151 -5.08 7.02 1.07
N LEU A 152 -4.19 7.01 2.05
CA LEU A 152 -4.32 6.13 3.20
C LEU A 152 -4.45 6.93 4.49
N GLU A 153 -4.92 6.27 5.54
CA GLU A 153 -5.09 6.92 6.84
C GLU A 153 -4.23 6.25 7.91
N PHE A 154 -3.31 7.02 8.49
CA PHE A 154 -2.42 6.50 9.52
C PHE A 154 -3.06 6.62 10.90
N ASP A 155 -3.47 5.50 11.45
CA ASP A 155 -4.10 5.47 12.78
C ASP A 155 -3.48 4.39 13.65
N TRP A 156 -3.57 4.57 14.96
CA TRP A 156 -3.03 3.61 15.91
C TRP A 156 -3.94 3.47 17.13
N PHE A 157 -4.42 2.25 17.36
CA PHE A 157 -5.30 1.98 18.50
C PHE A 157 -4.59 1.13 19.54
N SER A 158 -3.95 0.05 19.09
CA SER A 158 -3.24 -0.85 19.99
C SER A 158 -4.22 -1.65 20.83
N GLY A 1 15.76 8.34 30.13
CA GLY A 1 16.05 9.71 29.71
C GLY A 1 14.80 10.52 29.47
N SER A 2 14.64 11.00 28.23
CA SER A 2 13.48 11.80 27.87
C SER A 2 12.19 11.02 28.07
N SER A 3 11.06 11.71 27.97
CA SER A 3 9.76 11.08 28.14
C SER A 3 8.97 11.06 26.83
N GLY A 4 8.06 10.10 26.71
CA GLY A 4 7.27 9.99 25.51
C GLY A 4 6.00 9.19 25.72
N SER A 5 4.97 9.49 24.92
CA SER A 5 3.69 8.81 25.04
C SER A 5 3.65 7.58 24.13
N SER A 6 4.08 6.44 24.65
CA SER A 6 4.11 5.20 23.89
C SER A 6 3.02 4.24 24.38
N GLY A 7 2.14 3.84 23.47
CA GLY A 7 1.07 2.92 23.83
C GLY A 7 0.72 1.97 22.70
N ASN A 8 0.15 2.50 21.62
CA ASN A 8 -0.23 1.69 20.48
C ASN A 8 0.77 0.56 20.26
N SER A 9 0.25 -0.65 20.02
CA SER A 9 1.10 -1.81 19.78
C SER A 9 0.80 -2.44 18.43
N ALA A 10 -0.32 -2.05 17.84
CA ALA A 10 -0.73 -2.58 16.54
C ALA A 10 -0.83 -1.46 15.50
N LEU A 11 -0.60 -1.82 14.24
CA LEU A 11 -0.66 -0.85 13.15
C LEU A 11 -1.86 -1.12 12.25
N ARG A 12 -2.54 -0.05 11.84
CA ARG A 12 -3.71 -0.17 10.97
C ARG A 12 -3.82 1.03 10.04
N ILE A 13 -4.19 0.78 8.79
CA ILE A 13 -4.34 1.84 7.81
C ILE A 13 -5.63 1.67 6.99
N LYS A 14 -6.33 2.78 6.76
CA LYS A 14 -7.56 2.74 6.00
C LYS A 14 -7.39 3.43 4.65
N ILE A 15 -7.63 2.68 3.58
CA ILE A 15 -7.49 3.22 2.22
C ILE A 15 -8.75 3.97 1.81
N LEU A 16 -8.55 5.08 1.10
CA LEU A 16 -9.66 5.91 0.65
C LEU A 16 -9.99 5.62 -0.81
N CYS A 17 -9.12 6.07 -1.71
CA CYS A 17 -9.32 5.85 -3.14
C CYS A 17 -8.10 6.28 -3.93
N ALA A 18 -8.13 6.07 -5.25
CA ALA A 18 -7.02 6.45 -6.11
C ALA A 18 -7.48 7.41 -7.20
N THR A 19 -6.53 8.09 -7.83
CA THR A 19 -6.83 9.03 -8.90
C THR A 19 -5.89 8.85 -10.08
N TYR A 20 -6.28 9.40 -11.23
CA TYR A 20 -5.47 9.29 -12.44
C TYR A 20 -4.86 7.90 -12.57
N VAL A 21 -5.67 6.88 -12.31
CA VAL A 21 -5.21 5.50 -12.40
C VAL A 21 -4.86 5.13 -13.83
N ASN A 22 -4.09 4.06 -13.98
CA ASN A 22 -3.69 3.60 -15.31
C ASN A 22 -4.76 2.72 -15.93
N VAL A 23 -6.00 3.19 -15.87
CA VAL A 23 -7.13 2.45 -16.43
C VAL A 23 -7.89 3.29 -17.45
N ASN A 24 -7.90 2.85 -18.70
CA ASN A 24 -8.60 3.56 -19.76
C ASN A 24 -9.73 2.72 -20.33
N ILE A 25 -9.46 1.43 -20.55
CA ILE A 25 -10.46 0.52 -21.10
C ILE A 25 -11.40 0.02 -20.00
N ARG A 26 -12.28 -0.90 -20.36
CA ARG A 26 -13.24 -1.45 -19.42
C ARG A 26 -13.07 -2.96 -19.30
N ASP A 27 -12.09 -3.50 -20.01
CA ASP A 27 -11.83 -4.94 -19.99
C ASP A 27 -11.64 -5.43 -18.56
N ILE A 28 -10.70 -4.82 -17.85
CA ILE A 28 -10.41 -5.21 -16.47
C ILE A 28 -11.70 -5.36 -15.67
N ASP A 29 -11.83 -6.50 -14.99
CA ASP A 29 -13.02 -6.77 -14.18
C ASP A 29 -13.01 -5.93 -12.91
N LYS A 30 -11.99 -6.11 -12.08
CA LYS A 30 -11.86 -5.37 -10.84
C LYS A 30 -10.40 -5.12 -10.48
N ILE A 31 -10.15 -4.23 -9.54
CA ILE A 31 -8.80 -3.92 -9.11
C ILE A 31 -8.60 -4.23 -7.63
N TYR A 32 -7.36 -4.18 -7.19
CA TYR A 32 -7.03 -4.46 -5.78
C TYR A 32 -5.63 -3.95 -5.44
N VAL A 33 -5.46 -3.47 -4.22
CA VAL A 33 -4.18 -2.96 -3.76
C VAL A 33 -3.49 -3.96 -2.85
N ARG A 34 -2.16 -4.03 -2.96
CA ARG A 34 -1.37 -4.94 -2.15
C ARG A 34 -0.35 -4.19 -1.30
N THR A 35 -0.42 -4.37 0.01
CA THR A 35 0.49 -3.70 0.93
C THR A 35 1.36 -4.71 1.67
N GLY A 36 2.41 -4.21 2.33
CA GLY A 36 3.29 -5.09 3.06
C GLY A 36 4.54 -4.37 3.55
N ILE A 37 5.08 -4.82 4.69
CA ILE A 37 6.27 -4.21 5.26
C ILE A 37 7.51 -5.06 4.97
N TYR A 38 8.58 -4.39 4.55
CA TYR A 38 9.83 -5.08 4.24
C TYR A 38 11.02 -4.37 4.88
N HIS A 39 12.12 -5.10 5.05
CA HIS A 39 13.32 -4.53 5.64
C HIS A 39 14.55 -4.89 4.81
N GLY A 40 15.04 -3.92 4.04
CA GLY A 40 16.21 -4.14 3.21
C GLY A 40 15.89 -5.02 2.01
N GLY A 41 14.61 -5.15 1.68
CA GLY A 41 14.21 -5.97 0.56
C GLY A 41 13.56 -7.27 0.98
N GLU A 42 14.03 -7.84 2.08
CA GLU A 42 13.49 -9.09 2.59
C GLU A 42 12.20 -8.84 3.35
N PRO A 43 11.24 -9.78 3.21
CA PRO A 43 9.95 -9.70 3.88
C PRO A 43 10.05 -9.90 5.40
N LEU A 44 8.99 -9.55 6.11
CA LEU A 44 8.96 -9.70 7.56
C LEU A 44 7.76 -10.53 8.00
N CYS A 45 6.62 -10.30 7.38
CA CYS A 45 5.41 -11.04 7.71
C CYS A 45 4.45 -11.08 6.52
N ASP A 46 3.53 -12.03 6.53
CA ASP A 46 2.55 -12.17 5.46
C ASP A 46 2.04 -10.80 5.01
N ASN A 47 1.65 -10.71 3.74
CA ASN A 47 1.14 -9.46 3.18
C ASN A 47 -0.37 -9.36 3.38
N VAL A 48 -0.90 -8.15 3.19
CA VAL A 48 -2.33 -7.92 3.35
C VAL A 48 -2.95 -7.41 2.05
N ASN A 49 -4.09 -7.99 1.68
CA ASN A 49 -4.78 -7.60 0.46
C ASN A 49 -6.14 -6.98 0.77
N THR A 50 -6.48 -5.90 0.07
CA THR A 50 -7.74 -5.22 0.28
C THR A 50 -8.83 -5.79 -0.63
N GLN A 51 -10.09 -5.58 -0.26
CA GLN A 51 -11.22 -6.07 -1.04
C GLN A 51 -11.06 -5.69 -2.51
N ARG A 52 -11.98 -6.18 -3.34
CA ARG A 52 -11.94 -5.89 -4.77
C ARG A 52 -12.96 -4.82 -5.13
N VAL A 53 -12.53 -3.84 -5.92
CA VAL A 53 -13.40 -2.75 -6.35
C VAL A 53 -13.20 -2.43 -7.82
N PRO A 54 -14.25 -1.92 -8.47
CA PRO A 54 -14.22 -1.55 -9.88
C PRO A 54 -13.34 -0.33 -10.15
N CYS A 55 -12.51 -0.43 -11.18
CA CYS A 55 -11.61 0.67 -11.54
C CYS A 55 -12.35 2.00 -11.53
N SER A 56 -13.55 2.01 -12.12
CA SER A 56 -14.36 3.22 -12.19
C SER A 56 -14.45 3.89 -10.82
N ASN A 57 -14.60 3.08 -9.78
CA ASN A 57 -14.69 3.59 -8.41
C ASN A 57 -13.74 2.85 -7.49
N PRO A 58 -12.49 3.33 -7.42
CA PRO A 58 -11.45 2.74 -6.57
C PRO A 58 -11.72 2.96 -5.09
N ARG A 59 -12.85 3.59 -4.78
CA ARG A 59 -13.22 3.86 -3.40
C ARG A 59 -13.13 2.60 -2.55
N TRP A 60 -12.14 2.56 -1.66
CA TRP A 60 -11.94 1.40 -0.79
C TRP A 60 -12.52 1.66 0.59
N ASN A 61 -12.20 2.83 1.16
CA ASN A 61 -12.69 3.21 2.48
C ASN A 61 -12.78 1.98 3.39
N GLU A 62 -11.77 1.11 3.31
CA GLU A 62 -11.73 -0.09 4.13
C GLU A 62 -10.57 -0.04 5.11
N TRP A 63 -10.84 -0.48 6.34
CA TRP A 63 -9.82 -0.48 7.39
C TRP A 63 -8.93 -1.72 7.29
N LEU A 64 -7.67 -1.51 6.93
CA LEU A 64 -6.73 -2.62 6.81
C LEU A 64 -5.89 -2.77 8.07
N ASN A 65 -6.00 -3.94 8.71
CA ASN A 65 -5.26 -4.22 9.94
C ASN A 65 -3.93 -4.91 9.62
N TYR A 66 -2.88 -4.52 10.34
CA TYR A 66 -1.57 -5.10 10.13
C TYR A 66 -1.14 -5.92 11.34
N ASP A 67 -0.72 -7.16 11.10
CA ASP A 67 -0.29 -8.05 12.17
C ASP A 67 1.16 -7.77 12.55
N ILE A 68 1.52 -6.49 12.60
CA ILE A 68 2.87 -6.09 12.96
C ILE A 68 2.92 -5.49 14.36
N TYR A 69 4.12 -5.40 14.92
CA TYR A 69 4.31 -4.85 16.25
C TYR A 69 5.14 -3.57 16.21
N ILE A 70 4.63 -2.51 16.80
CA ILE A 70 5.33 -1.23 16.83
C ILE A 70 6.67 -1.36 17.54
N PRO A 71 6.64 -1.87 18.79
CA PRO A 71 7.84 -2.06 19.59
C PRO A 71 8.73 -3.18 19.06
N ASP A 72 8.34 -3.75 17.92
CA ASP A 72 9.11 -4.82 17.29
C ASP A 72 9.45 -4.48 15.85
N LEU A 73 8.89 -3.38 15.37
CA LEU A 73 9.13 -2.94 13.99
C LEU A 73 10.44 -2.18 13.89
N PRO A 74 11.40 -2.74 13.13
CA PRO A 74 12.72 -2.12 12.93
C PRO A 74 12.65 -0.86 12.08
N ARG A 75 13.31 0.20 12.54
CA ARG A 75 13.31 1.47 11.82
C ARG A 75 13.62 1.25 10.34
N ALA A 76 14.61 0.39 10.07
CA ALA A 76 15.00 0.09 8.70
C ALA A 76 13.80 -0.31 7.85
N ALA A 77 12.89 -1.09 8.45
CA ALA A 77 11.70 -1.54 7.76
C ALA A 77 10.82 -0.36 7.34
N ARG A 78 9.84 -0.63 6.48
CA ARG A 78 8.93 0.41 6.02
C ARG A 78 7.68 -0.20 5.40
N LEU A 79 6.70 0.64 5.11
CA LEU A 79 5.44 0.18 4.52
C LEU A 79 5.48 0.30 3.01
N CYS A 80 5.04 -0.76 2.33
CA CYS A 80 5.03 -0.77 0.86
C CYS A 80 3.61 -0.99 0.34
N LEU A 81 3.34 -0.44 -0.84
CA LEU A 81 2.02 -0.57 -1.45
C LEU A 81 2.10 -0.41 -2.96
N SER A 82 1.37 -1.26 -3.68
CA SER A 82 1.36 -1.22 -5.14
C SER A 82 -0.01 -1.55 -5.69
N ILE A 83 -0.48 -0.75 -6.63
CA ILE A 83 -1.78 -0.96 -7.24
C ILE A 83 -1.71 -1.96 -8.39
N CYS A 84 -2.71 -2.82 -8.48
CA CYS A 84 -2.76 -3.83 -9.53
C CYS A 84 -4.21 -4.19 -9.89
N SER A 85 -4.39 -4.76 -11.08
CA SER A 85 -5.72 -5.14 -11.54
C SER A 85 -5.83 -6.66 -11.72
N VAL A 86 -7.05 -7.17 -11.67
CA VAL A 86 -7.28 -8.60 -11.83
C VAL A 86 -8.44 -8.86 -12.79
N LYS A 87 -8.16 -9.60 -13.85
CA LYS A 87 -9.19 -9.93 -14.84
C LYS A 87 -9.26 -11.44 -15.08
N GLY A 88 -10.46 -11.99 -14.94
CA GLY A 88 -10.64 -13.41 -15.14
C GLY A 88 -12.06 -13.77 -15.54
N ARG A 89 -12.23 -14.95 -16.14
CA ARG A 89 -13.55 -15.40 -16.57
C ARG A 89 -14.05 -16.55 -15.70
N LYS A 90 -15.35 -16.80 -15.76
CA LYS A 90 -15.96 -17.88 -14.98
C LYS A 90 -15.30 -19.22 -15.29
N GLY A 91 -14.82 -19.89 -14.25
CA GLY A 91 -14.17 -21.17 -14.43
C GLY A 91 -12.70 -21.04 -14.77
N ALA A 92 -12.35 -19.95 -15.44
CA ALA A 92 -10.96 -19.71 -15.82
C ALA A 92 -10.19 -19.04 -14.69
N LYS A 93 -8.87 -19.00 -14.83
CA LYS A 93 -8.01 -18.38 -13.82
C LYS A 93 -7.91 -16.87 -14.03
N GLU A 94 -7.70 -16.13 -12.94
CA GLU A 94 -7.59 -14.69 -13.02
C GLU A 94 -6.14 -14.27 -13.27
N GLU A 95 -5.97 -13.08 -13.83
CA GLU A 95 -4.63 -12.56 -14.13
C GLU A 95 -4.40 -11.22 -13.43
N HIS A 96 -3.31 -11.14 -12.68
CA HIS A 96 -2.98 -9.92 -11.96
C HIS A 96 -1.92 -9.12 -12.70
N CYS A 97 -2.14 -7.81 -12.82
CA CYS A 97 -1.19 -6.94 -13.51
C CYS A 97 -0.95 -5.66 -12.72
N PRO A 98 0.32 -5.43 -12.36
CA PRO A 98 0.72 -4.24 -11.59
C PRO A 98 0.62 -2.96 -12.41
N LEU A 99 0.19 -1.89 -11.76
CA LEU A 99 0.04 -0.59 -12.44
C LEU A 99 1.07 0.41 -11.90
N ALA A 100 1.07 0.61 -10.59
CA ALA A 100 1.99 1.54 -9.97
C ALA A 100 2.54 0.98 -8.65
N TRP A 101 3.45 1.71 -8.03
CA TRP A 101 4.05 1.28 -6.78
C TRP A 101 4.50 2.48 -5.95
N GLY A 102 4.38 2.36 -4.63
CA GLY A 102 4.79 3.45 -3.75
C GLY A 102 5.22 2.96 -2.39
N ASN A 103 6.28 3.56 -1.85
CA ASN A 103 6.80 3.17 -0.54
C ASN A 103 6.71 4.33 0.44
N ILE A 104 6.56 4.00 1.72
CA ILE A 104 6.46 5.03 2.76
C ILE A 104 7.26 4.63 3.99
N ASN A 105 8.27 5.43 4.33
CA ASN A 105 9.11 5.16 5.48
C ASN A 105 8.29 5.19 6.77
N LEU A 106 7.87 4.02 7.23
CA LEU A 106 7.07 3.92 8.45
C LEU A 106 7.51 4.95 9.48
N PHE A 107 8.82 5.15 9.57
CA PHE A 107 9.38 6.12 10.52
C PHE A 107 9.93 7.34 9.79
N ASP A 108 9.32 8.49 10.03
CA ASP A 108 9.75 9.73 9.39
C ASP A 108 11.23 9.99 9.67
N TYR A 109 11.71 11.15 9.20
CA TYR A 109 13.11 11.52 9.40
C TYR A 109 13.40 11.80 10.86
N THR A 110 12.35 11.77 11.69
CA THR A 110 12.49 12.01 13.11
C THR A 110 12.30 10.74 13.92
N ASP A 111 12.50 9.60 13.27
CA ASP A 111 12.36 8.31 13.94
C ASP A 111 11.06 8.26 14.74
N THR A 112 9.94 8.54 14.08
CA THR A 112 8.64 8.53 14.73
C THR A 112 7.54 8.15 13.76
N LEU A 113 6.82 7.07 14.06
CA LEU A 113 5.74 6.60 13.21
C LEU A 113 4.92 7.78 12.67
N VAL A 114 4.52 7.68 11.41
CA VAL A 114 3.73 8.73 10.78
C VAL A 114 2.31 8.77 11.35
N SER A 115 1.56 9.82 11.00
CA SER A 115 0.19 9.97 11.47
C SER A 115 -0.56 10.99 10.63
N GLY A 116 -1.89 10.94 10.69
CA GLY A 116 -2.71 11.86 9.93
C GLY A 116 -2.80 11.48 8.47
N LYS A 117 -4.02 11.49 7.93
CA LYS A 117 -4.24 11.14 6.54
C LYS A 117 -3.14 11.70 5.65
N MET A 118 -2.84 11.00 4.56
CA MET A 118 -1.80 11.43 3.63
C MET A 118 -2.03 10.84 2.25
N ALA A 119 -1.63 11.57 1.22
CA ALA A 119 -1.79 11.11 -0.16
C ALA A 119 -0.56 11.45 -1.00
N LEU A 120 0.16 10.41 -1.43
CA LEU A 120 1.36 10.60 -2.24
C LEU A 120 1.22 9.90 -3.59
N ASN A 121 2.00 10.36 -4.57
CA ASN A 121 1.96 9.77 -5.91
C ASN A 121 2.72 8.44 -5.94
N LEU A 122 2.35 7.58 -6.87
CA LEU A 122 3.00 6.28 -7.02
C LEU A 122 3.76 6.19 -8.34
N TRP A 123 4.99 5.69 -8.28
CA TRP A 123 5.81 5.56 -9.47
C TRP A 123 5.34 4.38 -10.33
N PRO A 124 5.50 4.52 -11.66
CA PRO A 124 5.10 3.48 -12.61
C PRO A 124 5.98 2.25 -12.53
N VAL A 125 5.36 1.07 -12.51
CA VAL A 125 6.10 -0.18 -12.44
C VAL A 125 6.85 -0.45 -13.74
N PRO A 126 8.08 -0.97 -13.61
CA PRO A 126 8.93 -1.29 -14.76
C PRO A 126 8.40 -2.48 -15.56
N HIS A 127 8.39 -2.33 -16.88
CA HIS A 127 7.90 -3.38 -17.76
C HIS A 127 8.59 -4.71 -17.45
N GLY A 128 7.91 -5.81 -17.71
CA GLY A 128 8.47 -7.12 -17.45
C GLY A 128 8.22 -7.59 -16.02
N LEU A 129 8.37 -6.66 -15.07
CA LEU A 129 8.16 -6.99 -13.67
C LEU A 129 7.05 -8.02 -13.50
N GLU A 130 7.45 -9.28 -13.31
CA GLU A 130 6.48 -10.35 -13.14
C GLU A 130 5.84 -10.29 -11.75
N ASP A 131 6.52 -9.64 -10.81
CA ASP A 131 6.01 -9.51 -9.46
C ASP A 131 4.88 -8.49 -9.40
N LEU A 132 4.26 -8.37 -8.23
CA LEU A 132 3.16 -7.42 -8.05
C LEU A 132 3.54 -6.31 -7.07
N LEU A 133 4.20 -6.70 -5.98
CA LEU A 133 4.63 -5.73 -4.97
C LEU A 133 6.13 -5.50 -5.05
N ASN A 134 6.54 -4.23 -5.05
CA ASN A 134 7.94 -3.87 -5.12
C ASN A 134 8.42 -3.27 -3.80
N PRO A 135 8.94 -4.14 -2.92
CA PRO A 135 9.44 -3.72 -1.61
C PRO A 135 10.72 -2.90 -1.71
N ILE A 136 11.50 -3.16 -2.76
CA ILE A 136 12.75 -2.44 -2.98
C ILE A 136 12.50 -1.04 -3.52
N GLY A 137 11.35 -0.86 -4.16
CA GLY A 137 11.01 0.44 -4.72
C GLY A 137 11.48 1.58 -3.86
N VAL A 138 11.83 2.70 -4.49
CA VAL A 138 12.31 3.87 -3.78
C VAL A 138 11.26 4.37 -2.79
N THR A 139 11.64 5.38 -2.01
CA THR A 139 10.73 5.95 -1.02
C THR A 139 10.43 7.41 -1.32
N GLY A 140 9.50 7.99 -0.58
CA GLY A 140 9.13 9.38 -0.79
C GLY A 140 7.99 9.55 -1.77
N SER A 141 7.45 10.75 -1.86
CA SER A 141 6.34 11.04 -2.76
C SER A 141 6.84 11.41 -4.14
N ASN A 142 6.21 10.86 -5.17
CA ASN A 142 6.59 11.14 -6.55
C ASN A 142 6.10 12.51 -6.99
N PRO A 143 7.04 13.37 -7.41
CA PRO A 143 6.72 14.72 -7.86
C PRO A 143 5.98 14.74 -9.19
N ASN A 144 5.76 13.55 -9.75
CA ASN A 144 5.05 13.42 -11.02
C ASN A 144 3.54 13.47 -10.81
N LYS A 145 2.87 14.32 -11.57
CA LYS A 145 1.42 14.46 -11.47
C LYS A 145 0.71 13.41 -12.33
N GLU A 146 1.08 13.35 -13.61
CA GLU A 146 0.48 12.39 -14.53
C GLU A 146 0.29 11.03 -13.85
N THR A 147 1.23 10.68 -12.98
CA THR A 147 1.17 9.41 -12.27
C THR A 147 0.04 9.40 -11.25
N PRO A 148 -0.50 8.20 -10.98
CA PRO A 148 -1.60 8.04 -10.02
C PRO A 148 -1.16 8.28 -8.58
N CYS A 149 -2.12 8.55 -7.71
CA CYS A 149 -1.83 8.80 -6.30
C CYS A 149 -2.88 8.14 -5.40
N LEU A 150 -2.42 7.51 -4.34
CA LEU A 150 -3.31 6.84 -3.40
C LEU A 150 -3.42 7.63 -2.10
N GLU A 151 -4.57 7.48 -1.42
CA GLU A 151 -4.80 8.19 -0.17
C GLU A 151 -5.07 7.20 0.96
N LEU A 152 -4.17 7.16 1.94
CA LEU A 152 -4.31 6.27 3.08
C LEU A 152 -4.38 7.05 4.39
N GLU A 153 -4.91 6.41 5.43
CA GLU A 153 -5.03 7.05 6.74
C GLU A 153 -4.18 6.32 7.78
N PHE A 154 -3.26 7.04 8.40
CA PHE A 154 -2.39 6.46 9.42
C PHE A 154 -3.00 6.59 10.81
N ASP A 155 -3.38 5.46 11.39
CA ASP A 155 -3.98 5.45 12.72
C ASP A 155 -3.32 4.39 13.60
N TRP A 156 -3.47 4.56 14.91
CA TRP A 156 -2.88 3.62 15.87
C TRP A 156 -3.68 3.59 17.16
N PHE A 157 -4.41 2.49 17.38
CA PHE A 157 -5.22 2.35 18.58
C PHE A 157 -4.54 1.43 19.59
N SER A 158 -4.18 0.24 19.15
CA SER A 158 -3.52 -0.73 20.01
C SER A 158 -3.10 -1.96 19.22
N GLY A 1 4.11 1.43 36.20
CA GLY A 1 5.42 1.53 35.57
C GLY A 1 5.32 1.75 34.07
N SER A 2 4.50 2.70 33.66
CA SER A 2 4.31 3.00 32.25
C SER A 2 3.83 4.43 32.05
N SER A 3 4.44 5.13 31.10
CA SER A 3 4.08 6.51 30.81
C SER A 3 2.60 6.62 30.40
N GLY A 4 2.14 7.83 30.16
CA GLY A 4 0.77 8.04 29.75
C GLY A 4 0.65 8.62 28.36
N SER A 5 -0.56 8.56 27.79
CA SER A 5 -0.80 9.07 26.45
C SER A 5 -0.01 8.27 25.42
N SER A 6 -0.04 6.95 25.55
CA SER A 6 0.67 6.07 24.62
C SER A 6 0.09 4.65 24.67
N GLY A 7 0.16 3.95 23.54
CA GLY A 7 -0.35 2.60 23.47
C GLY A 7 -0.44 2.09 22.05
N ASN A 8 0.70 1.97 21.39
CA ASN A 8 0.74 1.49 20.01
C ASN A 8 1.34 0.08 19.95
N SER A 9 0.58 -0.85 19.38
CA SER A 9 1.05 -2.23 19.26
C SER A 9 0.78 -2.76 17.86
N ALA A 10 -0.43 -2.54 17.36
CA ALA A 10 -0.81 -3.00 16.03
C ALA A 10 -1.03 -1.82 15.09
N LEU A 11 -0.47 -1.92 13.89
CA LEU A 11 -0.60 -0.86 12.89
C LEU A 11 -1.92 -1.00 12.12
N ARG A 12 -2.69 0.08 12.09
CA ARG A 12 -3.97 0.08 11.38
C ARG A 12 -4.03 1.20 10.36
N ILE A 13 -4.21 0.84 9.09
CA ILE A 13 -4.29 1.82 8.02
C ILE A 13 -5.51 1.57 7.13
N LYS A 14 -6.14 2.65 6.70
CA LYS A 14 -7.32 2.55 5.84
C LYS A 14 -7.10 3.30 4.53
N ILE A 15 -7.35 2.63 3.42
CA ILE A 15 -7.19 3.23 2.10
C ILE A 15 -8.47 3.91 1.65
N LEU A 16 -8.33 4.97 0.86
CA LEU A 16 -9.49 5.70 0.35
C LEU A 16 -9.75 5.36 -1.11
N CYS A 17 -8.87 5.81 -1.99
CA CYS A 17 -9.02 5.53 -3.42
C CYS A 17 -7.78 6.00 -4.19
N ALA A 18 -7.83 5.86 -5.51
CA ALA A 18 -6.72 6.27 -6.36
C ALA A 18 -7.18 7.22 -7.46
N THR A 19 -6.33 8.16 -7.83
CA THR A 19 -6.64 9.14 -8.86
C THR A 19 -5.66 9.04 -10.03
N TYR A 20 -6.19 9.13 -11.24
CA TYR A 20 -5.35 9.06 -12.44
C TYR A 20 -4.74 7.68 -12.59
N VAL A 21 -5.56 6.65 -12.40
CA VAL A 21 -5.10 5.27 -12.52
C VAL A 21 -4.80 4.91 -13.97
N ASN A 22 -4.01 3.86 -14.17
CA ASN A 22 -3.65 3.42 -15.51
C ASN A 22 -4.81 2.67 -16.17
N VAL A 23 -5.98 3.28 -16.15
CA VAL A 23 -7.17 2.68 -16.75
C VAL A 23 -7.55 3.38 -18.04
N ASN A 24 -7.38 2.69 -19.16
CA ASN A 24 -7.70 3.25 -20.47
C ASN A 24 -9.00 2.65 -21.00
N ILE A 25 -8.99 1.33 -21.22
CA ILE A 25 -10.16 0.64 -21.72
C ILE A 25 -11.09 0.23 -20.59
N ARG A 26 -12.18 -0.45 -20.94
CA ARG A 26 -13.14 -0.92 -19.95
C ARG A 26 -13.30 -2.43 -20.00
N ASP A 27 -12.17 -3.14 -19.99
CA ASP A 27 -12.17 -4.60 -20.03
C ASP A 27 -11.97 -5.18 -18.63
N ILE A 28 -10.99 -4.66 -17.91
CA ILE A 28 -10.69 -5.13 -16.56
C ILE A 28 -11.97 -5.36 -15.77
N ASP A 29 -12.01 -6.46 -15.03
CA ASP A 29 -13.18 -6.80 -14.22
C ASP A 29 -13.18 -6.01 -12.91
N LYS A 30 -12.11 -6.16 -12.14
CA LYS A 30 -11.99 -5.47 -10.86
C LYS A 30 -10.53 -5.14 -10.56
N ILE A 31 -10.29 -4.53 -9.40
CA ILE A 31 -8.94 -4.15 -9.01
C ILE A 31 -8.71 -4.40 -7.52
N TYR A 32 -7.50 -4.14 -7.05
CA TYR A 32 -7.16 -4.34 -5.65
C TYR A 32 -5.77 -3.81 -5.34
N VAL A 33 -5.52 -3.49 -4.07
CA VAL A 33 -4.23 -2.97 -3.65
C VAL A 33 -3.52 -3.95 -2.72
N ARG A 34 -2.19 -3.94 -2.76
CA ARG A 34 -1.39 -4.83 -1.92
C ARG A 34 -0.44 -4.03 -1.04
N THR A 35 -0.40 -4.37 0.24
CA THR A 35 0.47 -3.70 1.19
C THR A 35 1.31 -4.68 1.98
N GLY A 36 2.38 -4.20 2.60
CA GLY A 36 3.25 -5.06 3.37
C GLY A 36 4.57 -4.38 3.72
N ILE A 37 5.07 -4.66 4.92
CA ILE A 37 6.34 -4.08 5.36
C ILE A 37 7.52 -4.92 4.91
N TYR A 38 8.59 -4.26 4.51
CA TYR A 38 9.80 -4.95 4.05
C TYR A 38 11.05 -4.30 4.63
N HIS A 39 12.05 -5.13 4.92
CA HIS A 39 13.31 -4.64 5.48
C HIS A 39 14.47 -4.92 4.54
N GLY A 40 14.80 -3.93 3.70
CA GLY A 40 15.89 -4.10 2.76
C GLY A 40 15.52 -4.97 1.58
N GLY A 41 14.21 -5.09 1.32
CA GLY A 41 13.75 -5.89 0.22
C GLY A 41 13.13 -7.21 0.67
N GLU A 42 13.57 -7.69 1.83
CA GLU A 42 13.06 -8.94 2.38
C GLU A 42 11.77 -8.71 3.16
N PRO A 43 10.83 -9.65 3.04
CA PRO A 43 9.54 -9.58 3.73
C PRO A 43 9.68 -9.77 5.24
N LEU A 44 8.68 -9.32 5.99
CA LEU A 44 8.69 -9.45 7.45
C LEU A 44 7.49 -10.25 7.93
N CYS A 45 6.37 -10.11 7.23
CA CYS A 45 5.15 -10.82 7.59
C CYS A 45 4.26 -11.03 6.37
N ASP A 46 3.28 -11.91 6.51
CA ASP A 46 2.34 -12.19 5.41
C ASP A 46 1.75 -10.91 4.86
N ASN A 47 1.78 -10.77 3.53
CA ASN A 47 1.24 -9.58 2.88
C ASN A 47 -0.26 -9.49 3.07
N VAL A 48 -0.79 -8.26 3.03
CA VAL A 48 -2.22 -8.04 3.20
C VAL A 48 -2.84 -7.49 1.92
N ASN A 49 -4.04 -7.97 1.61
CA ASN A 49 -4.75 -7.53 0.41
C ASN A 49 -6.10 -6.92 0.77
N THR A 50 -6.45 -5.81 0.11
CA THR A 50 -7.72 -5.14 0.36
C THR A 50 -8.84 -5.77 -0.44
N GLN A 51 -10.05 -5.29 -0.24
CA GLN A 51 -11.22 -5.80 -0.94
C GLN A 51 -11.11 -5.54 -2.44
N ARG A 52 -12.06 -6.07 -3.20
CA ARG A 52 -12.06 -5.90 -4.65
C ARG A 52 -13.07 -4.84 -5.08
N VAL A 53 -12.60 -3.84 -5.83
CA VAL A 53 -13.46 -2.76 -6.30
C VAL A 53 -13.30 -2.55 -7.79
N PRO A 54 -14.38 -2.05 -8.44
CA PRO A 54 -14.38 -1.78 -9.88
C PRO A 54 -13.48 -0.60 -10.25
N CYS A 55 -12.81 -0.71 -11.39
CA CYS A 55 -11.92 0.34 -11.85
C CYS A 55 -12.62 1.69 -11.84
N SER A 56 -13.83 1.73 -12.40
CA SER A 56 -14.61 2.95 -12.46
C SER A 56 -14.62 3.65 -11.11
N ASN A 57 -14.70 2.87 -10.04
CA ASN A 57 -14.72 3.42 -8.69
C ASN A 57 -13.74 2.68 -7.79
N PRO A 58 -12.48 3.15 -7.79
CA PRO A 58 -11.41 2.55 -6.97
C PRO A 58 -11.61 2.79 -5.49
N ARG A 59 -12.72 3.43 -5.13
CA ARG A 59 -13.02 3.73 -3.74
C ARG A 59 -13.01 2.47 -2.89
N TRP A 60 -11.99 2.32 -2.06
CA TRP A 60 -11.86 1.16 -1.20
C TRP A 60 -12.48 1.43 0.17
N ASN A 61 -12.07 2.51 0.81
CA ASN A 61 -12.59 2.89 2.13
C ASN A 61 -12.67 1.66 3.03
N GLU A 62 -11.58 0.90 3.10
CA GLU A 62 -11.53 -0.30 3.93
C GLU A 62 -10.41 -0.20 4.96
N TRP A 63 -10.70 -0.63 6.19
CA TRP A 63 -9.73 -0.58 7.27
C TRP A 63 -8.83 -1.80 7.24
N LEU A 64 -7.57 -1.61 6.84
CA LEU A 64 -6.61 -2.70 6.77
C LEU A 64 -5.73 -2.73 8.02
N ASN A 65 -5.74 -3.87 8.70
CA ASN A 65 -4.94 -4.04 9.91
C ASN A 65 -3.67 -4.83 9.62
N TYR A 66 -2.60 -4.47 10.32
CA TYR A 66 -1.31 -5.14 10.12
C TYR A 66 -0.92 -5.93 11.38
N ASP A 67 -0.53 -7.19 11.18
CA ASP A 67 -0.13 -8.03 12.30
C ASP A 67 1.33 -7.79 12.68
N ILE A 68 1.69 -6.51 12.80
CA ILE A 68 3.06 -6.14 13.16
C ILE A 68 3.11 -5.48 14.53
N TYR A 69 4.31 -5.32 15.07
CA TYR A 69 4.50 -4.69 16.37
C TYR A 69 5.26 -3.37 16.25
N ILE A 70 4.71 -2.33 16.85
CA ILE A 70 5.34 -1.02 16.82
C ILE A 70 6.71 -1.04 17.49
N PRO A 71 6.75 -1.52 18.74
CA PRO A 71 7.98 -1.60 19.53
C PRO A 71 8.93 -2.67 18.99
N ASP A 72 8.51 -3.36 17.93
CA ASP A 72 9.32 -4.41 17.32
C ASP A 72 9.67 -4.05 15.88
N LEU A 73 8.99 -3.04 15.34
CA LEU A 73 9.23 -2.61 13.97
C LEU A 73 10.55 -1.88 13.86
N PRO A 74 11.50 -2.47 13.09
CA PRO A 74 12.83 -1.90 12.88
C PRO A 74 12.78 -0.65 12.02
N ARG A 75 13.68 0.30 12.31
CA ARG A 75 13.74 1.55 11.56
C ARG A 75 14.00 1.28 10.08
N ALA A 76 14.89 0.34 9.80
CA ALA A 76 15.23 -0.01 8.42
C ALA A 76 13.98 -0.40 7.64
N ALA A 77 13.01 -0.98 8.34
CA ALA A 77 11.77 -1.41 7.71
C ALA A 77 10.93 -0.21 7.27
N ARG A 78 9.91 -0.47 6.46
CA ARG A 78 9.05 0.60 5.96
C ARG A 78 7.75 0.03 5.40
N LEU A 79 6.83 0.91 5.05
CA LEU A 79 5.53 0.49 4.50
C LEU A 79 5.56 0.50 2.98
N CYS A 80 4.89 -0.49 2.38
CA CYS A 80 4.84 -0.59 0.92
C CYS A 80 3.40 -0.76 0.45
N LEU A 81 3.11 -0.23 -0.75
CA LEU A 81 1.78 -0.32 -1.32
C LEU A 81 1.82 -0.24 -2.83
N SER A 82 1.04 -1.08 -3.50
CA SER A 82 1.00 -1.09 -4.96
C SER A 82 -0.38 -1.52 -5.45
N ILE A 83 -0.79 -0.95 -6.59
CA ILE A 83 -2.09 -1.26 -7.17
C ILE A 83 -1.97 -2.39 -8.19
N CYS A 84 -2.99 -3.25 -8.24
CA CYS A 84 -3.00 -4.37 -9.17
C CYS A 84 -4.38 -4.54 -9.79
N SER A 85 -4.41 -4.96 -11.05
CA SER A 85 -5.66 -5.17 -11.76
C SER A 85 -5.93 -6.65 -11.99
N VAL A 86 -7.07 -7.12 -11.51
CA VAL A 86 -7.44 -8.52 -11.66
C VAL A 86 -8.54 -8.69 -12.70
N LYS A 87 -8.26 -9.49 -13.72
CA LYS A 87 -9.22 -9.73 -14.80
C LYS A 87 -9.28 -11.21 -15.14
N GLY A 88 -10.47 -11.69 -15.49
CA GLY A 88 -10.64 -13.08 -15.85
C GLY A 88 -12.10 -13.45 -16.04
N ARG A 89 -12.34 -14.68 -16.48
CA ARG A 89 -13.70 -15.16 -16.71
C ARG A 89 -14.15 -16.08 -15.58
N LYS A 90 -15.43 -16.43 -15.58
CA LYS A 90 -15.99 -17.30 -14.55
C LYS A 90 -15.39 -18.70 -14.65
N GLY A 91 -15.45 -19.29 -15.84
CA GLY A 91 -14.92 -20.61 -16.04
C GLY A 91 -13.41 -20.61 -16.20
N ALA A 92 -12.82 -19.42 -16.18
CA ALA A 92 -11.37 -19.29 -16.32
C ALA A 92 -10.75 -18.66 -15.07
N LYS A 93 -9.43 -18.53 -15.08
CA LYS A 93 -8.72 -17.94 -13.94
C LYS A 93 -8.55 -16.44 -14.14
N GLU A 94 -8.09 -15.75 -13.10
CA GLU A 94 -7.89 -14.31 -13.14
C GLU A 94 -6.41 -13.98 -13.30
N GLU A 95 -6.12 -12.76 -13.74
CA GLU A 95 -4.75 -12.32 -13.93
C GLU A 95 -4.49 -11.01 -13.19
N HIS A 96 -3.54 -11.06 -12.26
CA HIS A 96 -3.19 -9.87 -11.48
C HIS A 96 -1.94 -9.20 -12.03
N CYS A 97 -2.06 -7.92 -12.35
CA CYS A 97 -0.95 -7.16 -12.90
C CYS A 97 -0.83 -5.80 -12.22
N PRO A 98 0.35 -5.53 -11.64
CA PRO A 98 0.62 -4.26 -10.94
C PRO A 98 0.71 -3.08 -11.90
N LEU A 99 0.21 -1.93 -11.47
CA LEU A 99 0.23 -0.72 -12.30
C LEU A 99 1.25 0.28 -11.76
N ALA A 100 1.23 0.48 -10.45
CA ALA A 100 2.16 1.42 -9.82
C ALA A 100 2.71 0.84 -8.52
N TRP A 101 3.60 1.59 -7.87
CA TRP A 101 4.19 1.16 -6.61
C TRP A 101 4.63 2.36 -5.78
N GLY A 102 4.38 2.30 -4.47
CA GLY A 102 4.76 3.39 -3.60
C GLY A 102 5.18 2.89 -2.23
N ASN A 103 6.24 3.48 -1.69
CA ASN A 103 6.75 3.10 -0.37
C ASN A 103 6.77 4.30 0.57
N ILE A 104 6.42 4.07 1.83
CA ILE A 104 6.40 5.13 2.83
C ILE A 104 7.32 4.80 3.99
N ASN A 105 8.03 5.81 4.48
CA ASN A 105 8.96 5.62 5.59
C ASN A 105 8.20 5.53 6.92
N LEU A 106 7.79 4.32 7.27
CA LEU A 106 7.07 4.08 8.52
C LEU A 106 7.54 5.03 9.61
N PHE A 107 8.85 5.32 9.62
CA PHE A 107 9.43 6.21 10.62
C PHE A 107 9.86 7.53 9.98
N ASP A 108 9.27 8.61 10.45
CA ASP A 108 9.58 9.95 9.93
C ASP A 108 11.08 10.20 9.97
N TYR A 109 11.49 11.41 9.60
CA TYR A 109 12.90 11.78 9.59
C TYR A 109 13.41 12.03 11.01
N THR A 110 12.56 11.75 11.99
CA THR A 110 12.92 11.95 13.39
C THR A 110 12.65 10.70 14.20
N ASP A 111 12.50 9.56 13.52
CA ASP A 111 12.24 8.30 14.19
C ASP A 111 10.88 8.32 14.87
N THR A 112 9.94 9.09 14.32
CA THR A 112 8.61 9.19 14.88
C THR A 112 7.56 8.71 13.89
N LEU A 113 7.01 7.53 14.15
CA LEU A 113 6.00 6.95 13.27
C LEU A 113 5.08 8.03 12.72
N VAL A 114 4.68 7.87 11.46
CA VAL A 114 3.81 8.83 10.80
C VAL A 114 2.40 8.76 11.37
N SER A 115 1.55 9.73 11.00
CA SER A 115 0.18 9.77 11.47
C SER A 115 -0.63 10.80 10.69
N GLY A 116 -1.96 10.71 10.79
CA GLY A 116 -2.82 11.63 10.09
C GLY A 116 -2.94 11.32 8.61
N LYS A 117 -4.13 11.47 8.07
CA LYS A 117 -4.37 11.19 6.65
C LYS A 117 -3.26 11.79 5.79
N MET A 118 -2.98 11.13 4.66
CA MET A 118 -1.95 11.61 3.75
C MET A 118 -2.15 11.03 2.36
N ALA A 119 -1.65 11.73 1.34
CA ALA A 119 -1.77 11.28 -0.03
C ALA A 119 -0.50 11.55 -0.82
N LEU A 120 0.05 10.52 -1.45
CA LEU A 120 1.27 10.65 -2.24
C LEU A 120 1.15 9.91 -3.56
N ASN A 121 1.90 10.36 -4.55
CA ASN A 121 1.88 9.75 -5.87
C ASN A 121 2.72 8.47 -5.90
N LEU A 122 2.44 7.60 -6.86
CA LEU A 122 3.18 6.34 -6.98
C LEU A 122 3.95 6.29 -8.30
N TRP A 123 5.09 5.62 -8.28
CA TRP A 123 5.92 5.49 -9.47
C TRP A 123 5.47 4.32 -10.34
N PRO A 124 5.68 4.44 -11.65
CA PRO A 124 5.29 3.39 -12.61
C PRO A 124 6.15 2.14 -12.49
N VAL A 125 5.52 0.98 -12.58
CA VAL A 125 6.23 -0.29 -12.47
C VAL A 125 7.20 -0.47 -13.63
N PRO A 126 8.37 -1.06 -13.33
CA PRO A 126 9.41 -1.29 -14.33
C PRO A 126 9.02 -2.39 -15.32
N HIS A 127 9.57 -2.31 -16.53
CA HIS A 127 9.28 -3.28 -17.58
C HIS A 127 9.51 -4.70 -17.06
N GLY A 128 8.77 -5.66 -17.64
CA GLY A 128 8.91 -7.04 -17.22
C GLY A 128 8.94 -7.20 -15.72
N LEU A 129 7.77 -7.20 -15.10
CA LEU A 129 7.67 -7.34 -13.65
C LEU A 129 6.78 -8.53 -13.28
N GLU A 130 7.40 -9.56 -12.73
CA GLU A 130 6.66 -10.76 -12.33
C GLU A 130 5.95 -10.54 -11.00
N ASP A 131 6.69 -10.11 -9.99
CA ASP A 131 6.13 -9.86 -8.68
C ASP A 131 5.02 -8.81 -8.75
N LEU A 132 4.15 -8.80 -7.74
CA LEU A 132 3.06 -7.85 -7.69
C LEU A 132 3.45 -6.59 -6.91
N LEU A 133 4.07 -6.80 -5.76
CA LEU A 133 4.50 -5.69 -4.92
C LEU A 133 6.01 -5.47 -5.04
N ASN A 134 6.41 -4.21 -5.09
CA ASN A 134 7.83 -3.87 -5.22
C ASN A 134 8.37 -3.34 -3.88
N PRO A 135 8.91 -4.25 -3.07
CA PRO A 135 9.48 -3.91 -1.77
C PRO A 135 10.78 -3.11 -1.88
N ILE A 136 11.44 -3.24 -3.02
CA ILE A 136 12.69 -2.54 -3.26
C ILE A 136 12.42 -1.10 -3.73
N GLY A 137 11.23 -0.88 -4.28
CA GLY A 137 10.88 0.46 -4.75
C GLY A 137 11.43 1.55 -3.86
N VAL A 138 11.65 2.72 -4.45
CA VAL A 138 12.19 3.86 -3.70
C VAL A 138 11.16 4.40 -2.71
N THR A 139 11.59 5.34 -1.89
CA THR A 139 10.72 5.94 -0.89
C THR A 139 10.48 7.42 -1.17
N GLY A 140 9.47 7.99 -0.52
CA GLY A 140 9.17 9.40 -0.72
C GLY A 140 8.01 9.61 -1.68
N SER A 141 7.39 10.78 -1.61
CA SER A 141 6.26 11.10 -2.47
C SER A 141 6.74 11.41 -3.89
N ASN A 142 6.11 10.78 -4.88
CA ASN A 142 6.47 10.99 -6.27
C ASN A 142 6.04 12.38 -6.74
N PRO A 143 7.02 13.20 -7.14
CA PRO A 143 6.77 14.56 -7.61
C PRO A 143 6.07 14.59 -8.97
N ASN A 144 5.75 13.40 -9.49
CA ASN A 144 5.08 13.27 -10.78
C ASN A 144 3.56 13.27 -10.60
N LYS A 145 2.91 14.28 -11.14
CA LYS A 145 1.45 14.39 -11.04
C LYS A 145 0.77 13.43 -12.02
N GLU A 146 1.27 13.38 -13.25
CA GLU A 146 0.71 12.52 -14.26
C GLU A 146 0.53 11.10 -13.74
N THR A 147 1.35 10.73 -12.76
CA THR A 147 1.28 9.40 -12.16
C THR A 147 0.13 9.31 -11.16
N PRO A 148 -0.40 8.09 -10.98
CA PRO A 148 -1.51 7.84 -10.06
C PRO A 148 -1.09 7.97 -8.61
N CYS A 149 -2.01 8.44 -7.78
CA CYS A 149 -1.74 8.61 -6.35
C CYS A 149 -2.74 7.85 -5.51
N LEU A 150 -2.30 7.38 -4.34
CA LEU A 150 -3.16 6.63 -3.43
C LEU A 150 -3.31 7.35 -2.10
N GLU A 151 -4.46 7.16 -1.44
CA GLU A 151 -4.72 7.79 -0.16
C GLU A 151 -4.79 6.75 0.96
N LEU A 152 -4.22 7.08 2.11
CA LEU A 152 -4.21 6.18 3.25
C LEU A 152 -4.24 6.96 4.56
N GLU A 153 -4.81 6.34 5.59
CA GLU A 153 -4.90 6.97 6.90
C GLU A 153 -4.15 6.15 7.96
N PHE A 154 -3.20 6.78 8.63
CA PHE A 154 -2.41 6.12 9.66
C PHE A 154 -3.13 6.18 11.01
N ASP A 155 -3.53 5.02 11.52
CA ASP A 155 -4.21 4.94 12.80
C ASP A 155 -3.48 4.00 13.75
N TRP A 156 -3.22 4.46 14.96
CA TRP A 156 -2.53 3.65 15.97
C TRP A 156 -3.35 3.56 17.24
N PHE A 157 -4.33 2.66 17.25
CA PHE A 157 -5.18 2.47 18.42
C PHE A 157 -4.48 1.63 19.48
N SER A 158 -4.02 0.45 19.08
CA SER A 158 -3.33 -0.45 20.00
C SER A 158 -2.83 -1.69 19.25
N GLY A 1 -9.92 -4.53 32.60
CA GLY A 1 -9.36 -5.20 33.76
C GLY A 1 -8.35 -4.35 34.49
N SER A 2 -7.34 -5.00 35.08
CA SER A 2 -6.30 -4.30 35.83
C SER A 2 -4.93 -4.57 35.21
N SER A 3 -4.54 -3.74 34.24
CA SER A 3 -3.26 -3.88 33.58
C SER A 3 -2.80 -2.56 32.98
N GLY A 4 -1.49 -2.33 32.98
CA GLY A 4 -0.95 -1.11 32.43
C GLY A 4 -0.65 -1.21 30.95
N SER A 5 -1.36 -0.41 30.16
CA SER A 5 -1.17 -0.42 28.71
C SER A 5 0.10 0.32 28.32
N SER A 6 0.78 -0.18 27.29
CA SER A 6 2.03 0.42 26.82
C SER A 6 1.74 1.55 25.82
N GLY A 7 0.98 1.22 24.78
CA GLY A 7 0.64 2.21 23.77
C GLY A 7 0.54 1.60 22.38
N ASN A 8 1.20 2.21 21.41
CA ASN A 8 1.17 1.74 20.04
C ASN A 8 1.79 0.35 19.94
N SER A 9 0.94 -0.66 19.79
CA SER A 9 1.39 -2.05 19.69
C SER A 9 0.99 -2.65 18.34
N ALA A 10 -0.17 -2.25 17.84
CA ALA A 10 -0.66 -2.75 16.57
C ALA A 10 -0.79 -1.62 15.55
N LEU A 11 -0.44 -1.91 14.31
CA LEU A 11 -0.51 -0.92 13.23
C LEU A 11 -1.71 -1.18 12.34
N ARG A 12 -2.42 -0.11 11.97
CA ARG A 12 -3.59 -0.21 11.12
C ARG A 12 -3.70 0.98 10.18
N ILE A 13 -4.06 0.73 8.93
CA ILE A 13 -4.20 1.79 7.94
C ILE A 13 -5.42 1.58 7.07
N LYS A 14 -6.14 2.65 6.79
CA LYS A 14 -7.34 2.58 5.96
C LYS A 14 -7.14 3.34 4.65
N ILE A 15 -7.60 2.75 3.56
CA ILE A 15 -7.48 3.37 2.24
C ILE A 15 -8.78 4.06 1.84
N LEU A 16 -8.65 5.18 1.14
CA LEU A 16 -9.82 5.93 0.69
C LEU A 16 -10.07 5.71 -0.80
N CYS A 17 -9.16 6.22 -1.63
CA CYS A 17 -9.28 6.07 -3.08
C CYS A 17 -7.99 6.51 -3.77
N ALA A 18 -7.95 6.32 -5.09
CA ALA A 18 -6.78 6.69 -5.87
C ALA A 18 -7.18 7.34 -7.20
N THR A 19 -6.30 8.17 -7.74
CA THR A 19 -6.57 8.86 -8.99
C THR A 19 -5.40 8.70 -9.96
N TYR A 20 -5.65 8.96 -11.24
CA TYR A 20 -4.61 8.85 -12.26
C TYR A 20 -4.13 7.42 -12.40
N VAL A 21 -5.08 6.49 -12.54
CA VAL A 21 -4.76 5.08 -12.68
C VAL A 21 -4.42 4.74 -14.13
N ASN A 22 -3.79 3.58 -14.33
CA ASN A 22 -3.41 3.14 -15.67
C ASN A 22 -4.58 2.44 -16.36
N VAL A 23 -5.79 2.92 -16.10
CA VAL A 23 -6.99 2.34 -16.69
C VAL A 23 -7.43 3.13 -17.92
N ASN A 24 -6.97 2.69 -19.10
CA ASN A 24 -7.32 3.36 -20.34
C ASN A 24 -8.32 2.54 -21.14
N ILE A 25 -8.42 1.26 -20.80
CA ILE A 25 -9.34 0.35 -21.49
C ILE A 25 -10.56 0.07 -20.63
N ARG A 26 -11.46 -0.78 -21.14
CA ARG A 26 -12.67 -1.14 -20.42
C ARG A 26 -12.82 -2.66 -20.35
N ASP A 27 -11.86 -3.32 -19.74
CA ASP A 27 -11.89 -4.78 -19.61
C ASP A 27 -11.72 -5.19 -18.14
N ILE A 28 -10.95 -4.41 -17.40
CA ILE A 28 -10.70 -4.69 -15.99
C ILE A 28 -12.02 -4.76 -15.21
N ASP A 29 -12.30 -5.92 -14.64
CA ASP A 29 -13.51 -6.12 -13.86
C ASP A 29 -13.42 -5.43 -12.51
N LYS A 30 -12.39 -5.77 -11.75
CA LYS A 30 -12.17 -5.19 -10.43
C LYS A 30 -10.69 -4.95 -10.17
N ILE A 31 -10.39 -4.28 -9.06
CA ILE A 31 -9.00 -3.99 -8.71
C ILE A 31 -8.79 -4.12 -7.20
N TYR A 32 -7.53 -4.26 -6.79
CA TYR A 32 -7.20 -4.39 -5.38
C TYR A 32 -5.80 -3.86 -5.10
N VAL A 33 -5.58 -3.41 -3.87
CA VAL A 33 -4.28 -2.89 -3.47
C VAL A 33 -3.51 -3.87 -2.59
N ARG A 34 -2.23 -4.02 -2.86
CA ARG A 34 -1.38 -4.94 -2.10
C ARG A 34 -0.40 -4.17 -1.22
N THR A 35 -0.49 -4.39 0.09
CA THR A 35 0.39 -3.71 1.03
C THR A 35 1.25 -4.72 1.80
N GLY A 36 2.34 -4.24 2.39
CA GLY A 36 3.22 -5.10 3.14
C GLY A 36 4.52 -4.41 3.52
N ILE A 37 5.03 -4.73 4.71
CA ILE A 37 6.27 -4.13 5.20
C ILE A 37 7.45 -5.06 4.93
N TYR A 38 8.55 -4.47 4.47
CA TYR A 38 9.76 -5.24 4.18
C TYR A 38 10.97 -4.63 4.87
N HIS A 39 11.94 -5.47 5.21
CA HIS A 39 13.15 -5.02 5.87
C HIS A 39 14.39 -5.38 5.06
N GLY A 40 14.91 -4.42 4.30
CA GLY A 40 16.08 -4.66 3.49
C GLY A 40 15.77 -5.51 2.26
N GLY A 41 14.71 -5.15 1.55
CA GLY A 41 14.32 -5.89 0.37
C GLY A 41 13.84 -7.29 0.69
N GLU A 42 13.18 -7.43 1.83
CA GLU A 42 12.66 -8.73 2.25
C GLU A 42 11.36 -8.56 3.04
N PRO A 43 10.43 -9.52 2.84
CA PRO A 43 9.14 -9.50 3.52
C PRO A 43 9.25 -9.79 5.02
N LEU A 44 8.34 -9.23 5.79
CA LEU A 44 8.34 -9.41 7.24
C LEU A 44 7.23 -10.38 7.67
N CYS A 45 6.08 -10.25 7.03
CA CYS A 45 4.93 -11.10 7.34
C CYS A 45 3.97 -11.18 6.15
N ASP A 46 3.05 -12.14 6.20
CA ASP A 46 2.08 -12.33 5.13
C ASP A 46 1.54 -10.98 4.66
N ASN A 47 1.65 -10.73 3.36
CA ASN A 47 1.17 -9.49 2.77
C ASN A 47 -0.33 -9.32 2.98
N VAL A 48 -0.79 -8.08 3.00
CA VAL A 48 -2.20 -7.80 3.19
C VAL A 48 -2.83 -7.25 1.90
N ASN A 49 -4.03 -7.73 1.59
CA ASN A 49 -4.74 -7.30 0.39
C ASN A 49 -6.07 -6.65 0.75
N THR A 50 -6.48 -5.67 -0.06
CA THR A 50 -7.73 -4.96 0.18
C THR A 50 -8.86 -5.56 -0.66
N GLN A 51 -10.10 -5.17 -0.34
CA GLN A 51 -11.26 -5.68 -1.06
C GLN A 51 -11.11 -5.44 -2.56
N ARG A 52 -12.09 -5.91 -3.32
CA ARG A 52 -12.07 -5.76 -4.77
C ARG A 52 -13.08 -4.69 -5.21
N VAL A 53 -12.56 -3.55 -5.66
CA VAL A 53 -13.40 -2.46 -6.11
C VAL A 53 -13.22 -2.20 -7.60
N PRO A 54 -14.27 -1.67 -8.25
CA PRO A 54 -14.25 -1.38 -9.68
C PRO A 54 -13.34 -0.20 -10.02
N CYS A 55 -12.55 -0.36 -11.08
CA CYS A 55 -11.62 0.68 -11.50
C CYS A 55 -12.30 2.04 -11.51
N SER A 56 -13.50 2.10 -12.10
CA SER A 56 -14.26 3.34 -12.19
C SER A 56 -14.38 4.00 -10.82
N ASN A 57 -14.39 3.18 -9.77
CA ASN A 57 -14.49 3.68 -8.41
C ASN A 57 -13.48 3.01 -7.50
N PRO A 58 -12.27 3.59 -7.43
CA PRO A 58 -11.18 3.06 -6.60
C PRO A 58 -11.45 3.24 -5.11
N ARG A 59 -12.62 3.76 -4.79
CA ARG A 59 -13.00 4.00 -3.40
C ARG A 59 -12.98 2.69 -2.61
N TRP A 60 -11.95 2.50 -1.80
CA TRP A 60 -11.82 1.29 -1.00
C TRP A 60 -12.47 1.47 0.37
N ASN A 61 -12.19 2.60 1.01
CA ASN A 61 -12.75 2.89 2.33
C ASN A 61 -12.80 1.64 3.19
N GLU A 62 -11.68 0.90 3.22
CA GLU A 62 -11.60 -0.32 4.01
C GLU A 62 -10.47 -0.23 5.03
N TRP A 63 -10.75 -0.66 6.25
CA TRP A 63 -9.76 -0.63 7.32
C TRP A 63 -8.81 -1.82 7.23
N LEU A 64 -7.61 -1.58 6.75
CA LEU A 64 -6.61 -2.63 6.60
C LEU A 64 -5.75 -2.74 7.86
N ASN A 65 -5.76 -3.92 8.47
CA ASN A 65 -4.98 -4.16 9.68
C ASN A 65 -3.69 -4.91 9.37
N TYR A 66 -2.59 -4.44 9.91
CA TYR A 66 -1.29 -5.07 9.69
C TYR A 66 -0.89 -5.94 10.87
N ASP A 67 -0.47 -7.17 10.58
CA ASP A 67 -0.05 -8.09 11.63
C ASP A 67 1.37 -7.80 12.09
N ILE A 68 1.68 -6.51 12.24
CA ILE A 68 3.01 -6.10 12.68
C ILE A 68 2.96 -5.47 14.07
N TYR A 69 4.11 -5.40 14.73
CA TYR A 69 4.20 -4.82 16.06
C TYR A 69 5.01 -3.53 16.04
N ILE A 70 4.39 -2.44 16.49
CA ILE A 70 5.05 -1.15 16.52
C ILE A 70 6.38 -1.23 17.28
N PRO A 71 6.32 -1.74 18.52
CA PRO A 71 7.51 -1.88 19.37
C PRO A 71 8.45 -2.96 18.86
N ASP A 72 8.12 -3.55 17.71
CA ASP A 72 8.94 -4.59 17.13
C ASP A 72 9.31 -4.25 15.69
N LEU A 73 8.78 -3.13 15.20
CA LEU A 73 9.05 -2.68 13.84
C LEU A 73 10.44 -2.06 13.74
N PRO A 74 11.35 -2.73 13.00
CA PRO A 74 12.71 -2.25 12.81
C PRO A 74 12.78 -1.00 11.95
N ARG A 75 13.53 -0.01 12.41
CA ARG A 75 13.68 1.25 11.69
C ARG A 75 13.94 0.99 10.21
N ALA A 76 14.79 0.01 9.92
CA ALA A 76 15.13 -0.34 8.55
C ALA A 76 13.87 -0.67 7.74
N ALA A 77 12.98 -1.43 8.35
CA ALA A 77 11.73 -1.82 7.68
C ALA A 77 10.96 -0.59 7.22
N ARG A 78 9.98 -0.81 6.35
CA ARG A 78 9.17 0.27 5.81
C ARG A 78 7.90 -0.26 5.18
N LEU A 79 7.01 0.64 4.78
CA LEU A 79 5.75 0.26 4.16
C LEU A 79 5.88 0.26 2.63
N CYS A 80 5.29 -0.75 2.00
CA CYS A 80 5.33 -0.87 0.55
C CYS A 80 3.97 -1.26 0.00
N LEU A 81 3.47 -0.47 -0.96
CA LEU A 81 2.18 -0.74 -1.58
C LEU A 81 2.27 -0.66 -3.09
N SER A 82 1.29 -1.25 -3.77
CA SER A 82 1.26 -1.25 -5.23
C SER A 82 -0.11 -1.68 -5.74
N ILE A 83 -0.64 -0.91 -6.69
CA ILE A 83 -1.95 -1.21 -7.27
C ILE A 83 -1.84 -2.23 -8.39
N CYS A 84 -2.84 -3.10 -8.50
CA CYS A 84 -2.84 -4.13 -9.53
C CYS A 84 -4.27 -4.45 -9.98
N SER A 85 -4.40 -4.94 -11.21
CA SER A 85 -5.71 -5.28 -11.75
C SER A 85 -5.92 -6.78 -11.79
N VAL A 86 -7.17 -7.21 -11.67
CA VAL A 86 -7.51 -8.62 -11.69
C VAL A 86 -8.72 -8.89 -12.57
N LYS A 87 -8.56 -9.80 -13.54
CA LYS A 87 -9.65 -10.14 -14.45
C LYS A 87 -9.50 -11.57 -14.94
N GLY A 88 -10.60 -12.33 -14.92
CA GLY A 88 -10.56 -13.70 -15.37
C GLY A 88 -11.90 -14.16 -15.93
N ARG A 89 -12.30 -15.38 -15.58
CA ARG A 89 -13.56 -15.94 -16.05
C ARG A 89 -14.15 -16.90 -15.02
N LYS A 90 -15.41 -17.25 -15.21
CA LYS A 90 -16.09 -18.17 -14.30
C LYS A 90 -15.42 -19.55 -14.30
N GLY A 91 -14.94 -19.97 -13.14
CA GLY A 91 -14.29 -21.26 -13.04
C GLY A 91 -12.82 -21.21 -13.43
N ALA A 92 -12.49 -20.28 -14.31
CA ALA A 92 -11.10 -20.12 -14.76
C ALA A 92 -10.34 -19.15 -13.87
N LYS A 93 -9.01 -19.22 -13.91
CA LYS A 93 -8.17 -18.36 -13.11
C LYS A 93 -8.22 -16.92 -13.62
N GLU A 94 -7.66 -15.99 -12.84
CA GLU A 94 -7.66 -14.58 -13.22
C GLU A 94 -6.25 -14.16 -13.65
N GLU A 95 -6.10 -12.86 -13.93
CA GLU A 95 -4.81 -12.32 -14.34
C GLU A 95 -4.44 -11.09 -13.53
N HIS A 96 -3.25 -11.12 -12.93
CA HIS A 96 -2.77 -10.00 -12.11
C HIS A 96 -1.74 -9.18 -12.87
N CYS A 97 -1.95 -7.87 -12.91
CA CYS A 97 -1.03 -6.97 -13.60
C CYS A 97 -0.78 -5.72 -12.79
N PRO A 98 0.50 -5.44 -12.50
CA PRO A 98 0.90 -4.27 -11.72
C PRO A 98 0.69 -2.96 -12.47
N LEU A 99 0.49 -1.87 -11.74
CA LEU A 99 0.28 -0.57 -12.35
C LEU A 99 1.25 0.46 -11.78
N ALA A 100 1.32 0.54 -10.45
CA ALA A 100 2.21 1.47 -9.78
C ALA A 100 2.81 0.86 -8.53
N TRP A 101 3.60 1.65 -7.81
CA TRP A 101 4.23 1.18 -6.57
C TRP A 101 4.77 2.34 -5.76
N GLY A 102 4.36 2.40 -4.49
CA GLY A 102 4.80 3.48 -3.62
C GLY A 102 5.29 2.97 -2.28
N ASN A 103 6.46 3.45 -1.87
CA ASN A 103 7.05 3.03 -0.59
C ASN A 103 6.95 4.15 0.43
N ILE A 104 6.44 3.83 1.62
CA ILE A 104 6.31 4.80 2.69
C ILE A 104 7.11 4.41 3.92
N ASN A 105 8.07 5.24 4.30
CA ASN A 105 8.92 4.98 5.45
C ASN A 105 8.14 5.17 6.75
N LEU A 106 7.58 4.08 7.27
CA LEU A 106 6.82 4.13 8.52
C LEU A 106 7.40 5.15 9.47
N PHE A 107 8.73 5.27 9.48
CA PHE A 107 9.41 6.22 10.35
C PHE A 107 9.90 7.43 9.56
N ASP A 108 9.22 8.56 9.76
CA ASP A 108 9.57 9.79 9.06
C ASP A 108 11.03 10.15 9.31
N TYR A 109 11.46 11.29 8.78
CA TYR A 109 12.84 11.73 8.94
C TYR A 109 13.21 11.85 10.41
N THR A 110 12.27 12.33 11.21
CA THR A 110 12.49 12.49 12.64
C THR A 110 12.17 11.21 13.41
N ASP A 111 12.40 10.07 12.76
CA ASP A 111 12.12 8.78 13.36
C ASP A 111 10.86 8.83 14.22
N THR A 112 9.77 9.28 13.61
CA THR A 112 8.49 9.37 14.31
C THR A 112 7.36 8.78 13.50
N LEU A 113 6.75 7.71 14.01
CA LEU A 113 5.65 7.04 13.32
C LEU A 113 4.66 8.05 12.76
N VAL A 114 4.38 7.94 11.47
CA VAL A 114 3.45 8.86 10.81
C VAL A 114 2.07 8.82 11.48
N SER A 115 1.17 9.66 11.00
CA SER A 115 -0.18 9.73 11.56
C SER A 115 -1.06 10.67 10.73
N GLY A 116 -2.37 10.56 10.93
CA GLY A 116 -3.30 11.41 10.21
C GLY A 116 -3.35 11.07 8.73
N LYS A 117 -4.51 11.27 8.11
CA LYS A 117 -4.68 10.99 6.70
C LYS A 117 -3.44 11.40 5.90
N MET A 118 -3.28 10.80 4.72
CA MET A 118 -2.14 11.11 3.87
C MET A 118 -2.45 10.78 2.40
N ALA A 119 -1.93 11.58 1.50
CA ALA A 119 -2.14 11.38 0.07
C ALA A 119 -0.87 11.65 -0.73
N LEU A 120 -0.24 10.58 -1.21
CA LEU A 120 0.98 10.70 -1.99
C LEU A 120 0.85 9.99 -3.34
N ASN A 121 1.76 10.30 -4.26
CA ASN A 121 1.74 9.69 -5.58
C ASN A 121 2.63 8.45 -5.61
N LEU A 122 2.38 7.57 -6.58
CA LEU A 122 3.16 6.35 -6.72
C LEU A 122 3.98 6.37 -8.00
N TRP A 123 5.07 5.61 -8.02
CA TRP A 123 5.94 5.54 -9.18
C TRP A 123 5.44 4.49 -10.18
N PRO A 124 5.72 4.72 -11.47
CA PRO A 124 5.30 3.82 -12.55
C PRO A 124 6.07 2.50 -12.51
N VAL A 125 5.39 1.42 -12.89
CA VAL A 125 6.02 0.10 -12.90
C VAL A 125 7.03 -0.02 -14.04
N PRO A 126 8.26 -0.43 -13.69
CA PRO A 126 9.35 -0.59 -14.66
C PRO A 126 9.11 -1.78 -15.59
N HIS A 127 10.10 -2.08 -16.42
CA HIS A 127 10.02 -3.19 -17.36
C HIS A 127 10.65 -4.45 -16.77
N GLY A 128 11.73 -4.26 -16.02
CA GLY A 128 12.41 -5.39 -15.42
C GLY A 128 11.88 -5.73 -14.04
N LEU A 129 10.63 -6.16 -13.98
CA LEU A 129 10.00 -6.51 -12.72
C LEU A 129 8.99 -7.65 -12.90
N GLU A 130 9.15 -8.71 -12.10
CA GLU A 130 8.26 -9.86 -12.17
C GLU A 130 7.23 -9.82 -11.06
N ASP A 131 7.69 -9.56 -9.84
CA ASP A 131 6.80 -9.50 -8.68
C ASP A 131 5.90 -8.26 -8.76
N LEU A 132 4.65 -8.43 -8.30
CA LEU A 132 3.69 -7.33 -8.31
C LEU A 132 4.15 -6.19 -7.41
N LEU A 133 4.33 -6.50 -6.13
CA LEU A 133 4.75 -5.50 -5.16
C LEU A 133 6.28 -5.36 -5.16
N ASN A 134 6.75 -4.13 -5.30
CA ASN A 134 8.18 -3.86 -5.32
C ASN A 134 8.64 -3.25 -4.00
N PRO A 135 9.10 -4.11 -3.07
CA PRO A 135 9.57 -3.67 -1.76
C PRO A 135 10.89 -2.91 -1.83
N ILE A 136 11.58 -3.04 -2.97
CA ILE A 136 12.84 -2.36 -3.17
C ILE A 136 12.64 -0.94 -3.67
N GLY A 137 11.48 -0.70 -4.29
CA GLY A 137 11.17 0.62 -4.82
C GLY A 137 11.65 1.73 -3.90
N VAL A 138 11.95 2.89 -4.48
CA VAL A 138 12.42 4.03 -3.71
C VAL A 138 11.35 4.52 -2.75
N THR A 139 11.76 5.33 -1.77
CA THR A 139 10.83 5.86 -0.78
C THR A 139 10.60 7.36 -1.00
N GLY A 140 9.43 7.83 -0.60
CA GLY A 140 9.11 9.24 -0.76
C GLY A 140 8.00 9.47 -1.77
N SER A 141 7.14 10.44 -1.49
CA SER A 141 6.02 10.75 -2.38
C SER A 141 6.53 11.23 -3.74
N ASN A 142 6.22 10.46 -4.78
CA ASN A 142 6.64 10.82 -6.13
C ASN A 142 6.22 12.24 -6.49
N PRO A 143 7.16 13.04 -6.99
CA PRO A 143 6.91 14.42 -7.39
C PRO A 143 6.04 14.52 -8.63
N ASN A 144 6.09 13.49 -9.47
CA ASN A 144 5.29 13.47 -10.70
C ASN A 144 3.82 13.75 -10.40
N LYS A 145 3.17 14.45 -11.32
CA LYS A 145 1.76 14.79 -11.16
C LYS A 145 0.88 13.84 -11.95
N GLU A 146 1.35 13.44 -13.13
CA GLU A 146 0.60 12.53 -13.99
C GLU A 146 0.82 11.08 -13.57
N THR A 147 0.88 10.85 -12.26
CA THR A 147 1.09 9.51 -11.73
C THR A 147 -0.04 9.11 -10.79
N PRO A 148 -0.23 7.80 -10.63
CA PRO A 148 -1.29 7.25 -9.76
C PRO A 148 -0.99 7.48 -8.28
N CYS A 149 -1.93 8.11 -7.59
CA CYS A 149 -1.77 8.39 -6.16
C CYS A 149 -2.81 7.64 -5.34
N LEU A 150 -2.46 7.31 -4.11
CA LEU A 150 -3.36 6.60 -3.22
C LEU A 150 -3.49 7.31 -1.87
N GLU A 151 -4.72 7.43 -1.38
CA GLU A 151 -4.98 8.10 -0.12
C GLU A 151 -5.24 7.08 0.99
N LEU A 152 -4.46 7.18 2.07
CA LEU A 152 -4.61 6.26 3.19
C LEU A 152 -4.75 7.03 4.50
N GLU A 153 -5.11 6.31 5.56
CA GLU A 153 -5.29 6.92 6.88
C GLU A 153 -4.46 6.20 7.93
N PHE A 154 -3.63 6.97 8.64
CA PHE A 154 -2.78 6.41 9.67
C PHE A 154 -3.46 6.47 11.03
N ASP A 155 -3.67 5.30 11.64
CA ASP A 155 -4.31 5.22 12.95
C ASP A 155 -3.60 4.21 13.84
N TRP A 156 -3.42 4.58 15.11
CA TRP A 156 -2.75 3.72 16.07
C TRP A 156 -3.59 3.53 17.32
N PHE A 157 -4.55 2.62 17.26
CA PHE A 157 -5.43 2.34 18.39
C PHE A 157 -4.80 1.34 19.34
N SER A 158 -4.38 0.20 18.79
CA SER A 158 -3.76 -0.85 19.59
C SER A 158 -4.61 -1.17 20.82
N GLY A 1 -5.37 13.34 31.93
CA GLY A 1 -4.15 14.12 32.12
C GLY A 1 -2.92 13.25 32.21
N SER A 2 -2.62 12.54 31.12
CA SER A 2 -1.45 11.66 31.08
C SER A 2 -0.90 11.55 29.67
N SER A 3 0.36 11.92 29.49
CA SER A 3 1.00 11.87 28.19
C SER A 3 1.27 10.42 27.78
N GLY A 4 0.36 9.85 27.00
CA GLY A 4 0.52 8.48 26.55
C GLY A 4 -0.21 7.50 27.45
N SER A 5 -1.20 6.81 26.89
CA SER A 5 -1.97 5.83 27.64
C SER A 5 -1.96 4.47 26.95
N SER A 6 -2.34 4.46 25.68
CA SER A 6 -2.39 3.23 24.91
C SER A 6 -1.13 3.09 24.04
N GLY A 7 -0.26 2.16 24.42
CA GLY A 7 0.96 1.94 23.67
C GLY A 7 0.72 1.30 22.32
N ASN A 8 1.33 1.85 21.28
CA ASN A 8 1.17 1.31 19.93
C ASN A 8 1.60 -0.15 19.87
N SER A 9 0.67 -1.01 19.44
CA SER A 9 0.95 -2.44 19.34
C SER A 9 0.60 -2.96 17.95
N ALA A 10 -0.58 -2.58 17.46
CA ALA A 10 -1.02 -3.01 16.14
C ALA A 10 -1.28 -1.82 15.23
N LEU A 11 -0.59 -1.77 14.10
CA LEU A 11 -0.74 -0.68 13.15
C LEU A 11 -1.89 -0.94 12.19
N ARG A 12 -2.59 0.12 11.81
CA ARG A 12 -3.72 0.00 10.90
C ARG A 12 -3.67 1.09 9.83
N ILE A 13 -4.15 0.75 8.64
CA ILE A 13 -4.16 1.70 7.52
C ILE A 13 -5.38 1.49 6.64
N LYS A 14 -6.19 2.53 6.49
CA LYS A 14 -7.40 2.47 5.68
C LYS A 14 -7.18 3.19 4.35
N ILE A 15 -7.55 2.53 3.25
CA ILE A 15 -7.40 3.10 1.93
C ILE A 15 -8.68 3.79 1.48
N LEU A 16 -8.54 4.96 0.87
CA LEU A 16 -9.69 5.73 0.39
C LEU A 16 -9.97 5.42 -1.08
N CYS A 17 -9.10 5.92 -1.95
CA CYS A 17 -9.26 5.70 -3.39
C CYS A 17 -8.04 6.22 -4.15
N ALA A 18 -8.00 5.94 -5.44
CA ALA A 18 -6.89 6.37 -6.29
C ALA A 18 -7.37 7.30 -7.40
N THR A 19 -6.56 8.30 -7.71
CA THR A 19 -6.90 9.27 -8.75
C THR A 19 -5.98 9.12 -9.96
N TYR A 20 -6.56 9.16 -11.15
CA TYR A 20 -5.79 9.02 -12.38
C TYR A 20 -5.16 7.64 -12.49
N VAL A 21 -5.86 6.65 -11.96
CA VAL A 21 -5.37 5.27 -11.99
C VAL A 21 -4.72 4.95 -13.34
N ASN A 22 -3.92 3.89 -13.37
CA ASN A 22 -3.24 3.47 -14.59
C ASN A 22 -4.15 2.60 -15.45
N VAL A 23 -5.44 2.94 -15.47
CA VAL A 23 -6.41 2.19 -16.26
C VAL A 23 -6.34 2.58 -17.73
N ASN A 24 -5.14 2.50 -18.30
CA ASN A 24 -4.94 2.84 -19.71
C ASN A 24 -5.96 2.11 -20.59
N ILE A 25 -5.93 0.79 -20.54
CA ILE A 25 -6.84 -0.02 -21.33
C ILE A 25 -8.25 -0.02 -20.73
N ARG A 26 -9.21 -0.54 -21.49
CA ARG A 26 -10.59 -0.60 -21.03
C ARG A 26 -11.08 -2.04 -21.00
N ASP A 27 -10.23 -2.95 -20.56
CA ASP A 27 -10.58 -4.37 -20.49
C ASP A 27 -10.73 -4.81 -19.04
N ILE A 28 -9.96 -4.20 -18.15
CA ILE A 28 -9.99 -4.54 -16.74
C ILE A 28 -11.34 -4.16 -16.12
N ASP A 29 -11.82 -4.98 -15.21
CA ASP A 29 -13.10 -4.73 -14.53
C ASP A 29 -12.88 -4.49 -13.05
N LYS A 30 -12.20 -5.43 -12.39
CA LYS A 30 -11.93 -5.32 -10.97
C LYS A 30 -10.46 -5.01 -10.71
N ILE A 31 -10.17 -4.41 -9.56
CA ILE A 31 -8.81 -4.07 -9.19
C ILE A 31 -8.56 -4.31 -7.71
N TYR A 32 -7.29 -4.22 -7.31
CA TYR A 32 -6.92 -4.43 -5.91
C TYR A 32 -5.51 -3.89 -5.64
N VAL A 33 -5.26 -3.53 -4.39
CA VAL A 33 -3.96 -3.00 -3.99
C VAL A 33 -3.28 -3.91 -2.97
N ARG A 34 -1.99 -4.12 -3.14
CA ARG A 34 -1.22 -4.97 -2.23
C ARG A 34 -0.22 -4.15 -1.43
N THR A 35 -0.06 -4.49 -0.16
CA THR A 35 0.86 -3.78 0.73
C THR A 35 1.69 -4.75 1.55
N GLY A 36 2.61 -4.21 2.33
CA GLY A 36 3.46 -5.05 3.17
C GLY A 36 4.74 -4.35 3.57
N ILE A 37 5.26 -4.70 4.75
CA ILE A 37 6.48 -4.10 5.25
C ILE A 37 7.68 -4.98 4.97
N TYR A 38 8.75 -4.38 4.45
CA TYR A 38 9.97 -5.12 4.12
C TYR A 38 11.18 -4.47 4.79
N HIS A 39 12.18 -5.30 5.10
CA HIS A 39 13.40 -4.82 5.75
C HIS A 39 14.63 -5.27 4.98
N GLY A 40 15.20 -4.36 4.17
CA GLY A 40 16.37 -4.69 3.39
C GLY A 40 16.04 -5.56 2.19
N GLY A 41 14.91 -5.27 1.55
CA GLY A 41 14.51 -6.04 0.38
C GLY A 41 14.01 -7.42 0.74
N GLU A 42 13.37 -7.53 1.91
CA GLU A 42 12.85 -8.82 2.35
C GLU A 42 11.58 -8.62 3.19
N PRO A 43 10.60 -9.51 2.99
CA PRO A 43 9.32 -9.46 3.72
C PRO A 43 9.48 -9.81 5.19
N LEU A 44 8.63 -9.21 6.03
CA LEU A 44 8.68 -9.47 7.47
C LEU A 44 7.56 -10.44 7.88
N CYS A 45 6.37 -10.23 7.34
CA CYS A 45 5.23 -11.07 7.65
C CYS A 45 4.31 -11.21 6.44
N ASP A 46 3.34 -12.11 6.55
CA ASP A 46 2.38 -12.34 5.47
C ASP A 46 1.83 -11.02 4.94
N ASN A 47 1.94 -10.82 3.64
CA ASN A 47 1.44 -9.59 3.00
C ASN A 47 -0.06 -9.44 3.22
N VAL A 48 -0.55 -8.21 3.07
CA VAL A 48 -1.96 -7.92 3.25
C VAL A 48 -2.56 -7.29 2.01
N ASN A 49 -3.74 -7.75 1.62
CA ASN A 49 -4.42 -7.24 0.43
C ASN A 49 -5.78 -6.65 0.81
N THR A 50 -6.18 -5.59 0.09
CA THR A 50 -7.45 -4.94 0.34
C THR A 50 -8.57 -5.57 -0.49
N GLN A 51 -9.81 -5.16 -0.22
CA GLN A 51 -10.95 -5.70 -0.95
C GLN A 51 -10.80 -5.48 -2.44
N ARG A 52 -11.67 -6.11 -3.22
CA ARG A 52 -11.64 -5.99 -4.67
C ARG A 52 -12.70 -5.00 -5.16
N VAL A 53 -12.25 -3.85 -5.66
CA VAL A 53 -13.15 -2.83 -6.16
C VAL A 53 -13.02 -2.67 -7.67
N PRO A 54 -14.11 -2.24 -8.32
CA PRO A 54 -14.14 -2.04 -9.77
C PRO A 54 -13.29 -0.85 -10.21
N CYS A 55 -12.62 -1.00 -11.35
CA CYS A 55 -11.77 0.07 -11.87
C CYS A 55 -12.53 1.40 -11.92
N SER A 56 -13.78 1.34 -12.36
CA SER A 56 -14.61 2.53 -12.46
C SER A 56 -14.77 3.20 -11.09
N ASN A 57 -14.72 2.39 -10.04
CA ASN A 57 -14.86 2.89 -8.69
C ASN A 57 -13.76 2.35 -7.78
N PRO A 58 -12.60 3.02 -7.80
CA PRO A 58 -11.44 2.63 -6.99
C PRO A 58 -11.67 2.87 -5.51
N ARG A 59 -12.87 3.30 -5.16
CA ARG A 59 -13.21 3.57 -3.76
C ARG A 59 -13.10 2.31 -2.92
N TRP A 60 -12.12 2.29 -2.02
CA TRP A 60 -11.91 1.15 -1.15
C TRP A 60 -12.59 1.33 0.19
N ASN A 61 -12.13 2.32 0.96
CA ASN A 61 -12.71 2.61 2.26
C ASN A 61 -12.69 1.37 3.16
N GLU A 62 -11.56 0.67 3.17
CA GLU A 62 -11.42 -0.53 3.98
C GLU A 62 -10.29 -0.38 4.99
N TRP A 63 -10.54 -0.81 6.21
CA TRP A 63 -9.54 -0.72 7.27
C TRP A 63 -8.58 -1.90 7.22
N LEU A 64 -7.41 -1.68 6.63
CA LEU A 64 -6.40 -2.72 6.51
C LEU A 64 -5.51 -2.76 7.74
N ASN A 65 -5.66 -3.82 8.53
CA ASN A 65 -4.87 -3.98 9.75
C ASN A 65 -3.59 -4.76 9.47
N TYR A 66 -2.52 -4.41 10.17
CA TYR A 66 -1.24 -5.08 9.99
C TYR A 66 -0.87 -5.89 11.22
N ASP A 67 -0.43 -7.13 11.00
CA ASP A 67 -0.04 -8.02 12.08
C ASP A 67 1.40 -7.78 12.50
N ILE A 68 1.74 -6.52 12.74
CA ILE A 68 3.10 -6.15 13.14
C ILE A 68 3.11 -5.54 14.55
N TYR A 69 4.29 -5.44 15.13
CA TYR A 69 4.45 -4.87 16.47
C TYR A 69 5.27 -3.59 16.42
N ILE A 70 4.68 -2.49 16.86
CA ILE A 70 5.36 -1.20 16.87
C ILE A 70 6.71 -1.31 17.58
N PRO A 71 6.71 -1.83 18.81
CA PRO A 71 7.93 -2.00 19.60
C PRO A 71 8.84 -3.09 19.05
N ASP A 72 8.45 -3.66 17.91
CA ASP A 72 9.22 -4.72 17.27
C ASP A 72 9.56 -4.34 15.84
N LEU A 73 8.97 -3.25 15.36
CA LEU A 73 9.21 -2.80 13.99
C LEU A 73 10.50 -1.97 13.92
N PRO A 74 11.52 -2.54 13.26
CA PRO A 74 12.82 -1.88 13.10
C PRO A 74 12.75 -0.68 12.15
N ARG A 75 13.44 0.40 12.51
CA ARG A 75 13.46 1.60 11.70
C ARG A 75 13.78 1.27 10.24
N ALA A 76 14.68 0.32 10.04
CA ALA A 76 15.06 -0.09 8.69
C ALA A 76 13.84 -0.45 7.84
N ALA A 77 12.96 -1.26 8.41
CA ALA A 77 11.74 -1.67 7.71
C ALA A 77 10.89 -0.47 7.32
N ARG A 78 10.08 -0.63 6.29
CA ARG A 78 9.22 0.45 5.82
C ARG A 78 7.95 -0.11 5.18
N LEU A 79 7.00 0.78 4.89
CA LEU A 79 5.74 0.37 4.28
C LEU A 79 5.81 0.48 2.76
N CYS A 80 5.26 -0.52 2.08
CA CYS A 80 5.25 -0.53 0.62
C CYS A 80 3.89 -0.98 0.08
N LEU A 81 3.47 -0.37 -1.01
CA LEU A 81 2.18 -0.71 -1.62
C LEU A 81 2.26 -0.60 -3.15
N SER A 82 1.36 -1.30 -3.83
CA SER A 82 1.33 -1.30 -5.28
C SER A 82 -0.05 -1.67 -5.79
N ILE A 83 -0.53 -0.92 -6.78
CA ILE A 83 -1.84 -1.17 -7.36
C ILE A 83 -1.77 -2.24 -8.45
N CYS A 84 -2.74 -3.14 -8.45
CA CYS A 84 -2.79 -4.21 -9.44
C CYS A 84 -4.16 -4.30 -10.09
N SER A 85 -4.27 -5.11 -11.15
CA SER A 85 -5.54 -5.27 -11.85
C SER A 85 -5.94 -6.74 -11.90
N VAL A 86 -7.16 -7.03 -11.46
CA VAL A 86 -7.67 -8.39 -11.46
C VAL A 86 -8.90 -8.52 -12.36
N LYS A 87 -8.80 -9.40 -13.35
CA LYS A 87 -9.91 -9.62 -14.28
C LYS A 87 -9.95 -11.07 -14.73
N GLY A 88 -11.12 -11.70 -14.58
CA GLY A 88 -11.26 -13.08 -14.98
C GLY A 88 -12.61 -13.36 -15.63
N ARG A 89 -13.05 -14.61 -15.57
CA ARG A 89 -14.33 -15.00 -16.15
C ARG A 89 -15.04 -16.03 -15.28
N LYS A 90 -16.37 -15.98 -15.28
CA LYS A 90 -17.17 -16.91 -14.49
C LYS A 90 -16.62 -18.33 -14.60
N GLY A 91 -16.23 -18.90 -13.46
CA GLY A 91 -15.70 -20.25 -13.45
C GLY A 91 -14.21 -20.28 -13.73
N ALA A 92 -13.75 -19.36 -14.59
CA ALA A 92 -12.33 -19.30 -14.94
C ALA A 92 -11.55 -18.45 -13.93
N LYS A 93 -10.25 -18.63 -13.90
CA LYS A 93 -9.39 -17.89 -12.99
C LYS A 93 -9.26 -16.43 -13.44
N GLU A 94 -8.63 -15.61 -12.60
CA GLU A 94 -8.44 -14.20 -12.90
C GLU A 94 -7.00 -13.93 -13.33
N GLU A 95 -6.70 -12.65 -13.56
CA GLU A 95 -5.36 -12.25 -13.97
C GLU A 95 -4.89 -11.02 -13.19
N HIS A 96 -3.83 -11.20 -12.41
CA HIS A 96 -3.29 -10.11 -11.62
C HIS A 96 -2.09 -9.45 -12.33
N CYS A 97 -2.12 -8.14 -12.42
CA CYS A 97 -1.05 -7.39 -13.08
C CYS A 97 -0.76 -6.08 -12.34
N PRO A 98 0.53 -5.83 -12.07
CA PRO A 98 0.96 -4.61 -11.37
C PRO A 98 0.79 -3.36 -12.23
N LEU A 99 0.49 -2.25 -11.56
CA LEU A 99 0.30 -0.97 -12.26
C LEU A 99 1.27 0.08 -11.74
N ALA A 100 1.23 0.33 -10.44
CA ALA A 100 2.10 1.32 -9.82
C ALA A 100 2.74 0.77 -8.55
N TRP A 101 3.61 1.56 -7.93
CA TRP A 101 4.27 1.15 -6.70
C TRP A 101 4.71 2.36 -5.89
N GLY A 102 4.26 2.43 -4.64
CA GLY A 102 4.61 3.54 -3.78
C GLY A 102 4.99 3.10 -2.38
N ASN A 103 6.07 3.66 -1.86
CA ASN A 103 6.55 3.32 -0.52
C ASN A 103 6.45 4.51 0.42
N ILE A 104 6.50 4.25 1.72
CA ILE A 104 6.41 5.30 2.72
C ILE A 104 7.24 4.96 3.95
N ASN A 105 8.23 5.79 4.24
CA ASN A 105 9.11 5.57 5.39
C ASN A 105 8.30 5.56 6.68
N LEU A 106 7.89 4.36 7.10
CA LEU A 106 7.11 4.20 8.32
C LEU A 106 7.57 5.19 9.39
N PHE A 107 8.88 5.35 9.52
CA PHE A 107 9.45 6.26 10.50
C PHE A 107 9.95 7.53 9.83
N ASP A 108 9.24 8.64 10.06
CA ASP A 108 9.62 9.92 9.47
C ASP A 108 11.07 10.25 9.79
N TYR A 109 11.50 11.44 9.38
CA TYR A 109 12.86 11.89 9.62
C TYR A 109 13.20 11.84 11.11
N THR A 110 12.24 12.24 11.94
CA THR A 110 12.44 12.23 13.38
C THR A 110 12.10 10.87 13.98
N ASP A 111 12.37 9.82 13.22
CA ASP A 111 12.09 8.46 13.68
C ASP A 111 10.80 8.40 14.49
N THR A 112 9.74 8.98 13.95
CA THR A 112 8.45 9.00 14.61
C THR A 112 7.33 8.53 13.69
N LEU A 113 6.79 7.35 13.97
CA LEU A 113 5.71 6.79 13.16
C LEU A 113 4.80 7.90 12.64
N VAL A 114 4.40 7.77 11.37
CA VAL A 114 3.52 8.76 10.75
C VAL A 114 2.11 8.69 11.33
N SER A 115 1.28 9.64 10.96
CA SER A 115 -0.10 9.69 11.44
C SER A 115 -0.92 10.71 10.66
N GLY A 116 -2.25 10.55 10.70
CA GLY A 116 -3.12 11.46 10.00
C GLY A 116 -3.19 11.16 8.51
N LYS A 117 -4.36 11.37 7.92
CA LYS A 117 -4.57 11.11 6.49
C LYS A 117 -3.38 11.62 5.68
N MET A 118 -3.13 10.99 4.55
CA MET A 118 -2.02 11.37 3.67
C MET A 118 -2.24 10.86 2.25
N ALA A 119 -1.79 11.63 1.27
CA ALA A 119 -1.93 11.24 -0.13
C ALA A 119 -0.67 11.57 -0.92
N LEU A 120 -0.07 10.55 -1.53
CA LEU A 120 1.13 10.74 -2.33
C LEU A 120 1.02 10.02 -3.67
N ASN A 121 1.82 10.46 -4.63
CA ASN A 121 1.83 9.85 -5.97
C ASN A 121 2.60 8.53 -5.96
N LEU A 122 2.31 7.69 -6.94
CA LEU A 122 2.98 6.40 -7.06
C LEU A 122 3.71 6.28 -8.40
N TRP A 123 4.88 5.66 -8.37
CA TRP A 123 5.67 5.48 -9.58
C TRP A 123 5.20 4.26 -10.37
N PRO A 124 5.23 4.36 -11.70
CA PRO A 124 4.80 3.27 -12.59
C PRO A 124 5.78 2.10 -12.57
N VAL A 125 5.25 0.90 -12.41
CA VAL A 125 6.07 -0.31 -12.37
C VAL A 125 6.75 -0.55 -13.71
N PRO A 126 8.04 -0.92 -13.67
CA PRO A 126 8.82 -1.19 -14.88
C PRO A 126 8.39 -2.46 -15.59
N HIS A 127 8.37 -2.42 -16.91
CA HIS A 127 7.97 -3.58 -17.70
C HIS A 127 8.56 -4.86 -17.12
N GLY A 128 9.83 -4.81 -16.73
CA GLY A 128 10.48 -5.97 -16.16
C GLY A 128 10.23 -6.11 -14.67
N LEU A 129 9.10 -6.72 -14.32
CA LEU A 129 8.75 -6.92 -12.92
C LEU A 129 7.95 -8.21 -12.74
N GLU A 130 8.50 -9.13 -11.94
CA GLU A 130 7.85 -10.41 -11.68
C GLU A 130 7.02 -10.34 -10.40
N ASP A 131 7.44 -9.47 -9.48
CA ASP A 131 6.74 -9.31 -8.20
C ASP A 131 5.74 -8.17 -8.28
N LEU A 132 4.50 -8.45 -7.88
CA LEU A 132 3.45 -7.44 -7.89
C LEU A 132 3.83 -6.23 -7.05
N LEU A 133 4.33 -6.49 -5.84
CA LEU A 133 4.73 -5.43 -4.94
C LEU A 133 6.23 -5.18 -5.03
N ASN A 134 6.62 -3.90 -4.99
CA ASN A 134 8.03 -3.53 -5.08
C ASN A 134 8.54 -3.05 -3.72
N PRO A 135 9.09 -3.99 -2.93
CA PRO A 135 9.64 -3.69 -1.61
C PRO A 135 10.91 -2.87 -1.68
N ILE A 136 11.74 -3.15 -2.67
CA ILE A 136 13.00 -2.42 -2.85
C ILE A 136 12.75 -1.02 -3.40
N GLY A 137 11.61 -0.83 -4.04
CA GLY A 137 11.27 0.46 -4.60
C GLY A 137 11.66 1.60 -3.68
N VAL A 138 12.08 2.72 -4.27
CA VAL A 138 12.47 3.89 -3.49
C VAL A 138 11.41 4.26 -2.47
N THR A 139 11.67 5.34 -1.72
CA THR A 139 10.73 5.79 -0.71
C THR A 139 10.39 7.27 -0.90
N GLY A 140 9.32 7.72 -0.24
CA GLY A 140 8.91 9.10 -0.35
C GLY A 140 7.80 9.30 -1.37
N SER A 141 7.32 10.53 -1.48
CA SER A 141 6.24 10.84 -2.42
C SER A 141 6.81 11.21 -3.79
N ASN A 142 6.04 10.91 -4.84
CA ASN A 142 6.47 11.20 -6.20
C ASN A 142 6.00 12.58 -6.63
N PRO A 143 6.95 13.42 -7.07
CA PRO A 143 6.66 14.78 -7.52
C PRO A 143 5.90 14.81 -8.84
N ASN A 144 5.55 13.62 -9.35
CA ASN A 144 4.83 13.51 -10.60
C ASN A 144 3.33 13.63 -10.37
N LYS A 145 2.67 14.48 -11.16
CA LYS A 145 1.23 14.68 -11.04
C LYS A 145 0.47 13.70 -11.92
N GLU A 146 0.83 13.65 -13.21
CA GLU A 146 0.18 12.76 -14.15
C GLU A 146 0.10 11.34 -13.59
N THR A 147 1.01 11.02 -12.66
CA THR A 147 1.04 9.70 -12.05
C THR A 147 -0.10 9.53 -11.06
N PRO A 148 -0.54 8.28 -10.87
CA PRO A 148 -1.63 7.95 -9.94
C PRO A 148 -1.22 8.13 -8.48
N CYS A 149 -2.14 8.65 -7.68
CA CYS A 149 -1.88 8.87 -6.26
C CYS A 149 -2.91 8.14 -5.39
N LEU A 150 -2.43 7.48 -4.35
CA LEU A 150 -3.30 6.74 -3.45
C LEU A 150 -3.47 7.49 -2.12
N GLU A 151 -4.70 7.48 -1.61
CA GLU A 151 -4.99 8.16 -0.35
C GLU A 151 -5.24 7.14 0.77
N LEU A 152 -4.48 7.26 1.85
CA LEU A 152 -4.63 6.36 2.98
C LEU A 152 -4.60 7.12 4.30
N GLU A 153 -5.02 6.47 5.37
CA GLU A 153 -5.04 7.09 6.70
C GLU A 153 -4.25 6.26 7.69
N PHE A 154 -3.53 6.95 8.59
CA PHE A 154 -2.73 6.28 9.60
C PHE A 154 -3.40 6.36 10.97
N ASP A 155 -3.39 5.25 11.68
CA ASP A 155 -3.99 5.19 13.01
C ASP A 155 -3.32 4.14 13.88
N TRP A 156 -3.25 4.38 15.18
CA TRP A 156 -2.63 3.46 16.11
C TRP A 156 -3.50 3.25 17.35
N PHE A 157 -4.40 2.27 17.27
CA PHE A 157 -5.29 1.97 18.39
C PHE A 157 -4.64 1.00 19.36
N SER A 158 -4.15 -0.11 18.85
CA SER A 158 -3.51 -1.13 19.67
C SER A 158 -2.20 -0.61 20.25
N GLY A 1 -8.52 17.12 29.91
CA GLY A 1 -8.38 16.77 28.51
C GLY A 1 -8.44 15.27 28.28
N SER A 2 -8.12 14.85 27.05
CA SER A 2 -8.14 13.44 26.71
C SER A 2 -6.73 12.84 26.77
N SER A 3 -6.67 11.57 27.16
CA SER A 3 -5.39 10.87 27.27
C SER A 3 -4.52 11.12 26.03
N GLY A 4 -3.26 10.70 26.12
CA GLY A 4 -2.35 10.89 25.00
C GLY A 4 -1.04 10.16 25.20
N SER A 5 -1.12 8.88 25.55
CA SER A 5 0.07 8.07 25.77
C SER A 5 0.65 7.57 24.44
N SER A 6 1.93 7.24 24.45
CA SER A 6 2.60 6.74 23.25
C SER A 6 2.98 5.28 23.41
N GLY A 7 2.05 4.39 23.05
CA GLY A 7 2.31 2.96 23.15
C GLY A 7 1.47 2.15 22.19
N ASN A 8 1.93 2.05 20.94
CA ASN A 8 1.21 1.30 19.92
C ASN A 8 1.82 -0.09 19.74
N SER A 9 0.96 -1.08 19.53
CA SER A 9 1.41 -2.45 19.35
C SER A 9 0.92 -3.01 18.01
N ALA A 10 -0.25 -2.56 17.58
CA ALA A 10 -0.83 -3.01 16.33
C ALA A 10 -0.98 -1.84 15.35
N LEU A 11 -0.73 -2.12 14.07
CA LEU A 11 -0.82 -1.11 13.03
C LEU A 11 -2.10 -1.28 12.21
N ARG A 12 -2.71 -0.16 11.83
CA ARG A 12 -3.94 -0.20 11.04
C ARG A 12 -4.02 1.01 10.11
N ILE A 13 -4.26 0.75 8.83
CA ILE A 13 -4.36 1.81 7.84
C ILE A 13 -5.63 1.67 7.01
N LYS A 14 -6.31 2.79 6.79
CA LYS A 14 -7.55 2.79 6.00
C LYS A 14 -7.33 3.47 4.65
N ILE A 15 -7.67 2.77 3.58
CA ILE A 15 -7.52 3.31 2.24
C ILE A 15 -8.79 4.02 1.78
N LEU A 16 -8.62 5.13 1.08
CA LEU A 16 -9.75 5.91 0.59
C LEU A 16 -10.01 5.61 -0.89
N CYS A 17 -9.15 6.13 -1.76
CA CYS A 17 -9.30 5.92 -3.19
C CYS A 17 -8.04 6.35 -3.94
N ALA A 18 -8.03 6.18 -5.25
CA ALA A 18 -6.89 6.55 -6.07
C ALA A 18 -7.33 7.45 -7.23
N THR A 19 -6.35 8.08 -7.89
CA THR A 19 -6.63 8.96 -9.00
C THR A 19 -5.67 8.71 -10.16
N TYR A 20 -6.08 9.13 -11.36
CA TYR A 20 -5.25 8.94 -12.54
C TYR A 20 -4.59 7.56 -12.54
N VAL A 21 -5.41 6.53 -12.39
CA VAL A 21 -4.91 5.15 -12.37
C VAL A 21 -4.72 4.62 -13.79
N ASN A 22 -3.71 3.77 -13.97
CA ASN A 22 -3.41 3.20 -15.27
C ASN A 22 -4.70 2.77 -15.98
N VAL A 23 -5.62 2.19 -15.23
CA VAL A 23 -6.89 1.73 -15.78
C VAL A 23 -7.38 2.68 -16.86
N ASN A 24 -7.36 2.21 -18.11
CA ASN A 24 -7.81 3.02 -19.24
C ASN A 24 -8.84 2.26 -20.07
N ILE A 25 -8.55 1.00 -20.36
CA ILE A 25 -9.46 0.17 -21.15
C ILE A 25 -10.65 -0.28 -20.32
N ARG A 26 -11.51 -1.10 -20.92
CA ARG A 26 -12.69 -1.60 -20.23
C ARG A 26 -12.72 -3.12 -20.24
N ASP A 27 -11.55 -3.73 -20.19
CA ASP A 27 -11.43 -5.18 -20.19
C ASP A 27 -11.36 -5.73 -18.75
N ILE A 28 -10.52 -5.10 -17.94
CA ILE A 28 -10.36 -5.52 -16.55
C ILE A 28 -11.71 -5.61 -15.85
N ASP A 29 -11.81 -6.54 -14.89
CA ASP A 29 -13.04 -6.72 -14.14
C ASP A 29 -13.05 -5.86 -12.88
N LYS A 30 -12.05 -6.07 -12.03
CA LYS A 30 -11.94 -5.31 -10.79
C LYS A 30 -10.48 -5.03 -10.46
N ILE A 31 -10.26 -4.28 -9.38
CA ILE A 31 -8.90 -3.94 -8.96
C ILE A 31 -8.75 -4.08 -7.45
N TYR A 32 -7.51 -4.03 -6.97
CA TYR A 32 -7.22 -4.16 -5.55
C TYR A 32 -5.81 -3.65 -5.23
N VAL A 33 -5.63 -3.18 -4.00
CA VAL A 33 -4.33 -2.67 -3.57
C VAL A 33 -3.56 -3.73 -2.79
N ARG A 34 -2.24 -3.76 -2.99
CA ARG A 34 -1.39 -4.72 -2.30
C ARG A 34 -0.35 -4.01 -1.45
N THR A 35 -0.42 -4.24 -0.14
CA THR A 35 0.52 -3.62 0.79
C THR A 35 1.40 -4.67 1.47
N GLY A 36 2.41 -4.21 2.19
CA GLY A 36 3.31 -5.12 2.88
C GLY A 36 4.60 -4.44 3.31
N ILE A 37 5.05 -4.77 4.52
CA ILE A 37 6.28 -4.19 5.05
C ILE A 37 7.49 -5.06 4.72
N TYR A 38 8.59 -4.42 4.35
CA TYR A 38 9.81 -5.13 4.00
C TYR A 38 11.01 -4.54 4.74
N HIS A 39 12.11 -5.29 4.75
CA HIS A 39 13.33 -4.85 5.42
C HIS A 39 14.55 -5.08 4.54
N GLY A 40 14.94 -4.05 3.80
CA GLY A 40 16.09 -4.16 2.92
C GLY A 40 15.74 -4.78 1.59
N GLY A 41 14.54 -5.34 1.48
CA GLY A 41 14.11 -5.96 0.25
C GLY A 41 13.43 -7.30 0.48
N GLU A 42 13.45 -7.76 1.72
CA GLU A 42 12.84 -9.05 2.07
C GLU A 42 11.59 -8.84 2.92
N PRO A 43 10.60 -9.72 2.75
CA PRO A 43 9.34 -9.65 3.49
C PRO A 43 9.52 -10.01 4.96
N LEU A 44 8.56 -9.60 5.78
CA LEU A 44 8.61 -9.87 7.22
C LEU A 44 7.40 -10.69 7.66
N CYS A 45 6.26 -10.45 7.01
CA CYS A 45 5.03 -11.17 7.33
C CYS A 45 4.13 -11.27 6.12
N ASP A 46 3.08 -12.08 6.23
CA ASP A 46 2.14 -12.27 5.14
C ASP A 46 1.59 -10.92 4.65
N ASN A 47 1.52 -10.76 3.34
CA ASN A 47 1.01 -9.52 2.75
C ASN A 47 -0.50 -9.43 2.89
N VAL A 48 -1.02 -8.21 2.81
CA VAL A 48 -2.45 -7.98 2.93
C VAL A 48 -3.03 -7.39 1.64
N ASN A 49 -4.20 -7.87 1.24
CA ASN A 49 -4.85 -7.39 0.02
C ASN A 49 -6.22 -6.79 0.35
N THR A 50 -6.57 -5.72 -0.35
CA THR A 50 -7.85 -5.05 -0.15
C THR A 50 -8.92 -5.65 -1.04
N GLN A 51 -10.18 -5.42 -0.68
CA GLN A 51 -11.31 -5.94 -1.46
C GLN A 51 -11.17 -5.56 -2.94
N ARG A 52 -11.96 -6.21 -3.78
CA ARG A 52 -11.93 -5.94 -5.21
C ARG A 52 -12.98 -4.90 -5.60
N VAL A 53 -12.52 -3.79 -6.16
CA VAL A 53 -13.42 -2.71 -6.57
C VAL A 53 -13.30 -2.43 -8.06
N PRO A 54 -14.39 -1.94 -8.66
CA PRO A 54 -14.44 -1.63 -10.09
C PRO A 54 -13.58 -0.42 -10.44
N CYS A 55 -12.78 -0.55 -11.49
CA CYS A 55 -11.91 0.53 -11.94
C CYS A 55 -12.65 1.86 -11.93
N SER A 56 -13.84 1.88 -12.52
CA SER A 56 -14.65 3.09 -12.57
C SER A 56 -14.71 3.77 -11.22
N ASN A 57 -14.73 2.96 -10.16
CA ASN A 57 -14.79 3.48 -8.79
C ASN A 57 -13.78 2.78 -7.90
N PRO A 58 -12.54 3.29 -7.88
CA PRO A 58 -11.46 2.73 -7.06
C PRO A 58 -11.68 2.96 -5.57
N ARG A 59 -12.82 3.54 -5.23
CA ARG A 59 -13.16 3.83 -3.84
C ARG A 59 -13.10 2.55 -3.00
N TRP A 60 -12.21 2.53 -2.02
CA TRP A 60 -12.05 1.37 -1.15
C TRP A 60 -12.75 1.59 0.19
N ASN A 61 -12.43 2.71 0.84
CA ASN A 61 -13.03 3.04 2.12
C ASN A 61 -13.06 1.82 3.04
N GLU A 62 -11.99 1.04 3.03
CA GLU A 62 -11.89 -0.14 3.85
C GLU A 62 -10.70 -0.06 4.80
N TRP A 63 -10.91 -0.47 6.05
CA TRP A 63 -9.87 -0.44 7.06
C TRP A 63 -8.95 -1.66 6.94
N LEU A 64 -7.72 -1.44 6.50
CA LEU A 64 -6.76 -2.51 6.34
C LEU A 64 -5.92 -2.68 7.60
N ASN A 65 -5.98 -3.87 8.20
CA ASN A 65 -5.23 -4.16 9.41
C ASN A 65 -3.94 -4.90 9.09
N TYR A 66 -2.85 -4.49 9.73
CA TYR A 66 -1.55 -5.13 9.50
C TYR A 66 -1.15 -5.97 10.71
N ASP A 67 -0.81 -7.23 10.44
CA ASP A 67 -0.39 -8.14 11.49
C ASP A 67 1.07 -7.92 11.88
N ILE A 68 1.45 -6.65 12.00
CA ILE A 68 2.82 -6.29 12.36
C ILE A 68 2.89 -5.78 13.80
N TYR A 69 4.11 -5.70 14.33
CA TYR A 69 4.32 -5.23 15.69
C TYR A 69 5.17 -3.97 15.71
N ILE A 70 4.66 -2.91 16.33
CA ILE A 70 5.37 -1.65 16.42
C ILE A 70 6.72 -1.83 17.12
N PRO A 71 6.70 -2.41 18.32
CA PRO A 71 7.91 -2.66 19.11
C PRO A 71 8.79 -3.74 18.50
N ASP A 72 8.38 -4.24 17.34
CA ASP A 72 9.14 -5.28 16.65
C ASP A 72 9.46 -4.85 15.22
N LEU A 73 9.00 -3.68 14.84
CA LEU A 73 9.24 -3.16 13.50
C LEU A 73 10.56 -2.37 13.44
N PRO A 74 11.54 -2.92 12.71
CA PRO A 74 12.85 -2.29 12.56
C PRO A 74 12.80 -1.01 11.74
N ARG A 75 13.43 0.05 12.24
CA ARG A 75 13.46 1.32 11.55
C ARG A 75 13.79 1.13 10.07
N ALA A 76 14.75 0.27 9.79
CA ALA A 76 15.16 -0.01 8.42
C ALA A 76 13.96 -0.34 7.53
N ALA A 77 13.04 -1.13 8.09
CA ALA A 77 11.85 -1.53 7.36
C ALA A 77 11.00 -0.32 7.00
N ARG A 78 10.02 -0.53 6.13
CA ARG A 78 9.13 0.54 5.69
C ARG A 78 7.83 -0.02 5.13
N LEU A 79 6.89 0.86 4.83
CA LEU A 79 5.60 0.46 4.28
C LEU A 79 5.59 0.54 2.76
N CYS A 80 5.07 -0.49 2.12
CA CYS A 80 5.00 -0.53 0.66
C CYS A 80 3.59 -0.82 0.18
N LEU A 81 3.22 -0.27 -0.96
CA LEU A 81 1.89 -0.46 -1.53
C LEU A 81 1.90 -0.26 -3.04
N SER A 82 1.17 -1.11 -3.75
CA SER A 82 1.09 -1.02 -5.20
C SER A 82 -0.29 -1.41 -5.70
N ILE A 83 -0.78 -0.69 -6.72
CA ILE A 83 -2.09 -0.97 -7.28
C ILE A 83 -2.02 -2.09 -8.32
N CYS A 84 -2.83 -3.12 -8.13
CA CYS A 84 -2.86 -4.25 -9.05
C CYS A 84 -4.27 -4.49 -9.58
N SER A 85 -4.36 -4.91 -10.83
CA SER A 85 -5.65 -5.17 -11.46
C SER A 85 -5.91 -6.67 -11.59
N VAL A 86 -7.06 -7.11 -11.11
CA VAL A 86 -7.44 -8.52 -11.18
C VAL A 86 -8.53 -8.76 -12.20
N LYS A 87 -8.29 -9.69 -13.12
CA LYS A 87 -9.25 -10.01 -14.17
C LYS A 87 -9.26 -11.51 -14.46
N GLY A 88 -10.44 -12.06 -14.69
CA GLY A 88 -10.55 -13.48 -14.98
C GLY A 88 -11.97 -14.00 -14.83
N ARG A 89 -12.09 -15.28 -14.54
CA ARG A 89 -13.40 -15.90 -14.37
C ARG A 89 -13.56 -16.45 -12.95
N LYS A 90 -14.73 -17.00 -12.67
CA LYS A 90 -15.01 -17.58 -11.35
C LYS A 90 -14.42 -18.97 -11.22
N GLY A 91 -14.99 -19.92 -11.96
CA GLY A 91 -14.51 -21.29 -11.91
C GLY A 91 -13.02 -21.38 -12.20
N ALA A 92 -12.49 -20.39 -12.90
CA ALA A 92 -11.06 -20.38 -13.23
C ALA A 92 -10.32 -19.32 -12.41
N LYS A 93 -9.00 -19.30 -12.55
CA LYS A 93 -8.17 -18.33 -11.84
C LYS A 93 -8.12 -17.00 -12.57
N GLU A 94 -7.79 -15.94 -11.83
CA GLU A 94 -7.70 -14.60 -12.42
C GLU A 94 -6.25 -14.22 -12.67
N GLU A 95 -6.05 -12.98 -13.13
CA GLU A 95 -4.70 -12.49 -13.41
C GLU A 95 -4.46 -11.15 -12.72
N HIS A 96 -3.37 -11.06 -11.97
CA HIS A 96 -3.02 -9.83 -11.27
C HIS A 96 -1.83 -9.14 -11.92
N CYS A 97 -1.95 -7.84 -12.13
CA CYS A 97 -0.89 -7.06 -12.76
C CYS A 97 -0.70 -5.72 -12.04
N PRO A 98 0.57 -5.39 -11.74
CA PRO A 98 0.91 -4.14 -11.05
C PRO A 98 0.69 -2.92 -11.93
N LEU A 99 0.43 -1.78 -11.30
CA LEU A 99 0.19 -0.53 -12.02
C LEU A 99 1.09 0.58 -11.48
N ALA A 100 1.32 0.57 -10.18
CA ALA A 100 2.16 1.58 -9.54
C ALA A 100 2.66 1.10 -8.19
N TRP A 101 3.78 1.65 -7.73
CA TRP A 101 4.37 1.27 -6.46
C TRP A 101 4.74 2.52 -5.64
N GLY A 102 4.39 2.51 -4.36
CA GLY A 102 4.69 3.63 -3.50
C GLY A 102 5.16 3.20 -2.12
N ASN A 103 6.36 3.62 -1.75
CA ASN A 103 6.93 3.27 -0.45
C ASN A 103 6.95 4.48 0.48
N ILE A 104 6.50 4.29 1.71
CA ILE A 104 6.47 5.36 2.70
C ILE A 104 7.36 5.04 3.90
N ASN A 105 8.07 6.05 4.39
CA ASN A 105 8.95 5.87 5.54
C ASN A 105 8.15 5.65 6.82
N LEU A 106 7.78 4.40 7.07
CA LEU A 106 7.01 4.04 8.25
C LEU A 106 7.42 4.92 9.44
N PHE A 107 8.70 5.25 9.51
CA PHE A 107 9.21 6.09 10.59
C PHE A 107 9.66 7.45 10.07
N ASP A 108 9.09 8.51 10.62
CA ASP A 108 9.44 9.86 10.20
C ASP A 108 10.95 10.07 10.23
N TYR A 109 11.38 11.29 9.94
CA TYR A 109 12.80 11.61 9.92
C TYR A 109 13.32 11.89 11.34
N THR A 110 12.51 11.53 12.33
CA THR A 110 12.88 11.74 13.73
C THR A 110 12.67 10.47 14.54
N ASP A 111 12.48 9.35 13.85
CA ASP A 111 12.26 8.07 14.51
C ASP A 111 10.89 8.02 15.17
N THR A 112 9.92 8.67 14.55
CA THR A 112 8.56 8.71 15.09
C THR A 112 7.53 8.30 14.03
N LEU A 113 6.96 7.12 14.20
CA LEU A 113 5.96 6.61 13.26
C LEU A 113 5.06 7.73 12.77
N VAL A 114 4.56 7.59 11.54
CA VAL A 114 3.68 8.59 10.96
C VAL A 114 2.30 8.54 11.60
N SER A 115 1.42 9.45 11.16
CA SER A 115 0.06 9.51 11.69
C SER A 115 -0.77 10.53 10.91
N GLY A 116 -2.09 10.34 10.95
CA GLY A 116 -2.98 11.26 10.25
C GLY A 116 -3.13 10.91 8.78
N LYS A 117 -4.08 11.55 8.11
CA LYS A 117 -4.32 11.31 6.70
C LYS A 117 -3.18 11.86 5.84
N MET A 118 -2.92 11.22 4.71
CA MET A 118 -1.86 11.64 3.81
C MET A 118 -2.12 11.15 2.39
N ALA A 119 -1.66 11.91 1.41
CA ALA A 119 -1.84 11.54 0.01
C ALA A 119 -0.59 11.84 -0.80
N LEU A 120 0.05 10.79 -1.32
CA LEU A 120 1.26 10.95 -2.12
C LEU A 120 1.13 10.21 -3.44
N ASN A 121 1.91 10.64 -4.44
CA ASN A 121 1.88 10.03 -5.76
C ASN A 121 2.72 8.75 -5.77
N LEU A 122 2.38 7.83 -6.67
CA LEU A 122 3.10 6.57 -6.79
C LEU A 122 3.91 6.53 -8.08
N TRP A 123 4.93 5.67 -8.11
CA TRP A 123 5.77 5.52 -9.29
C TRP A 123 5.30 4.37 -10.16
N PRO A 124 5.34 4.58 -11.48
CA PRO A 124 4.92 3.56 -12.45
C PRO A 124 5.88 2.38 -12.51
N VAL A 125 5.33 1.18 -12.40
CA VAL A 125 6.15 -0.04 -12.43
C VAL A 125 6.67 -0.30 -13.84
N PRO A 126 7.95 -0.70 -13.92
CA PRO A 126 8.60 -0.99 -15.21
C PRO A 126 8.07 -2.26 -15.85
N HIS A 127 8.27 -2.39 -17.16
CA HIS A 127 7.81 -3.56 -17.90
C HIS A 127 8.50 -4.83 -17.40
N GLY A 128 9.79 -4.71 -17.10
CA GLY A 128 10.54 -5.86 -16.62
C GLY A 128 10.41 -6.05 -15.12
N LEU A 129 9.29 -6.62 -14.69
CA LEU A 129 9.05 -6.85 -13.27
C LEU A 129 8.27 -8.14 -13.06
N GLU A 130 8.80 -9.00 -12.20
CA GLU A 130 8.15 -10.28 -11.90
C GLU A 130 7.21 -10.15 -10.70
N ASP A 131 7.74 -9.63 -9.60
CA ASP A 131 6.94 -9.45 -8.39
C ASP A 131 5.86 -8.40 -8.60
N LEU A 132 4.77 -8.50 -7.84
CA LEU A 132 3.68 -7.56 -7.93
C LEU A 132 3.96 -6.29 -7.14
N LEU A 133 4.59 -6.46 -5.98
CA LEU A 133 4.93 -5.33 -5.13
C LEU A 133 6.42 -5.03 -5.18
N ASN A 134 6.77 -3.75 -5.14
CA ASN A 134 8.16 -3.33 -5.19
C ASN A 134 8.64 -2.87 -3.81
N PRO A 135 9.19 -3.81 -3.03
CA PRO A 135 9.70 -3.53 -1.69
C PRO A 135 10.96 -2.66 -1.71
N ILE A 136 11.88 -2.98 -2.62
CA ILE A 136 13.12 -2.24 -2.74
C ILE A 136 12.88 -0.85 -3.33
N GLY A 137 11.73 -0.69 -3.98
CA GLY A 137 11.39 0.59 -4.58
C GLY A 137 11.76 1.76 -3.69
N VAL A 138 12.15 2.87 -4.30
CA VAL A 138 12.53 4.07 -3.56
C VAL A 138 11.41 4.51 -2.63
N THR A 139 11.65 5.59 -1.89
CA THR A 139 10.66 6.12 -0.97
C THR A 139 10.34 7.58 -1.28
N GLY A 140 9.43 8.17 -0.50
CA GLY A 140 9.06 9.56 -0.71
C GLY A 140 7.92 9.71 -1.71
N SER A 141 7.36 10.91 -1.78
CA SER A 141 6.26 11.19 -2.70
C SER A 141 6.78 11.54 -4.09
N ASN A 142 6.21 10.91 -5.11
CA ASN A 142 6.61 11.17 -6.48
C ASN A 142 6.18 12.56 -6.93
N PRO A 143 7.17 13.37 -7.32
CA PRO A 143 6.93 14.75 -7.78
C PRO A 143 6.22 14.80 -9.12
N ASN A 144 6.29 13.69 -9.86
CA ASN A 144 5.65 13.61 -11.17
C ASN A 144 4.18 13.99 -11.09
N LYS A 145 3.73 14.84 -12.00
CA LYS A 145 2.34 15.29 -12.03
C LYS A 145 1.49 14.32 -12.84
N GLU A 146 2.07 13.75 -13.89
CA GLU A 146 1.35 12.82 -14.75
C GLU A 146 1.41 11.41 -14.17
N THR A 147 1.29 11.31 -12.85
CA THR A 147 1.32 10.02 -12.17
C THR A 147 0.16 9.87 -11.20
N PRO A 148 -0.20 8.61 -10.90
CA PRO A 148 -1.30 8.30 -9.97
C PRO A 148 -0.97 8.67 -8.54
N CYS A 149 -1.94 8.53 -7.65
CA CYS A 149 -1.76 8.83 -6.24
C CYS A 149 -2.81 8.14 -5.38
N LEU A 150 -2.38 7.53 -4.29
CA LEU A 150 -3.28 6.83 -3.38
C LEU A 150 -3.42 7.58 -2.07
N GLU A 151 -4.63 7.56 -1.50
CA GLU A 151 -4.89 8.24 -0.24
C GLU A 151 -5.16 7.22 0.88
N LEU A 152 -4.43 7.37 1.98
CA LEU A 152 -4.57 6.47 3.11
C LEU A 152 -4.55 7.25 4.43
N GLU A 153 -5.16 6.67 5.46
CA GLU A 153 -5.20 7.30 6.77
C GLU A 153 -4.39 6.51 7.79
N PHE A 154 -3.35 7.14 8.34
CA PHE A 154 -2.49 6.51 9.32
C PHE A 154 -3.08 6.63 10.73
N ASP A 155 -3.51 5.50 11.29
CA ASP A 155 -4.10 5.49 12.63
C ASP A 155 -3.53 4.34 13.45
N TRP A 156 -3.56 4.49 14.76
CA TRP A 156 -3.06 3.46 15.67
C TRP A 156 -3.99 3.28 16.86
N PHE A 157 -4.48 2.05 17.04
CA PHE A 157 -5.38 1.75 18.14
C PHE A 157 -4.69 0.86 19.19
N SER A 158 -3.98 -0.15 18.71
CA SER A 158 -3.27 -1.07 19.59
C SER A 158 -4.26 -1.85 20.47
N GLY A 1 0.60 -13.56 33.91
CA GLY A 1 0.41 -12.58 34.96
C GLY A 1 1.22 -11.31 34.73
N SER A 2 1.21 -10.83 33.49
CA SER A 2 1.95 -9.62 33.13
C SER A 2 1.02 -8.58 32.50
N SER A 3 1.44 -7.33 32.57
CA SER A 3 0.64 -6.24 32.01
C SER A 3 1.54 -5.13 31.46
N GLY A 4 1.11 -4.52 30.36
CA GLY A 4 1.89 -3.46 29.75
C GLY A 4 1.15 -2.14 29.71
N SER A 5 0.72 -1.73 28.53
CA SER A 5 -0.01 -0.48 28.37
C SER A 5 -0.65 -0.40 26.99
N SER A 6 -1.60 0.52 26.83
CA SER A 6 -2.30 0.69 25.57
C SER A 6 -1.74 1.90 24.80
N GLY A 7 -0.75 1.65 23.96
CA GLY A 7 -0.16 2.73 23.19
C GLY A 7 -0.02 2.38 21.72
N ASN A 8 1.05 1.67 21.37
CA ASN A 8 1.29 1.27 19.98
C ASN A 8 1.68 -0.21 19.90
N SER A 9 0.81 -1.00 19.29
CA SER A 9 1.05 -2.43 19.14
C SER A 9 0.74 -2.89 17.72
N ALA A 10 -0.53 -2.85 17.36
CA ALA A 10 -0.96 -3.26 16.03
C ALA A 10 -1.14 -2.05 15.11
N LEU A 11 -0.57 -2.12 13.92
CA LEU A 11 -0.67 -1.04 12.95
C LEU A 11 -1.95 -1.16 12.13
N ARG A 12 -2.64 -0.03 11.96
CA ARG A 12 -3.88 -0.02 11.20
C ARG A 12 -3.85 1.08 10.14
N ILE A 13 -4.26 0.74 8.93
CA ILE A 13 -4.28 1.69 7.82
C ILE A 13 -5.53 1.53 6.98
N LYS A 14 -6.23 2.64 6.75
CA LYS A 14 -7.45 2.62 5.95
C LYS A 14 -7.24 3.33 4.62
N ILE A 15 -7.63 2.67 3.53
CA ILE A 15 -7.48 3.23 2.20
C ILE A 15 -8.77 3.93 1.75
N LEU A 16 -8.61 5.06 1.09
CA LEU A 16 -9.76 5.83 0.60
C LEU A 16 -10.02 5.54 -0.87
N CYS A 17 -9.18 6.10 -1.73
CA CYS A 17 -9.31 5.91 -3.17
C CYS A 17 -8.06 6.37 -3.91
N ALA A 18 -8.07 6.26 -5.23
CA ALA A 18 -6.94 6.67 -6.05
C ALA A 18 -7.37 7.65 -7.13
N THR A 19 -6.40 8.31 -7.75
CA THR A 19 -6.68 9.27 -8.81
C THR A 19 -5.71 9.10 -9.98
N TYR A 20 -6.24 9.25 -11.19
CA TYR A 20 -5.41 9.12 -12.39
C TYR A 20 -4.80 7.72 -12.48
N VAL A 21 -5.65 6.70 -12.32
CA VAL A 21 -5.19 5.32 -12.39
C VAL A 21 -4.89 4.91 -13.82
N ASN A 22 -4.09 3.87 -13.98
CA ASN A 22 -3.73 3.36 -15.31
C ASN A 22 -4.85 2.51 -15.88
N VAL A 23 -6.04 3.07 -15.96
CA VAL A 23 -7.20 2.36 -16.49
C VAL A 23 -7.77 3.08 -17.71
N ASN A 24 -7.17 2.82 -18.88
CA ASN A 24 -7.62 3.45 -20.11
C ASN A 24 -8.81 2.69 -20.70
N ILE A 25 -8.58 1.44 -21.09
CA ILE A 25 -9.63 0.61 -21.66
C ILE A 25 -10.65 0.20 -20.61
N ARG A 26 -11.62 -0.61 -21.01
CA ARG A 26 -12.65 -1.08 -20.09
C ARG A 26 -12.80 -2.60 -20.19
N ASP A 27 -11.90 -3.31 -19.52
CA ASP A 27 -11.93 -4.77 -19.52
C ASP A 27 -11.78 -5.31 -18.10
N ILE A 28 -10.72 -4.89 -17.42
CA ILE A 28 -10.46 -5.34 -16.06
C ILE A 28 -11.76 -5.44 -15.26
N ASP A 29 -12.02 -6.64 -14.73
CA ASP A 29 -13.22 -6.87 -13.94
C ASP A 29 -13.19 -6.06 -12.64
N LYS A 30 -12.17 -6.32 -11.82
CA LYS A 30 -12.01 -5.63 -10.56
C LYS A 30 -10.54 -5.38 -10.24
N ILE A 31 -10.28 -4.42 -9.37
CA ILE A 31 -8.91 -4.09 -8.98
C ILE A 31 -8.69 -4.35 -7.49
N TYR A 32 -7.46 -4.10 -7.03
CA TYR A 32 -7.12 -4.30 -5.64
C TYR A 32 -5.72 -3.78 -5.33
N VAL A 33 -5.51 -3.32 -4.10
CA VAL A 33 -4.21 -2.79 -3.69
C VAL A 33 -3.52 -3.75 -2.73
N ARG A 34 -2.21 -3.90 -2.91
CA ARG A 34 -1.42 -4.79 -2.05
C ARG A 34 -0.50 -3.98 -1.13
N THR A 35 -0.48 -4.34 0.14
CA THR A 35 0.35 -3.66 1.12
C THR A 35 1.22 -4.65 1.90
N GLY A 36 2.25 -4.12 2.56
CA GLY A 36 3.13 -4.98 3.35
C GLY A 36 4.42 -4.28 3.72
N ILE A 37 5.02 -4.71 4.84
CA ILE A 37 6.26 -4.11 5.31
C ILE A 37 7.46 -4.96 4.89
N TYR A 38 8.55 -4.29 4.53
CA TYR A 38 9.77 -4.98 4.11
C TYR A 38 10.99 -4.40 4.82
N HIS A 39 11.93 -5.27 5.17
CA HIS A 39 13.15 -4.85 5.85
C HIS A 39 14.39 -5.22 5.02
N GLY A 40 14.86 -4.28 4.21
CA GLY A 40 16.03 -4.53 3.39
C GLY A 40 15.72 -5.40 2.19
N GLY A 41 14.54 -5.19 1.60
CA GLY A 41 14.14 -5.97 0.44
C GLY A 41 13.49 -7.28 0.83
N GLU A 42 13.79 -7.77 2.02
CA GLU A 42 13.23 -9.03 2.50
C GLU A 42 11.96 -8.78 3.32
N PRO A 43 10.98 -9.68 3.16
CA PRO A 43 9.70 -9.59 3.87
C PRO A 43 9.84 -9.86 5.36
N LEU A 44 8.81 -9.49 6.12
CA LEU A 44 8.82 -9.70 7.57
C LEU A 44 7.60 -10.49 8.02
N CYS A 45 6.46 -10.22 7.38
CA CYS A 45 5.22 -10.90 7.70
C CYS A 45 4.33 -11.04 6.47
N ASP A 46 3.36 -11.94 6.55
CA ASP A 46 2.44 -12.17 5.44
C ASP A 46 1.89 -10.85 4.91
N ASN A 47 1.83 -10.74 3.58
CA ASN A 47 1.32 -9.52 2.95
C ASN A 47 -0.18 -9.38 3.16
N VAL A 48 -0.66 -8.14 3.21
CA VAL A 48 -2.07 -7.87 3.41
C VAL A 48 -2.70 -7.28 2.15
N ASN A 49 -3.86 -7.82 1.76
CA ASN A 49 -4.56 -7.35 0.57
C ASN A 49 -5.90 -6.73 0.95
N THR A 50 -6.32 -5.73 0.18
CA THR A 50 -7.59 -5.05 0.42
C THR A 50 -8.71 -5.63 -0.43
N GLN A 51 -9.94 -5.25 -0.13
CA GLN A 51 -11.09 -5.75 -0.88
C GLN A 51 -10.94 -5.46 -2.37
N ARG A 52 -11.86 -5.99 -3.16
CA ARG A 52 -11.83 -5.79 -4.61
C ARG A 52 -12.90 -4.79 -5.05
N VAL A 53 -12.47 -3.74 -5.74
CA VAL A 53 -13.39 -2.72 -6.21
C VAL A 53 -13.24 -2.50 -7.72
N PRO A 54 -14.33 -2.07 -8.37
CA PRO A 54 -14.34 -1.81 -9.81
C PRO A 54 -13.52 -0.59 -10.19
N CYS A 55 -12.75 -0.71 -11.26
CA CYS A 55 -11.91 0.39 -11.72
C CYS A 55 -12.70 1.70 -11.76
N SER A 56 -13.91 1.65 -12.29
CA SER A 56 -14.75 2.83 -12.38
C SER A 56 -14.85 3.54 -11.03
N ASN A 57 -14.83 2.75 -9.96
CA ASN A 57 -14.90 3.29 -8.62
C ASN A 57 -13.86 2.66 -7.70
N PRO A 58 -12.65 3.23 -7.72
CA PRO A 58 -11.53 2.74 -6.89
C PRO A 58 -11.75 3.00 -5.40
N ARG A 59 -12.92 3.53 -5.07
CA ARG A 59 -13.26 3.83 -3.68
C ARG A 59 -13.17 2.57 -2.82
N TRP A 60 -12.13 2.50 -1.99
CA TRP A 60 -11.95 1.34 -1.12
C TRP A 60 -12.56 1.59 0.26
N ASN A 61 -12.24 2.73 0.84
CA ASN A 61 -12.75 3.10 2.16
C ASN A 61 -12.79 1.88 3.08
N GLU A 62 -11.72 1.09 3.05
CA GLU A 62 -11.64 -0.11 3.88
C GLU A 62 -10.56 0.05 4.95
N TRP A 63 -10.75 -0.63 6.08
CA TRP A 63 -9.78 -0.57 7.17
C TRP A 63 -8.87 -1.78 7.16
N LEU A 64 -7.66 -1.60 6.63
CA LEU A 64 -6.68 -2.67 6.55
C LEU A 64 -5.84 -2.74 7.83
N ASN A 65 -5.92 -3.87 8.53
CA ASN A 65 -5.17 -4.05 9.77
C ASN A 65 -3.90 -4.86 9.50
N TYR A 66 -2.84 -4.54 10.25
CA TYR A 66 -1.58 -5.23 10.10
C TYR A 66 -1.23 -6.02 11.36
N ASP A 67 -0.76 -7.25 11.19
CA ASP A 67 -0.40 -8.09 12.31
C ASP A 67 1.07 -7.91 12.68
N ILE A 68 1.48 -6.66 12.87
CA ILE A 68 2.85 -6.35 13.22
C ILE A 68 2.93 -5.64 14.57
N TYR A 69 4.15 -5.51 15.10
CA TYR A 69 4.36 -4.86 16.38
C TYR A 69 5.13 -3.55 16.21
N ILE A 70 4.61 -2.48 16.81
CA ILE A 70 5.24 -1.17 16.72
C ILE A 70 6.62 -1.19 17.39
N PRO A 71 6.65 -1.64 18.66
CA PRO A 71 7.89 -1.72 19.44
C PRO A 71 8.84 -2.79 18.91
N ASP A 72 8.39 -3.54 17.91
CA ASP A 72 9.19 -4.60 17.33
C ASP A 72 9.55 -4.28 15.88
N LEU A 73 8.94 -3.22 15.35
CA LEU A 73 9.20 -2.81 13.97
C LEU A 73 10.55 -2.12 13.86
N PRO A 74 11.46 -2.75 13.08
CA PRO A 74 12.81 -2.21 12.87
C PRO A 74 12.81 -0.95 12.02
N ARG A 75 13.58 0.05 12.45
CA ARG A 75 13.66 1.31 11.73
C ARG A 75 13.88 1.08 10.24
N ALA A 76 14.80 0.16 9.92
CA ALA A 76 15.11 -0.16 8.54
C ALA A 76 13.85 -0.50 7.75
N ALA A 77 12.98 -1.31 8.36
CA ALA A 77 11.74 -1.71 7.71
C ALA A 77 10.93 -0.49 7.29
N ARG A 78 9.97 -0.71 6.38
CA ARG A 78 9.14 0.38 5.89
C ARG A 78 7.84 -0.17 5.29
N LEU A 79 6.95 0.73 4.88
CA LEU A 79 5.68 0.33 4.29
C LEU A 79 5.75 0.35 2.77
N CYS A 80 5.26 -0.71 2.15
CA CYS A 80 5.26 -0.83 0.70
C CYS A 80 3.87 -1.15 0.16
N LEU A 81 3.46 -0.43 -0.87
CA LEU A 81 2.15 -0.64 -1.46
C LEU A 81 2.20 -0.45 -2.98
N SER A 82 1.30 -1.14 -3.69
CA SER A 82 1.25 -1.06 -5.14
C SER A 82 -0.12 -1.45 -5.66
N ILE A 83 -0.54 -0.82 -6.75
CA ILE A 83 -1.84 -1.09 -7.35
C ILE A 83 -1.75 -2.22 -8.37
N CYS A 84 -2.81 -3.01 -8.48
CA CYS A 84 -2.84 -4.12 -9.42
C CYS A 84 -4.26 -4.37 -9.92
N SER A 85 -4.39 -4.69 -11.20
CA SER A 85 -5.69 -4.96 -11.79
C SER A 85 -5.89 -6.46 -12.05
N VAL A 86 -6.90 -7.03 -11.40
CA VAL A 86 -7.20 -8.44 -11.56
C VAL A 86 -8.36 -8.67 -12.50
N LYS A 87 -8.23 -9.64 -13.39
CA LYS A 87 -9.28 -9.96 -14.36
C LYS A 87 -9.41 -11.46 -14.54
N GLY A 88 -10.60 -11.98 -14.28
CA GLY A 88 -10.83 -13.41 -14.43
C GLY A 88 -11.92 -13.72 -15.44
N ARG A 89 -12.12 -15.00 -15.72
CA ARG A 89 -13.14 -15.43 -16.67
C ARG A 89 -14.15 -16.36 -16.02
N LYS A 90 -15.07 -16.88 -16.82
CA LYS A 90 -16.09 -17.80 -16.32
C LYS A 90 -15.47 -18.88 -15.44
N GLY A 91 -15.65 -18.75 -14.13
CA GLY A 91 -15.09 -19.72 -13.20
C GLY A 91 -13.67 -20.11 -13.55
N ALA A 92 -12.97 -19.22 -14.25
CA ALA A 92 -11.59 -19.47 -14.63
C ALA A 92 -10.62 -18.71 -13.75
N LYS A 93 -9.32 -18.86 -14.01
CA LYS A 93 -8.30 -18.18 -13.23
C LYS A 93 -8.30 -16.69 -13.52
N GLU A 94 -7.73 -15.92 -12.59
CA GLU A 94 -7.67 -14.47 -12.76
C GLU A 94 -6.25 -14.03 -13.15
N GLU A 95 -6.15 -12.83 -13.70
CA GLU A 95 -4.87 -12.29 -14.12
C GLU A 95 -4.58 -10.95 -13.45
N HIS A 96 -3.53 -10.91 -12.64
CA HIS A 96 -3.15 -9.69 -11.94
C HIS A 96 -2.07 -8.94 -12.70
N CYS A 97 -2.07 -7.62 -12.57
CA CYS A 97 -1.09 -6.78 -13.25
C CYS A 97 -0.87 -5.48 -12.49
N PRO A 98 0.39 -5.24 -12.07
CA PRO A 98 0.77 -4.04 -11.32
C PRO A 98 0.71 -2.78 -12.19
N LEU A 99 0.32 -1.67 -11.58
CA LEU A 99 0.23 -0.40 -12.30
C LEU A 99 1.23 0.61 -11.74
N ALA A 100 1.26 0.74 -10.41
CA ALA A 100 2.16 1.66 -9.75
C ALA A 100 2.62 1.12 -8.40
N TRP A 101 3.62 1.78 -7.81
CA TRP A 101 4.15 1.35 -6.52
C TRP A 101 4.64 2.55 -5.72
N GLY A 102 4.24 2.60 -4.45
CA GLY A 102 4.66 3.70 -3.59
C GLY A 102 5.11 3.24 -2.23
N ASN A 103 6.36 3.54 -1.89
CA ASN A 103 6.92 3.15 -0.60
C ASN A 103 6.89 4.31 0.38
N ILE A 104 6.56 4.02 1.64
CA ILE A 104 6.50 5.04 2.67
C ILE A 104 7.25 4.60 3.92
N ASN A 105 8.26 5.38 4.31
CA ASN A 105 9.06 5.07 5.49
C ASN A 105 8.22 5.19 6.76
N LEU A 106 7.69 4.07 7.22
CA LEU A 106 6.87 4.05 8.43
C LEU A 106 7.37 5.07 9.45
N PHE A 107 8.69 5.18 9.56
CA PHE A 107 9.31 6.11 10.50
C PHE A 107 9.70 7.41 9.79
N ASP A 108 9.03 8.49 10.17
CA ASP A 108 9.30 9.80 9.57
C ASP A 108 10.79 10.13 9.64
N TYR A 109 11.15 11.32 9.19
CA TYR A 109 12.55 11.75 9.20
C TYR A 109 13.06 11.90 10.62
N THR A 110 12.18 12.29 11.53
CA THR A 110 12.54 12.47 12.94
C THR A 110 12.49 11.14 13.69
N ASP A 111 12.49 10.05 12.94
CA ASP A 111 12.44 8.71 13.53
C ASP A 111 11.17 8.54 14.36
N THR A 112 10.05 9.02 13.84
CA THR A 112 8.77 8.91 14.52
C THR A 112 7.68 8.43 13.58
N LEU A 113 6.98 7.37 13.98
CA LEU A 113 5.90 6.81 13.16
C LEU A 113 4.97 7.91 12.67
N VAL A 114 4.46 7.75 11.45
CA VAL A 114 3.55 8.73 10.86
C VAL A 114 2.16 8.61 11.45
N SER A 115 1.24 9.44 10.97
CA SER A 115 -0.13 9.43 11.46
C SER A 115 -1.01 10.35 10.62
N GLY A 116 -2.32 10.29 10.86
CA GLY A 116 -3.25 11.14 10.11
C GLY A 116 -3.34 10.75 8.65
N LYS A 117 -4.27 11.37 7.94
CA LYS A 117 -4.46 11.08 6.52
C LYS A 117 -3.31 11.64 5.70
N MET A 118 -3.04 11.01 4.56
CA MET A 118 -1.97 11.45 3.67
C MET A 118 -2.19 10.94 2.25
N ALA A 119 -1.74 11.71 1.27
CA ALA A 119 -1.88 11.32 -0.12
C ALA A 119 -0.62 11.66 -0.92
N LEU A 120 -0.03 10.64 -1.52
CA LEU A 120 1.19 10.83 -2.32
C LEU A 120 1.10 10.09 -3.64
N ASN A 121 1.92 10.49 -4.61
CA ASN A 121 1.93 9.86 -5.92
C ASN A 121 2.79 8.60 -5.92
N LEU A 122 2.45 7.65 -6.77
CA LEU A 122 3.19 6.40 -6.87
C LEU A 122 3.99 6.33 -8.18
N TRP A 123 5.10 5.62 -8.15
CA TRP A 123 5.95 5.47 -9.33
C TRP A 123 5.39 4.41 -10.26
N PRO A 124 5.69 4.57 -11.57
CA PRO A 124 5.23 3.62 -12.60
C PRO A 124 5.92 2.26 -12.49
N VAL A 125 5.40 1.28 -13.22
CA VAL A 125 5.97 -0.06 -13.21
C VAL A 125 7.08 -0.20 -14.24
N PRO A 126 8.29 -0.52 -13.75
CA PRO A 126 9.47 -0.69 -14.61
C PRO A 126 9.38 -1.93 -15.49
N HIS A 127 10.48 -2.28 -16.14
CA HIS A 127 10.53 -3.44 -17.01
C HIS A 127 11.12 -4.65 -16.28
N GLY A 128 12.18 -4.41 -15.52
CA GLY A 128 12.82 -5.48 -14.78
C GLY A 128 12.12 -5.78 -13.47
N LEU A 129 10.81 -5.96 -13.53
CA LEU A 129 10.03 -6.26 -12.33
C LEU A 129 9.05 -7.40 -12.59
N GLU A 130 9.36 -8.56 -12.03
CA GLU A 130 8.52 -9.75 -12.19
C GLU A 130 7.75 -10.06 -10.92
N ASP A 131 7.31 -9.00 -10.23
CA ASP A 131 6.56 -9.16 -8.98
C ASP A 131 5.53 -8.05 -8.83
N LEU A 132 4.40 -8.38 -8.21
CA LEU A 132 3.33 -7.41 -8.00
C LEU A 132 3.80 -6.26 -7.11
N LEU A 133 4.20 -6.60 -5.89
CA LEU A 133 4.68 -5.60 -4.94
C LEU A 133 6.18 -5.38 -5.09
N ASN A 134 6.58 -4.11 -5.13
CA ASN A 134 8.00 -3.78 -5.27
C ASN A 134 8.56 -3.26 -3.95
N PRO A 135 9.11 -4.19 -3.14
CA PRO A 135 9.69 -3.85 -1.84
C PRO A 135 10.99 -3.05 -1.98
N ILE A 136 11.69 -3.26 -3.09
CA ILE A 136 12.94 -2.55 -3.34
C ILE A 136 12.69 -1.15 -3.86
N GLY A 137 11.47 -0.90 -4.34
CA GLY A 137 11.12 0.41 -4.86
C GLY A 137 11.64 1.53 -3.99
N VAL A 138 11.83 2.70 -4.60
CA VAL A 138 12.32 3.86 -3.86
C VAL A 138 11.25 4.43 -2.94
N THR A 139 11.67 5.25 -1.98
CA THR A 139 10.75 5.85 -1.02
C THR A 139 10.53 7.33 -1.33
N GLY A 140 9.41 7.86 -0.86
CA GLY A 140 9.09 9.25 -1.10
C GLY A 140 7.89 9.44 -2.01
N SER A 141 7.28 10.62 -1.96
CA SER A 141 6.12 10.91 -2.77
C SER A 141 6.54 11.36 -4.17
N ASN A 142 6.31 10.50 -5.15
CA ASN A 142 6.66 10.80 -6.54
C ASN A 142 6.34 12.24 -6.87
N PRO A 143 7.38 13.02 -7.20
CA PRO A 143 7.24 14.44 -7.54
C PRO A 143 6.56 14.64 -8.89
N ASN A 144 6.36 13.54 -9.61
CA ASN A 144 5.71 13.59 -10.92
C ASN A 144 4.22 13.91 -10.79
N LYS A 145 3.66 14.54 -11.81
CA LYS A 145 2.25 14.89 -11.80
C LYS A 145 1.44 13.93 -12.67
N GLU A 146 2.10 13.30 -13.63
CA GLU A 146 1.44 12.35 -14.52
C GLU A 146 1.42 10.96 -13.91
N THR A 147 1.38 10.91 -12.58
CA THR A 147 1.35 9.64 -11.87
C THR A 147 0.15 9.55 -10.93
N PRO A 148 -0.31 8.33 -10.65
CA PRO A 148 -1.45 8.09 -9.78
C PRO A 148 -1.13 8.39 -8.32
N CYS A 149 -2.17 8.72 -7.55
CA CYS A 149 -1.99 9.03 -6.14
C CYS A 149 -2.99 8.26 -5.28
N LEU A 150 -2.49 7.61 -4.23
CA LEU A 150 -3.33 6.84 -3.34
C LEU A 150 -3.46 7.52 -1.98
N GLU A 151 -4.68 7.56 -1.45
CA GLU A 151 -4.93 8.19 -0.16
C GLU A 151 -5.17 7.13 0.92
N LEU A 152 -4.39 7.21 1.99
CA LEU A 152 -4.50 6.25 3.09
C LEU A 152 -4.49 6.97 4.43
N GLU A 153 -4.99 6.31 5.47
CA GLU A 153 -5.04 6.89 6.80
C GLU A 153 -4.18 6.07 7.78
N PHE A 154 -3.38 6.76 8.58
CA PHE A 154 -2.52 6.12 9.55
C PHE A 154 -3.14 6.15 10.95
N ASP A 155 -3.68 5.01 11.37
CA ASP A 155 -4.30 4.92 12.69
C ASP A 155 -3.52 3.96 13.60
N TRP A 156 -3.41 4.33 14.86
CA TRP A 156 -2.69 3.50 15.83
C TRP A 156 -3.57 3.17 17.03
N PHE A 157 -4.49 2.23 16.83
CA PHE A 157 -5.40 1.83 17.89
C PHE A 157 -4.67 1.03 18.97
N SER A 158 -3.88 0.04 18.53
CA SER A 158 -3.12 -0.79 19.46
C SER A 158 -4.06 -1.55 20.40
N GLY A 1 0.43 15.68 33.35
CA GLY A 1 -0.43 16.18 32.29
C GLY A 1 -1.48 15.19 31.87
N SER A 2 -2.06 15.41 30.70
CA SER A 2 -3.12 14.53 30.19
C SER A 2 -2.65 13.08 30.19
N SER A 3 -3.55 12.18 30.57
CA SER A 3 -3.24 10.76 30.62
C SER A 3 -2.83 10.24 29.25
N GLY A 4 -1.63 9.68 29.16
CA GLY A 4 -1.14 9.14 27.90
C GLY A 4 0.31 8.71 27.98
N SER A 5 0.53 7.44 28.31
CA SER A 5 1.88 6.91 28.43
C SER A 5 2.07 5.71 27.49
N SER A 6 1.11 4.78 27.53
CA SER A 6 1.17 3.60 26.69
C SER A 6 1.45 3.97 25.23
N GLY A 7 2.18 3.10 24.53
CA GLY A 7 2.50 3.36 23.14
C GLY A 7 1.64 2.55 22.19
N ASN A 8 2.19 2.24 21.02
CA ASN A 8 1.45 1.47 20.02
C ASN A 8 1.91 0.01 20.02
N SER A 9 1.01 -0.89 19.60
CA SER A 9 1.32 -2.31 19.56
C SER A 9 0.89 -2.91 18.22
N ALA A 10 -0.27 -2.47 17.73
CA ALA A 10 -0.79 -2.97 16.46
C ALA A 10 -0.93 -1.84 15.45
N LEU A 11 -0.43 -2.06 14.24
CA LEU A 11 -0.49 -1.06 13.18
C LEU A 11 -1.72 -1.28 12.31
N ARG A 12 -2.42 -0.20 11.98
CA ARG A 12 -3.62 -0.27 11.15
C ARG A 12 -3.69 0.92 10.21
N ILE A 13 -4.11 0.67 8.97
CA ILE A 13 -4.23 1.73 7.97
C ILE A 13 -5.51 1.57 7.17
N LYS A 14 -6.14 2.70 6.84
CA LYS A 14 -7.38 2.70 6.07
C LYS A 14 -7.20 3.44 4.75
N ILE A 15 -7.31 2.72 3.65
CA ILE A 15 -7.17 3.31 2.32
C ILE A 15 -8.46 3.99 1.88
N LEU A 16 -8.31 5.09 1.15
CA LEU A 16 -9.47 5.85 0.66
C LEU A 16 -9.76 5.51 -0.80
N CYS A 17 -8.92 6.00 -1.69
CA CYS A 17 -9.08 5.76 -3.12
C CYS A 17 -7.86 6.24 -3.90
N ALA A 18 -7.88 6.04 -5.22
CA ALA A 18 -6.78 6.44 -6.07
C ALA A 18 -7.28 7.25 -7.26
N THR A 19 -6.52 8.27 -7.64
CA THR A 19 -6.89 9.11 -8.78
C THR A 19 -5.84 9.02 -9.89
N TYR A 20 -6.31 9.10 -11.13
CA TYR A 20 -5.42 9.03 -12.28
C TYR A 20 -4.80 7.64 -12.41
N VAL A 21 -5.62 6.61 -12.29
CA VAL A 21 -5.14 5.24 -12.39
C VAL A 21 -4.81 4.87 -13.83
N ASN A 22 -3.73 4.11 -14.01
CA ASN A 22 -3.30 3.69 -15.33
C ASN A 22 -4.46 3.11 -16.12
N VAL A 23 -5.35 2.40 -15.43
CA VAL A 23 -6.51 1.79 -16.06
C VAL A 23 -7.04 2.66 -17.20
N ASN A 24 -6.70 2.29 -18.42
CA ASN A 24 -7.15 3.04 -19.60
C ASN A 24 -8.27 2.30 -20.32
N ILE A 25 -7.94 1.18 -20.93
CA ILE A 25 -8.94 0.38 -21.65
C ILE A 25 -10.18 0.15 -20.79
N ARG A 26 -11.14 -0.58 -21.35
CA ARG A 26 -12.37 -0.89 -20.63
C ARG A 26 -12.69 -2.38 -20.70
N ASP A 27 -11.83 -3.19 -20.07
CA ASP A 27 -12.01 -4.63 -20.05
C ASP A 27 -11.82 -5.19 -18.64
N ILE A 28 -10.78 -4.71 -17.96
CA ILE A 28 -10.49 -5.16 -16.61
C ILE A 28 -11.78 -5.38 -15.81
N ASP A 29 -11.86 -6.51 -15.13
CA ASP A 29 -13.03 -6.84 -14.32
C ASP A 29 -13.05 -6.03 -13.03
N LYS A 30 -12.04 -6.25 -12.19
CA LYS A 30 -11.94 -5.54 -10.92
C LYS A 30 -10.48 -5.27 -10.56
N ILE A 31 -10.26 -4.63 -9.42
CA ILE A 31 -8.91 -4.31 -8.96
C ILE A 31 -8.75 -4.58 -7.47
N TYR A 32 -7.55 -4.34 -6.97
CA TYR A 32 -7.27 -4.56 -5.55
C TYR A 32 -5.87 -4.07 -5.19
N VAL A 33 -5.76 -3.41 -4.03
CA VAL A 33 -4.47 -2.89 -3.58
C VAL A 33 -3.73 -3.93 -2.74
N ARG A 34 -2.41 -3.93 -2.84
CA ARG A 34 -1.57 -4.86 -2.10
C ARG A 34 -0.48 -4.13 -1.33
N THR A 35 -0.48 -4.30 -0.01
CA THR A 35 0.51 -3.64 0.85
C THR A 35 1.37 -4.67 1.56
N GLY A 36 2.31 -4.19 2.37
CA GLY A 36 3.20 -5.07 3.09
C GLY A 36 4.51 -4.42 3.45
N ILE A 37 5.00 -4.67 4.66
CA ILE A 37 6.26 -4.10 5.12
C ILE A 37 7.43 -4.98 4.73
N TYR A 38 8.59 -4.35 4.52
CA TYR A 38 9.79 -5.09 4.15
C TYR A 38 11.02 -4.53 4.85
N HIS A 39 12.02 -5.38 5.06
CA HIS A 39 13.25 -4.96 5.72
C HIS A 39 14.47 -5.31 4.87
N GLY A 40 15.05 -4.31 4.23
CA GLY A 40 16.22 -4.53 3.39
C GLY A 40 15.92 -5.44 2.22
N GLY A 41 14.87 -5.12 1.47
CA GLY A 41 14.51 -5.92 0.32
C GLY A 41 14.14 -7.35 0.70
N GLU A 42 13.52 -7.50 1.87
CA GLU A 42 13.14 -8.83 2.35
C GLU A 42 11.79 -8.76 3.07
N PRO A 43 10.97 -9.80 2.89
CA PRO A 43 9.65 -9.88 3.52
C PRO A 43 9.74 -10.10 5.02
N LEU A 44 8.75 -9.60 5.75
CA LEU A 44 8.71 -9.73 7.20
C LEU A 44 7.54 -10.60 7.64
N CYS A 45 6.42 -10.47 6.95
CA CYS A 45 5.23 -11.25 7.26
C CYS A 45 4.27 -11.28 6.07
N ASP A 46 3.24 -12.13 6.17
CA ASP A 46 2.26 -12.25 5.10
C ASP A 46 1.72 -10.88 4.69
N ASN A 47 1.69 -10.63 3.39
CA ASN A 47 1.21 -9.36 2.87
C ASN A 47 -0.29 -9.20 3.13
N VAL A 48 -0.76 -7.96 3.04
CA VAL A 48 -2.17 -7.67 3.26
C VAL A 48 -2.80 -6.99 2.05
N ASN A 49 -4.03 -7.40 1.71
CA ASN A 49 -4.73 -6.83 0.57
C ASN A 49 -6.11 -6.32 0.99
N THR A 50 -6.64 -5.38 0.22
CA THR A 50 -7.95 -4.80 0.49
C THR A 50 -9.05 -5.54 -0.26
N GLN A 51 -10.29 -5.11 -0.07
CA GLN A 51 -11.43 -5.73 -0.74
C GLN A 51 -11.37 -5.50 -2.25
N ARG A 52 -12.14 -6.28 -2.99
CA ARG A 52 -12.18 -6.16 -4.44
C ARG A 52 -13.10 -5.03 -4.88
N VAL A 53 -12.58 -4.11 -5.69
CA VAL A 53 -13.35 -2.99 -6.18
C VAL A 53 -13.09 -2.73 -7.65
N PRO A 54 -14.09 -2.16 -8.35
CA PRO A 54 -13.99 -1.86 -9.78
C PRO A 54 -13.02 -0.72 -10.06
N CYS A 55 -12.23 -0.88 -11.11
CA CYS A 55 -11.25 0.14 -11.49
C CYS A 55 -11.90 1.52 -11.56
N SER A 56 -13.06 1.59 -12.20
CA SER A 56 -13.78 2.85 -12.33
C SER A 56 -13.94 3.54 -10.99
N ASN A 57 -14.13 2.74 -9.94
CA ASN A 57 -14.30 3.27 -8.59
C ASN A 57 -13.37 2.55 -7.61
N PRO A 58 -12.12 3.03 -7.52
CA PRO A 58 -11.12 2.45 -6.62
C PRO A 58 -11.43 2.72 -5.15
N ARG A 59 -12.56 3.36 -4.90
CA ARG A 59 -12.98 3.68 -3.54
C ARG A 59 -12.95 2.44 -2.65
N TRP A 60 -11.99 2.40 -1.74
CA TRP A 60 -11.85 1.27 -0.82
C TRP A 60 -12.38 1.61 0.56
N ASN A 61 -11.97 2.79 1.06
CA ASN A 61 -12.40 3.24 2.38
C ASN A 61 -12.53 2.06 3.34
N GLU A 62 -11.55 1.17 3.33
CA GLU A 62 -11.55 0.00 4.20
C GLU A 62 -10.42 0.08 5.21
N TRP A 63 -10.66 -0.48 6.40
CA TRP A 63 -9.66 -0.47 7.46
C TRP A 63 -8.75 -1.69 7.37
N LEU A 64 -7.59 -1.52 6.75
CA LEU A 64 -6.64 -2.61 6.59
C LEU A 64 -5.77 -2.75 7.83
N ASN A 65 -5.95 -3.85 8.56
CA ASN A 65 -5.17 -4.09 9.77
C ASN A 65 -3.91 -4.90 9.46
N TYR A 66 -2.78 -4.46 9.99
CA TYR A 66 -1.51 -5.13 9.77
C TYR A 66 -1.15 -6.03 10.95
N ASP A 67 -0.67 -7.22 10.65
CA ASP A 67 -0.28 -8.17 11.69
C ASP A 67 1.17 -7.96 12.11
N ILE A 68 1.55 -6.70 12.29
CA ILE A 68 2.91 -6.36 12.69
C ILE A 68 2.94 -5.78 14.10
N TYR A 69 4.14 -5.62 14.64
CA TYR A 69 4.30 -5.08 15.98
C TYR A 69 5.08 -3.76 15.95
N ILE A 70 4.42 -2.68 16.35
CA ILE A 70 5.06 -1.36 16.37
C ILE A 70 6.35 -1.39 17.15
N PRO A 71 6.30 -1.92 18.38
CA PRO A 71 7.47 -2.02 19.26
C PRO A 71 8.49 -3.05 18.76
N ASP A 72 8.20 -3.64 17.61
CA ASP A 72 9.08 -4.64 17.02
C ASP A 72 9.48 -4.24 15.60
N LEU A 73 8.81 -3.23 15.07
CA LEU A 73 9.10 -2.75 13.72
C LEU A 73 10.43 -2.01 13.68
N PRO A 74 11.41 -2.57 12.96
CA PRO A 74 12.74 -1.99 12.82
C PRO A 74 12.73 -0.72 11.97
N ARG A 75 13.59 0.23 12.32
CA ARG A 75 13.68 1.48 11.59
C ARG A 75 13.94 1.23 10.10
N ALA A 76 14.82 0.29 9.82
CA ALA A 76 15.16 -0.04 8.43
C ALA A 76 13.91 -0.42 7.65
N ALA A 77 13.00 -1.14 8.29
CA ALA A 77 11.76 -1.56 7.65
C ALA A 77 10.96 -0.35 7.17
N ARG A 78 9.98 -0.62 6.30
CA ARG A 78 9.14 0.44 5.75
C ARG A 78 7.86 -0.13 5.17
N LEU A 79 6.95 0.75 4.75
CA LEU A 79 5.68 0.34 4.18
C LEU A 79 5.73 0.38 2.65
N CYS A 80 5.28 -0.70 2.02
CA CYS A 80 5.28 -0.79 0.56
C CYS A 80 3.90 -1.18 0.05
N LEU A 81 3.46 -0.49 -1.01
CA LEU A 81 2.15 -0.76 -1.60
C LEU A 81 2.21 -0.63 -3.12
N SER A 82 1.28 -1.31 -3.80
CA SER A 82 1.23 -1.26 -5.26
C SER A 82 -0.15 -1.69 -5.75
N ILE A 83 -0.68 -0.94 -6.71
CA ILE A 83 -2.00 -1.24 -7.28
C ILE A 83 -1.90 -2.32 -8.34
N CYS A 84 -2.88 -3.21 -8.37
CA CYS A 84 -2.91 -4.30 -9.35
C CYS A 84 -4.31 -4.47 -9.92
N SER A 85 -4.37 -4.97 -11.16
CA SER A 85 -5.65 -5.18 -11.83
C SER A 85 -5.93 -6.68 -11.99
N VAL A 86 -7.12 -7.09 -11.57
CA VAL A 86 -7.53 -8.49 -11.67
C VAL A 86 -8.64 -8.67 -12.69
N LYS A 87 -8.46 -9.63 -13.59
CA LYS A 87 -9.46 -9.90 -14.62
C LYS A 87 -9.63 -11.41 -14.83
N GLY A 88 -10.87 -11.84 -14.98
CA GLY A 88 -11.14 -13.26 -15.17
C GLY A 88 -12.63 -13.56 -15.20
N ARG A 89 -12.98 -14.79 -15.55
CA ARG A 89 -14.37 -15.21 -15.62
C ARG A 89 -14.67 -16.29 -14.59
N LYS A 90 -15.94 -16.66 -14.46
CA LYS A 90 -16.35 -17.68 -13.51
C LYS A 90 -15.73 -19.03 -13.87
N GLY A 91 -15.25 -19.74 -12.86
CA GLY A 91 -14.64 -21.03 -13.08
C GLY A 91 -13.20 -20.93 -13.55
N ALA A 92 -12.92 -19.90 -14.35
CA ALA A 92 -11.57 -19.69 -14.88
C ALA A 92 -10.73 -18.88 -13.90
N LYS A 93 -9.42 -18.86 -14.13
CA LYS A 93 -8.50 -18.12 -13.27
C LYS A 93 -8.42 -16.66 -13.69
N GLU A 94 -7.98 -15.81 -12.76
CA GLU A 94 -7.87 -14.38 -13.04
C GLU A 94 -6.42 -14.00 -13.32
N GLU A 95 -6.22 -12.79 -13.84
CA GLU A 95 -4.88 -12.30 -14.15
C GLU A 95 -4.57 -11.02 -13.38
N HIS A 96 -3.44 -11.01 -12.68
CA HIS A 96 -3.03 -9.85 -11.90
C HIS A 96 -1.85 -9.14 -12.56
N CYS A 97 -1.91 -7.82 -12.63
CA CYS A 97 -0.85 -7.02 -13.23
C CYS A 97 -0.64 -5.72 -12.47
N PRO A 98 0.61 -5.45 -12.08
CA PRO A 98 0.96 -4.25 -11.34
C PRO A 98 0.87 -2.99 -12.20
N LEU A 99 0.49 -1.88 -11.58
CA LEU A 99 0.36 -0.61 -12.30
C LEU A 99 1.30 0.44 -11.72
N ALA A 100 1.37 0.50 -10.39
CA ALA A 100 2.22 1.47 -9.71
C ALA A 100 2.66 0.94 -8.34
N TRP A 101 3.71 1.53 -7.80
CA TRP A 101 4.22 1.13 -6.49
C TRP A 101 4.72 2.33 -5.70
N GLY A 102 4.36 2.38 -4.41
CA GLY A 102 4.77 3.49 -3.58
C GLY A 102 5.19 3.03 -2.18
N ASN A 103 6.33 3.53 -1.73
CA ASN A 103 6.85 3.17 -0.41
C ASN A 103 6.79 4.35 0.55
N ILE A 104 6.38 4.10 1.78
CA ILE A 104 6.28 5.15 2.79
C ILE A 104 7.17 4.84 3.99
N ASN A 105 7.91 5.86 4.45
CA ASN A 105 8.80 5.70 5.59
C ASN A 105 8.01 5.60 6.89
N LEU A 106 7.61 4.38 7.24
CA LEU A 106 6.85 4.16 8.46
C LEU A 106 7.31 5.09 9.58
N PHE A 107 8.60 5.39 9.59
CA PHE A 107 9.17 6.28 10.59
C PHE A 107 9.59 7.61 9.98
N ASP A 108 8.95 8.69 10.42
CA ASP A 108 9.26 10.02 9.91
C ASP A 108 10.76 10.29 9.97
N TYR A 109 11.15 11.50 9.58
CA TYR A 109 12.56 11.88 9.59
C TYR A 109 13.10 11.91 11.02
N THR A 110 12.25 12.28 11.96
CA THR A 110 12.64 12.35 13.36
C THR A 110 12.37 11.03 14.07
N ASP A 111 12.45 9.94 13.32
CA ASP A 111 12.23 8.60 13.89
C ASP A 111 10.92 8.57 14.68
N THR A 112 9.86 9.07 14.08
CA THR A 112 8.55 9.09 14.74
C THR A 112 7.45 8.66 13.78
N LEU A 113 6.84 7.51 14.05
CA LEU A 113 5.78 6.98 13.21
C LEU A 113 4.89 8.12 12.69
N VAL A 114 4.34 7.93 11.49
CA VAL A 114 3.48 8.93 10.88
C VAL A 114 2.10 8.93 11.53
N SER A 115 1.22 9.80 11.03
CA SER A 115 -0.14 9.89 11.57
C SER A 115 -0.97 10.87 10.73
N GLY A 116 -2.29 10.69 10.77
CA GLY A 116 -3.18 11.55 10.02
C GLY A 116 -3.23 11.18 8.55
N LYS A 117 -4.35 11.48 7.90
CA LYS A 117 -4.52 11.18 6.49
C LYS A 117 -3.42 11.82 5.65
N MET A 118 -3.04 11.16 4.56
CA MET A 118 -1.99 11.67 3.69
C MET A 118 -2.12 11.07 2.29
N ALA A 119 -1.65 11.81 1.29
CA ALA A 119 -1.71 11.36 -0.09
C ALA A 119 -0.39 11.59 -0.81
N LEU A 120 0.10 10.57 -1.50
CA LEU A 120 1.36 10.66 -2.24
C LEU A 120 1.25 9.99 -3.60
N ASN A 121 2.08 10.43 -4.54
CA ASN A 121 2.07 9.86 -5.88
C ASN A 121 2.79 8.51 -5.90
N LEU A 122 2.47 7.69 -6.90
CA LEU A 122 3.08 6.37 -7.03
C LEU A 122 3.94 6.30 -8.30
N TRP A 123 4.95 5.43 -8.27
CA TRP A 123 5.84 5.26 -9.41
C TRP A 123 5.31 4.20 -10.36
N PRO A 124 5.60 4.38 -11.66
CA PRO A 124 5.16 3.44 -12.70
C PRO A 124 5.88 2.10 -12.62
N VAL A 125 5.32 1.09 -13.29
CA VAL A 125 5.91 -0.24 -13.30
C VAL A 125 6.73 -0.48 -14.56
N PRO A 126 8.02 -0.77 -14.38
CA PRO A 126 8.95 -1.02 -15.49
C PRO A 126 8.65 -2.34 -16.20
N HIS A 127 9.49 -2.69 -17.17
CA HIS A 127 9.32 -3.92 -17.92
C HIS A 127 10.06 -5.08 -17.25
N GLY A 128 11.24 -4.79 -16.72
CA GLY A 128 12.03 -5.80 -16.05
C GLY A 128 11.61 -6.04 -14.62
N LEU A 129 10.33 -6.37 -14.43
CA LEU A 129 9.79 -6.62 -13.10
C LEU A 129 8.80 -7.77 -13.12
N GLU A 130 9.10 -8.81 -12.34
CA GLU A 130 8.23 -9.98 -12.27
C GLU A 130 7.65 -10.15 -10.87
N ASP A 131 7.20 -9.04 -10.29
CA ASP A 131 6.62 -9.06 -8.94
C ASP A 131 5.54 -7.99 -8.80
N LEU A 132 4.41 -8.39 -8.24
CA LEU A 132 3.29 -7.47 -8.04
C LEU A 132 3.70 -6.29 -7.16
N LEU A 133 4.23 -6.59 -5.98
CA LEU A 133 4.67 -5.56 -5.05
C LEU A 133 6.18 -5.33 -5.16
N ASN A 134 6.58 -4.07 -5.18
CA ASN A 134 7.99 -3.72 -5.27
C ASN A 134 8.53 -3.23 -3.93
N PRO A 135 9.11 -4.17 -3.16
CA PRO A 135 9.67 -3.85 -1.84
C PRO A 135 10.93 -3.00 -1.93
N ILE A 136 11.69 -3.18 -3.01
CA ILE A 136 12.91 -2.43 -3.22
C ILE A 136 12.61 -0.99 -3.63
N GLY A 137 11.45 -0.79 -4.25
CA GLY A 137 11.06 0.55 -4.67
C GLY A 137 11.55 1.63 -3.74
N VAL A 138 11.84 2.80 -4.29
CA VAL A 138 12.32 3.92 -3.49
C VAL A 138 11.26 4.39 -2.51
N THR A 139 11.63 5.33 -1.64
CA THR A 139 10.71 5.86 -0.64
C THR A 139 10.49 7.36 -0.85
N GLY A 140 9.27 7.81 -0.55
CA GLY A 140 8.95 9.22 -0.70
C GLY A 140 7.85 9.46 -1.72
N SER A 141 7.25 10.64 -1.68
CA SER A 141 6.17 10.99 -2.59
C SER A 141 6.73 11.49 -3.92
N ASN A 142 6.41 10.77 -5.00
CA ASN A 142 6.88 11.14 -6.33
C ASN A 142 6.36 12.52 -6.72
N PRO A 143 7.27 13.40 -7.17
CA PRO A 143 6.93 14.75 -7.59
C PRO A 143 6.12 14.77 -8.89
N ASN A 144 5.81 13.60 -9.41
CA ASN A 144 5.05 13.48 -10.64
C ASN A 144 3.56 13.42 -10.35
N LYS A 145 2.83 14.41 -10.84
CA LYS A 145 1.38 14.48 -10.63
C LYS A 145 0.65 13.51 -11.56
N GLU A 146 1.05 13.52 -12.83
CA GLU A 146 0.43 12.65 -13.83
C GLU A 146 0.26 11.24 -13.27
N THR A 147 1.24 10.78 -12.51
CA THR A 147 1.20 9.45 -11.92
C THR A 147 0.04 9.32 -10.93
N PRO A 148 -0.47 8.10 -10.77
CA PRO A 148 -1.58 7.82 -9.86
C PRO A 148 -1.17 7.94 -8.38
N CYS A 149 -1.97 8.65 -7.61
CA CYS A 149 -1.69 8.85 -6.19
C CYS A 149 -2.73 8.14 -5.32
N LEU A 150 -2.26 7.48 -4.28
CA LEU A 150 -3.15 6.77 -3.37
C LEU A 150 -3.25 7.48 -2.03
N GLU A 151 -4.47 7.55 -1.49
CA GLU A 151 -4.70 8.21 -0.20
C GLU A 151 -4.94 7.19 0.89
N LEU A 152 -4.23 7.33 2.00
CA LEU A 152 -4.36 6.41 3.13
C LEU A 152 -4.45 7.18 4.45
N GLU A 153 -4.95 6.51 5.49
CA GLU A 153 -5.08 7.13 6.79
C GLU A 153 -4.21 6.42 7.82
N PHE A 154 -3.36 7.18 8.50
CA PHE A 154 -2.47 6.61 9.50
C PHE A 154 -3.08 6.70 10.90
N ASP A 155 -3.50 5.57 11.43
CA ASP A 155 -4.11 5.53 12.76
C ASP A 155 -3.57 4.35 13.57
N TRP A 156 -3.64 4.48 14.89
CA TRP A 156 -3.15 3.43 15.78
C TRP A 156 -4.13 3.18 16.92
N PHE A 157 -4.86 2.07 16.84
CA PHE A 157 -5.83 1.73 17.87
C PHE A 157 -5.16 0.98 19.02
N SER A 158 -4.30 0.02 18.68
CA SER A 158 -3.61 -0.76 19.69
C SER A 158 -4.60 -1.43 20.65
N GLY A 1 16.62 9.00 28.10
CA GLY A 1 15.58 8.77 27.11
C GLY A 1 14.20 9.10 27.62
N SER A 2 13.53 10.04 26.96
CA SER A 2 12.19 10.44 27.36
C SER A 2 11.16 9.36 27.02
N SER A 3 10.44 8.91 28.05
CA SER A 3 9.44 7.87 27.87
C SER A 3 8.36 7.96 28.95
N GLY A 4 7.11 7.77 28.55
CA GLY A 4 6.01 7.83 29.49
C GLY A 4 4.67 7.58 28.84
N SER A 5 4.45 8.21 27.69
CA SER A 5 3.18 8.05 26.96
C SER A 5 3.38 7.21 25.70
N SER A 6 2.86 6.00 25.72
CA SER A 6 2.98 5.09 24.58
C SER A 6 1.83 4.09 24.56
N GLY A 7 1.19 3.94 23.40
CA GLY A 7 0.09 3.01 23.27
C GLY A 7 -0.09 2.53 21.84
N ASN A 8 0.99 2.03 21.26
CA ASN A 8 0.94 1.52 19.89
C ASN A 8 1.52 0.10 19.81
N SER A 9 0.66 -0.85 19.49
CA SER A 9 1.07 -2.25 19.39
C SER A 9 0.68 -2.83 18.03
N ALA A 10 -0.43 -2.35 17.48
CA ALA A 10 -0.91 -2.83 16.20
C ALA A 10 -1.02 -1.68 15.19
N LEU A 11 -0.64 -1.95 13.96
CA LEU A 11 -0.70 -0.93 12.90
C LEU A 11 -1.88 -1.18 11.97
N ARG A 12 -2.64 -0.13 11.70
CA ARG A 12 -3.80 -0.23 10.82
C ARG A 12 -3.90 1.00 9.92
N ILE A 13 -4.25 0.77 8.65
CA ILE A 13 -4.39 1.85 7.69
C ILE A 13 -5.66 1.70 6.86
N LYS A 14 -6.45 2.75 6.79
CA LYS A 14 -7.69 2.74 6.03
C LYS A 14 -7.52 3.48 4.71
N ILE A 15 -7.48 2.72 3.62
CA ILE A 15 -7.32 3.30 2.29
C ILE A 15 -8.59 4.03 1.86
N LEU A 16 -8.41 5.14 1.16
CA LEU A 16 -9.54 5.94 0.68
C LEU A 16 -9.89 5.59 -0.76
N CYS A 17 -9.04 6.01 -1.68
CA CYS A 17 -9.25 5.73 -3.10
C CYS A 17 -8.05 6.16 -3.93
N ALA A 18 -8.13 5.95 -5.24
CA ALA A 18 -7.04 6.32 -6.14
C ALA A 18 -7.53 7.25 -7.24
N THR A 19 -6.58 7.81 -7.98
CA THR A 19 -6.91 8.73 -9.07
C THR A 19 -5.91 8.62 -10.20
N TYR A 20 -6.39 8.76 -11.44
CA TYR A 20 -5.52 8.68 -12.61
C TYR A 20 -4.85 7.30 -12.70
N VAL A 21 -5.66 6.26 -12.55
CA VAL A 21 -5.15 4.89 -12.61
C VAL A 21 -5.15 4.38 -14.05
N ASN A 22 -4.25 3.44 -14.33
CA ASN A 22 -4.15 2.86 -15.68
C ASN A 22 -5.53 2.44 -16.19
N VAL A 23 -6.35 1.88 -15.29
CA VAL A 23 -7.68 1.43 -15.66
C VAL A 23 -8.32 2.37 -16.68
N ASN A 24 -8.46 1.89 -17.91
CA ASN A 24 -9.06 2.69 -18.97
C ASN A 24 -10.17 1.91 -19.67
N ILE A 25 -9.80 0.85 -20.37
CA ILE A 25 -10.78 0.02 -21.08
C ILE A 25 -11.74 -0.64 -20.11
N ARG A 26 -12.72 -1.35 -20.66
CA ARG A 26 -13.72 -2.04 -19.84
C ARG A 26 -13.55 -3.55 -19.93
N ASP A 27 -12.33 -4.02 -19.67
CA ASP A 27 -12.03 -5.45 -19.72
C ASP A 27 -11.71 -5.99 -18.33
N ILE A 28 -10.88 -5.26 -17.60
CA ILE A 28 -10.49 -5.67 -16.26
C ILE A 28 -11.72 -5.91 -15.38
N ASP A 29 -11.70 -7.01 -14.63
CA ASP A 29 -12.80 -7.36 -13.75
C ASP A 29 -12.86 -6.41 -12.56
N LYS A 30 -11.81 -6.43 -11.75
CA LYS A 30 -11.75 -5.56 -10.58
C LYS A 30 -10.32 -5.14 -10.29
N ILE A 31 -10.14 -4.33 -9.25
CA ILE A 31 -8.81 -3.85 -8.87
C ILE A 31 -8.65 -3.80 -7.35
N TYR A 32 -7.44 -4.07 -6.88
CA TYR A 32 -7.17 -4.06 -5.45
C TYR A 32 -5.76 -3.52 -5.17
N VAL A 33 -5.51 -3.15 -3.93
CA VAL A 33 -4.21 -2.63 -3.53
C VAL A 33 -3.49 -3.59 -2.60
N ARG A 34 -2.17 -3.72 -2.78
CA ARG A 34 -1.37 -4.61 -1.96
C ARG A 34 -0.34 -3.82 -1.15
N THR A 35 -0.33 -4.06 0.16
CA THR A 35 0.60 -3.37 1.05
C THR A 35 1.35 -4.37 1.93
N GLY A 36 2.39 -3.88 2.60
CA GLY A 36 3.18 -4.74 3.47
C GLY A 36 4.52 -4.13 3.83
N ILE A 37 5.06 -4.52 4.98
CA ILE A 37 6.34 -4.00 5.43
C ILE A 37 7.48 -4.95 5.07
N TYR A 38 8.64 -4.39 4.78
CA TYR A 38 9.81 -5.20 4.43
C TYR A 38 11.07 -4.65 5.08
N HIS A 39 12.09 -5.50 5.18
CA HIS A 39 13.36 -5.10 5.79
C HIS A 39 14.53 -5.67 5.01
N GLY A 40 15.22 -4.82 4.27
CA GLY A 40 16.37 -5.25 3.48
C GLY A 40 15.96 -5.95 2.20
N GLY A 41 14.83 -5.53 1.65
CA GLY A 41 14.34 -6.12 0.41
C GLY A 41 13.74 -7.50 0.63
N GLU A 42 13.18 -7.73 1.82
CA GLU A 42 12.59 -9.01 2.14
C GLU A 42 11.42 -8.83 3.12
N PRO A 43 10.42 -9.72 3.01
CA PRO A 43 9.23 -9.68 3.87
C PRO A 43 9.56 -10.05 5.32
N LEU A 44 8.69 -9.64 6.24
CA LEU A 44 8.88 -9.93 7.65
C LEU A 44 7.82 -10.89 8.16
N CYS A 45 6.57 -10.67 7.73
CA CYS A 45 5.46 -11.52 8.15
C CYS A 45 4.62 -11.93 6.94
N ASP A 46 3.90 -10.96 6.37
CA ASP A 46 3.05 -11.22 5.22
C ASP A 46 2.48 -9.92 4.67
N ASN A 47 1.92 -9.99 3.46
CA ASN A 47 1.34 -8.81 2.82
C ASN A 47 -0.17 -8.77 3.04
N VAL A 48 -0.72 -7.56 3.09
CA VAL A 48 -2.15 -7.37 3.28
C VAL A 48 -2.81 -6.74 2.06
N ASN A 49 -3.93 -7.31 1.64
CA ASN A 49 -4.65 -6.80 0.48
C ASN A 49 -6.02 -6.28 0.88
N THR A 50 -6.58 -5.38 0.07
CA THR A 50 -7.88 -4.80 0.33
C THR A 50 -8.96 -5.47 -0.50
N GLN A 51 -10.23 -5.24 -0.14
CA GLN A 51 -11.34 -5.83 -0.87
C GLN A 51 -11.20 -5.60 -2.37
N ARG A 52 -12.15 -6.11 -3.14
CA ARG A 52 -12.12 -5.97 -4.59
C ARG A 52 -13.20 -4.98 -5.06
N VAL A 53 -12.76 -3.87 -5.64
CA VAL A 53 -13.69 -2.85 -6.13
C VAL A 53 -13.52 -2.62 -7.62
N PRO A 54 -14.59 -2.20 -8.29
CA PRO A 54 -14.58 -1.94 -9.73
C PRO A 54 -13.76 -0.71 -10.09
N CYS A 55 -13.01 -0.80 -11.17
CA CYS A 55 -12.16 0.30 -11.63
C CYS A 55 -12.95 1.61 -11.63
N SER A 56 -14.18 1.56 -12.13
CA SER A 56 -15.03 2.74 -12.20
C SER A 56 -15.12 3.42 -10.84
N ASN A 57 -14.99 2.62 -9.78
CA ASN A 57 -15.06 3.14 -8.42
C ASN A 57 -13.94 2.58 -7.56
N PRO A 58 -12.76 3.20 -7.64
CA PRO A 58 -11.58 2.77 -6.88
C PRO A 58 -11.73 3.05 -5.38
N ARG A 59 -12.88 3.58 -4.99
CA ARG A 59 -13.15 3.89 -3.60
C ARG A 59 -13.09 2.63 -2.74
N TRP A 60 -12.19 2.62 -1.77
CA TRP A 60 -12.03 1.48 -0.88
C TRP A 60 -12.53 1.81 0.53
N ASN A 61 -12.13 2.96 1.04
CA ASN A 61 -12.53 3.39 2.37
C ASN A 61 -12.67 2.19 3.32
N GLU A 62 -11.72 1.27 3.23
CA GLU A 62 -11.75 0.07 4.07
C GLU A 62 -10.60 0.09 5.08
N TRP A 63 -10.85 -0.43 6.27
CA TRP A 63 -9.85 -0.47 7.31
C TRP A 63 -8.92 -1.67 7.15
N LEU A 64 -7.67 -1.41 6.79
CA LEU A 64 -6.69 -2.47 6.59
C LEU A 64 -5.88 -2.68 7.85
N ASN A 65 -5.89 -3.92 8.36
CA ASN A 65 -5.14 -4.27 9.55
C ASN A 65 -3.85 -4.99 9.21
N TYR A 66 -2.77 -4.63 9.89
CA TYR A 66 -1.47 -5.25 9.65
C TYR A 66 -1.07 -6.15 10.82
N ASP A 67 -0.57 -7.34 10.49
CA ASP A 67 -0.15 -8.29 11.52
C ASP A 67 1.27 -7.99 11.98
N ILE A 68 1.60 -6.72 12.09
CA ILE A 68 2.93 -6.30 12.52
C ILE A 68 2.90 -5.69 13.92
N TYR A 69 4.04 -5.66 14.58
CA TYR A 69 4.14 -5.10 15.92
C TYR A 69 4.97 -3.82 15.91
N ILE A 70 4.38 -2.74 16.43
CA ILE A 70 5.07 -1.45 16.50
C ILE A 70 6.38 -1.56 17.28
N PRO A 71 6.28 -2.08 18.51
CA PRO A 71 7.45 -2.24 19.39
C PRO A 71 8.38 -3.34 18.89
N ASP A 72 8.05 -3.94 17.76
CA ASP A 72 8.86 -5.00 17.18
C ASP A 72 9.26 -4.66 15.74
N LEU A 73 8.79 -3.52 15.26
CA LEU A 73 9.09 -3.08 13.90
C LEU A 73 10.42 -2.34 13.85
N PRO A 74 11.39 -2.90 13.11
CA PRO A 74 12.72 -2.31 12.97
C PRO A 74 12.70 -1.02 12.14
N ARG A 75 13.56 -0.07 12.50
CA ARG A 75 13.63 1.20 11.80
C ARG A 75 13.98 0.98 10.33
N ALA A 76 14.86 0.03 10.07
CA ALA A 76 15.27 -0.28 8.70
C ALA A 76 14.07 -0.64 7.83
N ALA A 77 13.02 -1.15 8.47
CA ALA A 77 11.81 -1.53 7.75
C ALA A 77 10.98 -0.31 7.38
N ARG A 78 10.02 -0.51 6.48
CA ARG A 78 9.15 0.58 6.04
C ARG A 78 7.87 0.04 5.43
N LEU A 79 6.98 0.94 5.03
CA LEU A 79 5.71 0.56 4.43
C LEU A 79 5.77 0.66 2.92
N CYS A 80 5.02 -0.20 2.24
CA CYS A 80 4.99 -0.22 0.78
C CYS A 80 3.58 -0.52 0.26
N LEU A 81 3.27 -0.04 -0.93
CA LEU A 81 1.96 -0.26 -1.53
C LEU A 81 2.04 -0.15 -3.06
N SER A 82 1.38 -1.08 -3.73
CA SER A 82 1.37 -1.10 -5.19
C SER A 82 0.00 -1.51 -5.72
N ILE A 83 -0.49 -0.76 -6.70
CA ILE A 83 -1.79 -1.04 -7.30
C ILE A 83 -1.69 -2.18 -8.32
N CYS A 84 -2.65 -3.09 -8.27
CA CYS A 84 -2.67 -4.22 -9.18
C CYS A 84 -4.08 -4.46 -9.71
N SER A 85 -4.17 -4.87 -10.98
CA SER A 85 -5.45 -5.13 -11.61
C SER A 85 -5.70 -6.62 -11.75
N VAL A 86 -6.84 -7.07 -11.22
CA VAL A 86 -7.20 -8.49 -11.29
C VAL A 86 -8.38 -8.71 -12.24
N LYS A 87 -8.13 -9.49 -13.29
CA LYS A 87 -9.17 -9.78 -14.27
C LYS A 87 -9.16 -11.26 -14.66
N GLY A 88 -10.31 -11.78 -15.04
CA GLY A 88 -10.41 -13.18 -15.43
C GLY A 88 -11.42 -13.41 -16.53
N ARG A 89 -11.43 -14.62 -17.09
CA ARG A 89 -12.36 -14.95 -18.16
C ARG A 89 -13.52 -15.77 -17.63
N LYS A 90 -14.55 -15.94 -18.45
CA LYS A 90 -15.73 -16.70 -18.06
C LYS A 90 -15.36 -18.14 -17.70
N GLY A 91 -15.48 -18.47 -16.42
CA GLY A 91 -15.15 -19.80 -15.97
C GLY A 91 -13.66 -20.02 -15.82
N ALA A 92 -12.88 -19.04 -16.27
CA ALA A 92 -11.43 -19.13 -16.19
C ALA A 92 -10.90 -18.34 -14.99
N LYS A 93 -9.66 -18.62 -14.60
CA LYS A 93 -9.04 -17.94 -13.48
C LYS A 93 -8.68 -16.50 -13.84
N GLU A 94 -8.39 -15.70 -12.83
CA GLU A 94 -8.03 -14.29 -13.05
C GLU A 94 -6.52 -14.12 -13.08
N GLU A 95 -6.07 -12.89 -13.30
CA GLU A 95 -4.65 -12.59 -13.37
C GLU A 95 -4.35 -11.24 -12.72
N HIS A 96 -3.29 -11.20 -11.91
CA HIS A 96 -2.90 -9.97 -11.23
C HIS A 96 -1.73 -9.30 -11.97
N CYS A 97 -1.88 -8.00 -12.23
CA CYS A 97 -0.84 -7.24 -12.92
C CYS A 97 -0.57 -5.92 -12.21
N PRO A 98 0.70 -5.65 -11.90
CA PRO A 98 1.11 -4.42 -11.23
C PRO A 98 0.98 -3.20 -12.12
N LEU A 99 0.73 -2.04 -11.51
CA LEU A 99 0.58 -0.80 -12.25
C LEU A 99 1.47 0.29 -11.67
N ALA A 100 1.35 0.51 -10.37
CA ALA A 100 2.17 1.53 -9.69
C ALA A 100 2.71 1.00 -8.37
N TRP A 101 3.51 1.82 -7.70
CA TRP A 101 4.10 1.44 -6.42
C TRP A 101 4.57 2.66 -5.65
N GLY A 102 4.48 2.60 -4.33
CA GLY A 102 4.90 3.71 -3.49
C GLY A 102 5.34 3.27 -2.11
N ASN A 103 6.56 3.63 -1.74
CA ASN A 103 7.09 3.26 -0.43
C ASN A 103 7.10 4.46 0.51
N ILE A 104 7.02 4.19 1.81
CA ILE A 104 7.00 5.24 2.81
C ILE A 104 7.75 4.81 4.07
N ASN A 105 8.71 5.62 4.50
CA ASN A 105 9.48 5.31 5.70
C ASN A 105 8.61 5.37 6.95
N LEU A 106 8.18 4.20 7.41
CA LEU A 106 7.33 4.12 8.60
C LEU A 106 7.70 5.21 9.60
N PHE A 107 8.97 5.26 9.97
CA PHE A 107 9.45 6.25 10.93
C PHE A 107 10.01 7.48 10.21
N ASP A 108 9.34 8.60 10.38
CA ASP A 108 9.77 9.85 9.74
C ASP A 108 11.23 10.17 10.10
N TYR A 109 11.76 11.22 9.49
CA TYR A 109 13.14 11.62 9.73
C TYR A 109 13.44 11.67 11.23
N THR A 110 12.42 11.98 12.02
CA THR A 110 12.57 12.06 13.47
C THR A 110 12.29 10.70 14.13
N ASP A 111 12.55 9.64 13.39
CA ASP A 111 12.34 8.29 13.90
C ASP A 111 11.00 8.19 14.64
N THR A 112 9.98 8.80 14.06
CA THR A 112 8.65 8.79 14.65
C THR A 112 7.60 8.32 13.65
N LEU A 113 6.98 7.18 13.94
CA LEU A 113 5.95 6.63 13.05
C LEU A 113 5.01 7.72 12.56
N VAL A 114 4.72 7.71 11.27
CA VAL A 114 3.82 8.70 10.68
C VAL A 114 2.42 8.60 11.27
N SER A 115 1.56 9.54 10.91
CA SER A 115 0.18 9.56 11.41
C SER A 115 -0.66 10.55 10.64
N GLY A 116 -1.98 10.40 10.72
CA GLY A 116 -2.88 11.30 10.02
C GLY A 116 -3.06 10.92 8.56
N LYS A 117 -4.20 11.29 8.00
CA LYS A 117 -4.50 10.99 6.60
C LYS A 117 -3.52 11.70 5.67
N MET A 118 -3.14 11.02 4.59
CA MET A 118 -2.21 11.60 3.62
C MET A 118 -2.40 10.96 2.25
N ALA A 119 -2.03 11.69 1.20
CA ALA A 119 -2.15 11.19 -0.16
C ALA A 119 -0.95 11.59 -1.00
N LEU A 120 -0.20 10.58 -1.46
CA LEU A 120 0.98 10.82 -2.27
C LEU A 120 0.88 10.10 -3.61
N ASN A 121 1.72 10.49 -4.56
CA ASN A 121 1.72 9.87 -5.88
C ASN A 121 2.60 8.62 -5.89
N LEU A 122 2.35 7.75 -6.86
CA LEU A 122 3.11 6.50 -6.98
C LEU A 122 3.84 6.44 -8.32
N TRP A 123 4.92 5.68 -8.36
CA TRP A 123 5.71 5.53 -9.58
C TRP A 123 5.20 4.37 -10.43
N PRO A 124 5.29 4.52 -11.76
CA PRO A 124 4.85 3.50 -12.70
C PRO A 124 5.73 2.26 -12.68
N VAL A 125 5.13 1.10 -12.93
CA VAL A 125 5.86 -0.16 -12.94
C VAL A 125 6.77 -0.27 -14.16
N PRO A 126 8.09 -0.25 -13.93
CA PRO A 126 9.08 -0.35 -15.01
C PRO A 126 9.10 -1.73 -15.66
N HIS A 127 10.00 -1.91 -16.62
CA HIS A 127 10.13 -3.19 -17.32
C HIS A 127 10.99 -4.16 -16.52
N GLY A 128 10.52 -5.40 -16.41
CA GLY A 128 11.25 -6.41 -15.67
C GLY A 128 10.58 -6.78 -14.37
N LEU A 129 10.30 -5.78 -13.54
CA LEU A 129 9.66 -6.01 -12.25
C LEU A 129 8.43 -6.90 -12.41
N GLU A 130 8.56 -8.16 -12.04
CA GLU A 130 7.45 -9.11 -12.14
C GLU A 130 6.61 -9.11 -10.86
N ASP A 131 7.29 -9.16 -9.72
CA ASP A 131 6.60 -9.17 -8.43
C ASP A 131 5.58 -8.04 -8.35
N LEU A 132 4.45 -8.33 -7.70
CA LEU A 132 3.38 -7.34 -7.56
C LEU A 132 3.85 -6.16 -6.71
N LEU A 133 4.35 -6.46 -5.53
CA LEU A 133 4.84 -5.42 -4.62
C LEU A 133 6.35 -5.34 -4.63
N ASN A 134 6.89 -4.15 -4.88
CA ASN A 134 8.33 -3.94 -4.92
C ASN A 134 8.80 -3.18 -3.69
N PRO A 135 9.29 -3.94 -2.69
CA PRO A 135 9.79 -3.36 -1.43
C PRO A 135 11.10 -2.59 -1.63
N ILE A 136 11.90 -3.02 -2.59
CA ILE A 136 13.17 -2.37 -2.88
C ILE A 136 12.96 -1.00 -3.52
N GLY A 137 11.81 -0.83 -4.16
CA GLY A 137 11.51 0.44 -4.81
C GLY A 137 11.90 1.63 -3.95
N VAL A 138 12.18 2.75 -4.60
CA VAL A 138 12.57 3.96 -3.90
C VAL A 138 11.50 4.41 -2.92
N THR A 139 11.79 5.45 -2.15
CA THR A 139 10.84 5.98 -1.17
C THR A 139 10.52 7.44 -1.45
N GLY A 140 9.49 7.95 -0.78
CA GLY A 140 9.10 9.34 -0.96
C GLY A 140 7.97 9.49 -1.96
N SER A 141 7.30 10.64 -1.92
CA SER A 141 6.19 10.90 -2.82
C SER A 141 6.69 11.32 -4.20
N ASN A 142 6.06 10.80 -5.24
CA ASN A 142 6.44 11.11 -6.61
C ASN A 142 5.96 12.50 -7.01
N PRO A 143 6.91 13.35 -7.44
CA PRO A 143 6.62 14.72 -7.85
C PRO A 143 5.83 14.78 -9.16
N ASN A 144 5.79 13.66 -9.87
CA ASN A 144 5.07 13.58 -11.14
C ASN A 144 3.56 13.60 -10.91
N LYS A 145 2.85 14.31 -11.77
CA LYS A 145 1.40 14.40 -11.67
C LYS A 145 0.71 13.34 -12.53
N GLU A 146 1.23 13.15 -13.74
CA GLU A 146 0.68 12.17 -14.66
C GLU A 146 0.51 10.81 -13.97
N THR A 147 1.45 10.49 -13.08
CA THR A 147 1.41 9.22 -12.37
C THR A 147 0.22 9.17 -11.41
N PRO A 148 -0.28 7.96 -11.15
CA PRO A 148 -1.41 7.73 -10.26
C PRO A 148 -1.07 8.01 -8.80
N CYS A 149 -2.05 8.48 -8.04
CA CYS A 149 -1.85 8.78 -6.63
C CYS A 149 -2.91 8.10 -5.77
N LEU A 150 -2.47 7.51 -4.65
CA LEU A 150 -3.38 6.82 -3.74
C LEU A 150 -3.66 7.66 -2.51
N GLU A 151 -4.43 7.11 -1.58
CA GLU A 151 -4.77 7.82 -0.35
C GLU A 151 -4.97 6.84 0.80
N LEU A 152 -4.19 7.02 1.86
CA LEU A 152 -4.28 6.14 3.03
C LEU A 152 -4.44 6.96 4.31
N GLU A 153 -4.83 6.30 5.39
CA GLU A 153 -5.02 6.96 6.67
C GLU A 153 -4.25 6.23 7.78
N PHE A 154 -3.32 6.95 8.41
CA PHE A 154 -2.52 6.38 9.48
C PHE A 154 -3.21 6.55 10.83
N ASP A 155 -3.32 5.46 11.59
CA ASP A 155 -3.95 5.50 12.90
C ASP A 155 -3.32 4.47 13.83
N TRP A 156 -3.12 4.86 15.09
CA TRP A 156 -2.53 3.98 16.08
C TRP A 156 -3.37 3.93 17.34
N PHE A 157 -4.26 2.95 17.43
CA PHE A 157 -5.13 2.79 18.59
C PHE A 157 -4.51 1.85 19.61
N SER A 158 -4.13 0.65 19.16
CA SER A 158 -3.53 -0.34 20.04
C SER A 158 -2.10 0.06 20.43
N GLY A 1 -18.30 2.11 30.65
CA GLY A 1 -16.87 1.96 30.84
C GLY A 1 -16.09 3.09 30.21
N SER A 2 -14.85 3.26 30.65
CA SER A 2 -13.98 4.32 30.14
C SER A 2 -13.19 3.82 28.93
N SER A 3 -12.46 4.74 28.30
CA SER A 3 -11.65 4.39 27.13
C SER A 3 -10.20 4.78 27.34
N GLY A 4 -9.33 4.30 26.46
CA GLY A 4 -7.91 4.60 26.57
C GLY A 4 -7.05 3.64 25.77
N SER A 5 -5.91 4.12 25.30
CA SER A 5 -5.00 3.29 24.52
C SER A 5 -3.59 3.34 25.10
N SER A 6 -2.79 2.31 24.80
CA SER A 6 -1.42 2.23 25.30
C SER A 6 -0.43 2.62 24.21
N GLY A 7 0.01 3.88 24.24
CA GLY A 7 0.96 4.35 23.25
C GLY A 7 0.71 3.77 21.87
N ASN A 8 1.47 2.74 21.50
CA ASN A 8 1.31 2.09 20.20
C ASN A 8 1.81 0.65 20.25
N SER A 9 0.99 -0.27 19.73
CA SER A 9 1.34 -1.68 19.72
C SER A 9 1.06 -2.29 18.36
N ALA A 10 -0.17 -2.08 17.86
CA ALA A 10 -0.56 -2.61 16.56
C ALA A 10 -0.76 -1.49 15.55
N LEU A 11 -0.52 -1.80 14.28
CA LEU A 11 -0.67 -0.82 13.21
C LEU A 11 -1.94 -1.07 12.41
N ARG A 12 -2.63 0.01 12.05
CA ARG A 12 -3.87 -0.10 11.29
C ARG A 12 -3.98 1.05 10.28
N ILE A 13 -4.04 0.71 9.00
CA ILE A 13 -4.15 1.70 7.94
C ILE A 13 -5.40 1.48 7.10
N LYS A 14 -6.04 2.57 6.69
CA LYS A 14 -7.25 2.49 5.89
C LYS A 14 -7.05 3.20 4.55
N ILE A 15 -7.48 2.56 3.48
CA ILE A 15 -7.36 3.12 2.14
C ILE A 15 -8.62 3.88 1.75
N LEU A 16 -8.44 4.98 1.01
CA LEU A 16 -9.56 5.80 0.57
C LEU A 16 -9.88 5.54 -0.90
N CYS A 17 -9.03 6.06 -1.78
CA CYS A 17 -9.21 5.89 -3.22
C CYS A 17 -7.92 6.18 -3.98
N ALA A 18 -7.98 6.09 -5.30
CA ALA A 18 -6.82 6.35 -6.14
C ALA A 18 -7.20 7.12 -7.40
N THR A 19 -6.28 7.93 -7.90
CA THR A 19 -6.53 8.73 -9.09
C THR A 19 -5.49 8.43 -10.17
N TYR A 20 -5.84 8.72 -11.42
CA TYR A 20 -4.94 8.49 -12.54
C TYR A 20 -4.59 7.00 -12.67
N VAL A 21 -5.49 6.15 -12.16
CA VAL A 21 -5.28 4.71 -12.21
C VAL A 21 -5.02 4.25 -13.64
N ASN A 22 -5.37 5.09 -14.61
CA ASN A 22 -5.17 4.77 -16.01
C ASN A 22 -6.18 3.71 -16.47
N VAL A 23 -7.38 3.77 -15.91
CA VAL A 23 -8.44 2.83 -16.26
C VAL A 23 -9.51 3.49 -17.11
N ASN A 24 -9.29 3.53 -18.42
CA ASN A 24 -10.24 4.13 -19.35
C ASN A 24 -11.23 3.10 -19.88
N ILE A 25 -10.69 1.96 -20.31
CA ILE A 25 -11.53 0.88 -20.83
C ILE A 25 -12.51 0.37 -19.78
N ARG A 26 -13.29 -0.64 -20.15
CA ARG A 26 -14.27 -1.22 -19.23
C ARG A 26 -14.19 -2.74 -19.25
N ASP A 27 -13.10 -3.27 -19.80
CA ASP A 27 -12.93 -4.72 -19.89
C ASP A 27 -12.52 -5.29 -18.53
N ILE A 28 -11.66 -4.57 -17.82
CA ILE A 28 -11.19 -5.00 -16.51
C ILE A 28 -12.37 -5.34 -15.59
N ASP A 29 -12.23 -6.42 -14.84
CA ASP A 29 -13.28 -6.84 -13.92
C ASP A 29 -13.23 -6.03 -12.63
N LYS A 30 -12.14 -6.18 -11.88
CA LYS A 30 -11.97 -5.45 -10.63
C LYS A 30 -10.50 -5.14 -10.37
N ILE A 31 -10.22 -4.48 -9.25
CA ILE A 31 -8.86 -4.13 -8.88
C ILE A 31 -8.61 -4.34 -7.40
N TYR A 32 -7.35 -4.23 -6.99
CA TYR A 32 -6.98 -4.40 -5.59
C TYR A 32 -5.58 -3.85 -5.32
N VAL A 33 -5.30 -3.55 -4.06
CA VAL A 33 -4.00 -3.03 -3.67
C VAL A 33 -3.31 -3.95 -2.67
N ARG A 34 -2.04 -4.24 -2.92
CA ARG A 34 -1.26 -5.12 -2.05
C ARG A 34 -0.30 -4.30 -1.19
N THR A 35 -0.44 -4.44 0.13
CA THR A 35 0.41 -3.72 1.07
C THR A 35 1.23 -4.69 1.92
N GLY A 36 2.38 -4.21 2.41
CA GLY A 36 3.23 -5.05 3.23
C GLY A 36 4.53 -4.36 3.60
N ILE A 37 5.10 -4.74 4.74
CA ILE A 37 6.35 -4.16 5.20
C ILE A 37 7.53 -5.04 4.84
N TYR A 38 8.65 -4.41 4.50
CA TYR A 38 9.85 -5.13 4.13
C TYR A 38 11.10 -4.52 4.78
N HIS A 39 12.11 -5.35 5.01
CA HIS A 39 13.34 -4.89 5.63
C HIS A 39 14.54 -5.21 4.75
N GLY A 40 14.99 -4.21 3.98
CA GLY A 40 16.13 -4.41 3.10
C GLY A 40 15.79 -5.25 1.89
N GLY A 41 14.49 -5.43 1.63
CA GLY A 41 14.06 -6.21 0.50
C GLY A 41 13.40 -7.51 0.90
N GLU A 42 13.76 -8.01 2.09
CA GLU A 42 13.20 -9.26 2.60
C GLU A 42 11.90 -8.99 3.37
N PRO A 43 10.92 -9.89 3.19
CA PRO A 43 9.62 -9.78 3.87
C PRO A 43 9.72 -10.03 5.37
N LEU A 44 8.76 -9.50 6.11
CA LEU A 44 8.74 -9.68 7.56
C LEU A 44 7.52 -10.49 8.00
N CYS A 45 6.42 -10.32 7.27
CA CYS A 45 5.19 -11.04 7.58
C CYS A 45 4.30 -11.15 6.35
N ASP A 46 3.26 -11.97 6.44
CA ASP A 46 2.34 -12.17 5.33
C ASP A 46 1.73 -10.83 4.89
N ASN A 47 1.85 -10.53 3.60
CA ASN A 47 1.32 -9.29 3.05
C ASN A 47 -0.19 -9.21 3.27
N VAL A 48 -0.74 -8.00 3.10
CA VAL A 48 -2.16 -7.78 3.28
C VAL A 48 -2.81 -7.26 2.00
N ASN A 49 -3.96 -7.83 1.64
CA ASN A 49 -4.67 -7.43 0.43
C ASN A 49 -6.02 -6.83 0.78
N THR A 50 -6.39 -5.76 0.08
CA THR A 50 -7.66 -5.08 0.32
C THR A 50 -8.76 -5.68 -0.56
N GLN A 51 -10.01 -5.39 -0.20
CA GLN A 51 -11.15 -5.90 -0.95
C GLN A 51 -11.01 -5.58 -2.43
N ARG A 52 -11.94 -6.09 -3.24
CA ARG A 52 -11.92 -5.86 -4.67
C ARG A 52 -12.94 -4.79 -5.07
N VAL A 53 -12.51 -3.88 -5.94
CA VAL A 53 -13.38 -2.81 -6.39
C VAL A 53 -13.22 -2.58 -7.89
N PRO A 54 -14.29 -2.08 -8.53
CA PRO A 54 -14.31 -1.81 -9.98
C PRO A 54 -13.41 -0.63 -10.34
N CYS A 55 -12.66 -0.77 -11.43
CA CYS A 55 -11.76 0.29 -11.89
C CYS A 55 -12.47 1.63 -11.89
N SER A 56 -13.65 1.67 -12.51
CA SER A 56 -14.43 2.90 -12.58
C SER A 56 -14.49 3.60 -11.23
N ASN A 57 -14.48 2.80 -10.16
CA ASN A 57 -14.55 3.34 -8.81
C ASN A 57 -13.50 2.68 -7.91
N PRO A 58 -12.28 3.23 -7.92
CA PRO A 58 -11.16 2.70 -7.12
C PRO A 58 -11.37 2.94 -5.62
N ARG A 59 -12.52 3.51 -5.27
CA ARG A 59 -12.84 3.78 -3.87
C ARG A 59 -12.82 2.50 -3.05
N TRP A 60 -12.00 2.49 -2.00
CA TRP A 60 -11.89 1.33 -1.13
C TRP A 60 -12.60 1.57 0.20
N ASN A 61 -12.10 2.54 0.96
CA ASN A 61 -12.69 2.87 2.26
C ASN A 61 -12.78 1.64 3.14
N GLU A 62 -11.68 0.89 3.24
CA GLU A 62 -11.63 -0.31 4.05
C GLU A 62 -10.48 -0.25 5.04
N TRP A 63 -10.74 -0.71 6.27
CA TRP A 63 -9.72 -0.70 7.31
C TRP A 63 -8.80 -1.90 7.18
N LEU A 64 -7.54 -1.65 6.85
CA LEU A 64 -6.56 -2.70 6.69
C LEU A 64 -5.71 -2.85 7.95
N ASN A 65 -5.81 -4.00 8.61
CA ASN A 65 -5.06 -4.26 9.83
C ASN A 65 -3.78 -5.04 9.51
N TYR A 66 -2.66 -4.55 10.04
CA TYR A 66 -1.37 -5.19 9.82
C TYR A 66 -0.97 -6.04 11.02
N ASP A 67 -0.50 -7.25 10.74
CA ASP A 67 -0.08 -8.17 11.80
C ASP A 67 1.33 -7.84 12.27
N ILE A 68 1.62 -6.55 12.40
CA ILE A 68 2.94 -6.10 12.85
C ILE A 68 2.85 -5.38 14.20
N TYR A 69 4.00 -5.25 14.85
CA TYR A 69 4.04 -4.59 16.16
C TYR A 69 4.89 -3.32 16.08
N ILE A 70 4.32 -2.21 16.54
CA ILE A 70 5.02 -0.93 16.53
C ILE A 70 6.37 -1.04 17.25
N PRO A 71 6.32 -1.49 18.51
CA PRO A 71 7.53 -1.64 19.34
C PRO A 71 8.41 -2.78 18.85
N ASP A 72 8.01 -3.42 17.76
CA ASP A 72 8.76 -4.53 17.19
C ASP A 72 9.14 -4.25 15.74
N LEU A 73 8.74 -3.08 15.25
CA LEU A 73 9.03 -2.69 13.87
C LEU A 73 10.37 -1.97 13.78
N PRO A 74 11.34 -2.61 13.10
CA PRO A 74 12.69 -2.04 12.92
C PRO A 74 12.69 -0.84 12.00
N ARG A 75 13.51 0.15 12.33
CA ARG A 75 13.61 1.37 11.52
C ARG A 75 13.94 1.03 10.07
N ALA A 76 14.78 0.03 9.88
CA ALA A 76 15.18 -0.39 8.54
C ALA A 76 13.97 -0.76 7.70
N ALA A 77 12.94 -1.29 8.35
CA ALA A 77 11.72 -1.69 7.67
C ALA A 77 10.93 -0.47 7.19
N ARG A 78 9.96 -0.70 6.33
CA ARG A 78 9.13 0.38 5.79
C ARG A 78 7.84 -0.17 5.20
N LEU A 79 6.94 0.74 4.83
CA LEU A 79 5.65 0.35 4.25
C LEU A 79 5.71 0.38 2.73
N CYS A 80 5.20 -0.67 2.10
CA CYS A 80 5.20 -0.75 0.65
C CYS A 80 3.81 -1.14 0.13
N LEU A 81 3.43 -0.54 -1.00
CA LEU A 81 2.12 -0.82 -1.59
C LEU A 81 2.19 -0.72 -3.12
N SER A 82 1.34 -1.48 -3.79
CA SER A 82 1.30 -1.48 -5.26
C SER A 82 -0.10 -1.82 -5.76
N ILE A 83 -0.56 -1.06 -6.74
CA ILE A 83 -1.88 -1.28 -7.33
C ILE A 83 -1.83 -2.34 -8.41
N CYS A 84 -2.87 -3.18 -8.45
CA CYS A 84 -2.95 -4.25 -9.44
C CYS A 84 -4.38 -4.40 -9.97
N SER A 85 -4.50 -4.85 -11.21
CA SER A 85 -5.80 -5.04 -11.83
C SER A 85 -6.09 -6.51 -12.07
N VAL A 86 -7.23 -6.98 -11.58
CA VAL A 86 -7.61 -8.37 -11.74
C VAL A 86 -8.71 -8.52 -12.79
N LYS A 87 -8.51 -9.45 -13.72
CA LYS A 87 -9.49 -9.69 -14.78
C LYS A 87 -9.46 -11.14 -15.22
N GLY A 88 -10.62 -11.80 -15.16
CA GLY A 88 -10.70 -13.19 -15.56
C GLY A 88 -12.14 -13.65 -15.77
N ARG A 89 -12.30 -14.87 -16.24
CA ARG A 89 -13.63 -15.43 -16.50
C ARG A 89 -13.97 -16.51 -15.47
N LYS A 90 -15.23 -16.92 -15.46
CA LYS A 90 -15.69 -17.96 -14.54
C LYS A 90 -15.02 -19.29 -14.84
N GLY A 91 -14.76 -20.07 -13.79
CA GLY A 91 -14.13 -21.37 -13.96
C GLY A 91 -12.62 -21.25 -14.13
N ALA A 92 -12.18 -20.29 -14.92
CA ALA A 92 -10.77 -20.07 -15.17
C ALA A 92 -10.19 -19.08 -14.17
N LYS A 93 -8.86 -19.03 -14.09
CA LYS A 93 -8.18 -18.12 -13.17
C LYS A 93 -8.23 -16.69 -13.70
N GLU A 94 -7.76 -15.74 -12.89
CA GLU A 94 -7.75 -14.35 -13.28
C GLU A 94 -6.34 -13.89 -13.64
N GLU A 95 -6.19 -12.60 -13.93
CA GLU A 95 -4.90 -12.05 -14.30
C GLU A 95 -4.63 -10.75 -13.54
N HIS A 96 -3.56 -10.74 -12.75
CA HIS A 96 -3.19 -9.57 -11.96
C HIS A 96 -2.01 -8.84 -12.61
N CYS A 97 -2.20 -7.55 -12.88
CA CYS A 97 -1.15 -6.74 -13.49
C CYS A 97 -0.90 -5.48 -12.68
N PRO A 98 0.38 -5.23 -12.35
CA PRO A 98 0.78 -4.06 -11.57
C PRO A 98 0.64 -2.77 -12.36
N LEU A 99 0.32 -1.69 -11.65
CA LEU A 99 0.15 -0.38 -12.28
C LEU A 99 1.12 0.64 -11.71
N ALA A 100 1.32 0.58 -10.39
CA ALA A 100 2.22 1.50 -9.71
C ALA A 100 2.66 0.94 -8.36
N TRP A 101 3.57 1.65 -7.70
CA TRP A 101 4.06 1.23 -6.39
C TRP A 101 4.60 2.41 -5.61
N GLY A 102 4.24 2.48 -4.33
CA GLY A 102 4.71 3.56 -3.48
C GLY A 102 5.18 3.08 -2.13
N ASN A 103 6.33 3.59 -1.69
CA ASN A 103 6.90 3.21 -0.40
C ASN A 103 6.88 4.38 0.58
N ILE A 104 6.41 4.12 1.80
CA ILE A 104 6.35 5.16 2.82
C ILE A 104 7.14 4.76 4.05
N ASN A 105 8.12 5.59 4.40
CA ASN A 105 8.96 5.33 5.57
C ASN A 105 8.14 5.37 6.86
N LEU A 106 7.73 4.19 7.32
CA LEU A 106 6.93 4.10 8.54
C LEU A 106 7.42 5.08 9.59
N PHE A 107 8.73 5.30 9.63
CA PHE A 107 9.33 6.22 10.58
C PHE A 107 9.77 7.51 9.89
N ASP A 108 9.10 8.61 10.21
CA ASP A 108 9.42 9.90 9.63
C ASP A 108 10.91 10.21 9.76
N TYR A 109 11.34 11.31 9.16
CA TYR A 109 12.74 11.70 9.21
C TYR A 109 13.20 11.90 10.65
N THR A 110 12.26 12.14 11.55
CA THR A 110 12.56 12.34 12.96
C THR A 110 12.41 11.04 13.75
N ASP A 111 12.54 9.92 13.06
CA ASP A 111 12.41 8.61 13.69
C ASP A 111 11.13 8.52 14.52
N THR A 112 10.05 9.10 13.99
CA THR A 112 8.77 9.10 14.69
C THR A 112 7.65 8.66 13.75
N LEU A 113 7.06 7.50 14.05
CA LEU A 113 5.97 6.97 13.24
C LEU A 113 5.05 8.09 12.76
N VAL A 114 4.55 7.95 11.53
CA VAL A 114 3.65 8.96 10.96
C VAL A 114 2.26 8.88 11.58
N SER A 115 1.35 9.70 11.10
CA SER A 115 -0.02 9.73 11.61
C SER A 115 -0.92 10.56 10.70
N GLY A 116 -2.22 10.53 10.99
CA GLY A 116 -3.17 11.29 10.19
C GLY A 116 -3.23 10.81 8.76
N LYS A 117 -4.17 11.36 7.99
CA LYS A 117 -4.33 10.98 6.59
C LYS A 117 -3.21 11.56 5.74
N MET A 118 -2.90 10.88 4.64
CA MET A 118 -1.85 11.32 3.74
C MET A 118 -2.08 10.81 2.32
N ALA A 119 -1.66 11.58 1.33
CA ALA A 119 -1.83 11.20 -0.06
C ALA A 119 -0.57 11.51 -0.87
N LEU A 120 0.05 10.47 -1.41
CA LEU A 120 1.26 10.64 -2.21
C LEU A 120 1.15 9.90 -3.54
N ASN A 121 2.02 10.24 -4.48
CA ASN A 121 2.01 9.63 -5.79
C ASN A 121 2.92 8.40 -5.83
N LEU A 122 2.53 7.39 -6.59
CA LEU A 122 3.30 6.16 -6.70
C LEU A 122 4.16 6.18 -7.97
N TRP A 123 5.19 5.34 -7.99
CA TRP A 123 6.08 5.26 -9.14
C TRP A 123 5.56 4.26 -10.16
N PRO A 124 5.88 4.49 -11.45
CA PRO A 124 5.45 3.62 -12.54
C PRO A 124 6.15 2.26 -12.51
N VAL A 125 5.44 1.22 -12.91
CA VAL A 125 5.98 -0.13 -12.93
C VAL A 125 7.07 -0.26 -14.00
N PRO A 126 8.16 -0.96 -13.64
CA PRO A 126 9.29 -1.18 -14.55
C PRO A 126 8.93 -2.11 -15.71
N HIS A 127 9.95 -2.61 -16.39
CA HIS A 127 9.75 -3.52 -17.52
C HIS A 127 9.40 -4.92 -17.03
N GLY A 128 8.23 -5.42 -17.44
CA GLY A 128 7.81 -6.74 -17.03
C GLY A 128 8.15 -7.04 -15.59
N LEU A 129 7.42 -6.42 -14.66
CA LEU A 129 7.65 -6.61 -13.24
C LEU A 129 7.40 -8.06 -12.84
N GLU A 130 8.40 -8.68 -12.22
CA GLU A 130 8.29 -10.07 -11.80
C GLU A 130 7.54 -10.17 -10.47
N ASP A 131 7.65 -9.14 -9.65
CA ASP A 131 6.99 -9.12 -8.35
C ASP A 131 5.94 -8.01 -8.31
N LEU A 132 4.67 -8.41 -8.20
CA LEU A 132 3.58 -7.45 -8.14
C LEU A 132 3.90 -6.29 -7.21
N LEU A 133 4.42 -6.62 -6.02
CA LEU A 133 4.78 -5.60 -5.04
C LEU A 133 6.29 -5.32 -5.08
N ASN A 134 6.63 -4.04 -5.03
CA ASN A 134 8.03 -3.62 -5.06
C ASN A 134 8.49 -3.16 -3.68
N PRO A 135 9.05 -4.10 -2.90
CA PRO A 135 9.54 -3.82 -1.55
C PRO A 135 10.80 -2.95 -1.56
N ILE A 136 11.70 -3.26 -2.49
CA ILE A 136 12.95 -2.51 -2.61
C ILE A 136 12.71 -1.15 -3.25
N GLY A 137 11.54 -0.97 -3.85
CA GLY A 137 11.21 0.28 -4.49
C GLY A 137 11.61 1.49 -3.66
N VAL A 138 12.05 2.55 -4.33
CA VAL A 138 12.45 3.76 -3.64
C VAL A 138 11.36 4.28 -2.72
N THR A 139 11.68 5.32 -1.94
CA THR A 139 10.71 5.91 -1.02
C THR A 139 10.44 7.36 -1.37
N GLY A 140 9.51 7.98 -0.64
CA GLY A 140 9.17 9.36 -0.89
C GLY A 140 8.01 9.51 -1.85
N SER A 141 7.29 10.63 -1.75
CA SER A 141 6.15 10.89 -2.60
C SER A 141 6.60 11.38 -3.98
N ASN A 142 6.42 10.53 -4.98
CA ASN A 142 6.81 10.87 -6.35
C ASN A 142 6.38 12.29 -6.70
N PRO A 143 7.35 13.13 -7.07
CA PRO A 143 7.09 14.53 -7.44
C PRO A 143 6.35 14.66 -8.76
N ASN A 144 6.16 13.52 -9.44
CA ASN A 144 5.47 13.51 -10.72
C ASN A 144 3.99 13.82 -10.54
N LYS A 145 3.44 14.60 -11.46
CA LYS A 145 2.03 14.98 -11.41
C LYS A 145 1.20 14.12 -12.35
N GLU A 146 1.88 13.35 -13.19
CA GLU A 146 1.20 12.47 -14.14
C GLU A 146 1.12 11.05 -13.61
N THR A 147 1.37 10.89 -12.31
CA THR A 147 1.32 9.58 -11.68
C THR A 147 0.17 9.48 -10.69
N PRO A 148 -0.34 8.26 -10.48
CA PRO A 148 -1.46 8.01 -9.57
C PRO A 148 -1.07 8.20 -8.10
N CYS A 149 -2.01 8.67 -7.31
CA CYS A 149 -1.76 8.91 -5.88
C CYS A 149 -2.83 8.25 -5.03
N LEU A 150 -2.41 7.46 -4.05
CA LEU A 150 -3.33 6.76 -3.16
C LEU A 150 -3.45 7.50 -1.83
N GLU A 151 -4.68 7.56 -1.30
CA GLU A 151 -4.94 8.23 -0.04
C GLU A 151 -5.26 7.21 1.06
N LEU A 152 -4.45 7.22 2.11
CA LEU A 152 -4.65 6.30 3.23
C LEU A 152 -4.65 7.05 4.56
N GLU A 153 -5.12 6.38 5.61
CA GLU A 153 -5.17 6.98 6.93
C GLU A 153 -4.32 6.20 7.93
N PHE A 154 -3.41 6.90 8.59
CA PHE A 154 -2.54 6.26 9.58
C PHE A 154 -3.16 6.30 10.97
N ASP A 155 -3.75 5.19 11.38
CA ASP A 155 -4.38 5.10 12.69
C ASP A 155 -3.52 4.27 13.65
N TRP A 156 -3.47 4.70 14.91
CA TRP A 156 -2.69 4.00 15.92
C TRP A 156 -3.53 3.72 17.17
N PHE A 157 -4.50 2.81 17.02
CA PHE A 157 -5.38 2.46 18.14
C PHE A 157 -4.61 1.69 19.20
N SER A 158 -3.90 0.63 18.78
CA SER A 158 -3.14 -0.19 19.70
C SER A 158 -4.01 -0.65 20.86
N GLY A 1 8.28 0.40 34.44
CA GLY A 1 7.96 1.57 33.65
C GLY A 1 8.03 1.30 32.16
N SER A 2 7.31 0.27 31.72
CA SER A 2 7.30 -0.10 30.30
C SER A 2 6.47 0.89 29.49
N SER A 3 5.22 1.09 29.90
CA SER A 3 4.32 2.01 29.21
C SER A 3 4.64 3.45 29.58
N GLY A 4 4.45 4.36 28.61
CA GLY A 4 4.72 5.76 28.86
C GLY A 4 5.01 6.52 27.58
N SER A 5 5.96 6.01 26.80
CA SER A 5 6.34 6.66 25.54
C SER A 5 5.63 6.00 24.36
N SER A 6 5.68 4.67 24.32
CA SER A 6 5.05 3.92 23.24
C SER A 6 3.79 3.22 23.73
N GLY A 7 2.88 2.92 22.81
CA GLY A 7 1.65 2.25 23.17
C GLY A 7 1.11 1.37 22.05
N ASN A 8 0.76 1.99 20.93
CA ASN A 8 0.24 1.25 19.78
C ASN A 8 1.09 0.02 19.50
N SER A 9 0.48 -1.15 19.59
CA SER A 9 1.18 -2.41 19.34
C SER A 9 0.83 -2.96 17.97
N ALA A 10 -0.33 -2.56 17.44
CA ALA A 10 -0.78 -3.02 16.14
C ALA A 10 -0.98 -1.84 15.19
N LEU A 11 -0.52 -2.00 13.95
CA LEU A 11 -0.65 -0.95 12.95
C LEU A 11 -1.99 -1.05 12.22
N ARG A 12 -2.61 0.10 11.98
CA ARG A 12 -3.89 0.15 11.30
C ARG A 12 -3.93 1.28 10.28
N ILE A 13 -4.21 0.95 9.02
CA ILE A 13 -4.27 1.94 7.97
C ILE A 13 -5.51 1.73 7.10
N LYS A 14 -6.15 2.84 6.72
CA LYS A 14 -7.34 2.77 5.88
C LYS A 14 -7.11 3.50 4.56
N ILE A 15 -7.39 2.80 3.45
CA ILE A 15 -7.21 3.38 2.12
C ILE A 15 -8.48 4.09 1.67
N LEU A 16 -8.31 5.17 0.90
CA LEU A 16 -9.44 5.93 0.39
C LEU A 16 -9.72 5.57 -1.06
N CYS A 17 -8.86 6.03 -1.96
CA CYS A 17 -9.01 5.76 -3.39
C CYS A 17 -7.76 6.14 -4.15
N ALA A 18 -7.82 6.00 -5.47
CA ALA A 18 -6.67 6.32 -6.33
C ALA A 18 -7.09 7.27 -7.45
N THR A 19 -6.21 8.21 -7.78
CA THR A 19 -6.48 9.17 -8.84
C THR A 19 -5.48 9.04 -9.98
N TYR A 20 -5.98 9.05 -11.20
CA TYR A 20 -5.12 8.93 -12.38
C TYR A 20 -4.59 7.51 -12.52
N VAL A 21 -5.44 6.53 -12.22
CA VAL A 21 -5.06 5.13 -12.32
C VAL A 21 -4.79 4.73 -13.76
N ASN A 22 -3.95 3.71 -13.94
CA ASN A 22 -3.61 3.23 -15.28
C ASN A 22 -4.75 2.40 -15.87
N VAL A 23 -5.94 3.00 -15.90
CA VAL A 23 -7.12 2.32 -16.44
C VAL A 23 -7.71 3.09 -17.62
N ASN A 24 -7.64 2.48 -18.81
CA ASN A 24 -8.17 3.12 -20.01
C ASN A 24 -9.30 2.29 -20.60
N ILE A 25 -8.99 1.06 -21.01
CA ILE A 25 -9.98 0.17 -21.59
C ILE A 25 -11.00 -0.28 -20.54
N ARG A 26 -12.02 -1.00 -20.99
CA ARG A 26 -13.06 -1.50 -20.10
C ARG A 26 -13.01 -3.02 -19.99
N ASP A 27 -11.80 -3.56 -19.91
CA ASP A 27 -11.61 -5.00 -19.81
C ASP A 27 -11.53 -5.43 -18.35
N ILE A 28 -10.49 -4.98 -17.66
CA ILE A 28 -10.30 -5.32 -16.25
C ILE A 28 -11.63 -5.41 -15.52
N ASP A 29 -11.88 -6.57 -14.91
CA ASP A 29 -13.12 -6.78 -14.17
C ASP A 29 -13.14 -5.97 -12.88
N LYS A 30 -12.09 -6.11 -12.08
CA LYS A 30 -11.99 -5.38 -10.83
C LYS A 30 -10.53 -5.02 -10.52
N ILE A 31 -10.32 -4.31 -9.43
CA ILE A 31 -8.98 -3.90 -9.03
C ILE A 31 -8.84 -3.86 -7.51
N TYR A 32 -7.61 -3.97 -7.03
CA TYR A 32 -7.34 -3.96 -5.59
C TYR A 32 -5.94 -3.45 -5.31
N VAL A 33 -5.68 -3.06 -4.06
CA VAL A 33 -4.38 -2.56 -3.65
C VAL A 33 -3.66 -3.56 -2.76
N ARG A 34 -2.35 -3.70 -2.96
CA ARG A 34 -1.55 -4.62 -2.17
C ARG A 34 -0.53 -3.87 -1.32
N THR A 35 -0.54 -4.15 -0.02
CA THR A 35 0.38 -3.50 0.90
C THR A 35 1.19 -4.53 1.69
N GLY A 36 2.28 -4.07 2.31
CA GLY A 36 3.12 -4.97 3.08
C GLY A 36 4.44 -4.32 3.47
N ILE A 37 4.94 -4.69 4.65
CA ILE A 37 6.20 -4.14 5.13
C ILE A 37 7.38 -4.99 4.69
N TYR A 38 8.51 -4.34 4.43
CA TYR A 38 9.71 -5.04 3.99
C TYR A 38 10.96 -4.41 4.61
N HIS A 39 12.04 -5.20 4.68
CA HIS A 39 13.29 -4.72 5.25
C HIS A 39 14.45 -5.01 4.30
N GLY A 40 14.91 -3.98 3.61
CA GLY A 40 16.01 -4.14 2.68
C GLY A 40 15.66 -5.03 1.51
N GLY A 41 14.36 -5.15 1.23
CA GLY A 41 13.92 -5.99 0.12
C GLY A 41 13.26 -7.27 0.60
N GLU A 42 13.79 -7.84 1.68
CA GLU A 42 13.26 -9.09 2.23
C GLU A 42 11.95 -8.82 2.98
N PRO A 43 10.97 -9.71 2.78
CA PRO A 43 9.66 -9.60 3.42
C PRO A 43 9.73 -9.88 4.93
N LEU A 44 8.74 -9.37 5.67
CA LEU A 44 8.71 -9.56 7.11
C LEU A 44 7.48 -10.38 7.51
N CYS A 45 6.35 -10.12 6.86
CA CYS A 45 5.12 -10.84 7.15
C CYS A 45 4.24 -10.93 5.91
N ASP A 46 3.20 -11.75 5.99
CA ASP A 46 2.29 -11.93 4.87
C ASP A 46 1.68 -10.59 4.44
N ASN A 47 1.76 -10.29 3.15
CA ASN A 47 1.22 -9.04 2.62
C ASN A 47 -0.29 -8.98 2.83
N VAL A 48 -0.82 -7.76 2.80
CA VAL A 48 -2.25 -7.55 2.98
C VAL A 48 -2.90 -7.00 1.71
N ASN A 49 -4.16 -7.38 1.48
CA ASN A 49 -4.89 -6.93 0.30
C ASN A 49 -6.25 -6.35 0.70
N THR A 50 -6.78 -5.48 -0.15
CA THR A 50 -8.07 -4.86 0.10
C THR A 50 -9.18 -5.51 -0.73
N GLN A 51 -10.42 -5.18 -0.41
CA GLN A 51 -11.56 -5.73 -1.13
C GLN A 51 -11.40 -5.55 -2.64
N ARG A 52 -12.37 -6.06 -3.39
CA ARG A 52 -12.33 -5.95 -4.84
C ARG A 52 -13.37 -4.94 -5.34
N VAL A 53 -12.90 -3.83 -5.88
CA VAL A 53 -13.78 -2.79 -6.39
C VAL A 53 -13.58 -2.58 -7.88
N PRO A 54 -14.64 -2.11 -8.56
CA PRO A 54 -14.61 -1.87 -10.01
C PRO A 54 -13.73 -0.67 -10.37
N CYS A 55 -12.92 -0.83 -11.41
CA CYS A 55 -12.03 0.24 -11.85
C CYS A 55 -12.77 1.58 -11.89
N SER A 56 -13.98 1.57 -12.43
CA SER A 56 -14.78 2.77 -12.54
C SER A 56 -14.81 3.52 -11.20
N ASN A 57 -14.80 2.77 -10.11
CA ASN A 57 -14.82 3.37 -8.78
C ASN A 57 -13.80 2.70 -7.87
N PRO A 58 -12.57 3.24 -7.87
CA PRO A 58 -11.48 2.72 -7.05
C PRO A 58 -11.69 2.98 -5.56
N ARG A 59 -12.80 3.62 -5.23
CA ARG A 59 -13.12 3.92 -3.85
C ARG A 59 -13.09 2.66 -2.98
N TRP A 60 -12.13 2.61 -2.07
CA TRP A 60 -11.99 1.46 -1.19
C TRP A 60 -12.50 1.79 0.22
N ASN A 61 -12.08 2.93 0.75
CA ASN A 61 -12.48 3.36 2.07
C ASN A 61 -12.64 2.16 3.01
N GLU A 62 -11.62 1.33 3.06
CA GLU A 62 -11.64 0.13 3.91
C GLU A 62 -10.52 0.18 4.94
N TRP A 63 -10.82 -0.24 6.15
CA TRP A 63 -9.83 -0.25 7.23
C TRP A 63 -8.94 -1.49 7.13
N LEU A 64 -7.69 -1.28 6.74
CA LEU A 64 -6.73 -2.37 6.61
C LEU A 64 -5.85 -2.48 7.85
N ASN A 65 -5.88 -3.64 8.50
CA ASN A 65 -5.09 -3.87 9.70
C ASN A 65 -3.84 -4.69 9.37
N TYR A 66 -2.71 -4.26 9.92
CA TYR A 66 -1.44 -4.95 9.68
C TYR A 66 -1.06 -5.80 10.89
N ASP A 67 -0.73 -7.06 10.63
CA ASP A 67 -0.33 -7.98 11.69
C ASP A 67 1.12 -7.76 12.09
N ILE A 68 1.52 -6.49 12.20
CA ILE A 68 2.87 -6.14 12.58
C ILE A 68 2.92 -5.57 13.99
N TYR A 69 4.12 -5.52 14.57
CA TYR A 69 4.30 -5.00 15.92
C TYR A 69 5.14 -3.73 15.89
N ILE A 70 4.62 -2.66 16.50
CA ILE A 70 5.32 -1.38 16.55
C ILE A 70 6.68 -1.54 17.23
N PRO A 71 6.68 -2.12 18.43
CA PRO A 71 7.91 -2.34 19.20
C PRO A 71 8.81 -3.40 18.57
N ASP A 72 8.31 -4.04 17.52
CA ASP A 72 9.08 -5.07 16.83
C ASP A 72 9.47 -4.61 15.43
N LEU A 73 8.82 -3.56 14.95
CA LEU A 73 9.10 -3.02 13.63
C LEU A 73 10.45 -2.32 13.60
N PRO A 74 11.41 -2.91 12.87
CA PRO A 74 12.77 -2.35 12.73
C PRO A 74 12.79 -1.06 11.93
N ARG A 75 13.67 -0.15 12.30
CA ARG A 75 13.79 1.13 11.60
C ARG A 75 14.00 0.91 10.11
N ALA A 76 14.91 0.00 9.76
CA ALA A 76 15.20 -0.30 8.36
C ALA A 76 13.91 -0.63 7.60
N ALA A 77 13.03 -1.40 8.23
CA ALA A 77 11.77 -1.78 7.60
C ALA A 77 10.96 -0.55 7.21
N ARG A 78 9.97 -0.75 6.35
CA ARG A 78 9.11 0.34 5.89
C ARG A 78 7.81 -0.18 5.32
N LEU A 79 6.90 0.72 4.99
CA LEU A 79 5.60 0.34 4.42
C LEU A 79 5.64 0.41 2.90
N CYS A 80 4.92 -0.51 2.25
CA CYS A 80 4.87 -0.55 0.80
C CYS A 80 3.43 -0.75 0.32
N LEU A 81 3.13 -0.21 -0.86
CA LEU A 81 1.79 -0.33 -1.42
C LEU A 81 1.84 -0.18 -2.95
N SER A 82 1.09 -1.03 -3.64
CA SER A 82 1.04 -1.00 -5.10
C SER A 82 -0.34 -1.40 -5.60
N ILE A 83 -0.69 -0.92 -6.79
CA ILE A 83 -1.98 -1.24 -7.39
C ILE A 83 -1.83 -2.28 -8.50
N CYS A 84 -2.75 -3.23 -8.55
CA CYS A 84 -2.73 -4.28 -9.57
C CYS A 84 -4.11 -4.47 -10.19
N SER A 85 -4.14 -4.99 -11.41
CA SER A 85 -5.39 -5.22 -12.11
C SER A 85 -5.72 -6.70 -12.16
N VAL A 86 -6.82 -7.09 -11.52
CA VAL A 86 -7.25 -8.48 -11.49
C VAL A 86 -8.38 -8.73 -12.48
N LYS A 87 -8.20 -9.74 -13.34
CA LYS A 87 -9.21 -10.09 -14.33
C LYS A 87 -9.25 -11.60 -14.56
N GLY A 88 -10.45 -12.15 -14.65
CA GLY A 88 -10.61 -13.57 -14.87
C GLY A 88 -12.00 -14.06 -14.53
N ARG A 89 -12.23 -15.37 -14.70
CA ARG A 89 -13.52 -15.95 -14.42
C ARG A 89 -13.53 -16.58 -13.02
N LYS A 90 -14.70 -17.06 -12.61
CA LYS A 90 -14.85 -17.68 -11.30
C LYS A 90 -14.11 -19.01 -11.24
N GLY A 91 -14.49 -19.93 -12.12
CA GLY A 91 -13.85 -21.24 -12.14
C GLY A 91 -12.39 -21.16 -12.54
N ALA A 92 -12.07 -20.23 -13.43
CA ALA A 92 -10.70 -20.05 -13.89
C ALA A 92 -9.94 -19.08 -13.01
N LYS A 93 -8.64 -18.98 -13.20
CA LYS A 93 -7.80 -18.08 -12.42
C LYS A 93 -7.81 -16.67 -13.01
N GLU A 94 -7.47 -15.69 -12.18
CA GLU A 94 -7.44 -14.30 -12.62
C GLU A 94 -6.02 -13.86 -12.96
N GLU A 95 -5.89 -12.65 -13.50
CA GLU A 95 -4.59 -12.13 -13.88
C GLU A 95 -4.31 -10.80 -13.15
N HIS A 96 -3.25 -10.79 -12.34
CA HIS A 96 -2.87 -9.60 -11.60
C HIS A 96 -1.67 -8.91 -12.24
N CYS A 97 -1.84 -7.63 -12.56
CA CYS A 97 -0.77 -6.85 -13.18
C CYS A 97 -0.56 -5.52 -12.46
N PRO A 98 0.67 -5.28 -11.99
CA PRO A 98 1.01 -4.06 -11.27
C PRO A 98 1.03 -2.83 -12.18
N LEU A 99 0.53 -1.72 -11.67
CA LEU A 99 0.49 -0.48 -12.44
C LEU A 99 1.41 0.58 -11.84
N ALA A 100 1.48 0.60 -10.51
CA ALA A 100 2.33 1.54 -9.80
C ALA A 100 2.92 0.92 -8.55
N TRP A 101 3.71 1.71 -7.81
CA TRP A 101 4.34 1.24 -6.59
C TRP A 101 4.83 2.41 -5.74
N GLY A 102 4.41 2.42 -4.48
CA GLY A 102 4.82 3.49 -3.58
C GLY A 102 5.24 2.98 -2.22
N ASN A 103 6.37 3.49 -1.72
CA ASN A 103 6.88 3.07 -0.42
C ASN A 103 6.85 4.23 0.57
N ILE A 104 6.29 3.99 1.75
CA ILE A 104 6.20 5.01 2.79
C ILE A 104 7.17 4.72 3.92
N ASN A 105 7.83 5.77 4.42
CA ASN A 105 8.78 5.63 5.50
C ASN A 105 8.07 5.46 6.84
N LEU A 106 7.66 4.24 7.14
CA LEU A 106 6.96 3.94 8.38
C LEU A 106 7.48 4.81 9.52
N PHE A 107 8.79 5.04 9.53
CA PHE A 107 9.41 5.86 10.57
C PHE A 107 9.82 7.21 10.01
N ASP A 108 9.27 8.28 10.59
CA ASP A 108 9.57 9.64 10.15
C ASP A 108 11.05 9.95 10.36
N TYR A 109 11.48 11.09 9.82
CA TYR A 109 12.87 11.50 9.93
C TYR A 109 13.33 11.48 11.39
N THR A 110 12.38 11.64 12.31
CA THR A 110 12.69 11.63 13.73
C THR A 110 12.25 10.32 14.37
N ASP A 111 12.31 9.23 13.60
CA ASP A 111 11.92 7.92 14.11
C ASP A 111 10.59 7.99 14.85
N THR A 112 9.68 8.83 14.35
CA THR A 112 8.38 8.99 14.97
C THR A 112 7.27 8.51 14.03
N LEU A 113 6.75 7.32 14.31
CA LEU A 113 5.68 6.75 13.49
C LEU A 113 4.75 7.84 12.96
N VAL A 114 4.58 7.87 11.64
CA VAL A 114 3.72 8.87 11.02
C VAL A 114 2.29 8.78 11.55
N SER A 115 1.43 9.69 11.10
CA SER A 115 0.04 9.72 11.55
C SER A 115 -0.75 10.75 10.76
N GLY A 116 -2.08 10.69 10.87
CA GLY A 116 -2.94 11.62 10.17
C GLY A 116 -3.02 11.32 8.69
N LYS A 117 -4.24 11.31 8.15
CA LYS A 117 -4.46 11.03 6.74
C LYS A 117 -3.40 11.71 5.89
N MET A 118 -3.07 11.11 4.75
CA MET A 118 -2.07 11.65 3.84
C MET A 118 -2.22 11.08 2.44
N ALA A 119 -1.71 11.78 1.45
CA ALA A 119 -1.80 11.34 0.07
C ALA A 119 -0.49 11.59 -0.68
N LEU A 120 -0.01 10.58 -1.40
CA LEU A 120 1.23 10.69 -2.15
C LEU A 120 1.13 9.94 -3.48
N ASN A 121 1.84 10.45 -4.49
CA ASN A 121 1.84 9.82 -5.81
C ASN A 121 2.70 8.56 -5.82
N LEU A 122 2.45 7.68 -6.77
CA LEU A 122 3.20 6.44 -6.90
C LEU A 122 3.92 6.38 -8.24
N TRP A 123 5.10 5.74 -8.25
CA TRP A 123 5.89 5.61 -9.46
C TRP A 123 5.37 4.47 -10.33
N PRO A 124 5.59 4.58 -11.64
CA PRO A 124 5.15 3.56 -12.61
C PRO A 124 5.95 2.27 -12.48
N VAL A 125 5.40 1.19 -13.03
CA VAL A 125 6.06 -0.11 -12.98
C VAL A 125 7.08 -0.25 -14.10
N PRO A 126 8.36 -0.42 -13.72
CA PRO A 126 9.46 -0.58 -14.67
C PRO A 126 9.41 -1.91 -15.42
N HIS A 127 10.43 -2.17 -16.22
CA HIS A 127 10.50 -3.42 -16.98
C HIS A 127 11.24 -4.49 -16.21
N GLY A 128 10.83 -5.75 -16.40
CA GLY A 128 11.48 -6.86 -15.71
C GLY A 128 10.75 -7.24 -14.43
N LEU A 129 10.50 -6.26 -13.58
CA LEU A 129 9.81 -6.50 -12.32
C LEU A 129 8.63 -7.45 -12.51
N GLU A 130 8.74 -8.64 -11.95
CA GLU A 130 7.69 -9.64 -12.06
C GLU A 130 6.77 -9.60 -10.84
N ASP A 131 7.37 -9.54 -9.66
CA ASP A 131 6.59 -9.49 -8.42
C ASP A 131 5.60 -8.33 -8.44
N LEU A 132 4.37 -8.60 -8.00
CA LEU A 132 3.33 -7.58 -7.98
C LEU A 132 3.77 -6.39 -7.13
N LEU A 133 4.13 -6.66 -5.88
CA LEU A 133 4.57 -5.62 -4.97
C LEU A 133 6.07 -5.37 -5.09
N ASN A 134 6.46 -4.10 -5.16
CA ASN A 134 7.86 -3.73 -5.28
C ASN A 134 8.40 -3.19 -3.95
N PRO A 135 8.95 -4.09 -3.13
CA PRO A 135 9.50 -3.72 -1.82
C PRO A 135 10.78 -2.90 -1.95
N ILE A 136 11.52 -3.12 -3.03
CA ILE A 136 12.76 -2.41 -3.27
C ILE A 136 12.50 -0.98 -3.72
N GLY A 137 11.36 -0.77 -4.37
CA GLY A 137 11.00 0.56 -4.85
C GLY A 137 11.48 1.66 -3.91
N VAL A 138 11.73 2.84 -4.47
CA VAL A 138 12.20 3.97 -3.67
C VAL A 138 11.10 4.47 -2.74
N THR A 139 11.47 5.37 -1.83
CA THR A 139 10.52 5.93 -0.87
C THR A 139 10.27 7.41 -1.16
N GLY A 140 9.25 7.97 -0.50
CA GLY A 140 8.94 9.37 -0.69
C GLY A 140 7.79 9.58 -1.65
N SER A 141 7.15 10.74 -1.58
CA SER A 141 6.03 11.06 -2.45
C SER A 141 6.51 11.44 -3.83
N ASN A 142 6.06 10.71 -4.84
CA ASN A 142 6.45 10.97 -6.22
C ASN A 142 6.03 12.38 -6.64
N PRO A 143 7.02 13.16 -7.11
CA PRO A 143 6.79 14.54 -7.55
C PRO A 143 5.99 14.61 -8.84
N ASN A 144 5.95 13.50 -9.57
CA ASN A 144 5.21 13.43 -10.82
C ASN A 144 3.73 13.70 -10.60
N LYS A 145 3.13 14.47 -11.52
CA LYS A 145 1.72 14.81 -11.42
C LYS A 145 0.87 13.84 -12.26
N GLU A 146 1.41 13.41 -13.39
CA GLU A 146 0.72 12.49 -14.27
C GLU A 146 0.89 11.05 -13.81
N THR A 147 0.86 10.85 -12.50
CA THR A 147 1.02 9.51 -11.92
C THR A 147 -0.10 9.20 -10.94
N PRO A 148 -0.35 7.90 -10.72
CA PRO A 148 -1.41 7.44 -9.80
C PRO A 148 -1.04 7.71 -8.35
N CYS A 149 -1.98 8.31 -7.61
CA CYS A 149 -1.76 8.61 -6.21
C CYS A 149 -2.81 7.95 -5.33
N LEU A 150 -2.37 7.26 -4.29
CA LEU A 150 -3.26 6.57 -3.37
C LEU A 150 -3.37 7.31 -2.04
N GLU A 151 -4.50 7.16 -1.38
CA GLU A 151 -4.73 7.81 -0.09
C GLU A 151 -4.84 6.79 1.03
N LEU A 152 -4.25 7.11 2.18
CA LEU A 152 -4.27 6.22 3.33
C LEU A 152 -4.40 7.00 4.63
N GLU A 153 -4.93 6.35 5.65
CA GLU A 153 -5.10 6.98 6.95
C GLU A 153 -4.31 6.26 8.03
N PHE A 154 -3.33 6.95 8.62
CA PHE A 154 -2.50 6.37 9.65
C PHE A 154 -3.21 6.41 11.01
N ASP A 155 -3.61 5.23 11.49
CA ASP A 155 -4.30 5.15 12.77
C ASP A 155 -3.63 4.11 13.67
N TRP A 156 -3.28 4.53 14.88
CA TRP A 156 -2.63 3.63 15.84
C TRP A 156 -3.41 3.57 17.14
N PHE A 157 -4.22 2.52 17.29
CA PHE A 157 -5.03 2.33 18.48
C PHE A 157 -4.36 1.36 19.45
N SER A 158 -4.02 0.18 18.93
CA SER A 158 -3.38 -0.85 19.76
C SER A 158 -2.98 -2.05 18.90
N GLY A 1 -4.73 14.20 32.77
CA GLY A 1 -3.54 14.60 33.50
C GLY A 1 -2.32 13.79 33.10
N SER A 2 -1.56 13.34 34.09
CA SER A 2 -0.36 12.56 33.83
C SER A 2 -0.71 11.10 33.52
N SER A 3 -0.29 10.63 32.35
CA SER A 3 -0.57 9.27 31.92
C SER A 3 0.57 8.73 31.06
N GLY A 4 1.20 7.65 31.52
CA GLY A 4 2.29 7.06 30.78
C GLY A 4 1.85 5.87 29.94
N SER A 5 2.46 5.71 28.78
CA SER A 5 2.12 4.62 27.87
C SER A 5 3.35 4.16 27.08
N SER A 6 3.22 3.03 26.40
CA SER A 6 4.31 2.48 25.61
C SER A 6 4.11 2.78 24.13
N GLY A 7 2.86 2.98 23.74
CA GLY A 7 2.54 3.27 22.36
C GLY A 7 1.49 2.33 21.79
N ASN A 8 1.66 1.94 20.54
CA ASN A 8 0.72 1.05 19.88
C ASN A 8 1.31 -0.35 19.73
N SER A 9 0.49 -1.28 19.27
CA SER A 9 0.92 -2.66 19.08
C SER A 9 0.57 -3.16 17.68
N ALA A 10 -0.63 -2.83 17.22
CA ALA A 10 -1.09 -3.23 15.90
C ALA A 10 -1.35 -2.03 15.01
N LEU A 11 -0.60 -1.93 13.92
CA LEU A 11 -0.74 -0.81 12.99
C LEU A 11 -1.86 -1.09 11.99
N ARG A 12 -2.74 -0.12 11.81
CA ARG A 12 -3.85 -0.26 10.87
C ARG A 12 -3.94 0.95 9.93
N ILE A 13 -4.17 0.68 8.65
CA ILE A 13 -4.27 1.74 7.66
C ILE A 13 -5.47 1.53 6.74
N LYS A 14 -6.22 2.59 6.50
CA LYS A 14 -7.39 2.53 5.64
C LYS A 14 -7.16 3.30 4.34
N ILE A 15 -7.52 2.68 3.23
CA ILE A 15 -7.36 3.30 1.91
C ILE A 15 -8.63 4.04 1.50
N LEU A 16 -8.46 5.15 0.79
CA LEU A 16 -9.59 5.94 0.33
C LEU A 16 -9.90 5.65 -1.15
N CYS A 17 -9.02 6.13 -2.03
CA CYS A 17 -9.20 5.94 -3.46
C CYS A 17 -7.92 6.30 -4.22
N ALA A 18 -7.99 6.25 -5.54
CA ALA A 18 -6.85 6.57 -6.38
C ALA A 18 -7.24 7.53 -7.50
N THR A 19 -6.30 8.39 -7.89
CA THR A 19 -6.55 9.35 -8.95
C THR A 19 -5.58 9.16 -10.12
N TYR A 20 -6.11 9.17 -11.33
CA TYR A 20 -5.29 8.99 -12.53
C TYR A 20 -4.70 7.59 -12.58
N VAL A 21 -5.51 6.60 -12.23
CA VAL A 21 -5.07 5.20 -12.25
C VAL A 21 -4.76 4.74 -13.65
N ASN A 22 -3.69 3.96 -13.79
CA ASN A 22 -3.28 3.44 -15.10
C ASN A 22 -4.49 2.98 -15.91
N VAL A 23 -5.41 2.31 -15.24
CA VAL A 23 -6.62 1.80 -15.89
C VAL A 23 -7.10 2.79 -16.95
N ASN A 24 -6.90 2.43 -18.22
CA ASN A 24 -7.32 3.27 -19.33
C ASN A 24 -8.69 2.84 -19.85
N ILE A 25 -8.78 1.60 -20.31
CA ILE A 25 -10.03 1.07 -20.83
C ILE A 25 -10.92 0.55 -19.71
N ARG A 26 -12.12 0.10 -20.07
CA ARG A 26 -13.06 -0.42 -19.09
C ARG A 26 -13.29 -1.92 -19.30
N ASP A 27 -12.19 -2.65 -19.50
CA ASP A 27 -12.27 -4.09 -19.71
C ASP A 27 -11.97 -4.84 -18.42
N ILE A 28 -10.97 -4.36 -17.67
CA ILE A 28 -10.58 -4.99 -16.42
C ILE A 28 -11.80 -5.23 -15.53
N ASP A 29 -11.94 -6.45 -15.04
CA ASP A 29 -13.06 -6.79 -14.16
C ASP A 29 -13.06 -5.94 -12.90
N LYS A 30 -12.04 -6.14 -12.06
CA LYS A 30 -11.91 -5.38 -10.82
C LYS A 30 -10.45 -5.08 -10.51
N ILE A 31 -10.22 -4.36 -9.43
CA ILE A 31 -8.87 -4.00 -9.01
C ILE A 31 -8.70 -4.10 -7.50
N TYR A 32 -7.48 -3.94 -7.03
CA TYR A 32 -7.19 -4.00 -5.60
C TYR A 32 -5.81 -3.44 -5.30
N VAL A 33 -5.51 -3.28 -4.00
CA VAL A 33 -4.23 -2.75 -3.58
C VAL A 33 -3.48 -3.76 -2.71
N ARG A 34 -2.16 -3.83 -2.91
CA ARG A 34 -1.33 -4.76 -2.15
C ARG A 34 -0.34 -4.00 -1.27
N THR A 35 -0.28 -4.38 0.00
CA THR A 35 0.63 -3.74 0.94
C THR A 35 1.50 -4.76 1.65
N GLY A 36 2.52 -4.28 2.35
CA GLY A 36 3.41 -5.17 3.07
C GLY A 36 4.74 -4.51 3.39
N ILE A 37 5.20 -4.68 4.62
CA ILE A 37 6.47 -4.11 5.05
C ILE A 37 7.65 -4.97 4.64
N TYR A 38 8.79 -4.35 4.38
CA TYR A 38 9.98 -5.06 3.96
C TYR A 38 11.22 -4.47 4.62
N HIS A 39 12.16 -5.34 4.98
CA HIS A 39 13.39 -4.90 5.62
C HIS A 39 14.61 -5.28 4.78
N GLY A 40 15.19 -4.29 4.10
CA GLY A 40 16.34 -4.54 3.26
C GLY A 40 16.01 -5.38 2.05
N GLY A 41 14.91 -5.06 1.38
CA GLY A 41 14.50 -5.80 0.21
C GLY A 41 14.03 -7.21 0.56
N GLU A 42 13.47 -7.37 1.74
CA GLU A 42 12.99 -8.67 2.19
C GLU A 42 11.66 -8.53 2.94
N PRO A 43 10.78 -9.53 2.77
CA PRO A 43 9.47 -9.54 3.43
C PRO A 43 9.58 -9.76 4.93
N LEU A 44 8.50 -9.46 5.64
CA LEU A 44 8.47 -9.62 7.10
C LEU A 44 7.28 -10.48 7.52
N CYS A 45 6.14 -10.27 6.89
CA CYS A 45 4.93 -11.02 7.20
C CYS A 45 4.08 -11.23 5.95
N ASP A 46 2.98 -11.96 6.11
CA ASP A 46 2.09 -12.24 5.00
C ASP A 46 1.48 -10.95 4.45
N ASN A 47 1.76 -10.65 3.19
CA ASN A 47 1.24 -9.44 2.55
C ASN A 47 -0.27 -9.34 2.76
N VAL A 48 -0.76 -8.10 2.83
CA VAL A 48 -2.20 -7.86 3.01
C VAL A 48 -2.82 -7.26 1.76
N ASN A 49 -4.00 -7.75 1.40
CA ASN A 49 -4.70 -7.26 0.21
C ASN A 49 -6.05 -6.65 0.59
N THR A 50 -6.50 -5.69 -0.20
CA THR A 50 -7.78 -5.02 0.06
C THR A 50 -8.87 -5.58 -0.85
N GLN A 51 -10.12 -5.29 -0.49
CA GLN A 51 -11.26 -5.76 -1.27
C GLN A 51 -11.08 -5.45 -2.75
N ARG A 52 -11.99 -5.96 -3.57
CA ARG A 52 -11.92 -5.75 -5.01
C ARG A 52 -12.94 -4.70 -5.45
N VAL A 53 -12.46 -3.62 -6.04
CA VAL A 53 -13.32 -2.54 -6.50
C VAL A 53 -13.15 -2.29 -8.00
N PRO A 54 -14.21 -1.81 -8.64
CA PRO A 54 -14.20 -1.52 -10.08
C PRO A 54 -13.31 -0.32 -10.43
N CYS A 55 -12.52 -0.46 -11.49
CA CYS A 55 -11.63 0.61 -11.92
C CYS A 55 -12.35 1.95 -11.92
N SER A 56 -13.55 1.98 -12.51
CA SER A 56 -14.33 3.20 -12.59
C SER A 56 -14.39 3.89 -11.23
N ASN A 57 -14.44 3.10 -10.16
CA ASN A 57 -14.49 3.64 -8.81
C ASN A 57 -13.51 2.91 -7.89
N PRO A 58 -12.27 3.42 -7.84
CA PRO A 58 -11.22 2.83 -6.99
C PRO A 58 -11.48 3.04 -5.50
N ARG A 59 -12.61 3.66 -5.20
CA ARG A 59 -12.97 3.91 -3.80
C ARG A 59 -12.96 2.63 -2.98
N TRP A 60 -11.93 2.48 -2.16
CA TRP A 60 -11.78 1.29 -1.33
C TRP A 60 -12.40 1.51 0.06
N ASN A 61 -12.04 2.63 0.68
CA ASN A 61 -12.55 2.96 2.00
C ASN A 61 -12.62 1.73 2.88
N GLU A 62 -11.56 0.93 2.87
CA GLU A 62 -11.50 -0.29 3.67
C GLU A 62 -10.40 -0.19 4.73
N TRP A 63 -10.70 -0.66 5.93
CA TRP A 63 -9.74 -0.63 7.03
C TRP A 63 -8.83 -1.85 6.99
N LEU A 64 -7.56 -1.63 6.63
CA LEU A 64 -6.59 -2.71 6.54
C LEU A 64 -5.77 -2.80 7.83
N ASN A 65 -5.88 -3.92 8.52
CA ASN A 65 -5.15 -4.13 9.78
C ASN A 65 -3.88 -4.94 9.52
N TYR A 66 -2.76 -4.40 9.98
CA TYR A 66 -1.47 -5.08 9.81
C TYR A 66 -1.10 -5.87 11.05
N ASP A 67 -0.89 -7.17 10.87
CA ASP A 67 -0.53 -8.04 11.99
C ASP A 67 0.95 -7.90 12.33
N ILE A 68 1.39 -6.66 12.57
CA ILE A 68 2.77 -6.39 12.90
C ILE A 68 2.88 -5.79 14.30
N TYR A 69 4.11 -5.74 14.82
CA TYR A 69 4.36 -5.19 16.15
C TYR A 69 5.16 -3.89 16.07
N ILE A 70 4.58 -2.81 16.57
CA ILE A 70 5.25 -1.51 16.55
C ILE A 70 6.58 -1.57 17.29
N PRO A 71 6.55 -2.09 18.52
CA PRO A 71 7.76 -2.22 19.35
C PRO A 71 8.73 -3.27 18.82
N ASP A 72 8.38 -3.86 17.68
CA ASP A 72 9.22 -4.88 17.06
C ASP A 72 9.61 -4.48 15.65
N LEU A 73 8.97 -3.44 15.14
CA LEU A 73 9.25 -2.95 13.78
C LEU A 73 10.62 -2.29 13.72
N PRO A 74 11.54 -2.91 12.97
CA PRO A 74 12.90 -2.40 12.81
C PRO A 74 12.94 -1.12 11.97
N ARG A 75 13.68 -0.12 12.47
CA ARG A 75 13.80 1.15 11.77
C ARG A 75 14.01 0.92 10.26
N ALA A 76 14.90 0.00 9.92
CA ALA A 76 15.19 -0.31 8.53
C ALA A 76 13.91 -0.58 7.75
N ALA A 77 13.04 -1.41 8.33
CA ALA A 77 11.77 -1.75 7.69
C ALA A 77 11.00 -0.50 7.30
N ARG A 78 10.02 -0.67 6.42
CA ARG A 78 9.20 0.44 5.95
C ARG A 78 7.90 -0.06 5.34
N LEU A 79 7.03 0.88 4.97
CA LEU A 79 5.75 0.54 4.36
C LEU A 79 5.84 0.56 2.84
N CYS A 80 5.22 -0.42 2.20
CA CYS A 80 5.23 -0.52 0.76
C CYS A 80 3.87 -0.95 0.23
N LEU A 81 3.41 -0.28 -0.83
CA LEU A 81 2.11 -0.59 -1.43
C LEU A 81 2.17 -0.47 -2.94
N SER A 82 1.25 -1.15 -3.62
CA SER A 82 1.21 -1.12 -5.09
C SER A 82 -0.18 -1.50 -5.58
N ILE A 83 -0.52 -1.03 -6.78
CA ILE A 83 -1.82 -1.32 -7.38
C ILE A 83 -1.73 -2.47 -8.36
N CYS A 84 -2.80 -3.26 -8.45
CA CYS A 84 -2.84 -4.39 -9.35
C CYS A 84 -4.23 -4.55 -9.97
N SER A 85 -4.29 -5.20 -11.13
CA SER A 85 -5.55 -5.42 -11.82
C SER A 85 -5.89 -6.90 -11.91
N VAL A 86 -7.02 -7.28 -11.30
CA VAL A 86 -7.45 -8.67 -11.31
C VAL A 86 -8.58 -8.89 -12.31
N LYS A 87 -8.43 -9.91 -13.16
CA LYS A 87 -9.42 -10.22 -14.16
C LYS A 87 -9.46 -11.73 -14.44
N GLY A 88 -10.63 -12.23 -14.82
CA GLY A 88 -10.78 -13.64 -15.11
C GLY A 88 -12.22 -14.11 -14.99
N ARG A 89 -12.43 -15.42 -15.09
CA ARG A 89 -13.77 -15.98 -15.00
C ARG A 89 -13.98 -16.66 -13.64
N LYS A 90 -15.24 -16.80 -13.26
CA LYS A 90 -15.59 -17.43 -11.99
C LYS A 90 -15.05 -18.86 -11.91
N GLY A 91 -15.42 -19.68 -12.90
CA GLY A 91 -14.97 -21.05 -12.93
C GLY A 91 -13.49 -21.17 -13.24
N ALA A 92 -12.93 -20.13 -13.85
CA ALA A 92 -11.51 -20.12 -14.19
C ALA A 92 -10.71 -19.26 -13.22
N LYS A 93 -9.41 -19.18 -13.44
CA LYS A 93 -8.54 -18.39 -12.58
C LYS A 93 -8.40 -16.96 -13.10
N GLU A 94 -8.05 -16.04 -12.20
CA GLU A 94 -7.88 -14.64 -12.57
C GLU A 94 -6.41 -14.30 -12.77
N GLU A 95 -6.15 -13.08 -13.24
CA GLU A 95 -4.78 -12.63 -13.47
C GLU A 95 -4.55 -11.26 -12.84
N HIS A 96 -3.45 -11.13 -12.10
CA HIS A 96 -3.12 -9.88 -11.44
C HIS A 96 -2.00 -9.16 -12.19
N CYS A 97 -2.19 -7.86 -12.44
CA CYS A 97 -1.20 -7.06 -13.15
C CYS A 97 -0.94 -5.75 -12.41
N PRO A 98 0.32 -5.53 -12.04
CA PRO A 98 0.73 -4.31 -11.32
C PRO A 98 0.69 -3.09 -12.21
N LEU A 99 0.38 -1.94 -11.61
CA LEU A 99 0.32 -0.68 -12.35
C LEU A 99 1.26 0.36 -11.76
N ALA A 100 1.12 0.61 -10.46
CA ALA A 100 1.97 1.58 -9.78
C ALA A 100 2.56 0.98 -8.51
N TRP A 101 3.35 1.78 -7.80
CA TRP A 101 3.99 1.33 -6.56
C TRP A 101 4.51 2.51 -5.75
N GLY A 102 4.22 2.52 -4.47
CA GLY A 102 4.67 3.60 -3.60
C GLY A 102 5.05 3.12 -2.22
N ASN A 103 6.17 3.62 -1.71
CA ASN A 103 6.65 3.25 -0.39
C ASN A 103 6.62 4.43 0.57
N ILE A 104 6.35 4.16 1.85
CA ILE A 104 6.29 5.20 2.86
C ILE A 104 7.19 4.87 4.04
N ASN A 105 8.09 5.79 4.38
CA ASN A 105 9.02 5.59 5.50
C ASN A 105 8.25 5.51 6.82
N LEU A 106 7.82 4.31 7.17
CA LEU A 106 7.08 4.10 8.41
C LEU A 106 7.57 5.05 9.51
N PHE A 107 8.88 5.28 9.55
CA PHE A 107 9.47 6.16 10.54
C PHE A 107 9.88 7.49 9.91
N ASP A 108 9.17 8.56 10.27
CA ASP A 108 9.45 9.88 9.74
C ASP A 108 10.90 10.28 10.01
N TYR A 109 11.29 11.45 9.52
CA TYR A 109 12.64 11.94 9.72
C TYR A 109 13.04 11.90 11.19
N THR A 110 12.11 12.27 12.05
CA THR A 110 12.36 12.28 13.49
C THR A 110 12.08 10.91 14.10
N ASP A 111 12.36 9.86 13.33
CA ASP A 111 12.15 8.50 13.81
C ASP A 111 10.86 8.39 14.64
N THR A 112 9.77 8.93 14.10
CA THR A 112 8.49 8.92 14.79
C THR A 112 7.37 8.49 13.84
N LEU A 113 6.82 7.30 14.08
CA LEU A 113 5.73 6.79 13.25
C LEU A 113 4.83 7.92 12.76
N VAL A 114 4.50 7.89 11.48
CA VAL A 114 3.64 8.91 10.89
C VAL A 114 2.23 8.85 11.47
N SER A 115 1.38 9.79 11.07
CA SER A 115 0.01 9.84 11.56
C SER A 115 -0.81 10.85 10.77
N GLY A 116 -2.12 10.77 10.90
CA GLY A 116 -3.00 11.69 10.19
C GLY A 116 -3.08 11.37 8.71
N LYS A 117 -4.30 11.38 8.17
CA LYS A 117 -4.52 11.09 6.77
C LYS A 117 -3.47 11.78 5.89
N MET A 118 -3.14 11.16 4.76
CA MET A 118 -2.15 11.71 3.85
C MET A 118 -2.31 11.12 2.45
N ALA A 119 -1.77 11.82 1.45
CA ALA A 119 -1.86 11.35 0.08
C ALA A 119 -0.54 11.60 -0.66
N LEU A 120 -0.11 10.61 -1.44
CA LEU A 120 1.13 10.72 -2.20
C LEU A 120 1.01 10.01 -3.54
N ASN A 121 1.82 10.44 -4.51
CA ASN A 121 1.80 9.84 -5.84
C ASN A 121 2.62 8.55 -5.87
N LEU A 122 2.26 7.64 -6.76
CA LEU A 122 2.96 6.37 -6.89
C LEU A 122 3.66 6.27 -8.25
N TRP A 123 4.88 5.74 -8.23
CA TRP A 123 5.65 5.58 -9.46
C TRP A 123 5.14 4.41 -10.28
N PRO A 124 5.28 4.52 -11.61
CA PRO A 124 4.83 3.46 -12.53
C PRO A 124 5.70 2.21 -12.45
N VAL A 125 5.14 1.08 -12.86
CA VAL A 125 5.86 -0.18 -12.82
C VAL A 125 6.90 -0.25 -13.95
N PRO A 126 8.15 -0.58 -13.58
CA PRO A 126 9.25 -0.70 -14.55
C PRO A 126 9.10 -1.90 -15.47
N HIS A 127 10.04 -2.06 -16.40
CA HIS A 127 10.01 -3.17 -17.33
C HIS A 127 10.61 -4.42 -16.71
N GLY A 128 10.26 -5.58 -17.27
CA GLY A 128 10.78 -6.84 -16.76
C GLY A 128 10.61 -6.96 -15.26
N LEU A 129 9.41 -7.34 -14.82
CA LEU A 129 9.12 -7.50 -13.40
C LEU A 129 8.05 -8.56 -13.18
N GLU A 130 8.16 -9.27 -12.06
CA GLU A 130 7.21 -10.32 -11.72
C GLU A 130 6.50 -10.00 -10.41
N ASP A 131 7.27 -9.81 -9.35
CA ASP A 131 6.71 -9.50 -8.04
C ASP A 131 5.72 -8.35 -8.13
N LEU A 132 4.47 -8.61 -7.80
CA LEU A 132 3.43 -7.59 -7.85
C LEU A 132 3.83 -6.36 -7.05
N LEU A 133 4.32 -6.58 -5.84
CA LEU A 133 4.75 -5.49 -4.97
C LEU A 133 6.25 -5.23 -5.13
N ASN A 134 6.62 -3.96 -5.15
CA ASN A 134 8.02 -3.58 -5.30
C ASN A 134 8.57 -3.02 -3.99
N PRO A 135 9.15 -3.91 -3.17
CA PRO A 135 9.72 -3.54 -1.87
C PRO A 135 11.00 -2.70 -2.03
N ILE A 136 11.77 -3.00 -3.06
CA ILE A 136 13.01 -2.29 -3.32
C ILE A 136 12.74 -0.87 -3.79
N GLY A 137 11.58 -0.67 -4.41
CA GLY A 137 11.22 0.64 -4.90
C GLY A 137 11.63 1.75 -3.95
N VAL A 138 11.85 2.94 -4.50
CA VAL A 138 12.25 4.09 -3.70
C VAL A 138 11.14 4.50 -2.74
N THR A 139 11.49 5.34 -1.77
CA THR A 139 10.52 5.81 -0.77
C THR A 139 10.19 7.28 -0.98
N GLY A 140 9.13 7.74 -0.33
CA GLY A 140 8.73 9.13 -0.45
C GLY A 140 7.60 9.32 -1.45
N SER A 141 7.14 10.56 -1.59
CA SER A 141 6.06 10.87 -2.52
C SER A 141 6.61 11.26 -3.89
N ASN A 142 6.08 10.65 -4.94
CA ASN A 142 6.51 10.93 -6.30
C ASN A 142 6.14 12.35 -6.70
N PRO A 143 7.15 13.15 -7.06
CA PRO A 143 6.94 14.54 -7.49
C PRO A 143 6.25 14.64 -8.84
N ASN A 144 6.08 13.50 -9.50
CA ASN A 144 5.43 13.46 -10.81
C ASN A 144 3.91 13.53 -10.66
N LYS A 145 3.30 14.47 -11.38
CA LYS A 145 1.85 14.66 -11.33
C LYS A 145 1.14 13.61 -12.18
N GLU A 146 1.56 13.49 -13.44
CA GLU A 146 0.97 12.53 -14.36
C GLU A 146 0.71 11.20 -13.64
N THR A 147 1.66 10.77 -12.83
CA THR A 147 1.53 9.52 -12.09
C THR A 147 0.34 9.55 -11.14
N PRO A 148 -0.24 8.38 -10.87
CA PRO A 148 -1.39 8.25 -9.97
C PRO A 148 -1.01 8.52 -8.51
N CYS A 149 -2.02 8.53 -7.64
CA CYS A 149 -1.80 8.78 -6.22
C CYS A 149 -2.86 8.06 -5.39
N LEU A 150 -2.41 7.46 -4.28
CA LEU A 150 -3.32 6.75 -3.39
C LEU A 150 -3.47 7.48 -2.06
N GLU A 151 -4.59 7.23 -1.37
CA GLU A 151 -4.85 7.87 -0.09
C GLU A 151 -4.94 6.83 1.02
N LEU A 152 -4.35 7.14 2.17
CA LEU A 152 -4.36 6.24 3.32
C LEU A 152 -4.53 7.01 4.62
N GLU A 153 -5.00 6.32 5.66
CA GLU A 153 -5.21 6.94 6.95
C GLU A 153 -4.41 6.21 8.04
N PHE A 154 -3.51 6.95 8.70
CA PHE A 154 -2.69 6.37 9.75
C PHE A 154 -3.39 6.46 11.10
N ASP A 155 -3.62 5.31 11.71
CA ASP A 155 -4.29 5.26 13.01
C ASP A 155 -3.68 4.17 13.89
N TRP A 156 -3.31 4.55 15.11
CA TRP A 156 -2.71 3.61 16.05
C TRP A 156 -3.50 3.55 17.35
N PHE A 157 -4.28 2.50 17.52
CA PHE A 157 -5.10 2.34 18.72
C PHE A 157 -4.50 1.25 19.63
N SER A 158 -4.22 0.10 19.05
CA SER A 158 -3.65 -1.01 19.80
C SER A 158 -2.25 -0.68 20.31
N GLY A 1 0.64 -9.01 33.09
CA GLY A 1 1.76 -9.42 33.92
C GLY A 1 2.75 -8.31 34.18
N SER A 2 3.34 -7.78 33.11
CA SER A 2 4.31 -6.71 33.24
C SER A 2 3.78 -5.42 32.61
N SER A 3 3.48 -4.43 33.45
CA SER A 3 2.96 -3.16 32.98
C SER A 3 4.09 -2.21 32.62
N GLY A 4 4.41 -2.14 31.33
CA GLY A 4 5.47 -1.26 30.87
C GLY A 4 4.97 -0.18 29.92
N SER A 5 4.99 -0.48 28.64
CA SER A 5 4.55 0.47 27.62
C SER A 5 3.27 -0.02 26.94
N SER A 6 2.28 0.86 26.83
CA SER A 6 1.01 0.52 26.22
C SER A 6 0.50 1.67 25.36
N GLY A 7 -0.05 1.34 24.19
CA GLY A 7 -0.57 2.36 23.30
C GLY A 7 -0.58 1.90 21.86
N ASN A 8 0.61 1.71 21.28
CA ASN A 8 0.72 1.29 19.90
C ASN A 8 1.33 -0.11 19.81
N SER A 9 0.54 -1.08 19.37
CA SER A 9 0.99 -2.46 19.24
C SER A 9 0.66 -3.02 17.87
N ALA A 10 -0.46 -2.58 17.31
CA ALA A 10 -0.89 -3.03 16.00
C ALA A 10 -1.00 -1.87 15.02
N LEU A 11 -0.61 -2.12 13.77
CA LEU A 11 -0.66 -1.08 12.74
C LEU A 11 -1.81 -1.34 11.76
N ARG A 12 -2.52 -0.28 11.41
CA ARG A 12 -3.65 -0.40 10.48
C ARG A 12 -3.68 0.78 9.52
N ILE A 13 -4.43 0.63 8.43
CA ILE A 13 -4.54 1.69 7.44
C ILE A 13 -5.85 1.58 6.66
N LYS A 14 -6.56 2.70 6.54
CA LYS A 14 -7.82 2.72 5.82
C LYS A 14 -7.68 3.41 4.46
N ILE A 15 -7.64 2.61 3.40
CA ILE A 15 -7.51 3.13 2.05
C ILE A 15 -8.79 3.80 1.58
N LEU A 16 -8.65 4.97 0.96
CA LEU A 16 -9.79 5.72 0.46
C LEU A 16 -10.06 5.39 -1.00
N CYS A 17 -9.23 5.93 -1.89
CA CYS A 17 -9.37 5.71 -3.32
C CYS A 17 -8.14 6.20 -4.08
N ALA A 18 -8.04 5.82 -5.35
CA ALA A 18 -6.91 6.22 -6.18
C ALA A 18 -7.36 7.18 -7.27
N THR A 19 -6.39 7.86 -7.89
CA THR A 19 -6.67 8.81 -8.94
C THR A 19 -5.60 8.76 -10.04
N TYR A 20 -5.94 9.28 -11.21
CA TYR A 20 -5.01 9.29 -12.34
C TYR A 20 -4.41 7.90 -12.55
N VAL A 21 -5.25 6.88 -12.52
CA VAL A 21 -4.80 5.51 -12.72
C VAL A 21 -4.64 5.19 -14.19
N ASN A 22 -4.06 4.03 -14.48
CA ASN A 22 -3.85 3.61 -15.86
C ASN A 22 -5.09 2.93 -16.43
N VAL A 23 -6.25 3.31 -15.90
CA VAL A 23 -7.52 2.75 -16.34
C VAL A 23 -7.92 3.32 -17.71
N ASN A 24 -7.12 3.02 -18.73
CA ASN A 24 -7.40 3.49 -20.07
C ASN A 24 -8.36 2.56 -20.80
N ILE A 25 -7.85 1.41 -21.20
CA ILE A 25 -8.65 0.42 -21.91
C ILE A 25 -9.94 0.11 -21.15
N ARG A 26 -10.75 -0.77 -21.71
CA ARG A 26 -12.02 -1.15 -21.08
C ARG A 26 -12.18 -2.67 -21.07
N ASP A 27 -11.34 -3.35 -20.29
CA ASP A 27 -11.39 -4.79 -20.18
C ASP A 27 -11.32 -5.24 -18.73
N ILE A 28 -10.56 -4.49 -17.92
CA ILE A 28 -10.41 -4.80 -16.52
C ILE A 28 -11.76 -4.99 -15.84
N ASP A 29 -11.86 -6.00 -14.99
CA ASP A 29 -13.11 -6.28 -14.28
C ASP A 29 -13.11 -5.62 -12.90
N LYS A 30 -12.04 -5.85 -12.14
CA LYS A 30 -11.92 -5.27 -10.80
C LYS A 30 -10.46 -4.96 -10.49
N ILE A 31 -10.24 -4.31 -9.34
CA ILE A 31 -8.89 -3.95 -8.92
C ILE A 31 -8.69 -4.24 -7.43
N TYR A 32 -7.46 -4.06 -6.96
CA TYR A 32 -7.14 -4.29 -5.56
C TYR A 32 -5.75 -3.76 -5.22
N VAL A 33 -5.59 -3.31 -3.99
CA VAL A 33 -4.31 -2.76 -3.53
C VAL A 33 -3.54 -3.79 -2.70
N ARG A 34 -2.23 -3.83 -2.89
CA ARG A 34 -1.38 -4.76 -2.16
C ARG A 34 -0.32 -4.02 -1.35
N THR A 35 -0.26 -4.32 -0.06
CA THR A 35 0.71 -3.68 0.83
C THR A 35 1.62 -4.71 1.49
N GLY A 36 2.59 -4.24 2.26
CA GLY A 36 3.51 -5.13 2.93
C GLY A 36 4.78 -4.44 3.36
N ILE A 37 5.24 -4.72 4.57
CA ILE A 37 6.46 -4.12 5.10
C ILE A 37 7.67 -5.01 4.86
N TYR A 38 8.81 -4.40 4.56
CA TYR A 38 10.03 -5.14 4.30
C TYR A 38 11.22 -4.50 5.01
N HIS A 39 12.31 -5.25 5.13
CA HIS A 39 13.51 -4.76 5.78
C HIS A 39 14.75 -5.03 4.94
N GLY A 40 15.23 -4.01 4.23
CA GLY A 40 16.39 -4.17 3.39
C GLY A 40 16.13 -5.04 2.19
N GLY A 41 14.89 -5.01 1.69
CA GLY A 41 14.53 -5.81 0.54
C GLY A 41 13.78 -7.07 0.92
N GLU A 42 14.32 -7.82 1.88
CA GLU A 42 13.69 -9.05 2.32
C GLU A 42 12.43 -8.76 3.13
N PRO A 43 11.42 -9.64 3.01
CA PRO A 43 10.16 -9.49 3.72
C PRO A 43 10.30 -9.74 5.22
N LEU A 44 9.26 -9.37 5.97
CA LEU A 44 9.28 -9.55 7.42
C LEU A 44 8.15 -10.48 7.86
N CYS A 45 7.04 -10.42 7.15
CA CYS A 45 5.89 -11.26 7.47
C CYS A 45 4.88 -11.26 6.33
N ASP A 46 3.91 -12.18 6.39
CA ASP A 46 2.88 -12.28 5.36
C ASP A 46 2.41 -10.90 4.92
N ASN A 47 1.92 -10.81 3.69
CA ASN A 47 1.42 -9.55 3.15
C ASN A 47 -0.07 -9.40 3.40
N VAL A 48 -0.60 -8.21 3.12
CA VAL A 48 -2.02 -7.94 3.30
C VAL A 48 -2.65 -7.42 2.01
N ASN A 49 -3.90 -7.83 1.77
CA ASN A 49 -4.62 -7.40 0.57
C ASN A 49 -6.00 -6.85 0.94
N THR A 50 -6.44 -5.84 0.19
CA THR A 50 -7.74 -5.23 0.44
C THR A 50 -8.82 -5.84 -0.45
N GLN A 51 -10.08 -5.59 -0.11
CA GLN A 51 -11.19 -6.12 -0.88
C GLN A 51 -11.06 -5.77 -2.36
N ARG A 52 -12.01 -6.24 -3.15
CA ARG A 52 -12.00 -5.97 -4.59
C ARG A 52 -13.03 -4.91 -4.96
N VAL A 53 -12.65 -4.01 -5.85
CA VAL A 53 -13.54 -2.94 -6.29
C VAL A 53 -13.40 -2.68 -7.79
N PRO A 54 -14.49 -2.20 -8.41
CA PRO A 54 -14.51 -1.90 -9.84
C PRO A 54 -13.65 -0.69 -10.20
N CYS A 55 -12.87 -0.83 -11.27
CA CYS A 55 -11.98 0.25 -11.71
C CYS A 55 -12.73 1.58 -11.73
N SER A 56 -13.92 1.58 -12.30
CA SER A 56 -14.74 2.80 -12.39
C SER A 56 -14.77 3.51 -11.05
N ASN A 57 -14.83 2.74 -9.97
CA ASN A 57 -14.86 3.31 -8.63
C ASN A 57 -13.89 2.58 -7.70
N PRO A 58 -12.64 3.05 -7.67
CA PRO A 58 -11.59 2.47 -6.82
C PRO A 58 -11.83 2.71 -5.34
N ARG A 59 -12.95 3.36 -5.03
CA ARG A 59 -13.29 3.66 -3.64
C ARG A 59 -13.27 2.40 -2.79
N TRP A 60 -12.29 2.32 -1.89
CA TRP A 60 -12.15 1.17 -1.01
C TRP A 60 -12.83 1.43 0.33
N ASN A 61 -12.26 2.34 1.11
CA ASN A 61 -12.80 2.67 2.42
C ASN A 61 -12.88 1.44 3.31
N GLU A 62 -11.75 0.76 3.47
CA GLU A 62 -11.68 -0.44 4.30
C GLU A 62 -10.51 -0.37 5.26
N TRP A 63 -10.73 -0.84 6.49
CA TRP A 63 -9.68 -0.83 7.50
C TRP A 63 -8.74 -2.03 7.34
N LEU A 64 -7.56 -1.77 6.81
CA LEU A 64 -6.57 -2.82 6.60
C LEU A 64 -5.70 -3.02 7.84
N ASN A 65 -5.86 -4.16 8.50
CA ASN A 65 -5.08 -4.47 9.70
C ASN A 65 -3.80 -5.19 9.34
N TYR A 66 -2.68 -4.68 9.84
CA TYR A 66 -1.37 -5.29 9.57
C TYR A 66 -0.94 -6.18 10.72
N ASP A 67 -0.45 -7.37 10.39
CA ASP A 67 0.00 -8.33 11.38
C ASP A 67 1.43 -8.02 11.83
N ILE A 68 1.68 -6.77 12.19
CA ILE A 68 3.01 -6.34 12.63
C ILE A 68 2.95 -5.74 14.03
N TYR A 69 4.11 -5.62 14.66
CA TYR A 69 4.20 -5.06 16.00
C TYR A 69 4.94 -3.72 15.98
N ILE A 70 4.24 -2.66 16.36
CA ILE A 70 4.82 -1.32 16.40
C ILE A 70 6.11 -1.30 17.23
N PRO A 71 6.01 -1.81 18.46
CA PRO A 71 7.15 -1.87 19.39
C PRO A 71 8.20 -2.88 18.94
N ASP A 72 7.97 -3.51 17.80
CA ASP A 72 8.91 -4.49 17.26
C ASP A 72 9.31 -4.13 15.83
N LEU A 73 8.64 -3.15 15.25
CA LEU A 73 8.93 -2.71 13.90
C LEU A 73 10.21 -1.89 13.86
N PRO A 74 11.22 -2.40 13.12
CA PRO A 74 12.52 -1.73 12.97
C PRO A 74 12.42 -0.45 12.14
N ARG A 75 13.23 0.54 12.49
CA ARG A 75 13.23 1.81 11.78
C ARG A 75 13.59 1.60 10.30
N ALA A 76 14.58 0.74 10.06
CA ALA A 76 15.02 0.46 8.70
C ALA A 76 13.85 0.00 7.83
N ALA A 77 12.88 -0.66 8.45
CA ALA A 77 11.70 -1.14 7.73
C ALA A 77 10.82 0.01 7.28
N ARG A 78 9.95 -0.25 6.32
CA ARG A 78 9.04 0.76 5.80
C ARG A 78 7.79 0.12 5.19
N LEU A 79 6.85 0.97 4.77
CA LEU A 79 5.61 0.49 4.18
C LEU A 79 5.68 0.55 2.66
N CYS A 80 5.30 -0.55 2.00
CA CYS A 80 5.32 -0.62 0.55
C CYS A 80 3.97 -1.10 0.02
N LEU A 81 3.38 -0.32 -0.87
CA LEU A 81 2.09 -0.66 -1.46
C LEU A 81 2.14 -0.59 -2.98
N SER A 82 1.22 -1.29 -3.64
CA SER A 82 1.17 -1.30 -5.10
C SER A 82 -0.24 -1.66 -5.58
N ILE A 83 -0.69 -0.96 -6.60
CA ILE A 83 -2.02 -1.20 -7.17
C ILE A 83 -1.97 -2.26 -8.25
N CYS A 84 -2.93 -3.17 -8.24
CA CYS A 84 -3.00 -4.25 -9.21
C CYS A 84 -4.42 -4.40 -9.76
N SER A 85 -4.52 -4.68 -11.06
CA SER A 85 -5.82 -4.84 -11.70
C SER A 85 -6.09 -6.31 -12.01
N VAL A 86 -7.17 -6.84 -11.42
CA VAL A 86 -7.54 -8.23 -11.63
C VAL A 86 -8.69 -8.36 -12.64
N LYS A 87 -8.58 -9.33 -13.52
CA LYS A 87 -9.60 -9.56 -14.54
C LYS A 87 -9.68 -11.04 -14.91
N GLY A 88 -10.90 -11.54 -15.04
CA GLY A 88 -11.10 -12.94 -15.39
C GLY A 88 -12.56 -13.30 -15.56
N ARG A 89 -12.88 -14.57 -15.36
CA ARG A 89 -14.25 -15.04 -15.50
C ARG A 89 -14.64 -15.93 -14.32
N LYS A 90 -15.93 -16.29 -14.25
CA LYS A 90 -16.43 -17.11 -13.17
C LYS A 90 -15.78 -18.50 -13.20
N GLY A 91 -15.97 -19.21 -14.31
CA GLY A 91 -15.40 -20.54 -14.45
C GLY A 91 -13.88 -20.50 -14.57
N ALA A 92 -13.37 -19.50 -15.27
CA ALA A 92 -11.93 -19.35 -15.46
C ALA A 92 -11.29 -18.64 -14.27
N LYS A 93 -9.96 -18.60 -14.26
CA LYS A 93 -9.22 -17.95 -13.18
C LYS A 93 -9.04 -16.47 -13.46
N GLU A 94 -8.50 -15.75 -12.49
CA GLU A 94 -8.27 -14.31 -12.63
C GLU A 94 -6.79 -14.02 -12.87
N GLU A 95 -6.51 -12.84 -13.42
CA GLU A 95 -5.14 -12.43 -13.70
C GLU A 95 -4.83 -11.09 -13.05
N HIS A 96 -3.80 -11.07 -12.20
CA HIS A 96 -3.39 -9.85 -11.52
C HIS A 96 -2.25 -9.15 -12.28
N CYS A 97 -2.31 -7.83 -12.33
CA CYS A 97 -1.29 -7.05 -13.02
C CYS A 97 -0.99 -5.76 -12.27
N PRO A 98 0.28 -5.56 -11.90
CA PRO A 98 0.73 -4.37 -11.16
C PRO A 98 0.69 -3.12 -12.03
N LEU A 99 0.39 -1.99 -11.40
CA LEU A 99 0.33 -0.71 -12.10
C LEU A 99 1.35 0.28 -11.55
N ALA A 100 1.28 0.54 -10.26
CA ALA A 100 2.21 1.46 -9.61
C ALA A 100 2.66 0.91 -8.26
N TRP A 101 3.49 1.69 -7.57
CA TRP A 101 4.01 1.28 -6.26
C TRP A 101 4.50 2.49 -5.47
N GLY A 102 4.26 2.49 -4.17
CA GLY A 102 4.69 3.59 -3.33
C GLY A 102 5.22 3.12 -1.98
N ASN A 103 6.43 3.52 -1.64
CA ASN A 103 7.04 3.14 -0.38
C ASN A 103 7.11 4.32 0.58
N ILE A 104 6.42 4.20 1.72
CA ILE A 104 6.41 5.27 2.71
C ILE A 104 7.24 4.88 3.93
N ASN A 105 8.14 5.77 4.32
CA ASN A 105 9.00 5.52 5.48
C ASN A 105 8.18 5.47 6.76
N LEU A 106 7.81 4.25 7.16
CA LEU A 106 7.02 4.06 8.37
C LEU A 106 7.42 5.05 9.45
N PHE A 107 8.73 5.25 9.60
CA PHE A 107 9.25 6.18 10.60
C PHE A 107 9.68 7.48 9.96
N ASP A 108 9.05 8.58 10.39
CA ASP A 108 9.36 9.90 9.86
C ASP A 108 10.85 10.21 10.02
N TYR A 109 11.24 11.43 9.64
CA TYR A 109 12.63 11.85 9.75
C TYR A 109 13.10 11.82 11.20
N THR A 110 12.21 12.20 12.11
CA THR A 110 12.53 12.21 13.53
C THR A 110 12.23 10.86 14.18
N ASP A 111 12.40 9.79 13.41
CA ASP A 111 12.15 8.45 13.91
C ASP A 111 10.86 8.39 14.71
N THR A 112 9.78 8.85 14.10
CA THR A 112 8.47 8.86 14.76
C THR A 112 7.37 8.41 13.80
N LEU A 113 6.85 7.22 14.02
CA LEU A 113 5.78 6.67 13.19
C LEU A 113 4.85 7.78 12.70
N VAL A 114 4.52 7.74 11.41
CA VAL A 114 3.64 8.74 10.82
C VAL A 114 2.23 8.61 11.37
N SER A 115 1.37 9.57 11.02
CA SER A 115 -0.01 9.58 11.47
C SER A 115 -0.87 10.50 10.61
N GLY A 116 -2.18 10.42 10.80
CA GLY A 116 -3.09 11.25 10.03
C GLY A 116 -3.18 10.83 8.59
N LYS A 117 -4.16 11.37 7.87
CA LYS A 117 -4.35 11.04 6.47
C LYS A 117 -3.24 11.65 5.61
N MET A 118 -2.92 10.98 4.51
CA MET A 118 -1.87 11.44 3.61
C MET A 118 -2.08 10.90 2.20
N ALA A 119 -1.69 11.68 1.19
CA ALA A 119 -1.83 11.27 -0.19
C ALA A 119 -0.59 11.63 -1.00
N LEU A 120 0.08 10.61 -1.52
CA LEU A 120 1.30 10.82 -2.31
C LEU A 120 1.23 10.03 -3.62
N ASN A 121 1.93 10.52 -4.64
CA ASN A 121 1.96 9.87 -5.93
C ASN A 121 2.84 8.62 -5.90
N LEU A 122 2.47 7.61 -6.68
CA LEU A 122 3.22 6.36 -6.73
C LEU A 122 4.02 6.27 -8.04
N TRP A 123 5.10 5.51 -8.00
CA TRP A 123 5.94 5.33 -9.18
C TRP A 123 5.38 4.24 -10.10
N PRO A 124 5.66 4.36 -11.40
CA PRO A 124 5.19 3.40 -12.40
C PRO A 124 5.90 2.05 -12.29
N VAL A 125 5.21 0.99 -12.71
CA VAL A 125 5.78 -0.35 -12.65
C VAL A 125 6.68 -0.62 -13.85
N PRO A 126 7.94 -0.99 -13.57
CA PRO A 126 8.93 -1.29 -14.62
C PRO A 126 8.61 -2.58 -15.36
N HIS A 127 8.81 -2.55 -16.68
CA HIS A 127 8.54 -3.72 -17.52
C HIS A 127 9.31 -4.94 -17.01
N GLY A 128 10.57 -4.73 -16.66
CA GLY A 128 11.39 -5.82 -16.17
C GLY A 128 11.16 -6.09 -14.70
N LEU A 129 9.96 -6.54 -14.36
CA LEU A 129 9.61 -6.85 -12.97
C LEU A 129 8.40 -7.77 -12.91
N GLU A 130 8.48 -8.77 -12.03
CA GLU A 130 7.39 -9.72 -11.86
C GLU A 130 6.67 -9.51 -10.55
N ASP A 131 7.43 -9.41 -9.47
CA ASP A 131 6.86 -9.19 -8.14
C ASP A 131 5.90 -8.01 -8.14
N LEU A 132 4.64 -8.28 -7.83
CA LEU A 132 3.61 -7.24 -7.80
C LEU A 132 4.02 -6.12 -6.85
N LEU A 133 4.57 -6.48 -5.70
CA LEU A 133 4.99 -5.50 -4.70
C LEU A 133 6.50 -5.36 -4.71
N ASN A 134 6.99 -4.14 -4.98
CA ASN A 134 8.41 -3.87 -5.00
C ASN A 134 8.86 -3.18 -3.73
N PRO A 135 9.40 -3.96 -2.78
CA PRO A 135 9.88 -3.43 -1.49
C PRO A 135 11.14 -2.59 -1.65
N ILE A 136 12.04 -3.04 -2.51
CA ILE A 136 13.29 -2.31 -2.74
C ILE A 136 13.02 -0.96 -3.39
N GLY A 137 11.93 -0.86 -4.12
CA GLY A 137 11.57 0.38 -4.78
C GLY A 137 11.91 1.60 -3.94
N VAL A 138 12.16 2.72 -4.59
CA VAL A 138 12.50 3.95 -3.90
C VAL A 138 11.40 4.34 -2.91
N THR A 139 11.70 5.30 -2.04
CA THR A 139 10.74 5.77 -1.05
C THR A 139 10.45 7.25 -1.22
N GLY A 140 9.28 7.67 -0.76
CA GLY A 140 8.89 9.07 -0.86
C GLY A 140 7.73 9.28 -1.82
N SER A 141 7.46 10.53 -2.15
CA SER A 141 6.37 10.87 -3.06
C SER A 141 6.90 11.17 -4.46
N ASN A 142 6.17 10.72 -5.48
CA ASN A 142 6.56 10.94 -6.86
C ASN A 142 6.46 12.42 -7.23
N PRO A 143 7.52 12.96 -7.83
CA PRO A 143 7.58 14.35 -8.25
C PRO A 143 6.65 14.66 -9.42
N ASN A 144 6.40 13.65 -10.25
CA ASN A 144 5.52 13.80 -11.39
C ASN A 144 4.06 13.72 -10.98
N LYS A 145 3.25 14.63 -11.51
CA LYS A 145 1.82 14.66 -11.21
C LYS A 145 1.06 13.63 -12.02
N GLU A 146 1.51 13.41 -13.26
CA GLU A 146 0.86 12.44 -14.13
C GLU A 146 0.62 11.13 -13.41
N THR A 147 1.67 10.56 -12.84
CA THR A 147 1.56 9.30 -12.11
C THR A 147 0.38 9.32 -11.15
N PRO A 148 -0.19 8.13 -10.88
CA PRO A 148 -1.32 7.99 -9.98
C PRO A 148 -0.95 8.24 -8.52
N CYS A 149 -1.96 8.37 -7.67
CA CYS A 149 -1.73 8.63 -6.25
C CYS A 149 -2.78 7.93 -5.40
N LEU A 150 -2.36 7.37 -4.27
CA LEU A 150 -3.26 6.67 -3.37
C LEU A 150 -3.38 7.41 -2.04
N GLU A 151 -4.60 7.47 -1.51
CA GLU A 151 -4.84 8.14 -0.23
C GLU A 151 -5.09 7.12 0.88
N LEU A 152 -4.21 7.14 1.88
CA LEU A 152 -4.33 6.23 3.02
C LEU A 152 -4.37 6.99 4.33
N GLU A 153 -4.91 6.35 5.36
CA GLU A 153 -5.02 6.96 6.68
C GLU A 153 -4.18 6.20 7.70
N PHE A 154 -3.55 6.94 8.61
CA PHE A 154 -2.72 6.35 9.65
C PHE A 154 -3.41 6.39 11.00
N ASP A 155 -3.11 5.43 11.86
CA ASP A 155 -3.70 5.37 13.20
C ASP A 155 -3.04 4.28 14.03
N TRP A 156 -2.87 4.55 15.32
CA TRP A 156 -2.26 3.59 16.22
C TRP A 156 -3.08 3.43 17.50
N PHE A 157 -4.06 2.54 17.46
CA PHE A 157 -4.93 2.30 18.62
C PHE A 157 -4.43 1.12 19.43
N SER A 158 -4.06 0.04 18.74
CA SER A 158 -3.57 -1.16 19.40
C SER A 158 -2.34 -0.85 20.24
N GLY A 1 13.69 11.20 32.32
CA GLY A 1 13.23 10.90 30.97
C GLY A 1 12.31 9.69 30.93
N SER A 2 12.13 9.13 29.74
CA SER A 2 11.27 7.96 29.57
C SER A 2 12.06 6.77 29.07
N SER A 3 11.58 5.57 29.38
CA SER A 3 12.25 4.35 28.96
C SER A 3 11.54 3.73 27.75
N GLY A 4 10.28 3.36 27.93
CA GLY A 4 9.53 2.76 26.84
C GLY A 4 8.08 3.23 26.82
N SER A 5 7.71 3.97 25.79
CA SER A 5 6.35 4.48 25.66
C SER A 5 5.35 3.33 25.53
N SER A 6 5.69 2.35 24.69
CA SER A 6 4.82 1.20 24.48
C SER A 6 3.37 1.64 24.25
N GLY A 7 3.22 2.76 23.56
CA GLY A 7 1.88 3.27 23.28
C GLY A 7 1.21 2.54 22.14
N ASN A 8 1.96 2.24 21.10
CA ASN A 8 1.42 1.53 19.94
C ASN A 8 1.89 0.08 19.93
N SER A 9 0.99 -0.82 19.55
CA SER A 9 1.30 -2.24 19.50
C SER A 9 0.90 -2.84 18.15
N ALA A 10 -0.24 -2.41 17.64
CA ALA A 10 -0.74 -2.90 16.36
C ALA A 10 -0.89 -1.76 15.36
N LEU A 11 -0.56 -2.02 14.10
CA LEU A 11 -0.66 -1.02 13.05
C LEU A 11 -1.90 -1.25 12.19
N ARG A 12 -2.58 -0.16 11.82
CA ARG A 12 -3.78 -0.25 11.00
C ARG A 12 -3.89 0.96 10.08
N ILE A 13 -4.26 0.71 8.83
CA ILE A 13 -4.40 1.78 7.85
C ILE A 13 -5.68 1.60 7.03
N LYS A 14 -6.29 2.71 6.66
CA LYS A 14 -7.52 2.69 5.87
C LYS A 14 -7.33 3.40 4.54
N ILE A 15 -7.52 2.68 3.44
CA ILE A 15 -7.36 3.24 2.11
C ILE A 15 -8.64 3.96 1.67
N LEU A 16 -8.47 5.11 1.05
CA LEU A 16 -9.60 5.90 0.57
C LEU A 16 -9.91 5.59 -0.90
N CYS A 17 -9.05 6.09 -1.79
CA CYS A 17 -9.23 5.87 -3.21
C CYS A 17 -8.00 6.33 -4.00
N ALA A 18 -8.01 6.11 -5.30
CA ALA A 18 -6.91 6.51 -6.16
C ALA A 18 -7.37 7.48 -7.24
N THR A 19 -6.42 8.22 -7.81
CA THR A 19 -6.73 9.19 -8.86
C THR A 19 -5.83 8.99 -10.07
N TYR A 20 -6.27 9.49 -11.21
CA TYR A 20 -5.53 9.36 -12.45
C TYR A 20 -4.93 7.97 -12.60
N VAL A 21 -5.71 6.96 -12.20
CA VAL A 21 -5.27 5.58 -12.28
C VAL A 21 -5.11 5.13 -13.74
N ASN A 22 -4.07 4.36 -14.00
CA ASN A 22 -3.79 3.87 -15.35
C ASN A 22 -5.06 3.29 -15.97
N VAL A 23 -5.90 2.67 -15.15
CA VAL A 23 -7.14 2.08 -15.63
C VAL A 23 -7.74 2.90 -16.76
N ASN A 24 -7.56 2.43 -17.99
CA ASN A 24 -8.08 3.13 -19.16
C ASN A 24 -9.10 2.25 -19.90
N ILE A 25 -8.63 1.14 -20.44
CA ILE A 25 -9.50 0.22 -21.17
C ILE A 25 -10.76 -0.08 -20.39
N ARG A 26 -11.65 -0.87 -20.99
CA ARG A 26 -12.91 -1.23 -20.34
C ARG A 26 -13.11 -2.74 -20.36
N ASP A 27 -12.22 -3.47 -19.70
CA ASP A 27 -12.30 -4.92 -19.64
C ASP A 27 -12.07 -5.42 -18.22
N ILE A 28 -11.00 -4.95 -17.59
CA ILE A 28 -10.67 -5.35 -16.24
C ILE A 28 -11.93 -5.58 -15.41
N ASP A 29 -11.93 -6.66 -14.64
CA ASP A 29 -13.08 -7.00 -13.80
C ASP A 29 -13.10 -6.14 -12.54
N LYS A 30 -12.09 -6.30 -11.70
CA LYS A 30 -11.99 -5.54 -10.46
C LYS A 30 -10.53 -5.24 -10.12
N ILE A 31 -10.32 -4.34 -9.17
CA ILE A 31 -8.98 -3.96 -8.75
C ILE A 31 -8.81 -4.09 -7.24
N TYR A 32 -7.57 -4.11 -6.78
CA TYR A 32 -7.27 -4.23 -5.36
C TYR A 32 -5.90 -3.67 -5.04
N VAL A 33 -5.68 -3.30 -3.78
CA VAL A 33 -4.41 -2.76 -3.34
C VAL A 33 -3.61 -3.80 -2.55
N ARG A 34 -2.30 -3.83 -2.79
CA ARG A 34 -1.42 -4.76 -2.11
C ARG A 34 -0.44 -4.03 -1.20
N THR A 35 -0.55 -4.28 0.10
CA THR A 35 0.33 -3.65 1.07
C THR A 35 1.15 -4.69 1.84
N GLY A 36 2.21 -4.23 2.50
CA GLY A 36 3.05 -5.14 3.27
C GLY A 36 4.38 -4.50 3.65
N ILE A 37 4.86 -4.82 4.84
CA ILE A 37 6.13 -4.29 5.32
C ILE A 37 7.30 -5.17 4.90
N TYR A 38 8.45 -4.55 4.67
CA TYR A 38 9.64 -5.27 4.26
C TYR A 38 10.86 -4.81 5.04
N HIS A 39 11.63 -5.77 5.55
CA HIS A 39 12.84 -5.45 6.32
C HIS A 39 14.08 -6.03 5.65
N GLY A 40 14.74 -5.20 4.85
CA GLY A 40 15.94 -5.64 4.15
C GLY A 40 15.64 -6.27 2.81
N GLY A 41 14.61 -5.74 2.13
CA GLY A 41 14.24 -6.26 0.84
C GLY A 41 13.37 -7.50 0.93
N GLU A 42 13.51 -8.24 2.04
CA GLU A 42 12.74 -9.45 2.25
C GLU A 42 11.37 -9.13 2.85
N PRO A 43 10.38 -10.00 2.59
CA PRO A 43 9.02 -9.82 3.09
C PRO A 43 8.93 -10.02 4.60
N LEU A 44 9.24 -8.96 5.35
CA LEU A 44 9.20 -9.02 6.81
C LEU A 44 8.10 -9.95 7.28
N CYS A 45 6.91 -9.82 6.69
CA CYS A 45 5.77 -10.66 7.05
C CYS A 45 4.82 -10.81 5.88
N ASP A 46 3.77 -11.61 6.08
CA ASP A 46 2.78 -11.84 5.03
C ASP A 46 2.21 -10.53 4.51
N ASN A 47 1.81 -10.52 3.25
CA ASN A 47 1.25 -9.32 2.63
C ASN A 47 -0.26 -9.25 2.84
N VAL A 48 -0.77 -8.03 3.00
CA VAL A 48 -2.20 -7.83 3.20
C VAL A 48 -2.87 -7.28 1.94
N ASN A 49 -4.02 -7.85 1.60
CA ASN A 49 -4.77 -7.42 0.43
C ASN A 49 -6.08 -6.76 0.81
N THR A 50 -6.51 -5.78 0.02
CA THR A 50 -7.74 -5.06 0.28
C THR A 50 -8.89 -5.59 -0.59
N GLN A 51 -10.11 -5.20 -0.27
CA GLN A 51 -11.28 -5.63 -1.02
C GLN A 51 -11.11 -5.33 -2.50
N ARG A 52 -11.96 -5.94 -3.32
CA ARG A 52 -11.90 -5.74 -4.77
C ARG A 52 -12.97 -4.75 -5.22
N VAL A 53 -12.54 -3.62 -5.75
CA VAL A 53 -13.47 -2.60 -6.22
C VAL A 53 -13.34 -2.39 -7.73
N PRO A 54 -14.43 -1.95 -8.36
CA PRO A 54 -14.47 -1.70 -9.81
C PRO A 54 -13.63 -0.49 -10.21
N CYS A 55 -12.92 -0.61 -11.32
CA CYS A 55 -12.07 0.48 -11.80
C CYS A 55 -12.79 1.81 -11.69
N SER A 56 -14.05 1.83 -12.11
CA SER A 56 -14.86 3.05 -12.06
C SER A 56 -14.79 3.68 -10.67
N ASN A 57 -14.79 2.84 -9.64
CA ASN A 57 -14.73 3.32 -8.26
C ASN A 57 -13.56 2.68 -7.52
N PRO A 58 -12.36 3.26 -7.67
CA PRO A 58 -11.15 2.76 -7.02
C PRO A 58 -11.17 3.00 -5.51
N ARG A 59 -12.28 3.52 -5.01
CA ARG A 59 -12.43 3.79 -3.58
C ARG A 59 -12.47 2.48 -2.79
N TRP A 60 -11.64 2.39 -1.76
CA TRP A 60 -11.58 1.21 -0.93
C TRP A 60 -12.23 1.47 0.44
N ASN A 61 -11.98 2.64 0.99
CA ASN A 61 -12.54 3.01 2.28
C ASN A 61 -12.66 1.79 3.19
N GLU A 62 -11.62 0.97 3.22
CA GLU A 62 -11.60 -0.23 4.05
C GLU A 62 -10.50 -0.16 5.09
N TRP A 63 -10.81 -0.59 6.31
CA TRP A 63 -9.85 -0.58 7.40
C TRP A 63 -8.93 -1.79 7.33
N LEU A 64 -7.75 -1.60 6.74
CA LEU A 64 -6.78 -2.68 6.62
C LEU A 64 -5.92 -2.80 7.87
N ASN A 65 -5.97 -3.96 8.50
CA ASN A 65 -5.20 -4.21 9.72
C ASN A 65 -3.91 -4.97 9.41
N TYR A 66 -2.80 -4.48 9.95
CA TYR A 66 -1.50 -5.11 9.72
C TYR A 66 -1.11 -5.98 10.91
N ASP A 67 -0.60 -7.18 10.62
CA ASP A 67 -0.18 -8.10 11.66
C ASP A 67 1.27 -7.84 12.07
N ILE A 68 1.62 -6.57 12.24
CA ILE A 68 2.97 -6.19 12.62
C ILE A 68 2.99 -5.60 14.03
N TYR A 69 4.19 -5.49 14.59
CA TYR A 69 4.35 -4.94 15.94
C TYR A 69 5.16 -3.66 15.90
N ILE A 70 4.57 -2.56 16.36
CA ILE A 70 5.25 -1.27 16.37
C ILE A 70 6.54 -1.34 17.18
N PRO A 71 6.44 -1.86 18.41
CA PRO A 71 7.61 -2.00 19.31
C PRO A 71 8.58 -3.07 18.83
N ASP A 72 8.27 -3.68 17.69
CA ASP A 72 9.11 -4.72 17.11
C ASP A 72 9.50 -4.39 15.68
N LEU A 73 8.91 -3.32 15.15
CA LEU A 73 9.20 -2.90 13.78
C LEU A 73 10.56 -2.23 13.69
N PRO A 74 11.47 -2.85 12.93
CA PRO A 74 12.83 -2.34 12.74
C PRO A 74 12.85 -1.06 11.89
N ARG A 75 13.68 -0.11 12.29
CA ARG A 75 13.80 1.15 11.57
C ARG A 75 14.08 0.92 10.09
N ALA A 76 14.87 -0.12 9.80
CA ALA A 76 15.20 -0.45 8.42
C ALA A 76 13.96 -0.79 7.62
N ALA A 77 12.97 -1.40 8.29
CA ALA A 77 11.73 -1.77 7.64
C ALA A 77 10.92 -0.55 7.25
N ARG A 78 9.93 -0.74 6.38
CA ARG A 78 9.07 0.35 5.93
C ARG A 78 7.77 -0.17 5.34
N LEU A 79 6.86 0.74 5.03
CA LEU A 79 5.56 0.36 4.47
C LEU A 79 5.60 0.42 2.94
N CYS A 80 4.88 -0.50 2.31
CA CYS A 80 4.83 -0.56 0.84
C CYS A 80 3.40 -0.78 0.37
N LEU A 81 3.10 -0.25 -0.82
CA LEU A 81 1.76 -0.39 -1.40
C LEU A 81 1.81 -0.25 -2.92
N SER A 82 1.04 -1.09 -3.60
CA SER A 82 1.00 -1.06 -5.06
C SER A 82 -0.38 -1.48 -5.57
N ILE A 83 -0.86 -0.78 -6.60
CA ILE A 83 -2.16 -1.08 -7.18
C ILE A 83 -2.05 -2.17 -8.24
N CYS A 84 -3.02 -3.09 -8.23
CA CYS A 84 -3.03 -4.18 -9.20
C CYS A 84 -4.45 -4.45 -9.69
N SER A 85 -4.56 -4.83 -10.97
CA SER A 85 -5.87 -5.11 -11.56
C SER A 85 -6.05 -6.61 -11.77
N VAL A 86 -7.08 -7.16 -11.14
CA VAL A 86 -7.38 -8.59 -11.26
C VAL A 86 -8.53 -8.83 -12.23
N LYS A 87 -8.32 -9.76 -13.16
CA LYS A 87 -9.34 -10.09 -14.14
C LYS A 87 -9.42 -11.60 -14.35
N GLY A 88 -10.56 -12.19 -14.00
CA GLY A 88 -10.74 -13.61 -14.16
C GLY A 88 -11.67 -13.96 -15.31
N ARG A 89 -11.51 -15.16 -15.87
CA ARG A 89 -12.34 -15.60 -16.98
C ARG A 89 -13.14 -16.85 -16.60
N LYS A 90 -14.09 -17.21 -17.44
CA LYS A 90 -14.93 -18.39 -17.19
C LYS A 90 -14.10 -19.66 -17.29
N GLY A 91 -13.95 -20.35 -16.16
CA GLY A 91 -13.18 -21.58 -16.13
C GLY A 91 -11.71 -21.34 -15.87
N ALA A 92 -11.25 -20.14 -16.19
CA ALA A 92 -9.84 -19.78 -16.00
C ALA A 92 -9.64 -19.06 -14.66
N LYS A 93 -8.37 -18.93 -14.25
CA LYS A 93 -8.05 -18.26 -13.00
C LYS A 93 -7.90 -16.76 -13.21
N GLU A 94 -7.84 -16.02 -12.11
CA GLU A 94 -7.71 -14.57 -12.16
C GLU A 94 -6.28 -14.17 -12.54
N GLU A 95 -6.13 -12.98 -13.10
CA GLU A 95 -4.83 -12.47 -13.50
C GLU A 95 -4.52 -11.15 -12.82
N HIS A 96 -3.48 -11.14 -11.99
CA HIS A 96 -3.08 -9.93 -11.28
C HIS A 96 -1.99 -9.18 -12.05
N CYS A 97 -2.23 -7.90 -12.29
CA CYS A 97 -1.27 -7.07 -13.02
C CYS A 97 -1.02 -5.76 -12.28
N PRO A 98 0.26 -5.49 -11.97
CA PRO A 98 0.66 -4.27 -11.26
C PRO A 98 0.51 -3.02 -12.12
N LEU A 99 0.20 -1.90 -11.48
CA LEU A 99 0.02 -0.64 -12.20
C LEU A 99 0.97 0.43 -11.65
N ALA A 100 1.01 0.56 -10.33
CA ALA A 100 1.87 1.54 -9.68
C ALA A 100 2.41 1.01 -8.35
N TRP A 101 3.46 1.65 -7.85
CA TRP A 101 4.06 1.23 -6.59
C TRP A 101 4.53 2.45 -5.79
N GLY A 102 4.28 2.41 -4.48
CA GLY A 102 4.69 3.52 -3.63
C GLY A 102 5.19 3.05 -2.27
N ASN A 103 6.43 3.39 -1.95
CA ASN A 103 7.03 3.00 -0.68
C ASN A 103 7.01 4.17 0.31
N ILE A 104 6.55 3.89 1.53
CA ILE A 104 6.49 4.92 2.56
C ILE A 104 7.24 4.48 3.81
N ASN A 105 8.23 5.28 4.21
CA ASN A 105 9.03 4.98 5.39
C ASN A 105 8.18 5.06 6.66
N LEU A 106 7.69 3.92 7.11
CA LEU A 106 6.86 3.88 8.32
C LEU A 106 7.34 4.90 9.35
N PHE A 107 8.65 5.05 9.46
CA PHE A 107 9.23 5.99 10.40
C PHE A 107 9.71 7.26 9.69
N ASP A 108 9.07 8.37 10.00
CA ASP A 108 9.43 9.65 9.38
C ASP A 108 10.90 9.98 9.63
N TYR A 109 11.37 11.05 9.01
CA TYR A 109 12.76 11.48 9.16
C TYR A 109 13.09 11.73 10.63
N THR A 110 12.05 11.84 11.46
CA THR A 110 12.23 12.09 12.88
C THR A 110 12.00 10.82 13.70
N ASP A 111 12.22 9.68 13.06
CA ASP A 111 12.05 8.39 13.73
C ASP A 111 10.74 8.36 14.50
N THR A 112 9.72 9.01 13.96
CA THR A 112 8.40 9.05 14.60
C THR A 112 7.31 8.57 13.65
N LEU A 113 6.77 7.39 13.94
CA LEU A 113 5.71 6.83 13.12
C LEU A 113 4.81 7.92 12.55
N VAL A 114 4.41 7.75 11.29
CA VAL A 114 3.54 8.72 10.62
C VAL A 114 2.12 8.64 11.16
N SER A 115 1.31 9.64 10.84
CA SER A 115 -0.09 9.67 11.29
C SER A 115 -0.90 10.64 10.44
N GLY A 116 -2.21 10.63 10.65
CA GLY A 116 -3.09 11.51 9.89
C GLY A 116 -3.19 11.12 8.43
N LYS A 117 -4.24 11.57 7.77
CA LYS A 117 -4.46 11.27 6.36
C LYS A 117 -3.34 11.85 5.49
N MET A 118 -2.95 11.13 4.45
CA MET A 118 -1.91 11.59 3.56
C MET A 118 -2.08 10.98 2.17
N ALA A 119 -1.67 11.73 1.14
CA ALA A 119 -1.78 11.28 -0.23
C ALA A 119 -0.54 11.64 -1.04
N LEU A 120 0.13 10.64 -1.59
CA LEU A 120 1.33 10.86 -2.39
C LEU A 120 1.24 10.15 -3.73
N ASN A 121 1.98 10.65 -4.72
CA ASN A 121 1.98 10.07 -6.05
C ASN A 121 2.79 8.78 -6.08
N LEU A 122 2.44 7.88 -6.99
CA LEU A 122 3.14 6.62 -7.13
C LEU A 122 3.99 6.59 -8.40
N TRP A 123 5.01 5.74 -8.42
CA TRP A 123 5.89 5.61 -9.56
C TRP A 123 5.38 4.56 -10.53
N PRO A 124 5.71 4.73 -11.83
CA PRO A 124 5.29 3.79 -12.88
C PRO A 124 6.00 2.44 -12.77
N VAL A 125 5.32 1.39 -13.24
CA VAL A 125 5.89 0.05 -13.19
C VAL A 125 6.97 -0.13 -14.26
N PRO A 126 8.20 -0.38 -13.82
CA PRO A 126 9.34 -0.58 -14.72
C PRO A 126 9.25 -1.89 -15.49
N HIS A 127 9.50 -1.84 -16.79
CA HIS A 127 9.44 -3.02 -17.64
C HIS A 127 10.31 -4.14 -17.05
N GLY A 128 9.93 -5.39 -17.34
CA GLY A 128 10.67 -6.52 -16.82
C GLY A 128 10.18 -6.97 -15.46
N LEU A 129 10.01 -6.01 -14.55
CA LEU A 129 9.55 -6.32 -13.20
C LEU A 129 8.51 -7.44 -13.22
N GLU A 130 8.89 -8.59 -12.69
CA GLU A 130 7.99 -9.74 -12.64
C GLU A 130 7.39 -9.90 -11.26
N ASP A 131 7.03 -8.78 -10.64
CA ASP A 131 6.44 -8.78 -9.31
C ASP A 131 5.29 -7.77 -9.22
N LEU A 132 4.57 -7.81 -8.11
CA LEU A 132 3.45 -6.89 -7.90
C LEU A 132 3.83 -5.78 -6.94
N LEU A 133 4.48 -6.14 -5.83
CA LEU A 133 4.91 -5.17 -4.83
C LEU A 133 6.41 -4.91 -4.93
N ASN A 134 6.78 -3.64 -4.94
CA ASN A 134 8.19 -3.25 -5.02
C ASN A 134 8.71 -2.78 -3.66
N PRO A 135 9.25 -3.71 -2.88
CA PRO A 135 9.79 -3.40 -1.54
C PRO A 135 11.07 -2.58 -1.62
N ILE A 136 11.98 -2.98 -2.50
CA ILE A 136 13.24 -2.28 -2.67
C ILE A 136 13.05 -0.96 -3.41
N GLY A 137 11.97 -0.87 -4.18
CA GLY A 137 11.69 0.33 -4.93
C GLY A 137 11.99 1.59 -4.14
N VAL A 138 12.19 2.70 -4.83
CA VAL A 138 12.49 3.98 -4.19
C VAL A 138 11.46 4.30 -3.13
N THR A 139 11.72 5.36 -2.37
CA THR A 139 10.80 5.79 -1.31
C THR A 139 10.53 7.29 -1.39
N GLY A 140 9.46 7.73 -0.74
CA GLY A 140 9.10 9.13 -0.75
C GLY A 140 7.94 9.44 -1.69
N SER A 141 7.56 10.70 -1.76
CA SER A 141 6.46 11.12 -2.61
C SER A 141 6.95 11.50 -4.01
N ASN A 142 6.45 10.81 -5.02
CA ASN A 142 6.84 11.08 -6.39
C ASN A 142 6.45 12.49 -6.81
N PRO A 143 7.43 13.24 -7.32
CA PRO A 143 7.21 14.63 -7.77
C PRO A 143 6.37 14.70 -9.04
N ASN A 144 5.95 13.53 -9.52
CA ASN A 144 5.14 13.47 -10.73
C ASN A 144 3.65 13.49 -10.40
N LYS A 145 2.98 14.57 -10.80
CA LYS A 145 1.55 14.73 -10.54
C LYS A 145 0.74 13.83 -11.46
N GLU A 146 1.16 13.74 -12.72
CA GLU A 146 0.45 12.91 -13.70
C GLU A 146 0.21 11.51 -13.15
N THR A 147 1.25 10.92 -12.55
CA THR A 147 1.14 9.58 -11.99
C THR A 147 0.00 9.49 -10.98
N PRO A 148 -0.56 8.29 -10.83
CA PRO A 148 -1.67 8.04 -9.89
C PRO A 148 -1.23 8.14 -8.43
N CYS A 149 -2.02 8.83 -7.63
CA CYS A 149 -1.72 8.99 -6.22
C CYS A 149 -2.76 8.29 -5.35
N LEU A 150 -2.30 7.70 -4.26
CA LEU A 150 -3.19 6.99 -3.34
C LEU A 150 -3.33 7.74 -2.02
N GLU A 151 -4.52 7.65 -1.42
CA GLU A 151 -4.79 8.32 -0.16
C GLU A 151 -5.08 7.32 0.94
N LEU A 152 -4.30 7.37 2.03
CA LEU A 152 -4.48 6.45 3.14
C LEU A 152 -4.52 7.22 4.46
N GLU A 153 -4.96 6.53 5.52
CA GLU A 153 -5.04 7.15 6.84
C GLU A 153 -4.18 6.40 7.85
N PHE A 154 -3.19 7.09 8.41
CA PHE A 154 -2.30 6.49 9.39
C PHE A 154 -2.85 6.64 10.80
N ASP A 155 -3.45 5.56 11.31
CA ASP A 155 -4.02 5.57 12.65
C ASP A 155 -3.38 4.48 13.51
N TRP A 156 -3.40 4.70 14.83
CA TRP A 156 -2.83 3.73 15.76
C TRP A 156 -3.72 3.58 16.99
N PHE A 157 -4.43 2.45 17.06
CA PHE A 157 -5.32 2.18 18.19
C PHE A 157 -4.59 1.43 19.29
N SER A 158 -3.88 0.37 18.91
CA SER A 158 -3.13 -0.43 19.88
C SER A 158 -3.98 -0.74 21.11
#